data_8EPN
#
_entry.id   8EPN
#
_cell.length_a   1.00
_cell.length_b   1.00
_cell.length_c   1.00
_cell.angle_alpha   90.00
_cell.angle_beta   90.00
_cell.angle_gamma   90.00
#
_symmetry.space_group_name_H-M   'P 1'
#
loop_
_entity.id
_entity.type
_entity.pdbx_description
1 polymer 'Spike glycoprotein'
2 branched 2-acetamido-2-deoxy-beta-D-glucopyranose-(1-4)-2-acetamido-2-deoxy-beta-D-glucopyranose
3 branched alpha-D-mannopyranose-(1-3)-[alpha-D-mannopyranose-(1-6)]beta-D-mannopyranose-(1-4)-2-acetamido-2-deoxy-beta-D-glucopyranose-(1-4)-2-acetamido-2-deoxy-beta-D-glucopyranose
4 non-polymer 2-acetamido-2-deoxy-beta-D-glucopyranose
#
_entity_poly.entity_id   1
_entity_poly.type   'polypeptide(L)'
_entity_poly.pdbx_seq_one_letter_code
;AYTNSFTRGVYYPDKVFRSSVLHSTQDLFLPFFSNVTWFHAIHVSGTNGTKRFDNPVLPFNDGVYFASTEKSNIIRGWIF
GTTLDSKTQSLLIVNNATNVVIKVCEFQFCNDPFLGVYYHKNNKSWMESEFRVYSSANNCTFEYVSQPFLMDLEGKQGNF
KNLREFVFKNIDGYFKIYSKHTPINLVRDLPQGFSALEPLVDLPIGINITRFQTLLALHRSYLTPGDSSSGWTAGAAAYY
VGYLQPRTFLLKYNENGTITDAVDCALDPLSETKCTLKSFTVEKGIYQTSNFRVQPTESIVRFPNITNLCPFGEVFNATR
FASVYAWNRKRISNCVADYSVLYNSASFSTFKCYGVSPTKLNDLCFTNVYADSFVIRGDEVRQIAPGQTGKIADYNYKLP
DDFTGCVIAWNSNNLDSKVGGNYNYLYRLFRKSNLKPFERDISTEIYQAGSTPCNGVEGFNCYFPLQSYGFQPTNGVGYQ
PYRVVVLSFELLHAPATVCGPKKSTNLVKNKCVNFNFNGLTGTGVLTESNKKFLPFQQFGRDIADTTDAVRDPQTLEILD
ITPCSFGGVSVITPGTNTSNQVAVLYQGVNCTEVPVAIHADQLTPTWRVYSTGSNVFQTRAGCLIGAEHVNNSYECDIPI
GAGICASYQTQTNSPGSASSVASQSIIAYTMSLGEENSVAYSNNSIAIPTNFTISVTTEIIPVSMQKVSVDCTMYICGDS
EECSNLLLQYGSFCTQLNRALHEIAVEQDKNTQEVFAQVKQIYKTPPIKDFGGFNFSQILPDPSKPSKRSAIEDLLFNKV
TLADAGFIKGYGDCLGDIAARDLICAQKFNGLTVLPPLLTDEMIAAYTSALLAGTITAGWTFGAGAALQIPFAMQMAYRF
NGIGVTQNVLYENQKLIANQFNKAIGKIQDGLSSTASALGKLQDVVNQNAQALNTLVKQLSSNFGAISSVLNDILSRLDP
PEAEVQIDRLINGRLQALNTYVTQQLIRAAEIRASANLAAEKMSECVLGQSKRVDFCGKGYHLMSFPQSAPHGVVFLHVT
YVPTQYKNFTTAPAICHNGKAHFPREGVFVSNGTHWFVTQRNFYEPQIITTDNTFVSGDCDVVIGIVNNTVYDPLQPELD
S
;
_entity_poly.pdbx_strand_id   A,B,C
#
loop_
_chem_comp.id
_chem_comp.type
_chem_comp.name
_chem_comp.formula
BMA D-saccharide, beta linking beta-D-mannopyranose 'C6 H12 O6'
MAN D-saccharide, alpha linking alpha-D-mannopyranose 'C6 H12 O6'
NAG D-saccharide, beta linking 2-acetamido-2-deoxy-beta-D-glucopyranose 'C8 H15 N O6'
#
# COMPACT_ATOMS: atom_id res chain seq x y z
N ALA A 1 48.34 -6.47 38.13
CA ALA A 1 47.56 -5.32 38.57
C ALA A 1 46.45 -5.02 37.56
N TYR A 2 45.35 -4.46 38.05
CA TYR A 2 44.21 -4.11 37.22
C TYR A 2 43.66 -2.77 37.67
N THR A 3 43.19 -1.96 36.70
CA THR A 3 42.58 -0.68 36.97
C THR A 3 41.38 -0.50 36.04
N ASN A 4 40.78 0.69 36.08
CA ASN A 4 39.57 1.00 35.35
C ASN A 4 39.90 1.78 34.08
N SER A 5 39.36 1.33 32.95
CA SER A 5 39.59 2.00 31.68
C SER A 5 38.78 3.26 31.51
N PHE A 6 37.70 3.43 32.26
CA PHE A 6 36.80 4.57 32.14
C PHE A 6 36.32 4.77 30.71
N THR A 7 36.67 5.90 30.10
CA THR A 7 36.20 6.26 28.77
C THR A 7 37.38 6.57 27.84
N ARG A 8 38.38 5.69 27.82
CA ARG A 8 39.58 5.90 27.05
C ARG A 8 39.61 4.96 25.84
N GLY A 9 40.17 5.46 24.74
CA GLY A 9 40.34 4.68 23.55
C GLY A 9 39.41 4.98 22.40
N VAL A 10 38.97 6.22 22.23
CA VAL A 10 38.10 6.60 21.14
C VAL A 10 38.93 7.27 20.05
N TYR A 11 38.79 6.80 18.82
CA TYR A 11 39.55 7.31 17.69
C TYR A 11 38.62 7.66 16.55
N TYR A 12 39.08 8.54 15.68
CA TYR A 12 38.32 8.93 14.50
C TYR A 12 38.27 7.74 13.54
N PRO A 13 37.09 7.24 13.19
CA PRO A 13 37.00 6.01 12.37
C PRO A 13 37.03 6.23 10.87
N ASP A 14 37.04 7.47 10.39
CA ASP A 14 36.96 7.73 8.97
C ASP A 14 37.53 9.11 8.69
N LYS A 15 37.82 9.35 7.40
CA LYS A 15 38.40 10.59 6.93
C LYS A 15 37.35 11.62 6.52
N VAL A 16 36.12 11.47 6.98
CA VAL A 16 35.01 12.32 6.56
C VAL A 16 34.77 13.37 7.64
N PHE A 17 34.70 14.64 7.22
CA PHE A 17 34.40 15.73 8.14
C PHE A 17 32.89 15.76 8.43
N ARG A 18 32.54 15.94 9.70
CA ARG A 18 31.17 16.09 10.13
C ARG A 18 31.11 17.15 11.22
N SER A 19 29.94 17.76 11.39
CA SER A 19 29.81 18.82 12.37
C SER A 19 28.38 18.88 12.89
N SER A 20 28.24 19.01 14.20
CA SER A 20 26.95 19.18 14.88
C SER A 20 25.97 18.08 14.49
N VAL A 21 26.34 16.84 14.83
CA VAL A 21 25.53 15.68 14.48
C VAL A 21 25.92 14.53 15.38
N LEU A 22 24.96 13.65 15.65
CA LEU A 22 25.22 12.41 16.38
C LEU A 22 25.22 11.26 15.37
N HIS A 23 26.38 10.63 15.21
CA HIS A 23 26.58 9.62 14.17
C HIS A 23 26.84 8.28 14.82
N SER A 24 26.13 7.26 14.35
CA SER A 24 26.28 5.89 14.85
C SER A 24 27.19 5.11 13.91
N THR A 25 28.14 4.38 14.50
CA THR A 25 29.13 3.65 13.73
C THR A 25 29.42 2.32 14.40
N GLN A 26 30.06 1.43 13.64
CA GLN A 26 30.52 0.15 14.16
C GLN A 26 31.98 -0.04 13.78
N ASP A 27 32.80 -0.42 14.75
CA ASP A 27 34.23 -0.62 14.54
C ASP A 27 34.77 -1.37 15.75
N LEU A 28 36.07 -1.64 15.73
CA LEU A 28 36.73 -2.26 16.86
C LEU A 28 37.09 -1.18 17.88
N PHE A 29 36.47 -1.24 19.05
CA PHE A 29 36.67 -0.26 20.10
C PHE A 29 37.03 -0.94 21.41
N LEU A 30 37.57 -0.15 22.32
CA LEU A 30 37.81 -0.62 23.68
C LEU A 30 36.55 -0.42 24.51
N PRO A 31 35.95 -1.49 25.02
CA PRO A 31 34.68 -1.34 25.75
C PRO A 31 34.82 -0.44 26.97
N PHE A 32 33.75 0.31 27.25
CA PHE A 32 33.76 1.25 28.36
C PHE A 32 33.85 0.54 29.69
N PHE A 33 34.56 1.16 30.64
CA PHE A 33 34.68 0.67 32.01
C PHE A 33 35.18 -0.78 32.05
N SER A 34 36.20 -1.07 31.27
CA SER A 34 36.81 -2.39 31.28
C SER A 34 38.02 -2.39 32.20
N ASN A 35 38.38 -3.58 32.68
CA ASN A 35 39.50 -3.76 33.59
C ASN A 35 40.77 -3.95 32.77
N VAL A 36 41.59 -2.92 32.70
CA VAL A 36 42.78 -2.91 31.84
C VAL A 36 43.93 -3.56 32.58
N THR A 37 44.75 -4.31 31.84
CA THR A 37 45.93 -4.93 32.43
C THR A 37 47.01 -3.88 32.69
N TRP A 38 47.57 -3.92 33.89
CA TRP A 38 48.63 -3.00 34.29
C TRP A 38 49.91 -3.80 34.49
N PHE A 39 51.00 -3.33 33.86
CA PHE A 39 52.23 -4.08 33.80
C PHE A 39 53.40 -3.27 34.34
N HIS A 40 54.31 -3.95 35.03
CA HIS A 40 55.65 -3.47 35.30
C HIS A 40 56.61 -4.36 34.51
N ALA A 41 57.03 -3.87 33.34
CA ALA A 41 57.94 -4.66 32.52
C ALA A 41 59.24 -4.95 33.26
N ILE A 42 59.83 -3.93 33.88
CA ILE A 42 60.93 -4.10 34.80
C ILE A 42 60.63 -3.29 36.05
N HIS A 43 60.67 -3.94 37.22
CA HIS A 43 60.46 -3.27 38.50
C HIS A 43 61.78 -3.22 39.24
N ARG A 52 64.19 -6.92 38.76
CA ARG A 52 63.06 -7.82 38.54
C ARG A 52 62.34 -7.37 37.28
N PHE A 53 62.15 -8.31 36.35
CA PHE A 53 61.61 -7.97 35.05
C PHE A 53 60.67 -9.07 34.58
N ASP A 54 59.54 -8.66 34.01
CA ASP A 54 58.60 -9.59 33.37
C ASP A 54 57.99 -8.85 32.20
N ASN A 55 58.57 -9.04 31.01
CA ASN A 55 58.17 -8.34 29.79
C ASN A 55 57.87 -9.41 28.75
N PRO A 56 56.71 -10.06 28.84
CA PRO A 56 56.47 -11.26 28.04
C PRO A 56 55.91 -10.96 26.65
N VAL A 57 55.63 -12.02 25.90
CA VAL A 57 55.07 -11.89 24.55
C VAL A 57 53.56 -12.03 24.67
N LEU A 58 52.84 -10.91 24.51
CA LEU A 58 51.40 -10.80 24.68
C LEU A 58 50.69 -11.05 23.35
N PRO A 59 49.55 -11.74 23.39
CA PRO A 59 48.76 -11.94 22.17
C PRO A 59 48.22 -10.62 21.65
N PHE A 60 48.03 -10.57 20.33
CA PHE A 60 47.54 -9.35 19.69
C PHE A 60 46.04 -9.36 19.47
N ASN A 61 45.49 -10.56 19.21
CA ASN A 61 44.03 -10.71 18.98
C ASN A 61 43.58 -9.82 17.82
N ASP A 62 42.63 -8.92 18.06
CA ASP A 62 42.10 -8.05 17.02
C ASP A 62 42.65 -6.64 17.08
N GLY A 63 43.52 -6.34 18.03
CA GLY A 63 44.07 -5.01 18.18
C GLY A 63 44.49 -4.76 19.61
N VAL A 64 45.28 -3.70 19.78
CA VAL A 64 45.85 -3.36 21.08
C VAL A 64 45.70 -1.87 21.32
N TYR A 65 45.20 -1.52 22.50
CA TYR A 65 45.22 -0.14 22.98
C TYR A 65 46.39 -0.01 23.94
N PHE A 66 47.36 0.84 23.58
CA PHE A 66 48.58 1.00 24.36
C PHE A 66 48.64 2.42 24.90
N ALA A 67 48.90 2.54 26.20
CA ALA A 67 49.03 3.83 26.84
C ALA A 67 50.06 3.73 27.96
N SER A 68 50.84 4.79 28.11
CA SER A 68 51.89 4.81 29.13
C SER A 68 52.19 6.25 29.50
N THR A 69 52.80 6.40 30.67
CA THR A 69 53.21 7.71 31.18
C THR A 69 54.69 7.61 31.57
N GLU A 70 55.54 8.38 30.89
CA GLU A 70 56.97 8.28 31.09
C GLU A 70 57.60 9.62 30.77
N LYS A 71 58.84 9.80 31.24
CA LYS A 71 59.60 11.02 31.00
C LYS A 71 60.97 10.71 30.41
N SER A 72 61.57 9.59 30.83
CA SER A 72 62.92 9.25 30.44
C SER A 72 63.01 8.58 29.08
N ASN A 73 61.88 8.40 28.39
CA ASN A 73 61.86 7.78 27.06
C ASN A 73 62.44 6.37 27.09
N ILE A 74 62.16 5.63 28.17
CA ILE A 74 62.61 4.25 28.26
C ILE A 74 61.94 3.39 27.19
N ILE A 75 60.72 3.74 26.81
CA ILE A 75 60.00 3.05 25.74
C ILE A 75 60.40 3.69 24.42
N ARG A 76 60.88 2.86 23.48
CA ARG A 76 61.36 3.34 22.20
C ARG A 76 60.76 2.63 21.00
N GLY A 77 60.06 1.51 21.19
CA GLY A 77 59.50 0.81 20.05
C GLY A 77 58.79 -0.45 20.48
N TRP A 78 58.43 -1.26 19.49
CA TRP A 78 57.69 -2.48 19.73
C TRP A 78 58.13 -3.55 18.74
N ILE A 79 57.88 -4.81 19.12
CA ILE A 79 58.15 -5.97 18.28
C ILE A 79 56.80 -6.57 17.90
N PHE A 80 56.56 -6.73 16.60
CA PHE A 80 55.34 -7.33 16.09
C PHE A 80 55.68 -8.55 15.26
N GLY A 81 54.99 -9.66 15.50
CA GLY A 81 55.20 -10.85 14.72
C GLY A 81 54.58 -12.06 15.40
N THR A 82 54.58 -13.17 14.66
CA THR A 82 54.02 -14.43 15.12
C THR A 82 55.07 -15.33 15.77
N THR A 83 56.19 -15.56 15.10
CA THR A 83 57.26 -16.39 15.63
C THR A 83 58.38 -15.60 16.29
N LEU A 84 58.58 -14.35 15.88
CA LEU A 84 59.61 -13.47 16.45
C LEU A 84 61.01 -14.06 16.30
N ASP A 85 61.25 -14.72 15.17
CA ASP A 85 62.57 -15.23 14.84
C ASP A 85 62.83 -14.97 13.36
N SER A 86 63.91 -15.55 12.83
CA SER A 86 64.27 -15.36 11.44
C SER A 86 63.50 -16.28 10.49
N LYS A 87 62.62 -17.13 11.01
CA LYS A 87 61.89 -18.05 10.14
C LYS A 87 60.91 -17.31 9.23
N THR A 88 60.17 -16.36 9.78
CA THR A 88 59.15 -15.64 9.01
C THR A 88 59.20 -14.15 9.35
N GLN A 89 58.36 -13.39 8.67
CA GLN A 89 58.41 -11.94 8.75
C GLN A 89 58.04 -11.44 10.14
N SER A 90 58.58 -10.28 10.50
CA SER A 90 58.25 -9.61 11.75
C SER A 90 58.51 -8.12 11.59
N LEU A 91 57.72 -7.31 12.27
CA LEU A 91 57.76 -5.86 12.13
C LEU A 91 58.54 -5.25 13.29
N LEU A 92 59.41 -4.30 12.98
CA LEU A 92 60.24 -3.62 13.97
C LEU A 92 60.10 -2.12 13.78
N ILE A 93 59.72 -1.41 14.84
CA ILE A 93 59.59 0.04 14.84
C ILE A 93 60.45 0.58 15.98
N VAL A 94 61.28 1.57 15.67
CA VAL A 94 62.16 2.20 16.65
C VAL A 94 61.94 3.69 16.63
N ASN A 95 61.67 4.29 17.79
CA ASN A 95 61.53 5.73 17.93
C ASN A 95 62.90 6.32 18.22
N ASN A 96 63.56 6.79 17.17
CA ASN A 96 64.86 7.45 17.27
C ASN A 96 64.71 8.81 17.96
N ALA A 97 65.84 9.44 18.25
CA ALA A 97 65.83 10.81 18.73
C ALA A 97 65.68 11.82 17.59
N THR A 98 65.72 11.36 16.34
CA THR A 98 65.60 12.23 15.17
C THR A 98 64.56 11.79 14.16
N ASN A 99 64.14 10.53 14.16
CA ASN A 99 63.23 10.02 13.13
C ASN A 99 62.58 8.75 13.66
N VAL A 100 61.92 8.02 12.77
CA VAL A 100 61.37 6.70 13.06
C VAL A 100 61.89 5.72 12.03
N VAL A 101 62.46 4.61 12.50
CA VAL A 101 62.92 3.54 11.62
C VAL A 101 61.84 2.48 11.62
N ILE A 102 61.03 2.47 10.57
CA ILE A 102 59.94 1.51 10.41
C ILE A 102 60.36 0.53 9.34
N LYS A 103 60.62 -0.71 9.75
CA LYS A 103 61.17 -1.71 8.85
C LYS A 103 60.73 -3.10 9.32
N VAL A 104 60.33 -3.93 8.36
CA VAL A 104 59.76 -5.25 8.66
C VAL A 104 60.52 -6.29 7.84
N CYS A 105 61.08 -7.28 8.53
CA CYS A 105 61.63 -8.47 7.90
C CYS A 105 61.96 -9.50 8.97
N GLU A 106 62.48 -10.64 8.53
CA GLU A 106 62.81 -11.73 9.43
C GLU A 106 63.87 -11.29 10.43
N PHE A 107 63.66 -11.61 11.71
CA PHE A 107 64.46 -11.05 12.80
C PHE A 107 64.64 -12.13 13.86
N GLN A 108 65.80 -12.79 13.85
CA GLN A 108 66.10 -13.82 14.85
C GLN A 108 66.35 -13.10 16.17
N PHE A 109 65.26 -12.84 16.89
CA PHE A 109 65.30 -11.94 18.02
C PHE A 109 66.01 -12.58 19.21
N CYS A 110 66.47 -11.75 20.14
CA CYS A 110 67.12 -12.22 21.35
C CYS A 110 66.09 -12.53 22.42
N ASN A 111 66.52 -13.33 23.41
CA ASN A 111 65.62 -13.70 24.50
C ASN A 111 65.23 -12.50 25.35
N ASP A 112 66.10 -11.50 25.43
CA ASP A 112 65.84 -10.26 26.17
C ASP A 112 66.07 -9.08 25.23
N PRO A 113 65.14 -8.85 24.31
CA PRO A 113 65.38 -7.82 23.28
C PRO A 113 65.24 -6.42 23.86
N PHE A 114 66.19 -5.56 23.49
CA PHE A 114 66.27 -4.19 23.97
C PHE A 114 67.37 -3.48 23.20
N LEU A 115 67.21 -2.17 23.01
CA LEU A 115 68.21 -1.40 22.30
C LEU A 115 69.45 -1.23 23.16
N GLY A 116 70.62 -1.48 22.59
CA GLY A 116 71.86 -1.29 23.34
C GLY A 116 72.23 0.17 23.40
N VAL A 117 72.02 0.79 24.56
CA VAL A 117 72.22 2.22 24.75
C VAL A 117 72.93 2.43 26.09
N GLU A 130 74.99 -0.46 20.31
CA GLU A 130 74.91 -1.86 19.90
C GLU A 130 73.45 -2.28 19.80
N PHE A 131 73.23 -3.46 19.24
CA PHE A 131 71.90 -4.01 18.99
C PHE A 131 71.74 -5.30 19.78
N ARG A 132 71.25 -5.19 21.02
CA ARG A 132 70.83 -6.36 21.77
C ARG A 132 69.39 -6.75 21.46
N VAL A 133 68.72 -6.01 20.58
CA VAL A 133 67.34 -6.34 20.22
C VAL A 133 67.28 -7.69 19.53
N TYR A 134 68.14 -7.90 18.53
CA TYR A 134 68.11 -9.10 17.72
C TYR A 134 69.53 -9.56 17.46
N SER A 135 69.65 -10.84 17.12
CA SER A 135 70.94 -11.42 16.76
C SER A 135 71.26 -11.27 15.28
N SER A 136 70.32 -11.63 14.41
CA SER A 136 70.55 -11.56 12.97
C SER A 136 69.31 -11.06 12.27
N ALA A 137 69.52 -10.41 11.13
CA ALA A 137 68.43 -9.92 10.28
C ALA A 137 68.81 -10.18 8.83
N ASN A 138 67.82 -10.55 8.02
CA ASN A 138 68.05 -10.88 6.62
C ASN A 138 66.72 -10.93 5.89
N ASN A 139 66.79 -10.94 4.56
CA ASN A 139 65.63 -11.10 3.70
C ASN A 139 64.58 -10.02 3.98
N CYS A 140 64.95 -8.76 3.71
CA CYS A 140 64.12 -7.62 4.07
C CYS A 140 63.35 -7.11 2.86
N THR A 141 62.13 -6.63 3.11
CA THR A 141 61.20 -6.28 2.05
C THR A 141 60.68 -4.85 2.10
N PHE A 142 60.76 -4.17 3.24
CA PHE A 142 60.20 -2.83 3.36
C PHE A 142 61.01 -2.03 4.37
N GLU A 143 61.07 -0.71 4.14
CA GLU A 143 61.77 0.20 5.04
C GLU A 143 61.16 1.59 4.90
N TYR A 144 61.02 2.28 6.02
CA TYR A 144 60.37 3.59 6.05
C TYR A 144 61.02 4.44 7.12
N VAL A 145 61.37 5.68 6.76
CA VAL A 145 61.84 6.68 7.71
C VAL A 145 60.96 7.91 7.59
N SER A 146 60.54 8.45 8.73
CA SER A 146 59.64 9.60 8.75
C SER A 146 59.92 10.43 9.99
N PHE A 160 55.16 14.79 35.31
CA PHE A 160 55.60 15.40 34.07
C PHE A 160 54.47 15.60 33.06
N LYS A 161 53.28 15.08 33.34
CA LYS A 161 52.11 15.25 32.48
C LYS A 161 52.41 14.88 31.03
N ASN A 162 53.00 13.70 30.85
CA ASN A 162 53.32 13.17 29.53
C ASN A 162 52.59 11.83 29.38
N LEU A 163 51.35 11.88 28.93
CA LEU A 163 50.54 10.70 28.70
C LEU A 163 50.48 10.43 27.20
N ARG A 164 50.92 9.25 26.79
CA ARG A 164 50.98 8.85 25.39
C ARG A 164 50.03 7.69 25.17
N GLU A 165 49.22 7.79 24.13
CA GLU A 165 48.18 6.81 23.85
C GLU A 165 48.29 6.36 22.40
N PHE A 166 48.03 5.07 22.16
CA PHE A 166 48.16 4.49 20.84
C PHE A 166 47.02 3.51 20.59
N VAL A 167 46.72 3.31 19.31
CA VAL A 167 45.84 2.23 18.86
C VAL A 167 46.49 1.59 17.66
N PHE A 168 46.70 0.27 17.73
CA PHE A 168 47.31 -0.49 16.64
C PHE A 168 46.32 -1.52 16.12
N LYS A 169 46.14 -1.55 14.81
CA LYS A 169 45.23 -2.49 14.16
C LYS A 169 45.91 -3.10 12.95
N ASN A 170 45.45 -4.29 12.57
CA ASN A 170 45.90 -4.98 11.36
C ASN A 170 44.66 -5.49 10.64
N ILE A 171 44.12 -4.68 9.73
CA ILE A 171 42.94 -5.04 8.95
C ILE A 171 43.32 -4.97 7.47
N ASP A 172 42.90 -5.98 6.71
CA ASP A 172 43.11 -6.04 5.26
C ASP A 172 44.58 -5.89 4.90
N GLY A 173 45.47 -6.29 5.79
CA GLY A 173 46.89 -6.13 5.57
C GLY A 173 47.45 -4.75 5.83
N TYR A 174 46.61 -3.81 6.25
CA TYR A 174 47.04 -2.45 6.54
C TYR A 174 47.35 -2.34 8.03
N PHE A 175 48.50 -1.75 8.35
CA PHE A 175 48.87 -1.49 9.74
C PHE A 175 48.56 -0.03 10.04
N LYS A 176 47.54 0.20 10.87
CA LYS A 176 47.03 1.54 11.15
C LYS A 176 47.42 1.93 12.56
N ILE A 177 47.91 3.16 12.72
CA ILE A 177 48.37 3.66 14.01
C ILE A 177 47.68 5.00 14.29
N TYR A 178 46.95 5.07 15.38
CA TYR A 178 46.35 6.31 15.87
C TYR A 178 47.06 6.73 17.14
N SER A 179 47.02 8.03 17.43
CA SER A 179 47.77 8.54 18.57
C SER A 179 47.18 9.86 19.04
N LYS A 180 47.54 10.22 20.27
CA LYS A 180 47.14 11.49 20.89
C LYS A 180 48.00 11.72 22.11
N HIS A 181 48.51 12.94 22.26
CA HIS A 181 49.39 13.30 23.37
C HIS A 181 48.68 14.31 24.25
N THR A 182 48.50 13.97 25.53
CA THR A 182 47.72 14.77 26.45
C THR A 182 48.46 14.96 27.76
N PRO A 183 48.45 16.17 28.32
CA PRO A 183 49.15 16.41 29.60
C PRO A 183 48.41 15.87 30.80
N ILE A 184 48.60 14.59 31.11
CA ILE A 184 47.97 13.95 32.26
C ILE A 184 49.06 13.60 33.27
N ASN A 185 48.85 14.02 34.53
CA ASN A 185 49.84 13.88 35.60
C ASN A 185 49.71 12.56 36.36
N LEU A 186 49.20 11.51 35.73
CA LEU A 186 48.93 10.24 36.39
C LEU A 186 49.77 9.14 35.76
N VAL A 187 50.51 8.42 36.60
CA VAL A 187 51.36 7.32 36.16
C VAL A 187 50.77 5.96 36.55
N ARG A 188 50.24 5.85 37.77
CA ARG A 188 49.82 4.57 38.32
C ARG A 188 48.35 4.26 38.07
N ASP A 189 47.70 4.98 37.16
CA ASP A 189 46.30 4.69 36.79
C ASP A 189 46.02 5.38 35.46
N LEU A 190 44.74 5.39 35.08
CA LEU A 190 44.27 6.09 33.89
C LEU A 190 43.33 7.22 34.30
N PRO A 191 43.43 8.38 33.66
CA PRO A 191 42.60 9.52 34.06
C PRO A 191 41.16 9.35 33.61
N GLN A 192 40.36 10.37 33.94
CA GLN A 192 38.97 10.45 33.51
C GLN A 192 38.79 11.67 32.62
N GLY A 193 37.91 11.54 31.64
CA GLY A 193 37.63 12.57 30.66
C GLY A 193 37.46 11.97 29.28
N PHE A 194 37.47 12.82 28.27
CA PHE A 194 37.32 12.38 26.90
C PHE A 194 38.38 13.05 26.02
N SER A 195 38.96 12.26 25.12
CA SER A 195 39.91 12.75 24.13
C SER A 195 39.97 11.75 22.99
N ALA A 196 39.85 12.25 21.77
CA ALA A 196 39.73 11.41 20.59
C ALA A 196 41.09 11.26 19.91
N LEU A 197 41.47 10.03 19.61
CA LEU A 197 42.74 9.74 18.96
C LEU A 197 42.63 9.98 17.46
N GLU A 198 43.70 10.52 16.88
CA GLU A 198 43.74 10.88 15.48
C GLU A 198 44.71 9.97 14.72
N PRO A 199 44.46 9.74 13.43
CA PRO A 199 45.37 8.87 12.65
C PRO A 199 46.77 9.46 12.57
N LEU A 200 47.76 8.58 12.61
CA LEU A 200 49.16 8.99 12.50
C LEU A 200 49.86 8.38 11.29
N VAL A 201 49.84 7.05 11.15
CA VAL A 201 50.53 6.36 10.07
C VAL A 201 49.63 5.27 9.51
N ASP A 202 49.67 5.08 8.19
CA ASP A 202 49.03 3.96 7.53
C ASP A 202 50.09 3.23 6.72
N LEU A 203 50.16 1.92 6.87
CA LEU A 203 51.22 1.10 6.27
C LEU A 203 50.63 -0.05 5.46
N PRO A 204 50.71 -0.02 4.14
CA PRO A 204 50.24 -1.14 3.30
C PRO A 204 51.26 -2.28 3.24
N ILE A 205 51.23 -3.14 4.25
CA ILE A 205 52.24 -4.19 4.42
C ILE A 205 51.68 -5.57 4.09
N GLY A 206 50.61 -5.98 4.76
CA GLY A 206 50.14 -7.35 4.66
C GLY A 206 50.80 -8.33 5.58
N ILE A 207 51.52 -7.84 6.59
CA ILE A 207 52.26 -8.71 7.51
C ILE A 207 51.29 -9.46 8.42
N ASN A 208 51.61 -10.71 8.70
CA ASN A 208 50.83 -11.54 9.62
C ASN A 208 51.34 -11.31 11.04
N ILE A 209 50.47 -10.80 11.91
CA ILE A 209 50.83 -10.50 13.29
C ILE A 209 49.83 -11.19 14.21
N THR A 210 50.34 -11.94 15.18
CA THR A 210 49.51 -12.54 16.21
C THR A 210 49.99 -12.26 17.62
N ARG A 211 51.18 -11.69 17.79
CA ARG A 211 51.73 -11.37 19.10
C ARG A 211 52.51 -10.06 18.98
N PHE A 212 52.86 -9.49 20.13
CA PHE A 212 53.61 -8.24 20.12
C PHE A 212 54.39 -8.11 21.43
N GLN A 213 55.42 -7.26 21.38
CA GLN A 213 56.31 -7.03 22.51
C GLN A 213 56.89 -5.62 22.38
N THR A 214 57.12 -4.98 23.52
CA THR A 214 57.59 -3.60 23.55
C THR A 214 59.11 -3.53 23.67
N LEU A 215 59.70 -2.53 23.05
CA LEU A 215 61.13 -2.26 23.16
C LEU A 215 61.41 -1.35 24.36
N LEU A 216 62.45 -1.68 25.11
CA LEU A 216 62.94 -0.84 26.19
C LEU A 216 64.42 -0.55 25.98
N ALA A 217 64.89 0.56 26.56
CA ALA A 217 66.27 1.00 26.43
C ALA A 217 66.96 0.87 27.77
N LEU A 218 68.08 0.13 27.80
CA LEU A 218 68.83 -0.13 29.02
C LEU A 218 70.24 0.42 28.89
N HIS A 219 70.71 1.10 29.94
CA HIS A 219 72.08 1.59 29.98
C HIS A 219 73.06 0.42 29.95
N ALA A 237 59.39 1.70 33.96
CA ALA A 237 58.86 1.10 32.73
C ALA A 237 57.53 0.41 33.04
N ALA A 238 56.48 1.22 33.13
CA ALA A 238 55.12 0.75 33.39
C ALA A 238 54.19 1.26 32.31
N TYR A 239 53.29 0.39 31.86
CA TYR A 239 52.38 0.71 30.77
C TYR A 239 51.14 -0.15 30.92
N TYR A 240 50.19 0.04 30.01
CA TYR A 240 48.91 -0.66 30.04
C TYR A 240 48.63 -1.28 28.68
N VAL A 241 47.88 -2.38 28.70
CA VAL A 241 47.49 -3.06 27.47
C VAL A 241 46.00 -3.39 27.54
N GLY A 242 45.24 -2.93 26.56
CA GLY A 242 43.86 -3.31 26.39
C GLY A 242 43.66 -4.19 25.17
N TYR A 243 42.39 -4.41 24.85
CA TYR A 243 42.04 -5.19 23.67
C TYR A 243 40.75 -4.67 23.07
N LEU A 244 40.73 -4.57 21.75
CA LEU A 244 39.60 -4.02 21.02
C LEU A 244 38.60 -5.13 20.69
N GLN A 245 37.32 -4.76 20.68
CA GLN A 245 36.24 -5.70 20.41
C GLN A 245 35.27 -5.08 19.41
N PRO A 246 34.54 -5.91 18.65
CA PRO A 246 33.55 -5.37 17.71
C PRO A 246 32.34 -4.84 18.47
N ARG A 247 32.10 -3.53 18.35
CA ARG A 247 31.02 -2.88 19.07
C ARG A 247 30.50 -1.72 18.25
N THR A 248 29.32 -1.23 18.64
CA THR A 248 28.70 -0.08 18.00
C THR A 248 28.66 1.09 18.99
N PHE A 249 29.01 2.27 18.51
CA PHE A 249 29.10 3.45 19.34
C PHE A 249 28.22 4.55 18.76
N LEU A 250 27.92 5.54 19.61
CA LEU A 250 27.23 6.76 19.19
C LEU A 250 28.18 7.92 19.46
N LEU A 251 28.63 8.58 18.40
CA LEU A 251 29.66 9.60 18.48
C LEU A 251 29.03 10.98 18.32
N LYS A 252 29.41 11.92 19.18
CA LYS A 252 28.94 13.28 19.13
C LYS A 252 30.03 14.17 18.54
N TYR A 253 29.70 14.88 17.48
CA TYR A 253 30.65 15.74 16.77
C TYR A 253 30.40 17.20 17.11
N ASN A 254 31.43 17.88 17.56
CA ASN A 254 31.36 19.32 17.78
C ASN A 254 31.25 20.03 16.43
N GLU A 255 30.91 21.32 16.48
CA GLU A 255 30.75 22.09 15.26
C GLU A 255 32.05 22.24 14.48
N ASN A 256 33.19 21.98 15.11
CA ASN A 256 34.48 22.02 14.43
C ASN A 256 34.96 20.64 13.99
N GLY A 257 34.08 19.63 14.05
CA GLY A 257 34.48 18.30 13.70
C GLY A 257 35.18 17.52 14.79
N THR A 258 35.20 18.04 16.01
CA THR A 258 35.88 17.38 17.12
C THR A 258 34.90 16.46 17.86
N ILE A 259 35.31 15.21 18.07
CA ILE A 259 34.50 14.28 18.84
C ILE A 259 34.60 14.65 20.32
N THR A 260 33.44 14.85 20.96
CA THR A 260 33.42 15.32 22.33
C THR A 260 32.69 14.40 23.30
N ASP A 261 31.96 13.40 22.82
CA ASP A 261 31.25 12.50 23.71
C ASP A 261 30.95 11.21 22.96
N ALA A 262 30.65 10.16 23.71
CA ALA A 262 30.35 8.87 23.13
C ALA A 262 29.43 8.09 24.05
N VAL A 263 28.79 7.06 23.50
CA VAL A 263 27.89 6.19 24.23
C VAL A 263 28.13 4.76 23.78
N ASP A 264 28.42 3.87 24.73
CA ASP A 264 28.59 2.44 24.44
C ASP A 264 27.21 1.82 24.41
N CYS A 265 26.77 1.40 23.21
CA CYS A 265 25.39 0.99 23.01
C CYS A 265 25.02 -0.31 23.73
N ALA A 266 26.00 -1.05 24.28
CA ALA A 266 25.71 -2.32 24.93
C ALA A 266 26.20 -2.35 26.38
N LEU A 267 26.45 -1.19 26.99
CA LEU A 267 26.94 -1.18 28.36
C LEU A 267 25.83 -1.52 29.36
N ASP A 268 24.66 -0.92 29.19
CA ASP A 268 23.56 -1.08 30.14
C ASP A 268 22.27 -0.63 29.46
N PRO A 269 21.10 -0.94 30.05
CA PRO A 269 19.84 -0.59 29.39
C PRO A 269 19.69 0.89 29.06
N LEU A 270 20.16 1.79 29.92
CA LEU A 270 20.05 3.21 29.64
C LEU A 270 20.83 3.58 28.38
N SER A 271 21.99 2.95 28.19
CA SER A 271 22.77 3.20 26.97
C SER A 271 22.02 2.71 25.73
N GLU A 272 21.35 1.55 25.84
CA GLU A 272 20.56 1.08 24.72
C GLU A 272 19.42 2.04 24.40
N THR A 273 18.78 2.59 25.44
CA THR A 273 17.74 3.58 25.20
C THR A 273 18.29 4.82 24.50
N LYS A 274 19.44 5.31 24.97
CA LYS A 274 20.06 6.47 24.35
C LYS A 274 20.41 6.20 22.89
N CYS A 275 20.95 5.01 22.60
CA CYS A 275 21.29 4.67 21.22
C CYS A 275 20.04 4.52 20.35
N THR A 276 18.94 4.04 20.93
CA THR A 276 17.72 3.85 20.15
C THR A 276 17.07 5.19 19.82
N LEU A 277 17.01 6.10 20.80
CA LEU A 277 16.37 7.38 20.56
C LEU A 277 17.27 8.38 19.85
N LYS A 278 18.54 8.05 19.60
CA LYS A 278 19.49 8.95 18.96
C LYS A 278 19.60 10.27 19.71
N SER A 279 19.87 10.17 21.02
CA SER A 279 19.98 11.35 21.85
C SER A 279 20.82 11.03 23.07
N PHE A 280 21.33 12.07 23.70
CA PHE A 280 22.09 11.94 24.95
C PHE A 280 21.25 12.25 26.17
N THR A 281 19.98 12.63 26.01
CA THR A 281 19.07 12.88 27.11
C THR A 281 17.79 12.10 26.87
N VAL A 282 17.22 11.57 27.95
CA VAL A 282 16.03 10.72 27.88
C VAL A 282 14.94 11.35 28.73
N GLU A 283 13.74 11.48 28.16
CA GLU A 283 12.60 12.03 28.87
C GLU A 283 11.96 10.97 29.75
N LYS A 284 10.91 11.37 30.45
CA LYS A 284 10.13 10.44 31.27
C LYS A 284 9.28 9.54 30.38
N GLY A 285 9.09 8.29 30.80
CA GLY A 285 8.19 7.40 30.12
C GLY A 285 8.78 6.02 30.00
N ILE A 286 8.12 5.19 29.19
CA ILE A 286 8.53 3.82 28.91
C ILE A 286 8.90 3.72 27.44
N TYR A 287 9.95 2.98 27.13
CA TYR A 287 10.44 2.82 25.77
C TYR A 287 10.76 1.36 25.52
N GLN A 288 10.42 0.89 24.33
CA GLN A 288 10.78 -0.46 23.91
C GLN A 288 12.09 -0.42 23.15
N THR A 289 13.05 -1.24 23.59
CA THR A 289 14.43 -1.14 23.10
C THR A 289 14.87 -2.30 22.22
N SER A 290 14.50 -3.53 22.55
CA SER A 290 15.00 -4.67 21.81
C SER A 290 14.04 -5.84 22.01
N ASN A 291 14.47 -7.03 21.61
CA ASN A 291 13.72 -8.26 21.82
C ASN A 291 14.64 -9.29 22.46
N PHE A 292 14.03 -10.22 23.18
CA PHE A 292 14.76 -11.31 23.80
C PHE A 292 14.32 -12.65 23.21
N ARG A 293 15.09 -13.68 23.53
CA ARG A 293 14.85 -15.02 22.99
C ARG A 293 15.65 -16.02 23.81
N VAL A 294 15.00 -17.13 24.20
CA VAL A 294 15.70 -18.18 24.93
C VAL A 294 16.61 -18.93 23.97
N GLN A 295 17.88 -19.06 24.35
CA GLN A 295 18.75 -19.72 23.38
C GLN A 295 18.78 -21.23 23.62
N PRO A 296 18.89 -22.02 22.56
CA PRO A 296 18.98 -23.48 22.73
C PRO A 296 20.28 -23.88 23.40
N THR A 297 20.23 -25.00 24.10
CA THR A 297 21.36 -25.47 24.88
C THR A 297 22.05 -26.70 24.32
N GLU A 298 21.30 -27.65 23.76
CA GLU A 298 21.86 -28.92 23.31
C GLU A 298 21.33 -29.23 21.92
N SER A 299 21.74 -30.37 21.38
CA SER A 299 21.28 -30.85 20.09
C SER A 299 20.86 -32.31 20.22
N ILE A 300 19.73 -32.66 19.60
CA ILE A 300 19.19 -34.01 19.65
C ILE A 300 19.17 -34.55 18.22
N VAL A 301 19.80 -35.71 18.03
CA VAL A 301 19.88 -36.36 16.73
C VAL A 301 19.36 -37.78 16.87
N ARG A 302 18.43 -38.15 16.00
CA ARG A 302 17.87 -39.50 15.98
C ARG A 302 17.81 -39.99 14.54
N PHE A 303 18.24 -41.23 14.32
CA PHE A 303 18.30 -41.83 13.00
C PHE A 303 17.63 -43.19 13.01
N PRO A 304 17.08 -43.63 11.89
CA PRO A 304 16.53 -44.98 11.81
C PRO A 304 17.63 -46.03 11.88
N ASN A 305 17.23 -47.24 12.30
CA ASN A 305 18.17 -48.34 12.53
C ASN A 305 18.40 -49.08 11.23
N ILE A 306 19.52 -48.76 10.58
CA ILE A 306 19.93 -49.41 9.34
C ILE A 306 21.43 -49.70 9.43
N THR A 307 21.82 -50.90 9.00
CA THR A 307 23.23 -51.29 8.94
C THR A 307 23.71 -51.66 7.55
N ASN A 308 22.80 -51.87 6.60
CA ASN A 308 23.20 -52.27 5.26
C ASN A 308 23.90 -51.12 4.54
N LEU A 309 24.83 -51.48 3.66
CA LEU A 309 25.49 -50.52 2.78
C LEU A 309 24.84 -50.58 1.39
N CYS A 310 24.76 -49.42 0.76
CA CYS A 310 24.07 -49.33 -0.52
C CYS A 310 24.91 -49.94 -1.62
N PRO A 311 24.31 -50.67 -2.57
CA PRO A 311 25.07 -51.33 -3.64
C PRO A 311 25.43 -50.37 -4.78
N PHE A 312 26.21 -49.34 -4.46
CA PHE A 312 26.67 -48.42 -5.48
C PHE A 312 27.65 -49.08 -6.43
N GLY A 313 28.45 -50.03 -5.93
CA GLY A 313 29.42 -50.72 -6.77
C GLY A 313 28.81 -51.62 -7.81
N GLU A 314 27.54 -52.02 -7.62
CA GLU A 314 26.87 -52.83 -8.64
C GLU A 314 26.76 -52.08 -9.96
N VAL A 315 26.77 -50.75 -9.93
CA VAL A 315 26.71 -49.93 -11.13
C VAL A 315 28.04 -49.24 -11.40
N PHE A 316 28.65 -48.64 -10.37
CA PHE A 316 29.88 -47.89 -10.58
C PHE A 316 31.04 -48.79 -10.95
N ASN A 317 31.11 -49.98 -10.37
CA ASN A 317 32.16 -50.95 -10.64
C ASN A 317 31.77 -51.98 -11.68
N ALA A 318 30.60 -51.84 -12.29
CA ALA A 318 30.11 -52.83 -13.23
C ALA A 318 30.95 -52.83 -14.50
N THR A 319 30.91 -53.95 -15.22
CA THR A 319 31.61 -54.09 -16.49
C THR A 319 30.68 -54.18 -17.69
N ARG A 320 29.38 -54.31 -17.48
CA ARG A 320 28.41 -54.37 -18.57
C ARG A 320 27.47 -53.18 -18.47
N PHE A 321 27.32 -52.46 -19.59
CA PHE A 321 26.52 -51.25 -19.64
C PHE A 321 25.56 -51.32 -20.82
N ALA A 322 24.34 -50.84 -20.58
CA ALA A 322 23.27 -50.93 -21.57
C ALA A 322 23.43 -49.85 -22.63
N SER A 323 22.66 -50.01 -23.71
CA SER A 323 22.65 -49.03 -24.78
C SER A 323 21.99 -47.73 -24.31
N VAL A 324 22.36 -46.62 -24.96
CA VAL A 324 21.84 -45.32 -24.57
C VAL A 324 20.35 -45.22 -24.88
N TYR A 325 19.84 -46.03 -25.80
CA TYR A 325 18.44 -46.00 -26.16
C TYR A 325 17.57 -46.92 -25.30
N ALA A 326 18.18 -47.82 -24.53
CA ALA A 326 17.46 -48.68 -23.60
C ALA A 326 18.25 -48.69 -22.30
N TRP A 327 17.89 -47.81 -21.38
CA TRP A 327 18.72 -47.57 -20.22
C TRP A 327 18.44 -48.61 -19.14
N ASN A 328 19.42 -48.81 -18.26
CA ASN A 328 19.30 -49.75 -17.15
C ASN A 328 18.98 -48.98 -15.88
N ARG A 329 17.87 -49.33 -15.24
CA ARG A 329 17.39 -48.63 -14.05
C ARG A 329 17.50 -49.53 -12.83
N LYS A 330 18.06 -49.01 -11.75
CA LYS A 330 18.25 -49.75 -10.52
C LYS A 330 17.68 -48.96 -9.34
N ARG A 331 17.02 -49.66 -8.43
CA ARG A 331 16.43 -49.04 -7.25
C ARG A 331 17.30 -49.34 -6.03
N ILE A 332 17.73 -48.28 -5.34
CA ILE A 332 18.58 -48.39 -4.17
C ILE A 332 17.81 -47.82 -2.98
N SER A 333 17.72 -48.61 -1.91
CA SER A 333 16.97 -48.21 -0.72
C SER A 333 17.37 -49.11 0.44
N ASN A 334 16.89 -48.74 1.63
CA ASN A 334 17.06 -49.53 2.84
C ASN A 334 18.54 -49.79 3.13
N CYS A 335 19.36 -48.75 3.01
CA CYS A 335 20.79 -48.89 3.18
C CYS A 335 21.39 -47.55 3.54
N VAL A 336 22.63 -47.61 4.05
CA VAL A 336 23.42 -46.41 4.35
C VAL A 336 24.25 -46.08 3.13
N ALA A 337 24.21 -44.82 2.70
CA ALA A 337 24.90 -44.37 1.49
C ALA A 337 25.92 -43.31 1.84
N ASP A 338 27.14 -43.48 1.34
CA ASP A 338 28.20 -42.50 1.47
C ASP A 338 28.58 -42.00 0.09
N TYR A 339 28.41 -40.71 -0.15
CA TYR A 339 28.70 -40.10 -1.44
C TYR A 339 30.09 -39.47 -1.49
N SER A 340 30.85 -39.51 -0.40
CA SER A 340 32.20 -38.94 -0.42
C SER A 340 33.11 -39.71 -1.35
N VAL A 341 32.88 -41.02 -1.52
CA VAL A 341 33.69 -41.81 -2.43
C VAL A 341 33.50 -41.33 -3.87
N LEU A 342 32.25 -41.06 -4.27
CA LEU A 342 32.01 -40.49 -5.59
C LEU A 342 32.55 -39.07 -5.68
N TYR A 343 32.46 -38.32 -4.58
CA TYR A 343 33.06 -36.98 -4.57
C TYR A 343 34.57 -37.04 -4.69
N ASN A 344 35.19 -38.04 -4.06
CA ASN A 344 36.64 -38.21 -4.07
C ASN A 344 37.12 -39.19 -5.12
N SER A 345 36.23 -39.63 -6.02
CA SER A 345 36.61 -40.65 -7.00
C SER A 345 37.62 -40.11 -8.00
N ALA A 346 38.61 -40.93 -8.31
CA ALA A 346 39.61 -40.55 -9.30
C ALA A 346 39.05 -40.69 -10.72
N SER A 347 39.62 -39.89 -11.62
CA SER A 347 39.32 -39.91 -13.05
C SER A 347 37.87 -39.56 -13.37
N PHE A 348 37.12 -39.04 -12.40
CA PHE A 348 35.76 -38.60 -12.68
C PHE A 348 35.78 -37.36 -13.57
N SER A 349 34.98 -37.39 -14.64
CA SER A 349 34.98 -36.30 -15.61
C SER A 349 33.90 -35.27 -15.32
N THR A 350 32.64 -35.69 -15.23
CA THR A 350 31.52 -34.79 -14.96
C THR A 350 30.92 -35.13 -13.61
N PHE A 351 30.73 -34.11 -12.78
CA PHE A 351 30.11 -34.28 -11.46
C PHE A 351 29.31 -33.01 -11.19
N LYS A 352 28.02 -33.04 -11.52
CA LYS A 352 27.15 -31.86 -11.47
C LYS A 352 25.86 -32.23 -10.77
N CYS A 353 25.41 -31.38 -9.86
CA CYS A 353 24.22 -31.62 -9.06
C CYS A 353 23.22 -30.50 -9.24
N TYR A 354 21.95 -30.86 -9.45
CA TYR A 354 20.87 -29.92 -9.66
C TYR A 354 19.92 -29.96 -8.47
N GLY A 355 19.93 -28.90 -7.68
CA GLY A 355 19.05 -28.81 -6.52
C GLY A 355 19.71 -29.14 -5.20
N VAL A 356 20.86 -29.82 -5.21
CA VAL A 356 21.59 -30.16 -4.00
C VAL A 356 23.06 -29.83 -4.20
N SER A 357 23.77 -29.63 -3.10
CA SER A 357 25.20 -29.44 -3.21
C SER A 357 25.94 -30.73 -2.84
N PRO A 358 26.98 -31.09 -3.60
CA PRO A 358 27.63 -32.39 -3.39
C PRO A 358 28.20 -32.57 -1.99
N THR A 359 28.74 -31.51 -1.37
CA THR A 359 29.33 -31.66 -0.06
C THR A 359 28.27 -31.86 1.02
N LYS A 360 27.09 -31.29 0.85
CA LYS A 360 26.00 -31.45 1.79
C LYS A 360 25.16 -32.69 1.52
N LEU A 361 25.61 -33.56 0.60
CA LEU A 361 24.86 -34.75 0.26
C LEU A 361 25.05 -35.90 1.23
N ASN A 362 26.05 -35.83 2.10
CA ASN A 362 26.29 -36.88 3.08
C ASN A 362 25.52 -36.67 4.38
N ASP A 363 24.68 -35.64 4.46
CA ASP A 363 23.92 -35.34 5.66
C ASP A 363 22.42 -35.36 5.43
N LEU A 364 21.96 -35.74 4.24
CA LEU A 364 20.55 -35.74 3.90
C LEU A 364 19.98 -37.15 3.93
N CYS A 365 18.65 -37.22 3.87
CA CYS A 365 17.93 -38.48 3.78
C CYS A 365 16.88 -38.38 2.69
N PHE A 366 16.62 -39.52 2.03
CA PHE A 366 15.74 -39.54 0.87
C PHE A 366 14.83 -40.75 0.95
N THR A 367 13.66 -40.64 0.29
CA THR A 367 12.76 -41.78 0.23
C THR A 367 13.38 -42.94 -0.53
N ASN A 368 13.92 -42.66 -1.71
CA ASN A 368 14.69 -43.63 -2.47
C ASN A 368 15.55 -42.90 -3.49
N VAL A 369 16.59 -43.58 -3.97
CA VAL A 369 17.47 -43.04 -4.99
C VAL A 369 17.48 -44.01 -6.17
N TYR A 370 17.36 -43.46 -7.38
CA TYR A 370 17.36 -44.24 -8.61
C TYR A 370 18.68 -44.04 -9.33
N ALA A 371 19.39 -45.15 -9.55
CA ALA A 371 20.65 -45.14 -10.29
C ALA A 371 20.39 -45.75 -11.66
N ASP A 372 20.74 -45.01 -12.70
CA ASP A 372 20.53 -45.46 -14.07
C ASP A 372 21.86 -45.36 -14.79
N SER A 373 22.18 -46.37 -15.60
CA SER A 373 23.48 -46.50 -16.22
C SER A 373 23.36 -46.69 -17.73
N PHE A 374 24.40 -46.27 -18.45
CA PHE A 374 24.48 -46.42 -19.90
C PHE A 374 25.90 -46.06 -20.34
N VAL A 375 26.12 -46.10 -21.66
CA VAL A 375 27.36 -45.66 -22.27
C VAL A 375 27.01 -44.69 -23.39
N ILE A 376 27.72 -43.56 -23.45
CA ILE A 376 27.45 -42.51 -24.42
C ILE A 376 28.77 -42.07 -25.04
N ARG A 377 28.66 -41.32 -26.15
CA ARG A 377 29.83 -40.79 -26.80
C ARG A 377 30.43 -39.65 -25.97
N GLY A 378 31.67 -39.27 -26.31
CA GLY A 378 32.31 -38.16 -25.63
C GLY A 378 31.65 -36.84 -25.92
N ASP A 379 31.14 -36.66 -27.15
CA ASP A 379 30.51 -35.40 -27.54
C ASP A 379 29.07 -35.29 -27.09
N GLU A 380 28.39 -36.41 -26.81
CA GLU A 380 26.98 -36.42 -26.49
C GLU A 380 26.70 -36.25 -25.00
N VAL A 381 27.72 -36.01 -24.18
CA VAL A 381 27.54 -35.90 -22.74
C VAL A 381 26.65 -34.73 -22.38
N ARG A 382 26.78 -33.62 -23.10
CA ARG A 382 26.06 -32.39 -22.76
C ARG A 382 24.55 -32.58 -22.85
N GLN A 383 24.09 -33.50 -23.71
CA GLN A 383 22.66 -33.69 -23.89
C GLN A 383 21.97 -34.23 -22.65
N ILE A 384 22.70 -34.91 -21.77
CA ILE A 384 22.13 -35.46 -20.53
C ILE A 384 22.24 -34.34 -19.50
N ALA A 385 21.27 -33.43 -19.53
CA ALA A 385 21.20 -32.31 -18.60
C ALA A 385 19.81 -31.69 -18.73
N PRO A 386 19.28 -31.12 -17.65
CA PRO A 386 17.95 -30.50 -17.75
C PRO A 386 17.96 -29.33 -18.73
N GLY A 387 16.86 -29.19 -19.45
CA GLY A 387 16.72 -28.11 -20.42
C GLY A 387 17.52 -28.26 -21.69
N GLN A 388 18.01 -29.46 -21.99
CA GLN A 388 18.82 -29.69 -23.18
C GLN A 388 18.00 -30.37 -24.28
N THR A 389 18.36 -30.07 -25.52
CA THR A 389 17.80 -30.72 -26.69
C THR A 389 18.92 -31.37 -27.50
N GLY A 390 18.53 -32.21 -28.45
CA GLY A 390 19.47 -32.91 -29.28
C GLY A 390 18.91 -34.26 -29.66
N LYS A 391 19.73 -35.06 -30.35
CA LYS A 391 19.29 -36.39 -30.78
C LYS A 391 18.95 -37.26 -29.58
N ILE A 392 19.89 -37.39 -28.64
CA ILE A 392 19.67 -38.25 -27.48
C ILE A 392 18.69 -37.61 -26.50
N ALA A 393 18.85 -36.30 -26.25
CA ALA A 393 17.99 -35.63 -25.28
C ALA A 393 16.52 -35.68 -25.67
N ASP A 394 16.24 -35.67 -26.98
CA ASP A 394 14.86 -35.67 -27.45
C ASP A 394 14.35 -37.03 -27.89
N TYR A 395 15.26 -37.97 -28.20
CA TYR A 395 14.84 -39.24 -28.79
C TYR A 395 15.29 -40.46 -28.01
N ASN A 396 16.19 -40.31 -27.04
CA ASN A 396 16.67 -41.42 -26.22
C ASN A 396 16.21 -41.32 -24.78
N TYR A 397 16.44 -40.18 -24.13
CA TYR A 397 16.10 -40.00 -22.73
C TYR A 397 15.95 -38.52 -22.46
N LYS A 398 14.73 -38.10 -22.09
CA LYS A 398 14.46 -36.71 -21.77
C LYS A 398 14.69 -36.51 -20.27
N LEU A 399 15.71 -35.71 -19.94
CA LEU A 399 15.95 -35.34 -18.55
C LEU A 399 15.08 -34.15 -18.21
N PRO A 400 14.20 -34.25 -17.21
CA PRO A 400 13.20 -33.19 -17.00
C PRO A 400 13.82 -31.90 -16.47
N ASP A 401 13.10 -30.80 -16.71
CA ASP A 401 13.56 -29.49 -16.28
C ASP A 401 13.56 -29.36 -14.76
N ASP A 402 12.55 -29.92 -14.09
CA ASP A 402 12.44 -29.85 -12.64
C ASP A 402 13.17 -30.99 -11.95
N PHE A 403 14.16 -31.58 -12.61
CA PHE A 403 14.87 -32.73 -12.05
C PHE A 403 15.70 -32.33 -10.84
N THR A 404 15.71 -33.22 -9.84
CA THR A 404 16.51 -33.04 -8.64
C THR A 404 17.37 -34.28 -8.44
N GLY A 405 18.70 -34.11 -8.50
CA GLY A 405 19.61 -35.22 -8.33
C GLY A 405 21.03 -34.91 -8.73
N CYS A 406 21.65 -35.78 -9.53
CA CYS A 406 23.03 -35.60 -9.94
C CYS A 406 23.28 -36.36 -11.23
N VAL A 407 24.34 -35.96 -11.93
CA VAL A 407 24.80 -36.62 -13.15
C VAL A 407 26.31 -36.79 -13.07
N ILE A 408 26.78 -38.01 -13.29
CA ILE A 408 28.20 -38.35 -13.22
C ILE A 408 28.59 -39.07 -14.52
N ALA A 409 29.67 -38.63 -15.15
CA ALA A 409 30.15 -39.19 -16.40
C ALA A 409 31.57 -39.69 -16.24
N TRP A 410 31.87 -40.83 -16.87
CA TRP A 410 33.18 -41.43 -16.84
C TRP A 410 33.57 -41.93 -18.23
N ASN A 411 34.83 -41.76 -18.59
CA ASN A 411 35.34 -42.25 -19.87
C ASN A 411 35.61 -43.75 -19.74
N SER A 412 35.11 -44.52 -20.72
CA SER A 412 35.23 -45.97 -20.71
C SER A 412 35.77 -46.49 -22.04
N ASN A 413 36.76 -45.80 -22.59
CA ASN A 413 37.34 -46.25 -23.86
C ASN A 413 38.15 -47.52 -23.70
N ASN A 414 38.90 -47.64 -22.59
CA ASN A 414 39.75 -48.80 -22.38
C ASN A 414 38.97 -50.07 -22.06
N LEU A 415 37.67 -49.96 -21.82
CA LEU A 415 36.85 -51.09 -21.45
C LEU A 415 35.77 -51.44 -22.46
N ASP A 416 35.31 -50.48 -23.26
CA ASP A 416 34.24 -50.72 -24.22
C ASP A 416 34.70 -50.74 -25.67
N SER A 417 35.75 -50.01 -26.01
CA SER A 417 36.15 -49.88 -27.42
C SER A 417 36.63 -51.22 -27.97
N LYS A 418 36.19 -51.52 -29.19
CA LYS A 418 36.60 -52.71 -29.91
C LYS A 418 37.36 -52.28 -31.16
N GLY A 421 35.31 -51.45 -33.73
CA GLY A 421 34.23 -50.59 -33.31
C GLY A 421 33.15 -51.36 -32.56
N ASN A 422 32.80 -50.91 -31.35
CA ASN A 422 31.84 -51.62 -30.52
C ASN A 422 30.43 -51.19 -30.93
N TYR A 423 29.82 -51.96 -31.82
CA TYR A 423 28.48 -51.68 -32.31
C TYR A 423 27.40 -52.29 -31.42
N ASN A 424 27.77 -52.92 -30.30
CA ASN A 424 26.79 -53.42 -29.36
C ASN A 424 26.03 -52.30 -28.65
N TYR A 425 26.47 -51.06 -28.78
CA TYR A 425 25.78 -49.90 -28.22
C TYR A 425 25.08 -49.16 -29.35
N LEU A 426 23.77 -49.02 -29.24
CA LEU A 426 22.96 -48.40 -30.29
C LEU A 426 22.24 -47.17 -29.75
N TYR A 427 21.99 -46.21 -30.63
CA TYR A 427 21.34 -44.96 -30.27
C TYR A 427 20.16 -44.72 -31.20
N ARG A 428 19.07 -44.23 -30.62
CA ARG A 428 17.86 -43.93 -31.37
C ARG A 428 18.04 -42.62 -32.12
N LEU A 429 17.74 -42.64 -33.42
CA LEU A 429 17.91 -41.48 -34.28
C LEU A 429 16.60 -40.96 -34.86
N PHE A 430 15.55 -41.77 -34.88
CA PHE A 430 14.32 -41.39 -35.57
C PHE A 430 13.11 -41.66 -34.70
N ARG A 431 12.41 -40.59 -34.33
CA ARG A 431 11.11 -40.70 -33.66
C ARG A 431 10.22 -39.59 -34.18
N LYS A 432 8.92 -39.87 -34.23
CA LYS A 432 7.95 -38.91 -34.75
C LYS A 432 7.65 -37.80 -33.77
N SER A 433 7.97 -37.98 -32.49
CA SER A 433 7.82 -36.93 -31.50
C SER A 433 8.86 -37.13 -30.42
N ASN A 434 9.20 -36.04 -29.73
CA ASN A 434 10.21 -36.11 -28.69
C ASN A 434 9.69 -36.89 -27.48
N LEU A 435 10.62 -37.59 -26.82
CA LEU A 435 10.24 -38.44 -25.69
C LEU A 435 9.93 -37.61 -24.45
N LYS A 436 9.03 -38.13 -23.64
CA LYS A 436 8.72 -37.54 -22.34
C LYS A 436 9.83 -37.84 -21.35
N PRO A 437 9.89 -37.08 -20.25
CA PRO A 437 10.88 -37.40 -19.21
C PRO A 437 10.69 -38.81 -18.67
N PHE A 438 11.82 -39.47 -18.42
CA PHE A 438 11.89 -40.83 -17.87
C PHE A 438 11.21 -41.87 -18.74
N GLU A 439 11.18 -41.68 -20.06
CA GLU A 439 10.58 -42.66 -20.95
C GLU A 439 11.66 -43.47 -21.67
N ARG A 440 11.39 -44.76 -21.85
CA ARG A 440 12.29 -45.69 -22.54
C ARG A 440 11.52 -46.34 -23.68
N ASP A 441 11.68 -45.80 -24.89
CA ASP A 441 11.04 -46.34 -26.08
C ASP A 441 12.08 -47.14 -26.86
N ILE A 442 11.81 -48.43 -27.03
CA ILE A 442 12.72 -49.35 -27.69
C ILE A 442 12.13 -49.91 -28.98
N TYR A 463 14.11 -44.74 -42.75
CA TYR A 463 15.36 -45.15 -42.14
C TYR A 463 15.09 -45.90 -40.85
N PHE A 464 16.01 -46.77 -40.47
CA PHE A 464 15.89 -47.54 -39.23
C PHE A 464 16.13 -46.62 -38.04
N PRO A 465 15.25 -46.63 -37.04
CA PRO A 465 15.40 -45.68 -35.92
C PRO A 465 16.68 -45.85 -35.11
N LEU A 466 17.28 -47.05 -35.11
CA LEU A 466 18.45 -47.34 -34.29
C LEU A 466 19.70 -47.37 -35.15
N GLN A 467 20.77 -46.76 -34.63
CA GLN A 467 22.07 -46.74 -35.30
C GLN A 467 23.15 -47.20 -34.33
N SER A 468 24.14 -47.90 -34.86
CA SER A 468 25.22 -48.43 -34.05
C SER A 468 26.33 -47.40 -33.86
N TYR A 469 27.05 -47.53 -32.76
CA TYR A 469 28.10 -46.59 -32.38
C TYR A 469 29.46 -47.03 -32.90
N GLY A 470 30.28 -46.05 -33.24
CA GLY A 470 31.65 -46.31 -33.65
C GLY A 470 32.65 -46.18 -32.51
N PHE A 471 32.52 -47.05 -31.51
CA PHE A 471 33.42 -47.03 -30.35
C PHE A 471 34.66 -47.86 -30.70
N GLN A 472 35.70 -47.16 -31.15
CA GLN A 472 36.91 -47.78 -31.64
C GLN A 472 38.13 -47.13 -31.01
N PRO A 473 39.21 -47.87 -30.80
CA PRO A 473 40.45 -47.25 -30.32
C PRO A 473 41.00 -46.24 -31.30
N THR A 474 41.73 -45.27 -30.77
CA THR A 474 42.33 -44.12 -31.47
C THR A 474 41.30 -43.13 -31.96
N ASN A 475 40.01 -43.35 -31.70
CA ASN A 475 39.00 -42.39 -32.09
C ASN A 475 39.12 -41.13 -31.24
N GLY A 476 38.40 -40.09 -31.67
CA GLY A 476 38.40 -38.85 -30.90
C GLY A 476 37.82 -39.04 -29.52
N VAL A 477 38.35 -38.28 -28.56
CA VAL A 477 37.87 -38.36 -27.18
C VAL A 477 36.39 -37.98 -27.12
N GLY A 478 35.94 -37.13 -28.04
CA GLY A 478 34.52 -36.85 -28.16
C GLY A 478 33.71 -37.95 -28.82
N TYR A 479 34.37 -39.00 -29.31
CA TYR A 479 33.69 -40.14 -29.89
C TYR A 479 33.91 -41.43 -29.11
N GLN A 480 34.81 -41.42 -28.13
CA GLN A 480 35.05 -42.60 -27.30
C GLN A 480 33.83 -42.89 -26.43
N PRO A 481 33.62 -44.15 -26.06
CA PRO A 481 32.52 -44.47 -25.15
C PRO A 481 32.72 -43.82 -23.78
N TYR A 482 31.61 -43.35 -23.21
CA TYR A 482 31.63 -42.70 -21.90
C TYR A 482 30.56 -43.33 -21.02
N ARG A 483 30.98 -43.81 -19.84
CA ARG A 483 30.06 -44.40 -18.88
C ARG A 483 29.51 -43.30 -17.98
N VAL A 484 28.20 -43.08 -18.05
CA VAL A 484 27.52 -42.00 -17.35
C VAL A 484 26.40 -42.60 -16.50
N VAL A 485 26.23 -42.08 -15.29
CA VAL A 485 25.21 -42.54 -14.36
C VAL A 485 24.35 -41.35 -13.95
N VAL A 486 23.03 -41.51 -14.06
CA VAL A 486 22.06 -40.48 -13.70
C VAL A 486 21.43 -40.87 -12.37
N LEU A 487 21.68 -40.09 -11.34
CA LEU A 487 21.15 -40.34 -10.00
C LEU A 487 19.97 -39.39 -9.77
N SER A 488 18.77 -39.96 -9.66
CA SER A 488 17.56 -39.18 -9.40
C SER A 488 17.18 -39.35 -7.93
N PHE A 489 17.08 -38.23 -7.22
CA PHE A 489 16.73 -38.22 -5.81
C PHE A 489 15.26 -37.88 -5.65
N GLU A 490 14.56 -38.65 -4.81
CA GLU A 490 13.13 -38.47 -4.61
C GLU A 490 12.86 -38.13 -3.15
N LEU A 491 11.93 -37.19 -2.93
CA LEU A 491 11.54 -36.75 -1.60
C LEU A 491 10.02 -36.93 -1.48
N LEU A 492 9.60 -38.11 -1.04
CA LEU A 492 8.19 -38.43 -0.87
C LEU A 492 7.78 -38.29 0.58
N HIS A 493 6.47 -38.41 0.82
CA HIS A 493 5.95 -38.35 2.18
C HIS A 493 6.37 -39.54 3.02
N ALA A 494 6.85 -40.61 2.39
CA ALA A 494 7.21 -41.82 3.11
C ALA A 494 8.42 -41.58 4.01
N PRO A 495 8.54 -42.33 5.10
CA PRO A 495 9.74 -42.20 5.95
C PRO A 495 11.01 -42.51 5.17
N ALA A 496 12.08 -41.83 5.55
CA ALA A 496 13.34 -41.94 4.83
C ALA A 496 13.88 -43.37 4.89
N THR A 497 14.46 -43.81 3.77
CA THR A 497 15.07 -45.14 3.69
C THR A 497 16.57 -45.10 3.45
N VAL A 498 17.06 -44.13 2.69
CA VAL A 498 18.49 -43.92 2.47
C VAL A 498 18.90 -42.71 3.28
N CYS A 499 19.79 -42.89 4.24
CA CYS A 499 20.09 -41.85 5.22
C CYS A 499 21.55 -41.42 5.27
N GLY A 500 22.50 -42.34 5.14
CA GLY A 500 23.89 -42.00 5.26
C GLY A 500 24.38 -42.08 6.70
N PRO A 501 25.69 -41.95 6.88
CA PRO A 501 26.26 -42.15 8.22
C PRO A 501 26.25 -40.92 9.10
N LYS A 502 25.61 -41.06 10.26
CA LYS A 502 25.62 -40.07 11.33
C LYS A 502 25.28 -40.76 12.64
N LYS A 503 25.81 -40.23 13.73
CA LYS A 503 25.61 -40.81 15.04
C LYS A 503 24.38 -40.22 15.72
N SER A 504 23.53 -41.08 16.25
CA SER A 504 22.32 -40.64 16.94
C SER A 504 22.55 -40.65 18.45
N THR A 505 21.82 -39.77 19.14
CA THR A 505 21.94 -39.59 20.58
C THR A 505 20.61 -39.95 21.25
N ASN A 506 20.52 -39.67 22.55
CA ASN A 506 19.32 -39.94 23.32
C ASN A 506 18.41 -38.71 23.30
N LEU A 507 17.37 -38.73 24.12
CA LEU A 507 16.37 -37.66 24.16
C LEU A 507 16.55 -36.80 25.40
N VAL A 508 16.41 -35.49 25.22
CA VAL A 508 16.46 -34.52 26.30
C VAL A 508 15.09 -33.84 26.38
N LYS A 509 14.51 -33.82 27.57
CA LYS A 509 13.17 -33.31 27.77
C LYS A 509 13.19 -31.97 28.50
N ASN A 510 12.17 -31.16 28.22
CA ASN A 510 11.93 -29.90 28.94
C ASN A 510 13.10 -28.93 28.82
N LYS A 511 13.70 -28.87 27.64
CA LYS A 511 14.76 -27.91 27.36
C LYS A 511 14.62 -27.40 25.93
N CYS A 512 15.06 -26.17 25.70
CA CYS A 512 15.17 -25.64 24.36
C CYS A 512 16.38 -26.29 23.68
N VAL A 513 16.11 -27.14 22.69
CA VAL A 513 17.16 -27.92 22.04
C VAL A 513 16.93 -27.89 20.53
N ASN A 514 17.95 -28.31 19.80
CA ASN A 514 17.91 -28.43 18.36
C ASN A 514 17.46 -29.83 17.98
N PHE A 515 16.64 -29.94 16.94
CA PHE A 515 15.94 -31.17 16.61
C PHE A 515 16.48 -31.75 15.32
N ASN A 516 16.64 -33.07 15.28
CA ASN A 516 16.90 -33.75 14.01
C ASN A 516 16.27 -35.13 14.09
N PHE A 517 15.01 -35.22 13.65
CA PHE A 517 14.31 -36.48 13.46
C PHE A 517 14.10 -36.61 11.96
N ASN A 518 15.04 -37.26 11.29
CA ASN A 518 15.05 -37.28 9.83
C ASN A 518 13.73 -37.78 9.27
N GLY A 519 13.19 -37.03 8.32
CA GLY A 519 13.84 -35.86 7.77
C GLY A 519 13.46 -34.50 8.35
N LEU A 520 12.75 -34.50 9.48
CA LEU A 520 12.28 -33.25 10.08
C LEU A 520 13.36 -32.66 10.98
N THR A 521 13.50 -31.33 10.92
CA THR A 521 14.44 -30.59 11.75
C THR A 521 13.73 -29.36 12.30
N GLY A 522 14.26 -28.85 13.41
CA GLY A 522 13.68 -27.68 14.04
C GLY A 522 14.29 -27.44 15.41
N THR A 523 13.67 -26.51 16.13
CA THR A 523 14.05 -26.21 17.51
C THR A 523 12.79 -26.03 18.34
N GLY A 524 12.91 -26.30 19.63
CA GLY A 524 11.78 -26.16 20.53
C GLY A 524 12.03 -26.90 21.83
N VAL A 525 10.93 -27.19 22.52
CA VAL A 525 10.95 -27.88 23.80
C VAL A 525 10.22 -29.21 23.65
N LEU A 526 10.86 -30.28 24.09
CA LEU A 526 10.31 -31.63 23.98
C LEU A 526 9.74 -32.07 25.33
N THR A 527 8.49 -32.50 25.33
CA THR A 527 7.87 -33.13 26.48
C THR A 527 7.27 -34.46 26.04
N GLU A 528 6.56 -35.12 26.94
CA GLU A 528 5.93 -36.39 26.63
C GLU A 528 4.53 -36.16 26.07
N SER A 529 4.34 -36.50 24.80
CA SER A 529 3.07 -36.29 24.13
C SER A 529 2.09 -37.40 24.46
N ASN A 530 0.81 -37.02 24.56
CA ASN A 530 -0.27 -37.96 24.79
C ASN A 530 -1.23 -38.06 23.60
N LYS A 531 -0.79 -37.59 22.43
CA LYS A 531 -1.60 -37.73 21.23
C LYS A 531 -1.74 -39.18 20.84
N LYS A 532 -2.89 -39.54 20.30
CA LYS A 532 -3.21 -40.92 19.92
C LYS A 532 -2.97 -41.07 18.42
N PHE A 533 -1.71 -41.27 18.05
CA PHE A 533 -1.37 -41.53 16.67
C PHE A 533 -1.88 -42.90 16.23
N LEU A 534 -2.21 -43.01 14.96
CA LEU A 534 -2.50 -44.30 14.35
C LEU A 534 -1.19 -44.99 13.98
N PRO A 535 -1.20 -46.32 13.87
CA PRO A 535 0.07 -47.04 13.64
C PRO A 535 0.82 -46.59 12.40
N PHE A 536 0.12 -46.19 11.34
CA PHE A 536 0.77 -45.70 10.12
C PHE A 536 1.12 -44.22 10.19
N GLN A 537 0.79 -43.55 11.30
CA GLN A 537 0.86 -42.09 11.38
C GLN A 537 2.17 -41.66 12.02
N GLN A 538 2.83 -40.67 11.42
CA GLN A 538 4.15 -40.24 11.84
C GLN A 538 4.20 -38.84 12.44
N PHE A 539 3.38 -37.91 11.97
CA PHE A 539 3.51 -36.51 12.34
C PHE A 539 2.17 -35.96 12.82
N GLY A 540 2.25 -34.92 13.63
CA GLY A 540 1.08 -34.14 14.00
C GLY A 540 1.23 -32.72 13.49
N ARG A 541 0.08 -32.07 13.27
CA ARG A 541 0.08 -30.70 12.77
C ARG A 541 -1.06 -29.93 13.43
N ASP A 542 -0.90 -28.62 13.49
CA ASP A 542 -1.85 -27.76 14.18
C ASP A 542 -2.82 -27.11 13.19
N ILE A 543 -3.65 -26.22 13.69
CA ILE A 543 -4.68 -25.58 12.87
C ILE A 543 -4.03 -24.77 11.75
N ALA A 544 -2.96 -24.05 12.05
CA ALA A 544 -2.25 -23.25 11.06
C ALA A 544 -1.25 -24.06 10.26
N ASP A 545 -1.41 -25.40 10.22
CA ASP A 545 -0.52 -26.29 9.48
C ASP A 545 0.92 -26.15 9.97
N THR A 546 1.11 -26.32 11.28
CA THR A 546 2.41 -26.24 11.91
C THR A 546 2.66 -27.50 12.72
N THR A 547 3.92 -27.95 12.71
CA THR A 547 4.27 -29.20 13.37
C THR A 547 3.95 -29.15 14.85
N ASP A 548 3.39 -30.25 15.37
CA ASP A 548 3.02 -30.33 16.78
C ASP A 548 3.45 -31.62 17.47
N ALA A 549 3.86 -32.66 16.73
CA ALA A 549 4.29 -33.90 17.35
C ALA A 549 5.16 -34.66 16.38
N VAL A 550 6.01 -35.54 16.93
CA VAL A 550 6.95 -36.33 16.16
C VAL A 550 7.02 -37.73 16.75
N ARG A 551 7.32 -38.71 15.90
CA ARG A 551 7.60 -40.07 16.34
C ARG A 551 9.10 -40.27 16.52
N ASP A 552 9.46 -41.03 17.54
CA ASP A 552 10.86 -41.35 17.79
C ASP A 552 11.35 -42.35 16.75
N PRO A 553 12.41 -42.04 15.98
CA PRO A 553 12.86 -42.99 14.96
C PRO A 553 13.31 -44.34 15.50
N GLN A 554 13.73 -44.42 16.76
CA GLN A 554 14.27 -45.66 17.30
C GLN A 554 13.37 -46.34 18.32
N THR A 555 12.54 -45.58 19.04
CA THR A 555 11.62 -46.17 20.00
C THR A 555 10.16 -46.02 19.60
N LEU A 556 9.87 -45.31 18.51
CA LEU A 556 8.50 -45.15 17.99
C LEU A 556 7.57 -44.57 19.05
N GLU A 557 8.01 -43.50 19.69
CA GLU A 557 7.22 -42.82 20.72
C GLU A 557 6.89 -41.40 20.30
N ILE A 558 5.72 -40.93 20.73
CA ILE A 558 5.22 -39.62 20.34
C ILE A 558 5.84 -38.57 21.26
N LEU A 559 6.28 -37.45 20.69
CA LEU A 559 6.89 -36.37 21.43
C LEU A 559 6.16 -35.06 21.13
N ASP A 560 5.92 -34.27 22.18
CA ASP A 560 5.20 -33.02 22.07
C ASP A 560 6.17 -31.86 21.92
N ILE A 561 5.80 -30.88 21.10
CA ILE A 561 6.67 -29.76 20.75
C ILE A 561 6.04 -28.46 21.24
N THR A 562 6.82 -27.64 21.92
CA THR A 562 6.41 -26.33 22.38
C THR A 562 7.53 -25.33 22.08
N PRO A 563 7.23 -24.16 21.53
CA PRO A 563 8.29 -23.22 21.17
C PRO A 563 8.95 -22.60 22.38
N CYS A 564 10.15 -22.08 22.16
CA CYS A 564 10.85 -21.35 23.20
C CYS A 564 10.20 -19.98 23.40
N SER A 565 10.20 -19.52 24.65
CA SER A 565 9.56 -18.25 24.98
C SER A 565 10.35 -17.07 24.43
N PHE A 566 9.64 -15.98 24.18
CA PHE A 566 10.23 -14.78 23.61
C PHE A 566 9.29 -13.61 23.89
N GLY A 567 9.75 -12.41 23.58
CA GLY A 567 8.95 -11.23 23.78
C GLY A 567 9.80 -9.98 23.67
N GLY A 568 9.19 -8.85 24.01
CA GLY A 568 9.85 -7.56 23.93
C GLY A 568 10.44 -7.12 25.25
N VAL A 569 11.45 -6.26 25.17
CA VAL A 569 12.12 -5.69 26.32
C VAL A 569 11.90 -4.18 26.32
N SER A 570 11.39 -3.65 27.42
CA SER A 570 11.13 -2.22 27.56
C SER A 570 11.79 -1.69 28.82
N VAL A 571 12.19 -0.43 28.76
CA VAL A 571 12.95 0.22 29.83
C VAL A 571 12.11 1.34 30.42
N ILE A 572 11.95 1.33 31.74
CA ILE A 572 11.20 2.34 32.47
C ILE A 572 12.19 3.32 33.06
N THR A 573 12.01 4.61 32.76
CA THR A 573 12.95 5.61 33.25
C THR A 573 12.25 6.92 33.55
N PRO A 574 12.59 7.56 34.65
CA PRO A 574 12.30 8.99 34.79
C PRO A 574 13.25 9.81 33.92
N GLY A 575 13.15 11.13 33.96
CA GLY A 575 14.07 11.94 33.17
C GLY A 575 15.50 11.76 33.63
N THR A 576 16.44 11.99 32.71
CA THR A 576 17.85 11.93 33.06
C THR A 576 18.24 13.07 33.99
N ASN A 577 17.48 14.16 34.00
CA ASN A 577 17.76 15.28 34.87
C ASN A 577 17.62 14.92 36.35
N THR A 578 16.86 13.88 36.66
CA THR A 578 16.57 13.52 38.04
C THR A 578 17.30 12.29 38.53
N SER A 579 17.57 11.32 37.65
CA SER A 579 18.18 10.07 38.09
C SER A 579 18.83 9.39 36.89
N ASN A 580 19.64 8.36 37.19
CA ASN A 580 20.24 7.53 36.17
C ASN A 580 19.89 6.05 36.32
N GLN A 581 18.99 5.69 37.24
CA GLN A 581 18.59 4.32 37.43
C GLN A 581 17.27 4.04 36.71
N VAL A 582 17.12 2.81 36.22
CA VAL A 582 16.01 2.42 35.39
C VAL A 582 15.50 1.05 35.85
N ALA A 583 14.32 0.68 35.35
CA ALA A 583 13.75 -0.63 35.57
C ALA A 583 13.44 -1.27 34.21
N VAL A 584 13.50 -2.59 34.17
CA VAL A 584 13.38 -3.35 32.93
C VAL A 584 12.18 -4.27 33.04
N LEU A 585 11.37 -4.33 31.98
CA LEU A 585 10.20 -5.18 31.92
C LEU A 585 10.37 -6.20 30.80
N TYR A 586 10.15 -7.47 31.11
CA TYR A 586 10.16 -8.55 30.14
C TYR A 586 8.71 -8.96 29.91
N GLN A 587 8.19 -8.63 28.72
CA GLN A 587 6.76 -8.74 28.46
C GLN A 587 6.35 -10.19 28.23
N GLY A 588 5.33 -10.64 28.95
CA GLY A 588 4.80 -11.97 28.77
C GLY A 588 5.75 -13.09 29.11
N VAL A 589 6.49 -12.97 30.20
CA VAL A 589 7.52 -13.93 30.56
C VAL A 589 7.25 -14.43 31.97
N ASN A 590 7.86 -15.57 32.30
CA ASN A 590 7.83 -16.10 33.65
C ASN A 590 9.20 -15.92 34.30
N CYS A 591 9.20 -15.40 35.53
CA CYS A 591 10.44 -15.28 36.28
C CYS A 591 11.00 -16.64 36.68
N THR A 592 10.14 -17.65 36.79
CA THR A 592 10.54 -19.02 37.11
C THR A 592 10.21 -19.89 35.89
N GLU A 593 11.15 -20.01 34.97
CA GLU A 593 12.45 -19.37 35.03
C GLU A 593 12.59 -18.40 33.88
N VAL A 594 13.33 -17.31 34.08
CA VAL A 594 13.57 -16.34 33.03
C VAL A 594 15.04 -16.43 32.64
N PRO A 595 15.40 -17.37 31.76
CA PRO A 595 16.80 -17.48 31.34
C PRO A 595 17.27 -16.28 30.53
N VAL A 596 16.35 -15.51 29.97
CA VAL A 596 16.76 -14.37 29.16
C VAL A 596 17.17 -13.20 30.04
N ALA A 597 16.67 -13.11 31.27
CA ALA A 597 17.24 -12.18 32.22
C ALA A 597 18.68 -12.55 32.52
N ASN A 615 14.38 -7.26 44.06
CA ASN A 615 14.13 -6.45 42.87
C ASN A 615 13.46 -7.23 41.75
N VAL A 616 12.92 -8.40 42.05
CA VAL A 616 12.25 -9.23 41.05
C VAL A 616 10.81 -9.44 41.49
N PHE A 617 9.87 -9.16 40.59
CA PHE A 617 8.46 -9.25 40.89
C PHE A 617 7.72 -9.73 39.65
N GLN A 618 6.76 -10.63 39.84
CA GLN A 618 5.95 -11.16 38.76
C GLN A 618 4.62 -10.42 38.74
N THR A 619 4.36 -9.69 37.66
CA THR A 619 3.14 -8.95 37.47
C THR A 619 2.31 -9.60 36.36
N ARG A 620 1.10 -9.08 36.17
CA ARG A 620 0.25 -9.58 35.10
C ARG A 620 0.76 -9.21 33.72
N ALA A 621 1.74 -8.30 33.64
CA ALA A 621 2.27 -7.85 32.37
C ALA A 621 3.62 -8.48 32.02
N GLY A 622 4.23 -9.20 32.95
CA GLY A 622 5.52 -9.83 32.70
C GLY A 622 6.37 -9.78 33.95
N CYS A 623 7.67 -9.93 33.76
CA CYS A 623 8.63 -9.86 34.86
C CYS A 623 9.21 -8.46 34.93
N LEU A 624 9.16 -7.87 36.12
CA LEU A 624 9.66 -6.52 36.36
C LEU A 624 10.88 -6.59 37.25
N ILE A 625 11.99 -5.98 36.81
CA ILE A 625 13.26 -6.04 37.51
C ILE A 625 13.72 -4.63 37.82
N GLY A 626 14.02 -4.37 39.08
CA GLY A 626 14.53 -3.08 39.50
C GLY A 626 13.53 -2.16 40.16
N ALA A 627 12.36 -2.66 40.55
CA ALA A 627 11.34 -1.85 41.19
C ALA A 627 10.87 -2.51 42.48
N GLU A 628 10.45 -1.68 43.43
CA GLU A 628 9.99 -2.15 44.73
C GLU A 628 8.47 -2.12 44.79
N HIS A 629 7.87 -3.19 45.27
CA HIS A 629 6.42 -3.32 45.30
C HIS A 629 5.85 -2.75 46.59
N VAL A 630 4.78 -1.97 46.46
CA VAL A 630 4.05 -1.41 47.59
C VAL A 630 2.57 -1.69 47.39
N ASN A 631 1.78 -1.46 48.43
CA ASN A 631 0.34 -1.60 48.35
C ASN A 631 -0.38 -0.33 48.79
N ASN A 632 0.08 0.81 48.30
CA ASN A 632 -0.65 2.07 48.40
C ASN A 632 -0.93 2.57 46.99
N SER A 633 -2.20 2.84 46.71
CA SER A 633 -2.63 3.22 45.37
C SER A 633 -2.46 4.72 45.16
N TYR A 634 -2.13 5.10 43.93
CA TYR A 634 -1.95 6.49 43.56
C TYR A 634 -2.41 6.70 42.13
N GLU A 635 -2.32 7.93 41.65
CA GLU A 635 -2.62 8.23 40.27
C GLU A 635 -1.51 7.73 39.37
N CYS A 636 -1.88 7.27 38.18
CA CYS A 636 -0.89 6.67 37.29
C CYS A 636 0.10 7.71 36.80
N ASP A 637 1.38 7.34 36.81
CA ASP A 637 2.46 8.19 36.33
C ASP A 637 3.12 7.61 35.09
N ILE A 638 3.59 6.37 35.16
CA ILE A 638 4.11 5.66 34.00
C ILE A 638 3.34 4.35 33.87
N PRO A 639 2.56 4.15 32.81
CA PRO A 639 1.70 2.96 32.72
C PRO A 639 2.50 1.73 32.29
N ILE A 640 2.28 0.63 32.99
CA ILE A 640 2.90 -0.64 32.65
C ILE A 640 1.94 -1.54 31.89
N GLY A 641 0.70 -1.64 32.37
CA GLY A 641 -0.30 -2.50 31.75
C GLY A 641 -1.00 -3.34 32.80
N ALA A 642 -2.23 -3.74 32.48
CA ALA A 642 -3.05 -4.56 33.39
C ALA A 642 -3.25 -3.89 34.74
N GLY A 643 -3.37 -2.57 34.73
CA GLY A 643 -3.66 -1.83 35.94
C GLY A 643 -2.48 -1.52 36.83
N ILE A 644 -1.26 -1.83 36.41
CA ILE A 644 -0.06 -1.58 37.20
C ILE A 644 0.60 -0.31 36.68
N CYS A 645 1.01 0.55 37.60
CA CYS A 645 1.64 1.82 37.27
C CYS A 645 2.91 1.98 38.10
N ALA A 646 3.84 2.79 37.60
CA ALA A 646 5.14 2.96 38.25
C ALA A 646 5.52 4.42 38.28
N SER A 647 6.25 4.81 39.33
CA SER A 647 6.74 6.17 39.47
C SER A 647 7.99 6.17 40.34
N TYR A 648 8.80 7.20 40.17
CA TYR A 648 10.02 7.39 40.94
C TYR A 648 9.93 8.73 41.68
N GLN A 649 10.17 8.70 42.99
CA GLN A 649 10.06 9.89 43.81
C GLN A 649 10.67 9.61 45.18
N THR A 650 10.98 10.68 45.91
CA THR A 650 11.52 10.54 47.25
C THR A 650 10.49 9.99 48.23
N ALA A 662 15.59 6.98 49.50
CA ALA A 662 14.53 7.67 48.75
C ALA A 662 15.03 8.21 47.43
N SER A 663 16.31 8.02 47.11
CA SER A 663 16.89 8.45 45.86
C SER A 663 17.07 7.24 44.96
N GLN A 664 16.80 7.42 43.66
CA GLN A 664 16.90 6.38 42.65
C GLN A 664 16.01 5.18 42.96
N SER A 665 14.95 5.38 43.74
CA SER A 665 14.05 4.28 44.11
C SER A 665 12.78 4.38 43.27
N ILE A 666 12.50 3.31 42.53
CA ILE A 666 11.33 3.23 41.66
C ILE A 666 10.38 2.19 42.25
N ILE A 667 9.11 2.54 42.32
CA ILE A 667 8.10 1.69 42.95
C ILE A 667 7.02 1.34 41.95
N ALA A 668 6.33 0.22 42.21
CA ALA A 668 5.24 -0.25 41.38
C ALA A 668 4.01 -0.44 42.24
N TYR A 669 2.86 0.03 41.75
CA TYR A 669 1.63 0.01 42.52
C TYR A 669 0.45 -0.17 41.58
N THR A 670 -0.68 -0.56 42.15
CA THR A 670 -1.92 -0.64 41.39
C THR A 670 -2.57 0.74 41.30
N MET A 671 -3.16 1.03 40.15
CA MET A 671 -3.69 2.35 39.88
C MET A 671 -4.89 2.66 40.77
N SER A 672 -5.11 3.95 41.01
CA SER A 672 -6.25 4.45 41.76
C SER A 672 -7.17 5.23 40.84
N LEU A 673 -8.48 5.10 41.08
CA LEU A 673 -9.47 5.70 40.18
C LEU A 673 -9.94 7.07 40.62
N GLY A 674 -9.58 7.52 41.82
CA GLY A 674 -9.97 8.86 42.24
C GLY A 674 -10.24 9.01 43.72
N GLU A 675 -10.61 10.21 44.13
CA GLU A 675 -10.88 10.49 45.54
C GLU A 675 -12.32 10.11 45.87
N GLU A 676 -12.49 9.33 46.94
CA GLU A 676 -13.83 8.88 47.32
C GLU A 676 -14.66 10.04 47.83
N ASN A 677 -15.95 9.99 47.50
CA ASN A 677 -16.89 11.03 47.89
C ASN A 677 -18.10 10.39 48.54
N SER A 678 -18.62 11.06 49.57
CA SER A 678 -19.77 10.57 50.30
C SER A 678 -20.76 11.72 50.50
N VAL A 679 -22.05 11.38 50.46
CA VAL A 679 -23.11 12.36 50.61
C VAL A 679 -24.05 11.91 51.72
N ALA A 680 -24.71 12.87 52.34
CA ALA A 680 -25.69 12.56 53.37
C ALA A 680 -27.02 12.20 52.72
N TYR A 681 -27.57 11.06 53.12
CA TYR A 681 -28.76 10.49 52.49
C TYR A 681 -30.00 10.96 53.22
N SER A 682 -30.92 11.58 52.50
CA SER A 682 -32.18 12.04 53.06
C SER A 682 -33.26 11.93 51.99
N ASN A 683 -34.40 12.54 52.26
CA ASN A 683 -35.54 12.47 51.37
C ASN A 683 -36.21 13.83 51.21
N ASN A 684 -35.96 14.79 52.10
CA ASN A 684 -36.54 16.12 51.99
C ASN A 684 -35.48 17.20 52.13
N SER A 685 -34.37 17.06 51.40
CA SER A 685 -33.30 18.04 51.45
C SER A 685 -32.91 18.47 50.04
N ILE A 686 -32.34 19.66 49.94
CA ILE A 686 -31.87 20.21 48.68
C ILE A 686 -30.76 21.20 48.97
N ALA A 687 -29.81 21.30 48.05
CA ALA A 687 -28.68 22.20 48.17
C ALA A 687 -28.76 23.26 47.08
N ILE A 688 -28.56 24.52 47.46
CA ILE A 688 -28.68 25.64 46.53
C ILE A 688 -27.45 26.54 46.66
N PRO A 689 -26.78 26.89 45.56
CA PRO A 689 -25.59 27.73 45.66
C PRO A 689 -25.92 29.14 46.12
N THR A 690 -24.97 29.75 46.82
CA THR A 690 -25.11 31.13 47.28
C THR A 690 -24.02 32.05 46.71
N ASN A 691 -23.30 31.60 45.70
CA ASN A 691 -22.23 32.37 45.11
C ASN A 691 -21.89 31.78 43.75
N PHE A 692 -20.94 32.40 43.07
CA PHE A 692 -20.50 31.91 41.76
C PHE A 692 -19.11 32.45 41.46
N THR A 693 -18.46 31.83 40.48
CA THR A 693 -17.17 32.29 39.99
C THR A 693 -17.15 32.20 38.47
N ILE A 694 -16.31 33.03 37.86
CA ILE A 694 -16.13 33.06 36.41
C ILE A 694 -14.86 32.30 36.07
N SER A 695 -14.94 31.38 35.12
CA SER A 695 -13.84 30.49 34.77
C SER A 695 -13.51 30.63 33.29
N VAL A 696 -12.23 30.61 32.97
CA VAL A 696 -11.75 30.70 31.60
C VAL A 696 -10.76 29.56 31.35
N THR A 697 -10.99 28.77 30.31
CA THR A 697 -10.12 27.68 29.93
C THR A 697 -9.79 27.78 28.44
N THR A 698 -8.89 26.92 27.98
CA THR A 698 -8.39 26.96 26.62
C THR A 698 -8.59 25.62 25.93
N GLU A 699 -8.44 25.63 24.61
CA GLU A 699 -8.61 24.45 23.78
C GLU A 699 -7.86 24.65 22.47
N ILE A 700 -7.14 23.63 22.05
CA ILE A 700 -6.23 23.72 20.90
C ILE A 700 -6.62 22.66 19.87
N ILE A 701 -6.77 23.07 18.62
CA ILE A 701 -7.20 22.17 17.55
C ILE A 701 -6.32 22.36 16.32
N PRO A 702 -5.72 21.30 15.77
CA PRO A 702 -5.02 21.42 14.49
C PRO A 702 -5.98 21.69 13.35
N VAL A 703 -5.49 22.40 12.33
CA VAL A 703 -6.29 22.80 11.18
C VAL A 703 -5.69 22.29 9.88
N SER A 704 -4.40 22.49 9.67
CA SER A 704 -3.75 22.13 8.42
C SER A 704 -2.35 21.61 8.70
N MET A 705 -1.69 21.12 7.65
CA MET A 705 -0.32 20.67 7.74
C MET A 705 0.46 21.18 6.53
N GLN A 706 1.70 20.72 6.42
CA GLN A 706 2.63 21.25 5.44
C GLN A 706 2.36 20.69 4.05
N LYS A 707 2.60 21.52 3.03
CA LYS A 707 2.37 21.15 1.64
C LYS A 707 3.69 20.74 1.00
N VAL A 708 3.70 19.56 0.40
CA VAL A 708 4.93 18.95 -0.12
C VAL A 708 4.68 18.51 -1.56
N SER A 709 5.63 18.79 -2.44
CA SER A 709 5.62 18.35 -3.83
C SER A 709 6.89 17.59 -4.11
N VAL A 710 6.78 16.49 -4.87
CA VAL A 710 7.91 15.60 -5.11
C VAL A 710 8.03 15.33 -6.60
N ASP A 711 9.26 15.40 -7.12
CA ASP A 711 9.53 14.98 -8.48
C ASP A 711 9.82 13.48 -8.51
N CYS A 712 8.99 12.73 -9.23
CA CYS A 712 9.09 11.28 -9.23
C CYS A 712 10.34 10.76 -9.93
N THR A 713 10.65 11.29 -11.11
CA THR A 713 11.79 10.78 -11.87
C THR A 713 13.11 11.25 -11.26
N MET A 714 13.14 12.49 -10.77
CA MET A 714 14.37 13.00 -10.17
C MET A 714 14.73 12.24 -8.90
N TYR A 715 13.73 11.79 -8.15
CA TYR A 715 14.01 11.00 -6.95
C TYR A 715 14.60 9.64 -7.30
N ILE A 716 14.05 8.97 -8.30
CA ILE A 716 14.46 7.61 -8.62
C ILE A 716 15.69 7.58 -9.52
N CYS A 717 15.68 8.39 -10.58
CA CYS A 717 16.72 8.34 -11.59
C CYS A 717 17.36 9.71 -11.80
N GLY A 718 17.75 10.36 -10.72
CA GLY A 718 18.26 11.72 -10.78
C GLY A 718 19.44 11.91 -11.71
N ASP A 719 19.20 12.59 -12.83
CA ASP A 719 20.25 12.92 -13.81
C ASP A 719 20.93 11.65 -14.34
N SER A 720 20.13 10.83 -15.02
CA SER A 720 20.65 9.62 -15.66
C SER A 720 19.68 9.22 -16.76
N GLU A 721 20.19 9.07 -17.98
CA GLU A 721 19.31 8.77 -19.11
C GLU A 721 18.97 7.29 -19.21
N GLU A 722 19.89 6.40 -18.87
CA GLU A 722 19.59 4.97 -18.91
C GLU A 722 18.47 4.63 -17.94
N CYS A 723 18.56 5.15 -16.71
CA CYS A 723 17.51 4.93 -15.73
C CYS A 723 16.19 5.55 -16.20
N SER A 724 16.25 6.74 -16.79
CA SER A 724 15.04 7.39 -17.27
C SER A 724 14.36 6.57 -18.35
N ASN A 725 15.13 6.01 -19.28
CA ASN A 725 14.55 5.18 -20.33
C ASN A 725 14.02 3.88 -19.77
N LEU A 726 14.68 3.31 -18.75
CA LEU A 726 14.15 2.12 -18.12
C LEU A 726 12.86 2.39 -17.36
N LEU A 727 12.69 3.62 -16.86
CA LEU A 727 11.50 3.94 -16.08
C LEU A 727 10.24 3.93 -16.93
N LEU A 728 10.34 4.29 -18.21
CA LEU A 728 9.15 4.37 -19.05
C LEU A 728 8.48 3.01 -19.24
N GLN A 729 9.18 1.91 -18.93
CA GLN A 729 8.58 0.59 -19.05
C GLN A 729 7.55 0.32 -17.97
N TYR A 730 7.49 1.14 -16.91
CA TYR A 730 6.60 0.91 -15.78
C TYR A 730 5.28 1.66 -15.89
N GLY A 731 5.02 2.32 -17.01
CA GLY A 731 3.73 2.95 -17.20
C GLY A 731 3.62 4.37 -16.66
N SER A 732 2.69 4.57 -15.72
CA SER A 732 2.32 5.91 -15.28
C SER A 732 2.19 5.97 -13.76
N PHE A 733 3.18 5.43 -13.05
CA PHE A 733 3.18 5.54 -11.58
C PHE A 733 3.39 6.99 -11.13
N CYS A 734 4.32 7.68 -11.80
CA CYS A 734 4.71 9.02 -11.36
C CYS A 734 3.54 9.97 -11.42
N THR A 735 2.71 9.87 -12.47
CA THR A 735 1.56 10.75 -12.58
C THR A 735 0.58 10.55 -11.44
N GLN A 736 0.33 9.28 -11.05
CA GLN A 736 -0.57 9.02 -9.94
C GLN A 736 -0.04 9.60 -8.64
N LEU A 737 1.25 9.41 -8.38
CA LEU A 737 1.82 9.94 -7.14
C LEU A 737 1.73 11.46 -7.11
N ASN A 738 2.08 12.11 -8.22
CA ASN A 738 2.00 13.57 -8.29
C ASN A 738 0.58 14.05 -8.08
N ARG A 739 -0.39 13.37 -8.69
CA ARG A 739 -1.78 13.77 -8.53
C ARG A 739 -2.23 13.68 -7.08
N ALA A 740 -1.87 12.59 -6.40
CA ALA A 740 -2.26 12.44 -5.00
C ALA A 740 -1.69 13.56 -4.14
N LEU A 741 -0.39 13.85 -4.32
CA LEU A 741 0.22 14.90 -3.53
C LEU A 741 -0.42 16.25 -3.82
N HIS A 742 -0.76 16.51 -5.08
CA HIS A 742 -1.40 17.77 -5.43
C HIS A 742 -2.77 17.91 -4.78
N GLU A 743 -3.54 16.82 -4.75
CA GLU A 743 -4.85 16.89 -4.11
C GLU A 743 -4.72 17.20 -2.62
N ILE A 744 -3.75 16.57 -1.96
CA ILE A 744 -3.52 16.88 -0.55
C ILE A 744 -3.20 18.37 -0.38
N ALA A 745 -2.32 18.89 -1.24
CA ALA A 745 -1.91 20.29 -1.12
C ALA A 745 -3.10 21.23 -1.27
N VAL A 746 -4.02 20.92 -2.19
CA VAL A 746 -5.20 21.76 -2.35
C VAL A 746 -6.11 21.66 -1.13
N GLU A 747 -6.29 20.45 -0.59
CA GLU A 747 -7.17 20.29 0.55
C GLU A 747 -6.69 21.09 1.76
N GLN A 748 -5.37 21.26 1.91
CA GLN A 748 -4.88 22.07 3.04
C GLN A 748 -5.43 23.49 3.00
N ASP A 749 -5.32 24.15 1.84
CA ASP A 749 -5.83 25.51 1.72
C ASP A 749 -7.35 25.54 1.87
N LYS A 750 -8.03 24.52 1.38
CA LYS A 750 -9.48 24.47 1.59
C LYS A 750 -9.81 24.42 3.07
N ASN A 751 -9.07 23.63 3.85
CA ASN A 751 -9.29 23.56 5.29
C ASN A 751 -9.14 24.92 5.95
N THR A 752 -8.03 25.61 5.65
CA THR A 752 -7.81 26.91 6.27
C THR A 752 -8.92 27.89 5.88
N GLN A 753 -9.30 27.92 4.61
CA GLN A 753 -10.37 28.82 4.16
C GLN A 753 -11.68 28.52 4.87
N GLU A 754 -12.03 27.24 5.04
CA GLU A 754 -13.27 26.90 5.72
C GLU A 754 -13.25 27.34 7.17
N VAL A 755 -12.11 27.19 7.85
CA VAL A 755 -12.09 27.49 9.27
C VAL A 755 -12.14 28.99 9.52
N PHE A 756 -11.31 29.77 8.82
CA PHE A 756 -11.11 31.15 9.24
C PHE A 756 -11.92 32.19 8.49
N ALA A 757 -12.21 31.99 7.21
CA ALA A 757 -12.85 33.02 6.40
C ALA A 757 -14.35 32.79 6.35
N GLN A 758 -15.00 32.92 7.51
CA GLN A 758 -16.43 32.72 7.61
C GLN A 758 -17.25 33.99 7.38
N VAL A 759 -16.75 35.15 7.81
CA VAL A 759 -17.48 36.41 7.72
C VAL A 759 -16.64 37.40 6.93
N LYS A 760 -17.26 38.05 5.96
CA LYS A 760 -16.54 38.89 5.01
C LYS A 760 -16.57 40.37 5.35
N GLN A 761 -17.07 40.75 6.52
CA GLN A 761 -17.06 42.13 6.97
C GLN A 761 -15.87 42.37 7.89
N ILE A 762 -15.17 43.48 7.67
CA ILE A 762 -14.01 43.85 8.47
C ILE A 762 -14.44 44.91 9.47
N TYR A 763 -14.32 44.58 10.76
CA TYR A 763 -14.62 45.51 11.84
C TYR A 763 -13.32 46.03 12.43
N LYS A 764 -13.24 47.34 12.63
CA LYS A 764 -12.03 47.95 13.16
C LYS A 764 -12.08 48.01 14.69
N THR A 765 -10.91 48.16 15.28
CA THR A 765 -10.80 48.20 16.74
C THR A 765 -11.51 49.43 17.28
N PRO A 766 -12.33 49.29 18.31
CA PRO A 766 -13.01 50.45 18.90
C PRO A 766 -12.00 51.44 19.47
N PRO A 767 -12.21 52.75 19.26
CA PRO A 767 -11.27 53.73 19.79
C PRO A 767 -11.43 53.99 21.28
N ILE A 768 -12.61 53.74 21.83
CA ILE A 768 -12.86 53.89 23.26
C ILE A 768 -12.91 52.51 23.88
N LYS A 769 -12.02 52.24 24.83
CA LYS A 769 -11.95 50.95 25.51
C LYS A 769 -12.76 50.99 26.80
N ASP A 770 -14.05 51.29 26.65
CA ASP A 770 -14.99 51.29 27.76
C ASP A 770 -16.01 50.17 27.54
N PHE A 771 -15.81 49.05 28.23
CA PHE A 771 -16.69 47.90 28.09
C PHE A 771 -17.32 47.53 29.43
N GLY A 772 -17.64 48.52 30.26
CA GLY A 772 -18.24 48.23 31.55
C GLY A 772 -17.29 47.67 32.57
N GLY A 773 -15.99 47.83 32.36
CA GLY A 773 -15.00 47.32 33.30
C GLY A 773 -14.30 46.04 32.89
N PHE A 774 -14.53 45.56 31.68
CA PHE A 774 -13.89 44.35 31.18
C PHE A 774 -12.64 44.69 30.40
N ASN A 775 -11.54 44.01 30.71
CA ASN A 775 -10.25 44.27 30.09
C ASN A 775 -10.06 43.36 28.88
N PHE A 776 -9.91 43.96 27.69
CA PHE A 776 -9.69 43.20 26.48
C PHE A 776 -8.36 43.56 25.80
N SER A 777 -7.42 44.12 26.56
CA SER A 777 -6.17 44.58 25.95
C SER A 777 -5.24 43.43 25.60
N GLN A 778 -5.27 42.34 26.37
CA GLN A 778 -4.34 41.25 26.14
C GLN A 778 -4.74 40.35 24.99
N ILE A 779 -5.93 40.54 24.41
CA ILE A 779 -6.39 39.72 23.29
C ILE A 779 -6.74 40.53 22.07
N LEU A 780 -6.64 41.83 22.12
CA LEU A 780 -6.85 42.64 20.93
C LEU A 780 -5.51 43.03 20.31
N PRO A 781 -5.49 43.30 19.00
CA PRO A 781 -4.21 43.55 18.34
C PRO A 781 -3.46 44.72 18.94
N ASP A 782 -2.14 44.60 18.98
CA ASP A 782 -1.29 45.64 19.57
C ASP A 782 -0.96 46.66 18.50
N PRO A 783 -1.45 47.90 18.60
CA PRO A 783 -1.18 48.89 17.54
C PRO A 783 0.26 49.36 17.48
N SER A 784 1.05 49.09 18.52
CA SER A 784 2.42 49.58 18.60
C SER A 784 3.45 48.60 18.07
N LYS A 785 3.01 47.51 17.43
CA LYS A 785 3.94 46.53 16.89
C LYS A 785 3.75 46.37 15.39
N PRO A 786 4.83 46.10 14.64
CA PRO A 786 4.68 45.90 13.19
C PRO A 786 3.76 44.74 12.83
N SER A 787 3.80 43.66 13.61
CA SER A 787 2.93 42.52 13.39
C SER A 787 1.67 42.73 14.24
N LYS A 788 0.52 42.82 13.59
CA LYS A 788 -0.74 43.12 14.27
C LYS A 788 -1.24 41.87 15.01
N ARG A 789 -0.49 41.49 16.04
CA ARG A 789 -0.83 40.37 16.90
C ARG A 789 -1.09 40.86 18.31
N SER A 790 -1.95 40.14 19.02
CA SER A 790 -2.12 40.36 20.44
C SER A 790 -0.95 39.76 21.21
N ALA A 791 -0.90 40.04 22.51
CA ALA A 791 0.17 39.51 23.35
C ALA A 791 0.10 37.99 23.41
N ILE A 792 -1.10 37.44 23.55
CA ILE A 792 -1.23 35.98 23.69
C ILE A 792 -0.86 35.29 22.39
N GLU A 793 -1.23 35.87 21.24
CA GLU A 793 -0.82 35.30 19.96
C GLU A 793 0.71 35.33 19.81
N ASP A 794 1.34 36.41 20.28
CA ASP A 794 2.80 36.48 20.25
C ASP A 794 3.41 35.39 21.12
N LEU A 795 2.84 35.14 22.29
CA LEU A 795 3.32 34.06 23.14
C LEU A 795 3.14 32.70 22.47
N LEU A 796 2.01 32.50 21.80
CA LEU A 796 1.75 31.21 21.15
C LEU A 796 2.70 30.98 19.99
N PHE A 797 3.01 32.02 19.21
CA PHE A 797 3.86 31.87 18.04
C PHE A 797 5.34 31.75 18.37
N ASN A 798 5.71 31.63 19.64
CA ASN A 798 7.10 31.44 20.04
C ASN A 798 7.29 30.17 20.85
N LYS A 799 6.33 29.26 20.82
CA LYS A 799 6.45 27.98 21.51
C LYS A 799 6.46 26.79 20.58
N VAL A 800 6.13 26.97 19.30
CA VAL A 800 6.15 25.87 18.33
C VAL A 800 7.43 25.96 17.53
N THR A 801 8.25 24.91 17.59
CA THR A 801 9.49 24.81 16.83
C THR A 801 9.48 23.51 16.05
N LEU A 802 9.95 23.57 14.80
CA LEU A 802 10.51 24.76 14.16
C LEU A 802 9.51 25.41 13.20
N GLN A 827 18.17 18.53 1.01
CA GLN A 827 17.22 17.55 0.49
C GLN A 827 16.54 17.98 -0.79
N LYS A 828 16.68 19.24 -1.20
CA LYS A 828 16.03 19.70 -2.42
C LYS A 828 16.51 18.92 -3.63
N PHE A 829 17.83 18.76 -3.78
CA PHE A 829 18.39 18.14 -4.97
C PHE A 829 18.02 16.67 -5.07
N ASN A 830 17.22 16.18 -4.11
CA ASN A 830 16.59 14.88 -4.20
C ASN A 830 15.20 14.97 -4.79
N GLY A 831 14.77 16.14 -5.24
CA GLY A 831 13.48 16.32 -5.85
C GLY A 831 12.34 16.69 -4.92
N LEU A 832 12.65 17.06 -3.69
CA LEU A 832 11.62 17.35 -2.68
C LEU A 832 11.53 18.85 -2.47
N THR A 833 10.32 19.38 -2.51
CA THR A 833 10.08 20.81 -2.38
C THR A 833 8.88 21.05 -1.47
N VAL A 834 8.96 22.11 -0.67
CA VAL A 834 7.85 22.56 0.17
C VAL A 834 7.42 23.93 -0.32
N LEU A 835 6.13 24.09 -0.58
CA LEU A 835 5.63 25.32 -1.16
C LEU A 835 4.67 26.03 -0.20
N PRO A 836 4.61 27.36 -0.25
CA PRO A 836 4.01 28.13 0.84
C PRO A 836 2.48 28.10 0.79
N PRO A 837 1.83 28.35 1.92
CA PRO A 837 0.37 28.40 1.94
C PRO A 837 -0.16 29.66 1.27
N LEU A 838 -1.44 29.61 0.92
CA LEU A 838 -2.07 30.72 0.20
C LEU A 838 -2.27 31.94 1.10
N LEU A 839 -2.72 31.72 2.33
CA LEU A 839 -2.95 32.81 3.27
C LEU A 839 -1.77 32.93 4.22
N THR A 840 -1.19 34.12 4.29
CA THR A 840 -0.09 34.38 5.21
C THR A 840 -0.63 34.48 6.65
N ASP A 841 0.31 34.49 7.60
CA ASP A 841 -0.09 34.55 9.00
C ASP A 841 -0.72 35.89 9.36
N GLU A 842 -0.29 36.97 8.70
CA GLU A 842 -0.91 38.26 8.94
C GLU A 842 -2.38 38.27 8.54
N MET A 843 -2.70 37.62 7.42
CA MET A 843 -4.10 37.54 6.99
C MET A 843 -4.94 36.74 7.97
N ILE A 844 -4.40 35.63 8.49
CA ILE A 844 -5.11 34.85 9.49
C ILE A 844 -5.37 35.70 10.73
N ALA A 845 -4.34 36.42 11.18
CA ALA A 845 -4.49 37.28 12.35
C ALA A 845 -5.54 38.36 12.11
N ALA A 846 -5.56 38.93 10.90
CA ALA A 846 -6.55 39.95 10.58
C ALA A 846 -7.96 39.39 10.60
N TYR A 847 -8.15 38.19 10.05
CA TYR A 847 -9.47 37.55 10.10
C TYR A 847 -9.90 37.34 11.55
N THR A 848 -9.01 36.81 12.37
CA THR A 848 -9.35 36.56 13.77
C THR A 848 -9.68 37.85 14.50
N SER A 849 -8.89 38.90 14.27
CA SER A 849 -9.12 40.17 14.93
C SER A 849 -10.46 40.77 14.53
N ALA A 850 -10.77 40.74 13.23
CA ALA A 850 -12.06 41.27 12.78
C ALA A 850 -13.21 40.49 13.40
N LEU A 851 -13.09 39.17 13.46
CA LEU A 851 -14.14 38.35 14.05
C LEU A 851 -14.35 38.72 15.52
N LEU A 852 -13.26 38.80 16.27
CA LEU A 852 -13.37 39.10 17.70
C LEU A 852 -13.94 40.49 17.94
N ALA A 853 -13.45 41.49 17.20
CA ALA A 853 -13.94 42.85 17.40
C ALA A 853 -15.41 42.97 17.03
N GLY A 854 -15.83 42.35 15.93
CA GLY A 854 -17.24 42.38 15.57
C GLY A 854 -18.12 41.72 16.61
N THR A 855 -17.68 40.57 17.13
CA THR A 855 -18.45 39.90 18.17
C THR A 855 -18.56 40.76 19.41
N ILE A 856 -17.48 41.42 19.80
CA ILE A 856 -17.50 42.23 21.03
C ILE A 856 -18.40 43.45 20.86
N THR A 857 -18.34 44.11 19.70
CA THR A 857 -19.03 45.39 19.58
C THR A 857 -20.48 45.25 19.14
N ALA A 858 -20.78 44.33 18.22
CA ALA A 858 -22.12 44.29 17.64
C ALA A 858 -23.09 43.38 18.39
N GLY A 859 -22.61 42.61 19.36
CA GLY A 859 -23.51 41.79 20.15
C GLY A 859 -24.27 40.78 19.30
N TRP A 860 -25.58 40.72 19.49
CA TRP A 860 -26.43 39.78 18.76
C TRP A 860 -26.80 40.27 17.37
N THR A 861 -26.41 41.49 17.00
CA THR A 861 -26.65 41.97 15.65
C THR A 861 -25.63 41.41 14.67
N PHE A 862 -24.35 41.71 14.89
CA PHE A 862 -23.22 41.27 14.07
C PHE A 862 -23.48 41.28 12.57
N GLY A 863 -23.64 40.10 11.98
CA GLY A 863 -23.64 39.96 10.53
C GLY A 863 -24.88 40.47 9.85
N ALA A 864 -25.92 40.85 10.59
CA ALA A 864 -27.15 41.31 9.99
C ALA A 864 -27.01 42.67 9.33
N GLY A 865 -25.89 43.36 9.51
CA GLY A 865 -25.71 44.68 8.93
C GLY A 865 -26.39 45.75 9.75
N ALA A 866 -26.18 47.00 9.32
CA ALA A 866 -26.67 48.18 10.03
C ALA A 866 -26.25 48.16 11.49
N ALA A 867 -25.00 47.76 11.72
CA ALA A 867 -24.52 47.51 13.06
C ALA A 867 -24.37 48.81 13.85
N LEU A 868 -24.73 48.76 15.12
CA LEU A 868 -24.55 49.86 16.05
C LEU A 868 -23.98 49.31 17.34
N GLN A 869 -23.15 50.12 18.01
CA GLN A 869 -22.52 49.69 19.24
C GLN A 869 -23.56 49.35 20.30
N ILE A 870 -23.65 48.08 20.66
CA ILE A 870 -24.52 47.61 21.74
C ILE A 870 -23.67 47.56 23.02
N PRO A 871 -24.16 48.11 24.14
CA PRO A 871 -23.37 48.06 25.37
C PRO A 871 -23.05 46.63 25.78
N PHE A 872 -21.84 46.42 26.28
CA PHE A 872 -21.38 45.08 26.58
C PHE A 872 -22.15 44.46 27.74
N ALA A 873 -22.43 45.25 28.78
CA ALA A 873 -23.15 44.72 29.94
C ALA A 873 -24.52 44.19 29.55
N MET A 874 -25.16 44.79 28.55
CA MET A 874 -26.44 44.26 28.10
C MET A 874 -26.28 42.90 27.46
N GLN A 875 -25.20 42.70 26.69
CA GLN A 875 -24.90 41.38 26.15
C GLN A 875 -24.67 40.36 27.25
N MET A 876 -23.91 40.75 28.28
CA MET A 876 -23.64 39.84 29.39
C MET A 876 -24.92 39.47 30.11
N ALA A 877 -25.81 40.45 30.34
CA ALA A 877 -27.09 40.15 30.97
C ALA A 877 -27.93 39.22 30.10
N TYR A 878 -27.97 39.47 28.80
CA TYR A 878 -28.76 38.63 27.91
C TYR A 878 -28.25 37.21 27.87
N ARG A 879 -26.93 37.01 28.00
CA ARG A 879 -26.40 35.65 28.04
C ARG A 879 -26.53 35.02 29.43
N PHE A 880 -26.55 35.84 30.49
CA PHE A 880 -26.91 35.32 31.80
C PHE A 880 -28.32 34.78 31.80
N ASN A 881 -29.23 35.45 31.11
CA ASN A 881 -30.61 34.98 31.02
C ASN A 881 -30.72 33.62 30.36
N GLY A 882 -29.78 33.28 29.46
CA GLY A 882 -29.84 32.01 28.77
C GLY A 882 -29.39 30.81 29.57
N ILE A 883 -28.83 31.03 30.76
CA ILE A 883 -28.43 29.94 31.63
C ILE A 883 -29.54 29.56 32.60
N GLY A 884 -30.31 30.54 33.06
CA GLY A 884 -31.32 30.32 34.06
C GLY A 884 -31.18 31.25 35.25
N VAL A 885 -30.45 32.34 35.05
CA VAL A 885 -30.21 33.35 36.07
C VAL A 885 -30.74 34.67 35.58
N THR A 886 -31.39 35.41 36.47
CA THR A 886 -32.00 36.68 36.09
C THR A 886 -30.94 37.78 35.96
N GLN A 887 -31.32 38.84 35.25
CA GLN A 887 -30.36 39.89 34.91
C GLN A 887 -29.89 40.68 36.13
N ASN A 888 -30.74 40.79 37.15
CA ASN A 888 -30.37 41.61 38.31
C ASN A 888 -29.12 41.08 38.99
N VAL A 889 -28.85 39.78 38.89
CA VAL A 889 -27.62 39.26 39.47
C VAL A 889 -26.39 39.91 38.84
N LEU A 890 -26.36 39.96 37.50
CA LEU A 890 -25.24 40.63 36.83
C LEU A 890 -25.25 42.13 37.14
N TYR A 891 -26.41 42.77 37.06
CA TYR A 891 -26.43 44.22 37.24
C TYR A 891 -26.11 44.64 38.66
N GLU A 892 -26.16 43.71 39.62
CA GLU A 892 -25.78 44.01 41.00
C GLU A 892 -24.42 43.44 41.39
N ASN A 893 -23.82 42.58 40.55
CA ASN A 893 -22.47 42.09 40.85
C ASN A 893 -21.48 42.37 39.73
N GLN A 894 -21.75 43.38 38.89
CA GLN A 894 -20.92 43.69 37.74
C GLN A 894 -19.44 43.84 38.08
N LYS A 895 -19.12 44.62 39.11
CA LYS A 895 -17.71 44.89 39.41
C LYS A 895 -16.96 43.63 39.81
N LEU A 896 -17.57 42.80 40.66
CA LEU A 896 -16.95 41.55 41.05
C LEU A 896 -16.77 40.63 39.85
N ILE A 897 -17.78 40.58 38.97
CA ILE A 897 -17.67 39.73 37.78
C ILE A 897 -16.51 40.18 36.91
N ALA A 898 -16.38 41.49 36.70
CA ALA A 898 -15.29 42.00 35.87
C ALA A 898 -13.94 41.70 36.51
N ASN A 899 -13.83 41.84 37.83
CA ASN A 899 -12.58 41.53 38.50
C ASN A 899 -12.17 40.07 38.29
N GLN A 900 -13.13 39.15 38.45
CA GLN A 900 -12.84 37.74 38.26
C GLN A 900 -12.42 37.45 36.82
N PHE A 901 -13.10 38.08 35.86
CA PHE A 901 -12.74 37.88 34.45
C PHE A 901 -11.31 38.33 34.18
N ASN A 902 -10.96 39.52 34.66
CA ASN A 902 -9.61 40.04 34.41
C ASN A 902 -8.55 39.16 35.07
N LYS A 903 -8.82 38.70 36.30
CA LYS A 903 -7.86 37.82 36.97
C LYS A 903 -7.67 36.52 36.20
N ALA A 904 -8.76 35.93 35.68
CA ALA A 904 -8.63 34.70 34.93
C ALA A 904 -7.82 34.90 33.66
N ILE A 905 -8.03 36.02 32.95
CA ILE A 905 -7.25 36.28 31.74
C ILE A 905 -5.77 36.40 32.08
N GLY A 906 -5.45 37.14 33.14
CA GLY A 906 -4.06 37.26 33.54
C GLY A 906 -3.44 35.93 33.92
N LYS A 907 -4.21 35.08 34.59
CA LYS A 907 -3.71 33.76 34.97
C LYS A 907 -3.39 32.93 33.74
N ILE A 908 -4.24 32.99 32.71
CA ILE A 908 -3.96 32.25 31.48
C ILE A 908 -2.68 32.77 30.83
N GLN A 909 -2.51 34.10 30.81
CA GLN A 909 -1.29 34.66 30.24
C GLN A 909 -0.05 34.15 30.95
N ASP A 910 -0.07 34.18 32.28
CA ASP A 910 1.08 33.68 33.04
C ASP A 910 1.33 32.20 32.79
N GLY A 911 0.26 31.40 32.76
CA GLY A 911 0.42 29.97 32.51
C GLY A 911 1.04 29.69 31.16
N LEU A 912 0.66 30.47 30.14
CA LEU A 912 1.32 30.33 28.85
C LEU A 912 2.77 30.78 28.91
N SER A 913 3.07 31.82 29.69
CA SER A 913 4.43 32.32 29.73
C SER A 913 5.37 31.36 30.45
N SER A 914 4.84 30.52 31.34
CA SER A 914 5.72 29.61 32.07
C SER A 914 5.80 28.22 31.44
N THR A 915 4.67 27.55 31.28
CA THR A 915 4.63 26.16 30.80
C THR A 915 5.02 26.10 29.33
N ALA A 916 5.70 25.02 28.95
CA ALA A 916 6.13 24.83 27.57
C ALA A 916 5.42 23.70 26.84
N SER A 917 4.71 22.82 27.55
CA SER A 917 4.09 21.65 26.95
C SER A 917 2.61 21.87 26.64
N ALA A 918 2.18 23.11 26.46
CA ALA A 918 0.77 23.38 26.19
C ALA A 918 0.39 22.95 24.78
N LEU A 919 1.30 23.08 23.82
CA LEU A 919 1.00 22.91 22.39
C LEU A 919 1.50 21.57 21.85
N GLY A 920 1.42 20.50 22.64
CA GLY A 920 1.81 19.20 22.14
C GLY A 920 0.97 18.74 20.97
N LYS A 921 -0.31 19.11 20.95
CA LYS A 921 -1.18 18.76 19.84
C LYS A 921 -0.65 19.31 18.52
N LEU A 922 -0.19 20.56 18.53
CA LEU A 922 0.38 21.15 17.32
C LEU A 922 1.80 20.69 17.05
N GLN A 923 2.53 20.28 18.08
CA GLN A 923 3.90 19.81 17.87
C GLN A 923 3.93 18.42 17.25
N ASP A 924 2.94 17.58 17.56
CA ASP A 924 2.95 16.21 17.08
C ASP A 924 2.89 16.13 15.56
N VAL A 925 2.07 16.98 14.94
CA VAL A 925 1.92 16.95 13.49
C VAL A 925 3.24 17.28 12.80
N VAL A 926 3.91 18.33 13.28
CA VAL A 926 5.20 18.72 12.73
C VAL A 926 6.21 17.59 12.89
N ASN A 927 6.25 16.98 14.08
CA ASN A 927 7.20 15.89 14.31
C ASN A 927 6.95 14.72 13.37
N GLN A 928 5.68 14.34 13.18
CA GLN A 928 5.37 13.22 12.32
C GLN A 928 5.75 13.49 10.87
N ASN A 929 5.43 14.69 10.37
CA ASN A 929 5.78 15.01 8.99
C ASN A 929 7.29 15.03 8.79
N ALA A 930 8.03 15.62 9.74
CA ALA A 930 9.48 15.66 9.62
C ALA A 930 10.07 14.26 9.64
N GLN A 931 9.56 13.39 10.52
CA GLN A 931 10.07 12.03 10.57
C GLN A 931 9.80 11.28 9.28
N ALA A 932 8.62 11.47 8.69
CA ALA A 932 8.31 10.81 7.43
C ALA A 932 9.26 11.26 6.33
N LEU A 933 9.51 12.57 6.24
CA LEU A 933 10.43 13.06 5.21
C LEU A 933 11.85 12.55 5.44
N ASN A 934 12.29 12.50 6.70
CA ASN A 934 13.63 12.00 7.00
C ASN A 934 13.78 10.55 6.60
N THR A 935 12.77 9.72 6.88
CA THR A 935 12.82 8.32 6.48
C THR A 935 12.85 8.18 4.97
N LEU A 936 12.05 8.98 4.26
CA LEU A 936 12.06 8.93 2.80
C LEU A 936 13.44 9.28 2.26
N VAL A 937 14.09 10.29 2.83
CA VAL A 937 15.42 10.68 2.36
C VAL A 937 16.43 9.59 2.67
N LYS A 938 16.40 9.03 3.87
CA LYS A 938 17.39 8.01 4.24
C LYS A 938 17.24 6.73 3.43
N GLN A 939 16.04 6.43 2.94
CA GLN A 939 15.90 5.23 2.10
C GLN A 939 16.63 5.33 0.77
N LEU A 940 17.33 6.43 0.49
CA LEU A 940 18.03 6.62 -0.77
C LEU A 940 19.46 6.10 -0.74
N SER A 941 19.94 5.63 0.40
CA SER A 941 21.29 5.11 0.53
C SER A 941 21.33 3.60 0.67
N SER A 942 20.19 2.92 0.51
CA SER A 942 20.15 1.47 0.63
C SER A 942 20.69 0.82 -0.64
N ASN A 943 21.06 -0.45 -0.50
CA ASN A 943 21.68 -1.21 -1.57
C ASN A 943 20.68 -2.03 -2.38
N PHE A 944 19.71 -2.66 -1.72
CA PHE A 944 18.68 -3.46 -2.37
C PHE A 944 19.27 -4.62 -3.18
N GLY A 945 20.43 -5.12 -2.77
CA GLY A 945 21.05 -6.25 -3.42
C GLY A 945 21.91 -5.93 -4.62
N ALA A 946 22.05 -4.66 -4.99
CA ALA A 946 22.96 -4.28 -6.06
C ALA A 946 24.38 -4.21 -5.53
N ILE A 947 25.32 -3.83 -6.39
CA ILE A 947 26.71 -3.73 -5.95
C ILE A 947 26.97 -2.40 -5.25
N SER A 948 26.18 -1.38 -5.55
CA SER A 948 26.36 -0.07 -4.94
C SER A 948 25.05 0.70 -5.00
N SER A 949 24.98 1.77 -4.21
CA SER A 949 23.80 2.61 -4.12
C SER A 949 23.97 3.92 -4.88
N VAL A 950 24.87 3.97 -5.86
CA VAL A 950 25.11 5.16 -6.67
C VAL A 950 24.96 4.77 -8.13
N LEU A 951 24.16 5.55 -8.87
CA LEU A 951 23.96 5.26 -10.29
C LEU A 951 25.18 5.64 -11.11
N ASN A 952 25.84 6.75 -10.76
CA ASN A 952 27.03 7.16 -11.50
C ASN A 952 28.13 6.13 -11.38
N ASP A 953 28.29 5.54 -10.20
CA ASP A 953 29.32 4.53 -9.99
C ASP A 953 29.12 3.34 -10.94
N ILE A 954 27.91 2.78 -10.93
CA ILE A 954 27.66 1.59 -11.75
C ILE A 954 27.66 1.94 -13.24
N LEU A 955 27.26 3.16 -13.59
CA LEU A 955 27.33 3.58 -14.98
C LEU A 955 28.78 3.74 -15.44
N SER A 956 29.66 4.16 -14.54
CA SER A 956 31.06 4.34 -14.89
C SER A 956 31.87 3.07 -14.76
N ARG A 957 31.33 2.01 -14.17
CA ARG A 957 32.07 0.76 -14.02
C ARG A 957 31.61 -0.35 -14.96
N LEU A 958 30.31 -0.58 -15.07
CA LEU A 958 29.81 -1.75 -15.77
C LEU A 958 29.27 -1.43 -17.16
N ASP A 959 29.12 -2.49 -17.95
CA ASP A 959 28.53 -2.42 -19.28
C ASP A 959 27.01 -2.41 -19.18
N PRO A 960 26.33 -1.88 -20.20
CA PRO A 960 24.87 -1.74 -20.15
C PRO A 960 24.12 -3.04 -19.87
N PRO A 961 24.52 -4.18 -20.46
CA PRO A 961 23.70 -5.39 -20.29
C PRO A 961 23.46 -5.83 -18.85
N GLU A 962 24.41 -5.65 -17.93
CA GLU A 962 24.21 -5.99 -16.53
C GLU A 962 23.90 -4.78 -15.65
N ALA A 963 24.37 -3.61 -16.07
CA ALA A 963 23.94 -2.37 -15.45
C ALA A 963 22.42 -2.26 -15.48
N GLU A 964 21.80 -2.76 -16.54
CA GLU A 964 20.34 -2.73 -16.61
C GLU A 964 19.71 -3.53 -15.48
N VAL A 965 20.24 -4.72 -15.20
CA VAL A 965 19.67 -5.57 -14.16
C VAL A 965 19.80 -4.88 -12.80
N GLN A 966 20.98 -4.37 -12.50
CA GLN A 966 21.17 -3.81 -11.16
C GLN A 966 20.42 -2.48 -11.00
N ILE A 967 20.35 -1.69 -12.07
CA ILE A 967 19.54 -0.48 -12.05
C ILE A 967 18.08 -0.83 -11.85
N ASP A 968 17.63 -1.95 -12.42
CA ASP A 968 16.25 -2.40 -12.20
C ASP A 968 16.00 -2.69 -10.72
N ARG A 969 16.95 -3.36 -10.06
CA ARG A 969 16.80 -3.61 -8.63
C ARG A 969 16.66 -2.30 -7.86
N LEU A 970 17.55 -1.34 -8.15
CA LEU A 970 17.49 -0.05 -7.45
C LEU A 970 16.15 0.65 -7.71
N ILE A 971 15.67 0.60 -8.95
CA ILE A 971 14.42 1.25 -9.31
C ILE A 971 13.27 0.67 -8.50
N ASN A 972 13.22 -0.65 -8.37
CA ASN A 972 12.15 -1.28 -7.60
C ASN A 972 12.18 -0.81 -6.15
N GLY A 973 13.37 -0.77 -5.54
CA GLY A 973 13.45 -0.30 -4.16
C GLY A 973 12.92 1.12 -3.99
N ARG A 974 13.37 2.02 -4.86
CA ARG A 974 12.96 3.42 -4.74
C ARG A 974 11.46 3.57 -4.93
N LEU A 975 10.88 2.82 -5.88
CA LEU A 975 9.44 2.89 -6.10
C LEU A 975 8.66 2.45 -4.87
N GLN A 976 9.11 1.37 -4.22
CA GLN A 976 8.42 0.93 -3.01
C GLN A 976 8.45 2.00 -1.93
N ALA A 977 9.61 2.64 -1.75
CA ALA A 977 9.71 3.69 -0.73
C ALA A 977 8.73 4.83 -1.00
N LEU A 978 8.67 5.28 -2.26
CA LEU A 978 7.77 6.37 -2.60
C LEU A 978 6.31 5.99 -2.36
N ASN A 979 5.94 4.76 -2.73
CA ASN A 979 4.56 4.32 -2.54
C ASN A 979 4.17 4.36 -1.07
N THR A 980 5.05 3.86 -0.20
CA THR A 980 4.73 3.85 1.23
C THR A 980 4.53 5.27 1.75
N TYR A 981 5.44 6.18 1.37
CA TYR A 981 5.32 7.55 1.83
C TYR A 981 3.99 8.16 1.42
N VAL A 982 3.61 8.00 0.15
CA VAL A 982 2.39 8.65 -0.34
C VAL A 982 1.16 8.10 0.36
N THR A 983 1.09 6.78 0.55
CA THR A 983 -0.09 6.20 1.18
C THR A 983 -0.27 6.71 2.61
N GLN A 984 0.82 6.74 3.38
CA GLN A 984 0.67 7.18 4.77
C GLN A 984 0.32 8.67 4.84
N GLN A 985 0.85 9.46 3.91
CA GLN A 985 0.45 10.87 3.86
C GLN A 985 -1.04 11.01 3.60
N LEU A 986 -1.59 10.17 2.71
CA LEU A 986 -3.02 10.25 2.42
C LEU A 986 -3.86 10.00 3.68
N ILE A 987 -3.49 8.97 4.44
CA ILE A 987 -4.26 8.67 5.65
C ILE A 987 -4.17 9.82 6.66
N ARG A 988 -2.97 10.36 6.85
CA ARG A 988 -2.81 11.47 7.80
C ARG A 988 -3.61 12.68 7.37
N ALA A 989 -3.69 12.94 6.05
CA ALA A 989 -4.49 14.05 5.55
C ALA A 989 -5.96 13.87 5.88
N ALA A 990 -6.47 12.64 5.75
CA ALA A 990 -7.87 12.40 6.12
C ALA A 990 -8.11 12.75 7.58
N GLU A 991 -7.21 12.33 8.47
CA GLU A 991 -7.38 12.65 9.89
C GLU A 991 -7.38 14.16 10.13
N ILE A 992 -6.45 14.87 9.48
CA ILE A 992 -6.37 16.32 9.67
C ILE A 992 -7.64 17.00 9.17
N ARG A 993 -8.22 16.50 8.09
CA ARG A 993 -9.46 17.08 7.58
C ARG A 993 -10.59 16.92 8.59
N ALA A 994 -10.69 15.76 9.22
CA ALA A 994 -11.71 15.58 10.26
C ALA A 994 -11.52 16.61 11.38
N SER A 995 -10.26 16.81 11.81
CA SER A 995 -10.01 17.80 12.85
C SER A 995 -10.43 19.21 12.42
N ALA A 996 -10.16 19.57 11.17
CA ALA A 996 -10.53 20.90 10.68
C ALA A 996 -12.03 21.09 10.65
N ASN A 997 -12.77 20.04 10.27
CA ASN A 997 -14.24 20.13 10.32
C ASN A 997 -14.72 20.38 11.73
N LEU A 998 -14.14 19.68 12.71
CA LEU A 998 -14.51 19.95 14.10
C LEU A 998 -14.22 21.39 14.48
N ALA A 999 -13.09 21.93 14.04
CA ALA A 999 -12.74 23.31 14.39
C ALA A 999 -13.73 24.30 13.80
N ALA A 1000 -14.15 24.09 12.55
CA ALA A 1000 -15.12 25.00 11.94
C ALA A 1000 -16.46 24.95 12.67
N GLU A 1001 -16.92 23.75 13.02
CA GLU A 1001 -18.16 23.64 13.77
C GLU A 1001 -18.04 24.34 15.12
N LYS A 1002 -16.91 24.17 15.80
CA LYS A 1002 -16.71 24.82 17.09
C LYS A 1002 -16.76 26.33 16.95
N MET A 1003 -16.11 26.88 15.93
CA MET A 1003 -16.12 28.32 15.73
C MET A 1003 -17.55 28.83 15.54
N SER A 1004 -18.28 28.20 14.61
CA SER A 1004 -19.61 28.72 14.29
C SER A 1004 -20.60 28.53 15.43
N GLU A 1005 -20.40 27.53 16.30
CA GLU A 1005 -21.38 27.26 17.36
C GLU A 1005 -21.02 27.87 18.70
N CYS A 1006 -19.75 28.23 18.93
CA CYS A 1006 -19.36 28.81 20.21
C CYS A 1006 -18.96 30.27 20.14
N VAL A 1007 -18.44 30.75 19.01
CA VAL A 1007 -18.04 32.15 18.95
C VAL A 1007 -19.19 33.04 18.51
N LEU A 1008 -20.09 32.55 17.66
CA LEU A 1008 -21.18 33.35 17.12
C LEU A 1008 -22.52 33.06 17.80
N GLY A 1009 -22.51 32.40 18.95
CA GLY A 1009 -23.75 32.13 19.65
C GLY A 1009 -23.49 31.40 20.94
N GLN A 1010 -24.58 31.13 21.66
CA GLN A 1010 -24.54 30.34 22.88
C GLN A 1010 -24.90 28.90 22.58
N SER A 1011 -24.22 27.98 23.28
CA SER A 1011 -24.42 26.55 23.06
C SER A 1011 -25.02 25.93 24.31
N LYS A 1012 -26.08 25.14 24.13
CA LYS A 1012 -26.70 24.41 25.21
C LYS A 1012 -26.18 22.99 25.34
N ARG A 1013 -25.34 22.53 24.42
CA ARG A 1013 -24.77 21.20 24.50
C ARG A 1013 -23.80 21.11 25.67
N VAL A 1014 -23.94 20.07 26.47
CA VAL A 1014 -23.12 19.94 27.68
C VAL A 1014 -21.69 19.59 27.30
N ASP A 1015 -20.74 20.36 27.86
CA ASP A 1015 -19.30 20.11 27.73
C ASP A 1015 -18.80 20.27 26.30
N PHE A 1016 -19.58 20.91 25.43
CA PHE A 1016 -19.09 21.21 24.09
C PHE A 1016 -18.18 22.43 24.05
N CYS A 1017 -18.28 23.32 25.02
CA CYS A 1017 -17.51 24.54 25.08
C CYS A 1017 -16.85 24.71 26.45
N GLY A 1018 -16.24 23.64 26.95
CA GLY A 1018 -15.65 23.69 28.28
C GLY A 1018 -16.59 23.15 29.35
N LYS A 1019 -16.11 23.20 30.58
CA LYS A 1019 -16.85 22.68 31.71
C LYS A 1019 -17.68 23.77 32.36
N GLY A 1020 -18.97 23.49 32.56
CA GLY A 1020 -19.88 24.44 33.16
C GLY A 1020 -20.93 24.92 32.19
N TYR A 1021 -21.50 26.08 32.51
CA TYR A 1021 -22.50 26.73 31.66
C TYR A 1021 -21.80 27.76 30.78
N HIS A 1022 -22.01 27.66 29.47
CA HIS A 1022 -21.26 28.46 28.52
C HIS A 1022 -21.78 29.89 28.46
N LEU A 1023 -20.85 30.85 28.45
CA LEU A 1023 -21.19 32.27 28.30
C LEU A 1023 -20.62 32.86 27.03
N MET A 1024 -19.31 32.80 26.82
CA MET A 1024 -18.66 33.41 25.66
C MET A 1024 -17.48 32.56 25.24
N SER A 1025 -16.99 32.83 24.03
CA SER A 1025 -15.74 32.25 23.56
C SER A 1025 -15.04 33.24 22.65
N PHE A 1026 -13.71 33.24 22.71
CA PHE A 1026 -12.89 34.13 21.90
C PHE A 1026 -11.84 33.31 21.16
N PRO A 1027 -11.65 33.53 19.86
CA PRO A 1027 -10.64 32.78 19.11
C PRO A 1027 -9.30 33.49 19.06
N GLN A 1028 -8.24 32.68 19.00
CA GLN A 1028 -6.88 33.16 18.80
C GLN A 1028 -6.17 32.24 17.82
N SER A 1029 -5.31 32.82 17.00
CA SER A 1029 -4.63 32.08 15.95
C SER A 1029 -3.31 31.50 16.45
N ALA A 1030 -3.00 30.30 15.97
CA ALA A 1030 -1.79 29.57 16.32
C ALA A 1030 -1.21 28.98 15.06
N PRO A 1031 0.07 28.60 15.07
CA PRO A 1031 0.67 27.99 13.87
C PRO A 1031 -0.02 26.69 13.50
N HIS A 1032 -0.63 26.68 12.31
CA HIS A 1032 -1.35 25.52 11.79
C HIS A 1032 -2.51 25.10 12.69
N GLY A 1033 -3.13 26.05 13.37
CA GLY A 1033 -4.21 25.69 14.27
C GLY A 1033 -4.96 26.91 14.77
N VAL A 1034 -5.81 26.67 15.76
CA VAL A 1034 -6.63 27.71 16.36
C VAL A 1034 -6.78 27.41 17.85
N VAL A 1035 -6.93 28.46 18.65
CA VAL A 1035 -7.06 28.35 20.08
C VAL A 1035 -8.33 29.08 20.51
N PHE A 1036 -9.15 28.42 21.33
CA PHE A 1036 -10.39 28.98 21.84
C PHE A 1036 -10.27 29.27 23.33
N LEU A 1037 -10.92 30.34 23.77
CA LEU A 1037 -10.93 30.73 25.18
C LEU A 1037 -12.39 30.75 25.64
N HIS A 1038 -12.77 29.74 26.43
CA HIS A 1038 -14.16 29.57 26.86
C HIS A 1038 -14.38 30.23 28.21
N VAL A 1039 -15.48 30.96 28.34
CA VAL A 1039 -15.86 31.61 29.59
C VAL A 1039 -17.13 30.91 30.10
N THR A 1040 -17.09 30.46 31.35
CA THR A 1040 -18.17 29.66 31.90
C THR A 1040 -18.57 30.16 33.28
N TYR A 1041 -19.73 29.68 33.74
CA TYR A 1041 -20.31 30.03 35.03
C TYR A 1041 -20.27 28.81 35.95
N VAL A 1042 -19.73 29.00 37.15
CA VAL A 1042 -19.55 27.88 38.09
C VAL A 1042 -20.08 28.25 39.47
N PRO A 1043 -21.14 27.61 39.94
CA PRO A 1043 -21.59 27.85 41.33
C PRO A 1043 -20.59 27.30 42.33
N THR A 1044 -20.41 28.02 43.44
CA THR A 1044 -19.33 27.70 44.37
C THR A 1044 -19.88 27.27 45.72
N GLN A 1045 -20.69 28.09 46.39
CA GLN A 1045 -20.95 27.85 47.80
C GLN A 1045 -22.38 27.35 48.03
N TYR A 1046 -22.49 26.14 48.55
CA TYR A 1046 -23.77 25.46 48.69
C TYR A 1046 -24.25 25.51 50.14
N LYS A 1047 -25.56 25.51 50.32
CA LYS A 1047 -26.18 25.49 51.64
C LYS A 1047 -27.34 24.52 51.65
N ASN A 1048 -27.70 24.06 52.84
CA ASN A 1048 -28.75 23.06 53.01
C ASN A 1048 -30.10 23.71 53.30
N PHE A 1049 -31.16 23.10 52.78
CA PHE A 1049 -32.53 23.52 53.05
C PHE A 1049 -33.44 22.31 53.02
N THR A 1050 -34.65 22.48 53.54
CA THR A 1050 -35.70 21.50 53.40
C THR A 1050 -36.64 21.93 52.28
N THR A 1051 -37.14 20.96 51.52
CA THR A 1051 -37.92 21.26 50.32
C THR A 1051 -39.17 20.39 50.30
N ALA A 1052 -40.14 20.81 49.48
CA ALA A 1052 -41.41 20.11 49.34
C ALA A 1052 -41.86 20.22 47.90
N PRO A 1053 -42.68 19.29 47.42
CA PRO A 1053 -43.14 19.35 46.03
C PRO A 1053 -44.33 20.27 45.82
N ALA A 1054 -45.16 20.48 46.85
CA ALA A 1054 -46.37 21.28 46.67
C ALA A 1054 -46.79 21.86 48.01
N ILE A 1055 -47.63 22.88 47.95
CA ILE A 1055 -48.18 23.56 49.11
C ILE A 1055 -49.69 23.46 49.07
N CYS A 1056 -50.30 23.03 50.18
CA CYS A 1056 -51.75 22.97 50.32
C CYS A 1056 -52.20 24.13 51.21
N HIS A 1057 -53.12 24.95 50.71
CA HIS A 1057 -53.49 26.19 51.38
C HIS A 1057 -54.90 26.17 51.95
N ASN A 1058 -55.91 25.94 51.12
CA ASN A 1058 -57.30 25.87 51.59
C ASN A 1058 -58.06 24.78 50.86
N GLY A 1059 -57.44 23.62 50.71
CA GLY A 1059 -58.03 22.52 49.96
C GLY A 1059 -57.57 22.40 48.54
N LYS A 1060 -56.61 23.23 48.11
CA LYS A 1060 -56.05 23.16 46.77
C LYS A 1060 -54.54 23.04 46.87
N ALA A 1061 -53.93 22.48 45.83
CA ALA A 1061 -52.49 22.28 45.77
C ALA A 1061 -51.85 23.33 44.88
N HIS A 1062 -50.71 23.85 45.32
CA HIS A 1062 -49.99 24.90 44.59
C HIS A 1062 -48.63 24.38 44.17
N PHE A 1063 -48.28 24.58 42.91
CA PHE A 1063 -46.98 24.25 42.37
C PHE A 1063 -46.27 25.53 41.92
N PRO A 1064 -44.94 25.58 41.99
CA PRO A 1064 -44.23 26.80 41.57
C PRO A 1064 -44.25 26.96 40.05
N ARG A 1065 -44.44 28.19 39.60
CA ARG A 1065 -44.31 28.47 38.17
C ARG A 1065 -42.88 28.24 37.70
N GLU A 1066 -41.91 28.68 38.49
CA GLU A 1066 -40.50 28.40 38.24
C GLU A 1066 -39.79 28.27 39.57
N GLY A 1067 -38.83 27.37 39.62
CA GLY A 1067 -38.05 27.18 40.82
C GLY A 1067 -38.60 26.11 41.74
N VAL A 1068 -38.18 26.20 43.01
CA VAL A 1068 -38.50 25.20 44.01
C VAL A 1068 -38.99 25.88 45.27
N PHE A 1069 -39.82 25.15 46.03
CA PHE A 1069 -40.22 25.59 47.36
C PHE A 1069 -39.09 25.26 48.34
N VAL A 1070 -38.71 26.23 49.15
CA VAL A 1070 -37.54 26.12 50.01
C VAL A 1070 -37.91 26.58 51.41
N SER A 1071 -37.35 25.93 52.42
CA SER A 1071 -37.63 26.23 53.82
C SER A 1071 -36.32 26.36 54.59
N ASN A 1072 -36.21 27.41 55.41
CA ASN A 1072 -35.05 27.62 56.26
C ASN A 1072 -35.33 27.32 57.72
N GLY A 1073 -36.34 26.50 58.00
CA GLY A 1073 -36.64 26.05 59.35
C GLY A 1073 -38.01 26.45 59.83
N THR A 1074 -38.42 27.69 59.56
CA THR A 1074 -39.74 28.17 59.94
C THR A 1074 -40.56 28.62 58.74
N HIS A 1075 -40.03 29.51 57.91
CA HIS A 1075 -40.75 30.08 56.80
C HIS A 1075 -40.49 29.29 55.53
N TRP A 1076 -41.36 29.48 54.54
CA TRP A 1076 -41.25 28.85 53.24
C TRP A 1076 -41.18 29.92 52.17
N PHE A 1077 -40.20 29.79 51.27
CA PHE A 1077 -40.01 30.73 50.16
C PHE A 1077 -39.94 29.96 48.86
N VAL A 1078 -39.73 30.70 47.77
CA VAL A 1078 -39.53 30.11 46.44
C VAL A 1078 -38.36 30.82 45.79
N THR A 1079 -37.39 30.04 45.30
CA THR A 1079 -36.19 30.56 44.67
C THR A 1079 -36.02 29.91 43.30
N GLN A 1080 -34.99 30.34 42.59
CA GLN A 1080 -34.56 29.62 41.40
C GLN A 1080 -33.38 28.71 41.76
N ARG A 1081 -33.17 27.69 40.94
CA ARG A 1081 -32.28 26.60 41.32
C ARG A 1081 -30.82 27.03 41.38
N ASN A 1082 -30.38 27.93 40.51
CA ASN A 1082 -28.96 28.20 40.34
C ASN A 1082 -28.47 29.38 41.18
N PHE A 1083 -29.33 30.07 41.91
CA PHE A 1083 -28.89 31.16 42.77
C PHE A 1083 -29.94 31.38 43.84
N TYR A 1084 -29.49 31.58 45.07
CA TYR A 1084 -30.40 31.71 46.20
C TYR A 1084 -30.96 33.13 46.26
N GLU A 1085 -32.27 33.26 46.07
CA GLU A 1085 -32.94 34.56 46.10
C GLU A 1085 -34.36 34.35 46.60
N PRO A 1086 -34.55 34.22 47.91
CA PRO A 1086 -35.86 33.89 48.44
C PRO A 1086 -36.85 35.02 48.28
N GLN A 1087 -38.13 34.67 48.23
CA GLN A 1087 -39.21 35.63 48.16
C GLN A 1087 -40.48 34.98 48.66
N ILE A 1088 -41.50 35.81 48.91
CA ILE A 1088 -42.73 35.35 49.54
C ILE A 1088 -43.56 34.55 48.54
N ILE A 1089 -44.15 33.46 49.01
CA ILE A 1089 -45.02 32.63 48.17
C ILE A 1089 -46.38 33.32 48.06
N THR A 1090 -46.73 33.75 46.86
CA THR A 1090 -48.00 34.41 46.59
C THR A 1090 -48.75 33.63 45.53
N THR A 1091 -49.88 34.17 45.10
CA THR A 1091 -50.64 33.58 44.01
C THR A 1091 -50.14 34.01 42.64
N ASP A 1092 -49.09 34.84 42.60
CA ASP A 1092 -48.46 35.22 41.35
C ASP A 1092 -47.27 34.34 41.00
N ASN A 1093 -46.69 33.66 41.99
CA ASN A 1093 -45.57 32.75 41.78
C ASN A 1093 -46.02 31.32 41.48
N THR A 1094 -47.27 30.98 41.72
CA THR A 1094 -47.72 29.59 41.68
C THR A 1094 -48.93 29.45 40.76
N PHE A 1095 -49.31 28.19 40.53
CA PHE A 1095 -50.54 27.85 39.84
C PHE A 1095 -51.19 26.68 40.56
N VAL A 1096 -52.50 26.54 40.36
CA VAL A 1096 -53.33 25.62 41.14
C VAL A 1096 -53.74 24.44 40.26
N SER A 1097 -53.75 23.24 40.84
CA SER A 1097 -54.21 22.05 40.14
C SER A 1097 -54.56 20.98 41.16
N GLY A 1098 -55.85 20.60 41.20
CA GLY A 1098 -56.26 19.42 41.95
C GLY A 1098 -56.44 19.64 43.45
N ASP A 1099 -56.67 18.53 44.12
CA ASP A 1099 -56.88 18.51 45.57
C ASP A 1099 -55.60 18.04 46.28
N CYS A 1100 -55.65 18.12 47.61
CA CYS A 1100 -54.48 17.81 48.44
C CYS A 1100 -54.47 16.36 48.92
N ASP A 1101 -54.64 15.40 48.02
CA ASP A 1101 -54.60 14.00 48.42
C ASP A 1101 -53.91 13.07 47.42
N VAL A 1102 -53.33 13.59 46.35
CA VAL A 1102 -52.69 12.74 45.34
C VAL A 1102 -51.18 12.92 45.41
N VAL A 1103 -50.73 14.12 45.74
CA VAL A 1103 -49.30 14.43 45.78
C VAL A 1103 -48.69 13.80 47.02
N ILE A 1104 -47.55 13.15 46.85
CA ILE A 1104 -46.83 12.53 47.95
C ILE A 1104 -45.84 13.53 48.53
N GLY A 1105 -46.02 13.89 49.80
CA GLY A 1105 -45.13 14.83 50.46
C GLY A 1105 -45.60 16.27 50.48
N ILE A 1106 -46.91 16.52 50.42
CA ILE A 1106 -47.43 17.88 50.38
C ILE A 1106 -47.34 18.51 51.76
N VAL A 1107 -47.21 19.84 51.77
CA VAL A 1107 -47.13 20.57 53.08
C VAL A 1107 -48.49 21.20 53.33
N ASN A 1108 -48.57 22.09 54.33
CA ASN A 1108 -49.85 22.68 54.68
C ASN A 1108 -49.87 24.21 54.73
N ASN A 1109 -48.75 24.89 54.47
CA ASN A 1109 -48.76 26.33 54.73
C ASN A 1109 -47.73 27.05 53.89
N THR A 1110 -48.08 28.22 53.35
CA THR A 1110 -49.36 28.94 53.26
C THR A 1110 -49.23 30.00 52.16
N VAL A 1111 -50.31 30.25 51.42
CA VAL A 1111 -50.25 31.08 50.21
C VAL A 1111 -50.89 32.42 50.51
N TYR A 1112 -50.19 33.49 50.13
CA TYR A 1112 -50.61 34.86 50.39
C TYR A 1112 -51.19 35.50 49.13
N ASP A 1113 -52.16 36.39 49.34
CA ASP A 1113 -52.85 37.08 48.25
C ASP A 1113 -52.43 38.54 48.21
N PRO A 1114 -51.85 39.03 47.11
CA PRO A 1114 -51.44 40.44 47.04
C PRO A 1114 -52.55 41.42 46.70
N LEU A 1115 -53.82 41.01 46.79
CA LEU A 1115 -54.93 41.87 46.41
C LEU A 1115 -55.72 42.40 47.61
N GLN A 1116 -55.77 41.65 48.71
CA GLN A 1116 -56.62 42.05 49.83
C GLN A 1116 -56.30 43.42 50.41
N PRO A 1117 -55.04 43.82 50.63
CA PRO A 1117 -54.80 45.18 51.12
C PRO A 1117 -55.33 46.26 50.20
N GLU A 1118 -55.28 46.04 48.89
CA GLU A 1118 -55.83 47.02 47.96
C GLU A 1118 -57.35 47.09 48.06
N LEU A 1119 -58.01 45.93 48.14
CA LEU A 1119 -59.47 45.93 48.23
C LEU A 1119 -59.94 46.54 49.54
N ASP A 1120 -59.18 46.34 50.63
CA ASP A 1120 -59.57 46.92 51.91
C ASP A 1120 -59.55 48.45 51.86
N SER A 1121 -58.54 49.02 51.22
CA SER A 1121 -58.40 50.47 51.15
C SER A 1121 -59.24 51.05 50.00
N ALA B 1 -25.90 -54.39 -14.24
CA ALA B 1 -26.61 -53.81 -13.12
C ALA B 1 -25.91 -52.56 -12.60
N TYR B 2 -26.69 -51.63 -12.04
CA TYR B 2 -26.17 -50.38 -11.51
C TYR B 2 -26.87 -50.05 -10.21
N THR B 3 -26.12 -49.50 -9.26
CA THR B 3 -26.66 -49.05 -7.98
C THR B 3 -26.02 -47.71 -7.60
N ASN B 4 -26.34 -47.24 -6.41
CA ASN B 4 -25.92 -45.92 -5.94
C ASN B 4 -24.71 -46.05 -5.02
N SER B 5 -23.67 -45.26 -5.29
CA SER B 5 -22.46 -45.28 -4.48
C SER B 5 -22.61 -44.57 -3.14
N PHE B 6 -23.60 -43.67 -3.02
CA PHE B 6 -23.80 -42.88 -1.82
C PHE B 6 -22.53 -42.13 -1.41
N THR B 7 -22.00 -42.45 -0.24
CA THR B 7 -20.84 -41.76 0.33
C THR B 7 -19.72 -42.73 0.67
N ARG B 8 -19.40 -43.63 -0.26
CA ARG B 8 -18.40 -44.66 -0.02
C ARG B 8 -17.12 -44.36 -0.79
N GLY B 9 -16.00 -44.71 -0.19
CA GLY B 9 -14.70 -44.58 -0.82
C GLY B 9 -13.83 -43.45 -0.33
N VAL B 10 -13.91 -43.10 0.95
CA VAL B 10 -13.06 -42.05 1.52
C VAL B 10 -11.91 -42.69 2.27
N TYR B 11 -10.69 -42.26 1.97
CA TYR B 11 -9.49 -42.82 2.58
C TYR B 11 -8.62 -41.70 3.13
N TYR B 12 -7.78 -42.05 4.09
CA TYR B 12 -6.84 -41.10 4.66
C TYR B 12 -5.78 -40.76 3.62
N PRO B 13 -5.64 -39.49 3.23
CA PRO B 13 -4.74 -39.14 2.12
C PRO B 13 -3.29 -38.88 2.52
N ASP B 14 -2.97 -38.89 3.81
CA ASP B 14 -1.63 -38.53 4.24
C ASP B 14 -1.38 -39.16 5.61
N LYS B 15 -0.11 -39.19 6.00
CA LYS B 15 0.33 -39.77 7.26
C LYS B 15 0.40 -38.75 8.39
N VAL B 16 -0.30 -37.63 8.26
CA VAL B 16 -0.23 -36.54 9.22
C VAL B 16 -1.45 -36.62 10.14
N PHE B 17 -1.20 -36.57 11.44
CA PHE B 17 -2.28 -36.56 12.42
C PHE B 17 -2.89 -35.16 12.51
N ARG B 18 -4.22 -35.10 12.55
CA ARG B 18 -4.95 -33.85 12.73
C ARG B 18 -6.13 -34.12 13.65
N SER B 19 -6.61 -33.07 14.30
CA SER B 19 -7.71 -33.22 15.25
C SER B 19 -8.52 -31.94 15.33
N SER B 20 -9.85 -32.10 15.28
CA SER B 20 -10.79 -31.00 15.44
C SER B 20 -10.51 -29.87 14.46
N VAL B 21 -10.62 -30.19 13.18
CA VAL B 21 -10.33 -29.23 12.12
C VAL B 21 -11.00 -29.69 10.85
N LEU B 22 -11.36 -28.74 9.99
CA LEU B 22 -11.88 -29.02 8.66
C LEU B 22 -10.78 -28.72 7.65
N HIS B 23 -10.30 -29.76 6.97
CA HIS B 23 -9.14 -29.66 6.10
C HIS B 23 -9.55 -29.93 4.65
N SER B 24 -9.14 -29.04 3.75
CA SER B 24 -9.43 -29.17 2.34
C SER B 24 -8.24 -29.81 1.62
N THR B 25 -8.52 -30.80 0.78
CA THR B 25 -7.48 -31.55 0.09
C THR B 25 -7.91 -31.84 -1.34
N GLN B 26 -6.95 -32.24 -2.15
CA GLN B 26 -7.21 -32.67 -3.52
C GLN B 26 -6.49 -34.00 -3.74
N ASP B 27 -7.21 -34.97 -4.30
CA ASP B 27 -6.69 -36.30 -4.56
C ASP B 27 -7.66 -37.01 -5.48
N LEU B 28 -7.34 -38.25 -5.84
CA LEU B 28 -8.23 -39.08 -6.64
C LEU B 28 -9.26 -39.72 -5.72
N PHE B 29 -10.53 -39.36 -5.91
CA PHE B 29 -11.61 -39.85 -5.06
C PHE B 29 -12.73 -40.41 -5.93
N LEU B 30 -13.57 -41.21 -5.31
CA LEU B 30 -14.79 -41.69 -5.95
C LEU B 30 -15.88 -40.64 -5.79
N PRO B 31 -16.40 -40.06 -6.87
CA PRO B 31 -17.39 -38.98 -6.72
C PRO B 31 -18.64 -39.45 -6.00
N PHE B 32 -19.23 -38.52 -5.24
CA PHE B 32 -20.40 -38.84 -4.45
C PHE B 32 -21.61 -39.14 -5.33
N PHE B 33 -22.43 -40.08 -4.88
CA PHE B 33 -23.68 -40.44 -5.55
C PHE B 33 -23.45 -40.81 -7.02
N SER B 34 -22.43 -41.61 -7.27
CA SER B 34 -22.17 -42.11 -8.60
C SER B 34 -22.80 -43.49 -8.79
N ASN B 35 -23.05 -43.84 -10.05
CA ASN B 35 -23.70 -45.10 -10.39
C ASN B 35 -22.62 -46.16 -10.54
N VAL B 36 -22.49 -47.03 -9.54
CA VAL B 36 -21.42 -48.01 -9.48
C VAL B 36 -21.80 -49.23 -10.29
N THR B 37 -20.85 -49.76 -11.05
CA THR B 37 -21.09 -50.95 -11.85
C THR B 37 -21.20 -52.18 -10.95
N TRP B 38 -22.22 -52.99 -11.18
CA TRP B 38 -22.47 -54.18 -10.40
C TRP B 38 -22.30 -55.42 -11.28
N PHE B 39 -21.53 -56.39 -10.80
CA PHE B 39 -21.13 -57.55 -11.58
C PHE B 39 -21.54 -58.84 -10.90
N HIS B 40 -21.93 -59.82 -11.71
CA HIS B 40 -21.97 -61.23 -11.33
C HIS B 40 -20.91 -61.93 -12.18
N ALA B 41 -19.72 -62.13 -11.61
CA ALA B 41 -18.64 -62.77 -12.34
C ALA B 41 -19.05 -64.16 -12.81
N ILE B 42 -19.60 -64.95 -11.89
CA ILE B 42 -20.24 -66.22 -12.24
C ILE B 42 -21.60 -66.25 -11.57
N HIS B 43 -22.65 -66.53 -12.35
CA HIS B 43 -24.00 -66.68 -11.83
C HIS B 43 -24.39 -68.15 -11.94
N ARG B 52 -23.11 -70.12 -15.79
CA ARG B 52 -23.01 -68.94 -16.64
C ARG B 52 -22.09 -67.93 -15.96
N PHE B 53 -21.24 -67.29 -16.75
CA PHE B 53 -20.17 -66.49 -16.18
C PHE B 53 -19.72 -65.42 -17.17
N ASP B 54 -19.34 -64.27 -16.62
CA ASP B 54 -18.77 -63.18 -17.42
C ASP B 54 -17.81 -62.43 -16.49
N ASN B 55 -16.52 -62.73 -16.60
CA ASN B 55 -15.47 -62.18 -15.75
C ASN B 55 -14.43 -61.55 -16.65
N PRO B 56 -14.71 -60.37 -17.20
CA PRO B 56 -13.88 -59.81 -18.26
C PRO B 56 -12.67 -59.05 -17.69
N VAL B 57 -11.89 -58.49 -18.61
CA VAL B 57 -10.71 -57.70 -18.25
C VAL B 57 -11.12 -56.24 -18.31
N LEU B 58 -11.22 -55.60 -17.14
CA LEU B 58 -11.70 -54.24 -16.95
C LEU B 58 -10.54 -53.25 -17.01
N PRO B 59 -10.75 -52.09 -17.63
CA PRO B 59 -9.70 -51.07 -17.63
C PRO B 59 -9.47 -50.53 -16.22
N PHE B 60 -8.23 -50.08 -15.99
CA PHE B 60 -7.84 -49.57 -14.69
C PHE B 60 -7.96 -48.06 -14.59
N ASN B 61 -7.68 -47.37 -15.69
CA ASN B 61 -7.78 -45.89 -15.73
C ASN B 61 -6.83 -45.29 -14.69
N ASP B 62 -7.38 -44.48 -13.77
CA ASP B 62 -6.58 -43.83 -12.74
C ASP B 62 -6.69 -44.49 -11.37
N GLY B 63 -7.45 -45.56 -11.26
CA GLY B 63 -7.63 -46.24 -9.99
C GLY B 63 -8.95 -46.98 -9.96
N VAL B 64 -9.07 -47.87 -8.98
CA VAL B 64 -10.24 -48.74 -8.85
C VAL B 64 -10.67 -48.76 -7.40
N TYR B 65 -11.97 -48.57 -7.17
CA TYR B 65 -12.58 -48.80 -5.88
C TYR B 65 -13.28 -50.16 -5.92
N PHE B 66 -12.81 -51.09 -5.09
CA PHE B 66 -13.32 -52.45 -5.09
C PHE B 66 -13.99 -52.74 -3.76
N ALA B 67 -15.20 -53.29 -3.81
CA ALA B 67 -15.92 -53.66 -2.61
C ALA B 67 -16.79 -54.87 -2.91
N SER B 68 -16.91 -55.75 -1.92
CA SER B 68 -17.68 -56.98 -2.10
C SER B 68 -18.14 -57.48 -0.74
N THR B 69 -19.15 -58.34 -0.78
CA THR B 69 -19.72 -58.94 0.42
C THR B 69 -19.78 -60.45 0.20
N GLU B 70 -19.00 -61.20 0.96
CA GLU B 70 -18.89 -62.64 0.77
C GLU B 70 -18.59 -63.31 2.10
N LYS B 71 -18.80 -64.63 2.12
CA LYS B 71 -18.53 -65.42 3.31
C LYS B 71 -17.64 -66.61 3.00
N SER B 72 -17.79 -67.19 1.81
CA SER B 72 -17.08 -68.41 1.44
C SER B 72 -15.67 -68.15 0.94
N ASN B 73 -15.23 -66.89 0.91
CA ASN B 73 -13.87 -66.54 0.47
C ASN B 73 -13.62 -67.00 -0.96
N ILE B 74 -14.65 -66.89 -1.80
CA ILE B 74 -14.48 -67.23 -3.22
C ILE B 74 -13.50 -66.27 -3.89
N ILE B 75 -13.43 -65.03 -3.42
CA ILE B 75 -12.48 -64.06 -3.93
C ILE B 75 -11.18 -64.22 -3.15
N ARG B 76 -10.07 -64.42 -3.87
CA ARG B 76 -8.78 -64.65 -3.24
C ARG B 76 -7.67 -63.75 -3.75
N GLY B 77 -7.86 -63.05 -4.86
CA GLY B 77 -6.81 -62.20 -5.36
C GLY B 77 -7.26 -61.44 -6.58
N TRP B 78 -6.27 -60.85 -7.26
CA TRP B 78 -6.55 -60.07 -8.46
C TRP B 78 -5.39 -60.21 -9.43
N ILE B 79 -5.67 -59.91 -10.69
CA ILE B 79 -4.68 -59.93 -11.76
C ILE B 79 -4.49 -58.50 -12.25
N PHE B 80 -3.26 -58.02 -12.21
CA PHE B 80 -2.92 -56.68 -12.68
C PHE B 80 -1.94 -56.77 -13.82
N GLY B 81 -2.19 -56.01 -14.88
CA GLY B 81 -1.28 -55.96 -16.00
C GLY B 81 -1.92 -55.35 -17.22
N THR B 82 -1.07 -55.10 -18.22
CA THR B 82 -1.48 -54.52 -19.50
C THR B 82 -1.78 -55.58 -20.55
N THR B 83 -0.86 -56.52 -20.75
CA THR B 83 -1.05 -57.60 -21.72
C THR B 83 -1.54 -58.89 -21.10
N LEU B 84 -1.23 -59.11 -19.82
CA LEU B 84 -1.66 -60.31 -19.08
C LEU B 84 -1.14 -61.59 -19.75
N ASP B 85 0.10 -61.54 -20.22
CA ASP B 85 0.78 -62.72 -20.76
C ASP B 85 2.24 -62.67 -20.33
N SER B 86 3.05 -63.56 -20.90
CA SER B 86 4.46 -63.64 -20.53
C SER B 86 5.31 -62.61 -21.26
N LYS B 87 4.73 -61.83 -22.17
CA LYS B 87 5.51 -60.86 -22.93
C LYS B 87 6.09 -59.78 -22.02
N THR B 88 5.29 -59.26 -21.08
CA THR B 88 5.74 -58.17 -20.22
C THR B 88 5.27 -58.43 -18.79
N GLN B 89 5.65 -57.52 -17.89
CA GLN B 89 5.41 -57.69 -16.47
C GLN B 89 3.91 -57.67 -16.15
N SER B 90 3.56 -58.36 -15.07
CA SER B 90 2.19 -58.37 -14.55
C SER B 90 2.27 -58.69 -13.06
N LEU B 91 1.30 -58.18 -12.31
CA LEU B 91 1.31 -58.30 -10.86
C LEU B 91 0.24 -59.31 -10.42
N LEU B 92 0.64 -60.20 -9.52
CA LEU B 92 -0.24 -61.25 -9.02
C LEU B 92 -0.25 -61.21 -7.49
N ILE B 93 -1.44 -61.12 -6.91
CA ILE B 93 -1.64 -61.15 -5.47
C ILE B 93 -2.61 -62.28 -5.15
N VAL B 94 -2.25 -63.11 -4.18
CA VAL B 94 -3.09 -64.22 -3.74
C VAL B 94 -3.27 -64.12 -2.24
N ASN B 95 -4.51 -64.12 -1.78
CA ASN B 95 -4.82 -64.14 -0.36
C ASN B 95 -4.88 -65.59 0.11
N ASN B 96 -3.77 -66.07 0.64
CA ASN B 96 -3.66 -67.40 1.19
C ASN B 96 -4.51 -67.53 2.46
N ALA B 97 -4.66 -68.75 2.95
CA ALA B 97 -5.27 -68.95 4.26
C ALA B 97 -4.30 -68.66 5.40
N THR B 98 -3.02 -68.43 5.09
CA THR B 98 -2.02 -68.15 6.10
C THR B 98 -1.22 -66.87 5.86
N ASN B 99 -1.14 -66.37 4.63
CA ASN B 99 -0.28 -65.23 4.32
C ASN B 99 -0.79 -64.57 3.05
N VAL B 100 0.03 -63.70 2.47
CA VAL B 100 -0.23 -63.09 1.18
C VAL B 100 0.99 -63.29 0.30
N VAL B 101 0.77 -63.79 -0.91
CA VAL B 101 1.84 -64.00 -1.88
C VAL B 101 1.72 -62.87 -2.89
N ILE B 102 2.57 -61.85 -2.74
CA ILE B 102 2.57 -60.68 -3.60
C ILE B 102 3.79 -60.78 -4.51
N LYS B 103 3.59 -61.22 -5.74
CA LYS B 103 4.68 -61.44 -6.68
C LYS B 103 4.31 -60.82 -8.01
N VAL B 104 5.14 -59.91 -8.50
CA VAL B 104 4.87 -59.13 -9.71
C VAL B 104 5.92 -59.47 -10.75
N CYS B 105 5.52 -60.18 -11.79
CA CYS B 105 6.44 -60.71 -12.79
C CYS B 105 5.65 -61.42 -13.87
N GLU B 106 6.33 -61.71 -14.97
CA GLU B 106 5.67 -62.15 -16.20
C GLU B 106 4.88 -63.43 -15.97
N PHE B 107 3.69 -63.50 -16.59
CA PHE B 107 2.74 -64.59 -16.35
C PHE B 107 1.94 -64.81 -17.64
N GLN B 108 2.29 -65.87 -18.38
CA GLN B 108 1.49 -66.27 -19.53
C GLN B 108 0.18 -66.85 -19.02
N PHE B 109 -0.82 -65.97 -18.93
CA PHE B 109 -2.02 -66.26 -18.18
C PHE B 109 -2.99 -67.12 -18.99
N CYS B 110 -3.92 -67.77 -18.29
CA CYS B 110 -4.88 -68.64 -18.93
C CYS B 110 -6.15 -67.87 -19.29
N ASN B 111 -6.91 -68.44 -20.23
CA ASN B 111 -8.14 -67.78 -20.70
C ASN B 111 -9.18 -67.71 -19.58
N ASP B 112 -9.20 -68.67 -18.67
CA ASP B 112 -10.11 -68.68 -17.54
C ASP B 112 -9.29 -68.84 -16.27
N PRO B 113 -8.60 -67.78 -15.83
CA PRO B 113 -7.69 -67.90 -14.69
C PRO B 113 -8.46 -68.02 -13.38
N PHE B 114 -7.99 -68.91 -12.52
CA PHE B 114 -8.55 -69.17 -11.21
C PHE B 114 -7.66 -70.15 -10.47
N LEU B 115 -7.67 -70.05 -9.14
CA LEU B 115 -6.87 -70.96 -8.32
C LEU B 115 -7.45 -72.37 -8.39
N GLY B 116 -6.58 -73.35 -8.60
CA GLY B 116 -7.04 -74.73 -8.61
C GLY B 116 -7.19 -75.26 -7.21
N VAL B 117 -8.44 -75.32 -6.73
CA VAL B 117 -8.75 -75.68 -5.36
C VAL B 117 -9.92 -76.66 -5.37
N GLU B 130 -3.55 -77.23 -7.63
CA GLU B 130 -3.01 -76.96 -8.95
C GLU B 130 -3.18 -75.48 -9.28
N PHE B 131 -2.56 -75.07 -10.38
CA PHE B 131 -2.58 -73.68 -10.84
C PHE B 131 -3.24 -73.62 -12.21
N ARG B 132 -4.54 -73.34 -12.24
CA ARG B 132 -5.23 -72.98 -13.47
C ARG B 132 -5.17 -71.48 -13.72
N VAL B 133 -4.53 -70.72 -12.82
CA VAL B 133 -4.42 -69.28 -12.99
C VAL B 133 -3.61 -68.95 -14.24
N TYR B 134 -2.43 -69.58 -14.37
CA TYR B 134 -1.52 -69.25 -15.44
C TYR B 134 -0.90 -70.54 -15.97
N SER B 135 -0.35 -70.46 -17.18
CA SER B 135 0.33 -71.59 -17.79
C SER B 135 1.82 -71.60 -17.46
N SER B 136 2.50 -70.45 -17.60
CA SER B 136 3.93 -70.39 -17.38
C SER B 136 4.30 -69.05 -16.74
N ALA B 137 5.37 -69.07 -15.97
CA ALA B 137 5.93 -67.86 -15.37
C ALA B 137 7.45 -67.94 -15.45
N ASN B 138 8.09 -66.80 -15.67
CA ASN B 138 9.52 -66.75 -15.86
C ASN B 138 9.98 -65.30 -15.77
N ASN B 139 11.30 -65.12 -15.69
CA ASN B 139 11.93 -63.79 -15.68
C ASN B 139 11.33 -62.93 -14.57
N CYS B 140 11.42 -63.46 -13.35
CA CYS B 140 10.54 -63.02 -12.27
C CYS B 140 11.33 -62.14 -11.30
N THR B 141 10.75 -61.00 -10.93
CA THR B 141 11.53 -59.88 -10.40
C THR B 141 11.31 -59.56 -8.92
N PHE B 142 10.10 -59.71 -8.38
CA PHE B 142 9.83 -59.27 -7.02
C PHE B 142 8.94 -60.29 -6.33
N GLU B 143 9.08 -60.37 -5.01
CA GLU B 143 8.29 -61.30 -4.22
C GLU B 143 8.16 -60.77 -2.79
N TYR B 144 6.97 -60.96 -2.20
CA TYR B 144 6.69 -60.42 -0.88
C TYR B 144 5.67 -61.33 -0.20
N VAL B 145 5.96 -61.71 1.04
CA VAL B 145 5.04 -62.46 1.89
C VAL B 145 4.82 -61.65 3.17
N SER B 146 3.57 -61.58 3.61
CA SER B 146 3.23 -60.79 4.79
C SER B 146 1.96 -61.36 5.42
N PHE B 160 -24.11 -62.32 6.77
CA PHE B 160 -22.88 -62.55 7.52
C PHE B 160 -22.18 -61.25 7.94
N LYS B 161 -22.67 -60.10 7.47
CA LYS B 161 -22.10 -58.80 7.83
C LYS B 161 -20.59 -58.76 7.62
N ASN B 162 -20.17 -59.17 6.42
CA ASN B 162 -18.76 -59.18 6.05
C ASN B 162 -18.61 -58.34 4.78
N LEU B 163 -18.43 -57.03 4.96
CA LEU B 163 -18.22 -56.12 3.85
C LEU B 163 -16.76 -55.69 3.84
N ARG B 164 -16.11 -55.89 2.68
CA ARG B 164 -14.69 -55.60 2.51
C ARG B 164 -14.54 -54.58 1.39
N GLU B 165 -13.73 -53.55 1.64
CA GLU B 165 -13.58 -52.44 0.71
C GLU B 165 -12.09 -52.21 0.46
N PHE B 166 -11.77 -51.82 -0.78
CA PHE B 166 -10.38 -51.60 -1.18
C PHE B 166 -10.27 -50.37 -2.05
N VAL B 167 -9.08 -49.78 -2.05
CA VAL B 167 -8.71 -48.74 -3.00
C VAL B 167 -7.32 -49.08 -3.54
N PHE B 168 -7.19 -49.18 -4.85
CA PHE B 168 -5.93 -49.48 -5.50
C PHE B 168 -5.52 -48.32 -6.40
N LYS B 169 -4.28 -47.86 -6.25
CA LYS B 169 -3.76 -46.77 -7.05
C LYS B 169 -2.35 -47.12 -7.53
N ASN B 170 -1.95 -46.49 -8.64
CA ASN B 170 -0.61 -46.63 -9.18
C ASN B 170 -0.11 -45.23 -9.53
N ILE B 171 0.56 -44.59 -8.58
CA ILE B 171 1.11 -43.25 -8.76
C ILE B 171 2.61 -43.33 -8.53
N ASP B 172 3.37 -42.66 -9.39
CA ASP B 172 4.83 -42.57 -9.28
C ASP B 172 5.49 -43.95 -9.18
N GLY B 173 4.85 -44.97 -9.74
CA GLY B 173 5.34 -46.32 -9.65
C GLY B 173 5.05 -47.03 -8.35
N TYR B 174 4.38 -46.36 -7.41
CA TYR B 174 4.03 -46.96 -6.14
C TYR B 174 2.64 -47.59 -6.23
N PHE B 175 2.51 -48.82 -5.76
CA PHE B 175 1.22 -49.50 -5.70
C PHE B 175 0.70 -49.38 -4.28
N LYS B 176 -0.35 -48.59 -4.09
CA LYS B 176 -0.90 -48.29 -2.78
C LYS B 176 -2.24 -48.98 -2.59
N ILE B 177 -2.42 -49.58 -1.42
CA ILE B 177 -3.63 -50.33 -1.10
C ILE B 177 -4.19 -49.83 0.23
N TYR B 178 -5.44 -49.38 0.21
CA TYR B 178 -6.17 -49.00 1.40
C TYR B 178 -7.31 -50.00 1.63
N SER B 179 -7.74 -50.13 2.88
CA SER B 179 -8.73 -51.14 3.19
C SER B 179 -9.47 -50.78 4.47
N LYS B 180 -10.62 -51.42 4.66
CA LYS B 180 -11.45 -51.27 5.84
C LYS B 180 -12.47 -52.38 5.86
N HIS B 181 -12.65 -53.02 7.01
CA HIS B 181 -13.58 -54.14 7.16
C HIS B 181 -14.70 -53.70 8.10
N THR B 182 -15.93 -53.75 7.61
CA THR B 182 -17.09 -53.24 8.34
C THR B 182 -18.22 -54.26 8.31
N PRO B 183 -18.90 -54.47 9.45
CA PRO B 183 -20.00 -55.42 9.49
C PRO B 183 -21.28 -54.91 8.84
N ILE B 184 -21.40 -55.06 7.53
CA ILE B 184 -22.58 -54.63 6.78
C ILE B 184 -23.29 -55.87 6.25
N ASN B 185 -24.60 -55.96 6.50
CA ASN B 185 -25.40 -57.13 6.16
C ASN B 185 -26.01 -57.04 4.77
N LEU B 186 -25.40 -56.30 3.84
CA LEU B 186 -25.95 -56.07 2.51
C LEU B 186 -25.04 -56.68 1.46
N VAL B 187 -25.63 -57.47 0.58
CA VAL B 187 -24.90 -58.13 -0.51
C VAL B 187 -25.24 -57.52 -1.86
N ARG B 188 -26.52 -57.22 -2.10
CA ARG B 188 -26.99 -56.83 -3.41
C ARG B 188 -27.04 -55.31 -3.60
N ASP B 189 -26.37 -54.55 -2.74
CA ASP B 189 -26.29 -53.10 -2.88
C ASP B 189 -25.14 -52.59 -2.04
N LEU B 190 -25.04 -51.27 -1.89
CA LEU B 190 -24.07 -50.63 -1.03
C LEU B 190 -24.76 -49.91 0.11
N PRO B 191 -24.24 -49.99 1.33
CA PRO B 191 -24.92 -49.36 2.48
C PRO B 191 -24.86 -47.84 2.44
N GLN B 192 -25.40 -47.22 3.48
CA GLN B 192 -25.30 -45.79 3.70
C GLN B 192 -24.62 -45.51 5.02
N GLY B 193 -23.87 -44.41 5.07
CA GLY B 193 -23.10 -44.02 6.23
C GLY B 193 -21.73 -43.54 5.82
N PHE B 194 -20.84 -43.44 6.79
CA PHE B 194 -19.48 -42.98 6.54
C PHE B 194 -18.48 -43.89 7.25
N SER B 195 -17.40 -44.21 6.54
CA SER B 195 -16.29 -44.97 7.11
C SER B 195 -15.06 -44.71 6.26
N ALA B 196 -13.95 -44.39 6.92
CA ALA B 196 -12.74 -43.95 6.24
C ALA B 196 -11.78 -45.13 6.11
N LEU B 197 -11.25 -45.31 4.90
CA LEU B 197 -10.32 -46.39 4.62
C LEU B 197 -8.90 -46.01 5.05
N GLU B 198 -8.17 -46.98 5.60
CA GLU B 198 -6.84 -46.75 6.13
C GLU B 198 -5.80 -47.46 5.26
N PRO B 199 -4.57 -46.93 5.22
CA PRO B 199 -3.53 -47.57 4.41
C PRO B 199 -3.21 -48.97 4.91
N LEU B 200 -2.94 -49.88 3.98
CA LEU B 200 -2.59 -51.25 4.30
C LEU B 200 -1.20 -51.63 3.82
N VAL B 201 -0.91 -51.47 2.53
CA VAL B 201 0.37 -51.89 1.95
C VAL B 201 0.83 -50.83 0.96
N ASP B 202 2.13 -50.54 0.98
CA ASP B 202 2.77 -49.70 -0.03
C ASP B 202 3.86 -50.51 -0.71
N LEU B 203 3.89 -50.46 -2.03
CA LEU B 203 4.79 -51.31 -2.83
C LEU B 203 5.57 -50.46 -3.83
N PRO B 204 6.87 -50.28 -3.64
CA PRO B 204 7.70 -49.56 -4.64
C PRO B 204 8.11 -50.45 -5.80
N ILE B 205 7.21 -50.56 -6.78
CA ILE B 205 7.37 -51.49 -7.90
C ILE B 205 7.73 -50.77 -9.19
N GLY B 206 6.91 -49.81 -9.61
CA GLY B 206 7.06 -49.21 -10.91
C GLY B 206 6.40 -49.97 -12.04
N ILE B 207 5.54 -50.94 -11.74
CA ILE B 207 4.88 -51.73 -12.76
C ILE B 207 3.93 -50.85 -13.57
N ASN B 208 3.85 -51.12 -14.87
CA ASN B 208 2.88 -50.50 -15.75
C ASN B 208 1.59 -51.31 -15.74
N ILE B 209 0.50 -50.70 -15.29
CA ILE B 209 -0.80 -51.36 -15.19
C ILE B 209 -1.82 -50.51 -15.93
N THR B 210 -2.57 -51.14 -16.84
CA THR B 210 -3.68 -50.49 -17.52
C THR B 210 -4.98 -51.28 -17.44
N ARG B 211 -4.94 -52.53 -16.97
CA ARG B 211 -6.13 -53.36 -16.83
C ARG B 211 -6.00 -54.19 -15.57
N PHE B 212 -7.12 -54.79 -15.15
CA PHE B 212 -7.10 -55.64 -13.98
C PHE B 212 -8.23 -56.65 -14.07
N GLN B 213 -8.10 -57.73 -13.28
CA GLN B 213 -9.05 -58.82 -13.29
C GLN B 213 -9.00 -59.54 -11.95
N THR B 214 -10.16 -59.88 -11.39
CA THR B 214 -10.21 -60.54 -10.10
C THR B 214 -9.87 -62.01 -10.22
N LEU B 215 -9.50 -62.61 -9.09
CA LEU B 215 -9.16 -64.02 -9.00
C LEU B 215 -10.19 -64.75 -8.14
N LEU B 216 -10.76 -65.81 -8.69
CA LEU B 216 -11.75 -66.62 -7.99
C LEU B 216 -11.22 -68.03 -7.77
N ALA B 217 -11.84 -68.73 -6.83
CA ALA B 217 -11.46 -70.10 -6.49
C ALA B 217 -12.61 -71.04 -6.83
N LEU B 218 -12.32 -72.08 -7.60
CA LEU B 218 -13.33 -73.04 -8.04
C LEU B 218 -12.97 -74.45 -7.57
N HIS B 219 -13.97 -75.17 -7.07
CA HIS B 219 -13.79 -76.56 -6.68
C HIS B 219 -13.41 -77.40 -7.90
N ALA B 237 -20.39 -65.00 -6.26
CA ALA B 237 -19.24 -64.20 -6.68
C ALA B 237 -19.73 -62.92 -7.33
N ALA B 238 -20.16 -61.98 -6.48
CA ALA B 238 -20.65 -60.68 -6.92
C ALA B 238 -19.85 -59.59 -6.21
N TYR B 239 -19.51 -58.55 -6.96
CA TYR B 239 -18.69 -57.46 -6.43
C TYR B 239 -19.01 -56.20 -7.23
N TYR B 240 -18.36 -55.10 -6.86
CA TYR B 240 -18.58 -53.81 -7.47
C TYR B 240 -17.26 -53.20 -7.90
N VAL B 241 -17.31 -52.38 -8.94
CA VAL B 241 -16.13 -51.68 -9.44
C VAL B 241 -16.48 -50.22 -9.69
N GLY B 242 -15.74 -49.32 -9.05
CA GLY B 242 -15.83 -47.90 -9.32
C GLY B 242 -14.60 -47.38 -10.03
N TYR B 243 -14.52 -46.06 -10.13
CA TYR B 243 -13.37 -45.40 -10.73
C TYR B 243 -13.12 -44.07 -10.06
N LEU B 244 -11.85 -43.78 -9.80
CA LEU B 244 -11.47 -42.56 -9.10
C LEU B 244 -11.21 -41.42 -10.09
N GLN B 245 -11.53 -40.21 -9.66
CA GLN B 245 -11.39 -39.02 -10.47
C GLN B 245 -10.70 -37.92 -9.67
N PRO B 246 -10.03 -36.99 -10.34
CA PRO B 246 -9.39 -35.88 -9.63
C PRO B 246 -10.44 -34.90 -9.12
N ARG B 247 -10.52 -34.76 -7.80
CA ARG B 247 -11.53 -33.92 -7.19
C ARG B 247 -10.97 -33.33 -5.90
N THR B 248 -11.66 -32.31 -5.40
CA THR B 248 -11.30 -31.65 -4.14
C THR B 248 -12.39 -31.92 -3.11
N PHE B 249 -11.98 -32.27 -1.91
CA PHE B 249 -12.90 -32.64 -0.85
C PHE B 249 -12.65 -31.75 0.37
N LEU B 250 -13.65 -31.72 1.25
CA LEU B 250 -13.54 -31.08 2.55
C LEU B 250 -13.72 -32.16 3.60
N LEU B 251 -12.67 -32.41 4.39
CA LEU B 251 -12.65 -33.53 5.33
C LEU B 251 -12.78 -33.01 6.76
N LYS B 252 -13.63 -33.65 7.54
CA LYS B 252 -13.85 -33.30 8.94
C LYS B 252 -13.15 -34.32 9.82
N TYR B 253 -12.26 -33.84 10.69
CA TYR B 253 -11.47 -34.70 11.56
C TYR B 253 -12.02 -34.64 12.97
N ASN B 254 -12.30 -35.82 13.54
CA ASN B 254 -12.69 -35.90 14.93
C ASN B 254 -11.48 -35.57 15.83
N GLU B 255 -11.76 -35.37 17.12
CA GLU B 255 -10.69 -35.01 18.05
C GLU B 255 -9.67 -36.13 18.22
N ASN B 256 -10.01 -37.36 17.82
CA ASN B 256 -9.08 -38.48 17.86
C ASN B 256 -8.39 -38.72 16.53
N GLY B 257 -8.54 -37.81 15.57
CA GLY B 257 -7.95 -38.01 14.26
C GLY B 257 -8.77 -38.85 13.31
N THR B 258 -10.02 -39.17 13.67
CA THR B 258 -10.87 -40.00 12.82
C THR B 258 -11.69 -39.12 11.88
N ILE B 259 -11.65 -39.45 10.59
CA ILE B 259 -12.48 -38.75 9.62
C ILE B 259 -13.93 -39.18 9.80
N THR B 260 -14.83 -38.21 9.98
CA THR B 260 -16.22 -38.49 10.28
C THR B 260 -17.21 -37.91 9.30
N ASP B 261 -16.78 -37.01 8.40
CA ASP B 261 -17.70 -36.42 7.43
C ASP B 261 -16.89 -35.87 6.27
N ALA B 262 -17.58 -35.64 5.15
CA ALA B 262 -16.92 -35.11 3.97
C ALA B 262 -17.94 -34.32 3.14
N VAL B 263 -17.41 -33.51 2.23
CA VAL B 263 -18.22 -32.70 1.33
C VAL B 263 -17.57 -32.71 -0.05
N ASP B 264 -18.31 -33.13 -1.06
CA ASP B 264 -17.84 -33.10 -2.45
C ASP B 264 -18.03 -31.69 -2.98
N CYS B 265 -16.93 -30.98 -3.21
CA CYS B 265 -16.98 -29.55 -3.51
C CYS B 265 -17.62 -29.23 -4.87
N ALA B 266 -17.85 -30.23 -5.72
CA ALA B 266 -18.41 -29.97 -7.04
C ALA B 266 -19.70 -30.74 -7.30
N LEU B 267 -20.37 -31.21 -6.25
CA LEU B 267 -21.60 -31.97 -6.44
C LEU B 267 -22.77 -31.07 -6.83
N ASP B 268 -22.93 -29.94 -6.15
CA ASP B 268 -24.07 -29.05 -6.36
C ASP B 268 -23.73 -27.70 -5.76
N PRO B 269 -24.52 -26.66 -6.06
CA PRO B 269 -24.18 -25.32 -5.54
C PRO B 269 -24.07 -25.23 -4.03
N LEU B 270 -24.91 -25.95 -3.29
CA LEU B 270 -24.81 -25.91 -1.83
C LEU B 270 -23.47 -26.45 -1.35
N SER B 271 -22.96 -27.49 -2.02
CA SER B 271 -21.65 -28.01 -1.66
C SER B 271 -20.55 -27.00 -1.95
N GLU B 272 -20.66 -26.26 -3.06
CA GLU B 272 -19.69 -25.21 -3.35
C GLU B 272 -19.74 -24.12 -2.28
N THR B 273 -20.94 -23.76 -1.83
CA THR B 273 -21.05 -22.78 -0.75
C THR B 273 -20.40 -23.29 0.53
N LYS B 274 -20.65 -24.55 0.88
CA LYS B 274 -20.04 -25.12 2.07
C LYS B 274 -18.52 -25.13 1.97
N CYS B 275 -17.99 -25.50 0.80
CA CYS B 275 -16.54 -25.52 0.62
C CYS B 275 -15.96 -24.11 0.65
N THR B 276 -16.70 -23.11 0.16
CA THR B 276 -16.19 -21.75 0.17
C THR B 276 -16.16 -21.17 1.56
N LEU B 277 -17.21 -21.39 2.35
CA LEU B 277 -17.28 -20.83 3.69
C LEU B 277 -16.49 -21.64 4.71
N LYS B 278 -15.94 -22.80 4.32
CA LYS B 278 -15.20 -23.67 5.24
C LYS B 278 -16.06 -24.05 6.44
N SER B 279 -17.25 -24.57 6.16
CA SER B 279 -18.17 -24.95 7.23
C SER B 279 -19.14 -26.00 6.70
N PHE B 280 -19.77 -26.71 7.63
CA PHE B 280 -20.79 -27.69 7.30
C PHE B 280 -22.20 -27.17 7.51
N THR B 281 -22.34 -25.92 7.96
CA THR B 281 -23.65 -25.28 8.13
C THR B 281 -23.61 -23.91 7.48
N VAL B 282 -24.71 -23.53 6.84
CA VAL B 282 -24.80 -22.29 6.09
C VAL B 282 -25.94 -21.46 6.66
N GLU B 283 -25.66 -20.18 6.94
CA GLU B 283 -26.66 -19.27 7.46
C GLU B 283 -27.54 -18.75 6.34
N LYS B 284 -28.44 -17.84 6.69
CA LYS B 284 -29.30 -17.19 5.70
C LYS B 284 -28.54 -16.10 4.97
N GLY B 285 -28.87 -15.90 3.70
CA GLY B 285 -28.33 -14.80 2.94
C GLY B 285 -27.90 -15.23 1.56
N ILE B 286 -27.17 -14.34 0.90
CA ILE B 286 -26.62 -14.57 -0.44
C ILE B 286 -25.11 -14.64 -0.34
N TYR B 287 -24.51 -15.53 -1.11
CA TYR B 287 -23.06 -15.71 -1.13
C TYR B 287 -22.58 -15.85 -2.57
N GLN B 288 -21.44 -15.24 -2.85
CA GLN B 288 -20.81 -15.38 -4.16
C GLN B 288 -19.81 -16.52 -4.11
N THR B 289 -19.94 -17.47 -5.04
CA THR B 289 -19.19 -18.72 -4.98
C THR B 289 -18.11 -18.86 -6.04
N SER B 290 -18.37 -18.46 -7.28
CA SER B 290 -17.41 -18.71 -8.34
C SER B 290 -17.68 -17.71 -9.46
N ASN B 291 -17.05 -17.96 -10.61
CA ASN B 291 -17.28 -17.20 -11.82
C ASN B 291 -17.57 -18.17 -12.96
N PHE B 292 -18.26 -17.67 -13.98
CA PHE B 292 -18.55 -18.44 -15.17
C PHE B 292 -17.96 -17.76 -16.39
N ARG B 293 -18.01 -18.46 -17.52
CA ARG B 293 -17.42 -17.97 -18.76
C ARG B 293 -17.95 -18.80 -19.91
N VAL B 294 -18.34 -18.14 -21.00
CA VAL B 294 -18.80 -18.86 -22.18
C VAL B 294 -17.59 -19.49 -22.86
N GLN B 295 -17.65 -20.80 -23.09
CA GLN B 295 -16.45 -21.39 -23.67
C GLN B 295 -16.51 -21.33 -25.20
N PRO B 296 -15.37 -21.13 -25.85
CA PRO B 296 -15.35 -21.13 -27.31
C PRO B 296 -15.68 -22.50 -27.87
N THR B 297 -16.25 -22.50 -29.08
CA THR B 297 -16.71 -23.73 -29.70
C THR B 297 -15.87 -24.17 -30.89
N GLU B 298 -15.39 -23.24 -31.72
CA GLU B 298 -14.69 -23.58 -32.94
C GLU B 298 -13.42 -22.74 -33.04
N SER B 299 -12.66 -22.96 -34.12
CA SER B 299 -11.46 -22.20 -34.40
C SER B 299 -11.51 -21.70 -35.84
N ILE B 300 -11.11 -20.45 -36.03
CA ILE B 300 -11.13 -19.81 -37.35
C ILE B 300 -9.70 -19.45 -37.71
N VAL B 301 -9.24 -19.93 -38.86
CA VAL B 301 -7.88 -19.67 -39.34
C VAL B 301 -7.97 -19.07 -40.73
N ARG B 302 -7.29 -17.95 -40.94
CA ARG B 302 -7.24 -17.30 -42.24
C ARG B 302 -5.80 -16.91 -42.53
N PHE B 303 -5.35 -17.21 -43.75
CA PHE B 303 -3.99 -16.95 -44.19
C PHE B 303 -3.99 -16.21 -45.51
N PRO B 304 -2.97 -15.41 -45.78
CA PRO B 304 -2.87 -14.73 -47.07
C PRO B 304 -2.60 -15.72 -48.20
N ASN B 305 -3.00 -15.31 -49.40
CA ASN B 305 -2.89 -16.14 -50.60
C ASN B 305 -1.49 -16.02 -51.17
N ILE B 306 -0.64 -17.00 -50.85
CA ILE B 306 0.73 -17.08 -51.36
C ILE B 306 1.00 -18.53 -51.73
N THR B 307 1.63 -18.72 -52.90
CA THR B 307 2.03 -20.05 -53.35
C THR B 307 3.53 -20.20 -53.57
N ASN B 308 4.28 -19.10 -53.61
CA ASN B 308 5.71 -19.16 -53.85
C ASN B 308 6.43 -19.80 -52.66
N LEU B 309 7.53 -20.49 -52.96
CA LEU B 309 8.41 -21.03 -51.94
C LEU B 309 9.60 -20.10 -51.76
N CYS B 310 10.09 -20.01 -50.53
CA CYS B 310 11.17 -19.08 -50.22
C CYS B 310 12.49 -19.63 -50.74
N PRO B 311 13.36 -18.79 -51.33
CA PRO B 311 14.62 -19.27 -51.90
C PRO B 311 15.72 -19.43 -50.85
N PHE B 312 15.48 -20.32 -49.89
CA PHE B 312 16.50 -20.60 -48.88
C PHE B 312 17.68 -21.34 -49.47
N GLY B 313 17.46 -22.13 -50.53
CA GLY B 313 18.54 -22.86 -51.16
C GLY B 313 19.54 -21.98 -51.89
N GLU B 314 19.14 -20.75 -52.22
CA GLU B 314 20.09 -19.82 -52.85
C GLU B 314 21.27 -19.52 -51.93
N VAL B 315 21.08 -19.66 -50.62
CA VAL B 315 22.15 -19.43 -49.65
C VAL B 315 22.61 -20.73 -49.01
N PHE B 316 21.67 -21.58 -48.59
CA PHE B 316 22.06 -22.81 -47.89
C PHE B 316 22.76 -23.79 -48.82
N ASN B 317 22.33 -23.87 -50.07
CA ASN B 317 22.94 -24.76 -51.06
C ASN B 317 23.98 -24.07 -51.93
N ALA B 318 24.30 -22.82 -51.63
CA ALA B 318 25.23 -22.06 -52.46
C ALA B 318 26.65 -22.60 -52.32
N THR B 319 27.46 -22.34 -53.34
CA THR B 319 28.85 -22.77 -53.37
C THR B 319 29.84 -21.62 -53.23
N ARG B 320 29.38 -20.38 -53.29
CA ARG B 320 30.24 -19.21 -53.13
C ARG B 320 29.80 -18.42 -51.90
N PHE B 321 30.76 -18.09 -51.05
CA PHE B 321 30.49 -17.38 -49.81
C PHE B 321 31.41 -16.17 -49.69
N ALA B 322 30.86 -15.08 -49.19
CA ALA B 322 31.60 -13.82 -49.07
C ALA B 322 32.53 -13.85 -47.87
N SER B 323 33.45 -12.88 -47.83
CA SER B 323 34.38 -12.74 -46.73
C SER B 323 33.65 -12.30 -45.46
N VAL B 324 34.24 -12.62 -44.31
CA VAL B 324 33.61 -12.30 -43.04
C VAL B 324 33.59 -10.79 -42.80
N TYR B 325 34.47 -10.04 -43.45
CA TYR B 325 34.47 -8.59 -43.30
C TYR B 325 33.55 -7.87 -44.29
N ALA B 326 33.05 -8.56 -45.31
CA ALA B 326 32.09 -7.99 -46.26
C ALA B 326 31.00 -9.03 -46.47
N TRP B 327 29.92 -8.91 -45.69
CA TRP B 327 28.94 -9.97 -45.63
C TRP B 327 27.94 -9.84 -46.78
N ASN B 328 27.24 -10.94 -47.08
CA ASN B 328 26.27 -10.95 -48.17
C ASN B 328 24.87 -10.98 -47.59
N ARG B 329 24.07 -9.98 -47.92
CA ARG B 329 22.74 -9.80 -47.36
C ARG B 329 21.69 -10.08 -48.42
N LYS B 330 20.74 -10.95 -48.10
CA LYS B 330 19.67 -11.34 -49.01
C LYS B 330 18.33 -11.11 -48.34
N ARG B 331 17.36 -10.60 -49.11
CA ARG B 331 16.02 -10.33 -48.61
C ARG B 331 15.06 -11.40 -49.12
N ILE B 332 14.40 -12.08 -48.19
CA ILE B 332 13.42 -13.13 -48.50
C ILE B 332 12.05 -12.64 -48.06
N SER B 333 11.09 -12.69 -48.98
CA SER B 333 9.75 -12.20 -48.70
C SER B 333 8.80 -12.76 -49.75
N ASN B 334 7.50 -12.59 -49.49
CA ASN B 334 6.44 -12.94 -50.44
C ASN B 334 6.51 -14.42 -50.84
N CYS B 335 6.66 -15.27 -49.83
CA CYS B 335 6.82 -16.70 -50.08
C CYS B 335 6.45 -17.49 -48.83
N VAL B 336 6.24 -18.79 -49.02
CA VAL B 336 5.98 -19.72 -47.94
C VAL B 336 7.31 -20.31 -47.49
N ALA B 337 7.57 -20.27 -46.19
CA ALA B 337 8.85 -20.72 -45.63
C ALA B 337 8.61 -21.89 -44.69
N ASP B 338 9.40 -22.95 -44.86
CA ASP B 338 9.39 -24.11 -43.98
C ASP B 338 10.76 -24.23 -43.34
N TYR B 339 10.80 -24.12 -42.01
CA TYR B 339 12.05 -24.21 -41.27
C TYR B 339 12.34 -25.59 -40.72
N SER B 340 11.43 -26.56 -40.94
CA SER B 340 11.67 -27.91 -40.46
C SER B 340 12.86 -28.56 -41.17
N VAL B 341 13.10 -28.19 -42.42
CA VAL B 341 14.26 -28.73 -43.14
C VAL B 341 15.55 -28.29 -42.47
N LEU B 342 15.65 -27.01 -42.10
CA LEU B 342 16.81 -26.55 -41.36
C LEU B 342 16.87 -27.18 -39.98
N TYR B 343 15.71 -27.38 -39.33
CA TYR B 343 15.68 -28.05 -38.05
C TYR B 343 16.11 -29.52 -38.18
N ASN B 344 15.74 -30.17 -39.27
CA ASN B 344 16.07 -31.57 -39.51
C ASN B 344 17.30 -31.74 -40.39
N SER B 345 18.03 -30.67 -40.67
CA SER B 345 19.17 -30.75 -41.58
C SER B 345 20.30 -31.57 -40.98
N ALA B 346 20.91 -32.40 -41.80
CA ALA B 346 22.05 -33.19 -41.36
C ALA B 346 23.31 -32.34 -41.30
N SER B 347 24.23 -32.74 -40.43
CA SER B 347 25.56 -32.15 -40.28
C SER B 347 25.52 -30.70 -39.81
N PHE B 348 24.35 -30.22 -39.37
CA PHE B 348 24.28 -28.87 -38.79
C PHE B 348 25.02 -28.84 -37.47
N SER B 349 25.87 -27.83 -37.29
CA SER B 349 26.69 -27.73 -36.09
C SER B 349 26.06 -26.84 -35.03
N THR B 350 25.74 -25.59 -35.38
CA THR B 350 25.14 -24.64 -34.46
C THR B 350 23.73 -24.31 -34.92
N PHE B 351 22.77 -24.44 -34.01
CA PHE B 351 21.38 -24.08 -34.31
C PHE B 351 20.80 -23.45 -33.04
N LYS B 352 20.90 -22.13 -32.95
CA LYS B 352 20.53 -21.38 -31.75
C LYS B 352 19.61 -20.23 -32.13
N CYS B 353 18.55 -20.04 -31.35
CA CYS B 353 17.55 -19.02 -31.63
C CYS B 353 17.41 -18.10 -30.43
N TYR B 354 17.32 -16.80 -30.70
CA TYR B 354 17.20 -15.77 -29.67
C TYR B 354 15.85 -15.09 -29.81
N GLY B 355 14.96 -15.35 -28.85
CA GLY B 355 13.65 -14.75 -28.84
C GLY B 355 12.54 -15.63 -29.37
N VAL B 356 12.86 -16.69 -30.12
CA VAL B 356 11.88 -17.62 -30.64
C VAL B 356 12.36 -19.03 -30.38
N SER B 357 11.41 -19.96 -30.34
CA SER B 357 11.83 -21.36 -30.25
C SER B 357 11.78 -22.03 -31.62
N PRO B 358 12.78 -22.86 -31.92
CA PRO B 358 12.86 -23.43 -33.28
C PRO B 358 11.63 -24.24 -33.69
N THR B 359 11.01 -24.96 -32.76
CA THR B 359 9.86 -25.79 -33.11
C THR B 359 8.62 -24.95 -33.38
N LYS B 360 8.50 -23.80 -32.73
CA LYS B 360 7.37 -22.90 -32.95
C LYS B 360 7.59 -21.95 -34.12
N LEU B 361 8.67 -22.15 -34.89
CA LEU B 361 8.99 -21.25 -35.98
C LEU B 361 8.19 -21.55 -37.24
N ASN B 362 7.56 -22.72 -37.33
CA ASN B 362 6.78 -23.07 -38.50
C ASN B 362 5.34 -22.60 -38.43
N ASP B 363 4.96 -21.91 -37.36
CA ASP B 363 3.60 -21.43 -37.18
C ASP B 363 3.51 -19.91 -37.07
N LEU B 364 4.61 -19.19 -37.27
CA LEU B 364 4.64 -17.75 -37.14
C LEU B 364 4.65 -17.06 -38.50
N CYS B 365 4.42 -15.76 -38.48
CA CYS B 365 4.49 -14.92 -39.67
C CYS B 365 5.32 -13.68 -39.38
N PHE B 366 6.02 -13.19 -40.40
CA PHE B 366 6.95 -12.09 -40.22
C PHE B 366 6.82 -11.11 -41.38
N THR B 367 7.19 -9.84 -41.14
CA THR B 367 7.15 -8.82 -42.21
C THR B 367 8.17 -9.21 -43.28
N ASN B 368 9.41 -9.50 -42.88
CA ASN B 368 10.43 -10.02 -43.80
C ASN B 368 11.51 -10.69 -42.97
N VAL B 369 12.26 -11.57 -43.63
CA VAL B 369 13.39 -12.26 -43.03
C VAL B 369 14.64 -11.95 -43.83
N TYR B 370 15.73 -11.62 -43.14
CA TYR B 370 17.00 -11.30 -43.77
C TYR B 370 17.98 -12.46 -43.57
N ALA B 371 18.46 -13.01 -44.68
CA ALA B 371 19.41 -14.09 -44.68
C ALA B 371 20.76 -13.55 -45.13
N ASP B 372 21.79 -13.77 -44.32
CA ASP B 372 23.13 -13.24 -44.58
C ASP B 372 24.13 -14.37 -44.49
N SER B 373 25.07 -14.43 -45.42
CA SER B 373 25.99 -15.54 -45.53
C SER B 373 27.44 -15.08 -45.42
N PHE B 374 28.30 -16.01 -44.98
CA PHE B 374 29.75 -15.80 -44.95
C PHE B 374 30.40 -17.12 -44.59
N VAL B 375 31.73 -17.09 -44.50
CA VAL B 375 32.56 -18.21 -44.06
C VAL B 375 33.49 -17.72 -42.96
N ILE B 376 33.59 -18.49 -41.87
CA ILE B 376 34.35 -18.10 -40.69
C ILE B 376 35.20 -19.29 -40.23
N ARG B 377 36.16 -19.00 -39.35
CA ARG B 377 36.98 -20.06 -38.79
C ARG B 377 36.19 -20.90 -37.79
N GLY B 378 36.74 -22.06 -37.45
CA GLY B 378 36.09 -22.92 -36.47
C GLY B 378 36.08 -22.32 -35.07
N ASP B 379 37.13 -21.57 -34.73
CA ASP B 379 37.25 -20.99 -33.39
C ASP B 379 36.52 -19.66 -33.26
N GLU B 380 36.18 -19.00 -34.36
CA GLU B 380 35.57 -17.69 -34.33
C GLU B 380 34.04 -17.74 -34.34
N VAL B 381 33.45 -18.92 -34.25
CA VAL B 381 32.00 -19.06 -34.31
C VAL B 381 31.33 -18.34 -33.13
N ARG B 382 31.93 -18.45 -31.95
CA ARG B 382 31.31 -17.92 -30.74
C ARG B 382 31.09 -16.41 -30.83
N GLN B 383 31.93 -15.71 -31.60
CA GLN B 383 31.82 -14.26 -31.67
C GLN B 383 30.53 -13.81 -32.33
N ILE B 384 29.90 -14.66 -33.14
CA ILE B 384 28.63 -14.30 -33.78
C ILE B 384 27.53 -14.72 -32.81
N ALA B 385 27.29 -13.85 -31.83
CA ALA B 385 26.25 -14.06 -30.82
C ALA B 385 26.00 -12.74 -30.13
N PRO B 386 24.78 -12.47 -29.68
CA PRO B 386 24.51 -11.20 -29.00
C PRO B 386 25.32 -11.09 -27.72
N GLY B 387 25.79 -9.86 -27.43
CA GLY B 387 26.56 -9.62 -26.24
C GLY B 387 27.99 -10.12 -26.26
N GLN B 388 28.52 -10.45 -27.44
CA GLN B 388 29.88 -10.97 -27.56
C GLN B 388 30.83 -9.90 -28.04
N THR B 389 32.09 -10.01 -27.61
CA THR B 389 33.17 -9.17 -28.07
C THR B 389 34.27 -10.04 -28.66
N GLY B 390 35.18 -9.41 -29.39
CA GLY B 390 36.27 -10.09 -30.03
C GLY B 390 36.68 -9.36 -31.30
N LYS B 391 37.61 -9.96 -32.03
CA LYS B 391 38.09 -9.34 -33.27
C LYS B 391 36.96 -9.19 -34.27
N ILE B 392 36.25 -10.28 -34.58
CA ILE B 392 35.18 -10.23 -35.56
C ILE B 392 33.96 -9.51 -34.99
N ALA B 393 33.59 -9.82 -33.76
CA ALA B 393 32.39 -9.23 -33.17
C ALA B 393 32.48 -7.71 -33.10
N ASP B 394 33.67 -7.17 -32.85
CA ASP B 394 33.84 -5.73 -32.71
C ASP B 394 34.33 -5.05 -33.99
N TYR B 395 34.92 -5.80 -34.93
CA TYR B 395 35.55 -5.18 -36.09
C TYR B 395 35.01 -5.67 -37.42
N ASN B 396 34.23 -6.74 -37.45
CA ASN B 396 33.66 -7.28 -38.68
C ASN B 396 32.15 -7.14 -38.73
N TYR B 397 31.44 -7.59 -37.70
CA TYR B 397 29.99 -7.54 -37.67
C TYR B 397 29.53 -7.59 -36.23
N LYS B 398 28.90 -6.51 -35.76
CA LYS B 398 28.37 -6.47 -34.40
C LYS B 398 26.94 -7.01 -34.44
N LEU B 399 26.71 -8.10 -33.73
CA LEU B 399 25.38 -8.66 -33.61
C LEU B 399 24.69 -8.05 -32.39
N PRO B 400 23.59 -7.33 -32.55
CA PRO B 400 23.07 -6.51 -31.46
C PRO B 400 22.50 -7.34 -30.31
N ASP B 401 22.45 -6.69 -29.14
CA ASP B 401 21.97 -7.36 -27.94
C ASP B 401 20.47 -7.66 -28.01
N ASP B 402 19.68 -6.75 -28.58
CA ASP B 402 18.23 -6.93 -28.69
C ASP B 402 17.83 -7.69 -29.95
N PHE B 403 18.74 -8.49 -30.50
CA PHE B 403 18.48 -9.20 -31.75
C PHE B 403 17.44 -10.28 -31.56
N THR B 404 16.58 -10.44 -32.56
CA THR B 404 15.57 -11.49 -32.61
C THR B 404 15.73 -12.26 -33.91
N GLY B 405 16.04 -13.55 -33.81
CA GLY B 405 16.21 -14.37 -34.99
C GLY B 405 16.88 -15.71 -34.73
N CYS B 406 17.88 -16.05 -35.53
CA CYS B 406 18.55 -17.34 -35.39
C CYS B 406 19.96 -17.24 -35.97
N VAL B 407 20.81 -18.18 -35.56
CA VAL B 407 22.17 -18.31 -36.07
C VAL B 407 22.43 -19.78 -36.35
N ILE B 408 22.87 -20.09 -37.56
CA ILE B 408 23.17 -21.46 -37.98
C ILE B 408 24.57 -21.51 -38.57
N ALA B 409 25.35 -22.50 -38.13
CA ALA B 409 26.74 -22.65 -38.55
C ALA B 409 26.96 -24.02 -39.16
N TRP B 410 27.76 -24.08 -40.21
CA TRP B 410 28.09 -25.32 -40.90
C TRP B 410 29.59 -25.35 -41.22
N ASN B 411 30.19 -26.52 -41.07
CA ASN B 411 31.58 -26.71 -41.44
C ASN B 411 31.71 -26.87 -42.94
N SER B 412 32.60 -26.11 -43.56
CA SER B 412 32.78 -26.09 -45.01
C SER B 412 34.24 -26.31 -45.39
N ASN B 413 34.92 -27.24 -44.71
CA ASN B 413 36.32 -27.51 -45.02
C ASN B 413 36.47 -28.21 -46.36
N ASN B 414 35.57 -29.15 -46.67
CA ASN B 414 35.65 -29.92 -47.91
C ASN B 414 35.32 -29.11 -49.15
N LEU B 415 34.81 -27.90 -48.99
CA LEU B 415 34.39 -27.06 -50.11
C LEU B 415 35.23 -25.80 -50.27
N ASP B 416 35.76 -25.24 -49.20
CA ASP B 416 36.48 -23.98 -49.27
C ASP B 416 37.99 -24.10 -49.07
N SER B 417 38.46 -25.13 -48.38
CA SER B 417 39.88 -25.25 -48.09
C SER B 417 40.68 -25.48 -49.37
N LYS B 418 41.81 -24.78 -49.47
CA LYS B 418 42.74 -24.95 -50.58
C LYS B 418 44.06 -25.48 -50.04
N GLY B 421 46.06 -23.04 -48.76
CA GLY B 421 45.33 -22.12 -47.91
C GLY B 421 44.46 -21.18 -48.70
N ASN B 422 43.16 -21.13 -48.40
CA ASN B 422 42.23 -20.30 -49.15
C ASN B 422 42.29 -18.88 -48.58
N TYR B 423 43.10 -18.03 -49.21
CA TYR B 423 43.25 -16.65 -48.79
C TYR B 423 42.22 -15.72 -49.43
N ASN B 424 41.27 -16.27 -50.19
CA ASN B 424 40.19 -15.46 -50.73
C ASN B 424 39.22 -14.97 -49.67
N TYR B 425 39.34 -15.47 -48.44
CA TYR B 425 38.52 -15.02 -47.32
C TYR B 425 39.39 -14.19 -46.39
N LEU B 426 38.99 -12.94 -46.15
CA LEU B 426 39.76 -12.02 -45.34
C LEU B 426 38.93 -11.55 -44.15
N TYR B 427 39.60 -11.35 -43.02
CA TYR B 427 38.95 -10.89 -41.80
C TYR B 427 39.59 -9.60 -41.33
N ARG B 428 38.75 -8.60 -41.06
CA ARG B 428 39.20 -7.31 -40.59
C ARG B 428 39.84 -7.45 -39.22
N LEU B 429 40.99 -6.80 -39.03
CA LEU B 429 41.75 -6.91 -37.80
C LEU B 429 41.98 -5.58 -37.09
N PHE B 430 41.83 -4.45 -37.79
CA PHE B 430 42.18 -3.16 -37.23
C PHE B 430 41.09 -2.14 -37.50
N ARG B 431 40.54 -1.55 -36.45
CA ARG B 431 39.63 -0.41 -36.56
C ARG B 431 39.84 0.49 -35.36
N LYS B 432 39.62 1.79 -35.56
CA LYS B 432 39.79 2.76 -34.50
C LYS B 432 38.65 2.76 -33.50
N SER B 433 37.51 2.17 -33.86
CA SER B 433 36.39 2.02 -32.94
C SER B 433 35.59 0.80 -33.37
N ASN B 434 34.86 0.23 -32.41
CA ASN B 434 34.07 -0.95 -32.67
C ASN B 434 32.88 -0.62 -33.55
N LEU B 435 32.51 -1.57 -34.41
CA LEU B 435 31.43 -1.36 -35.35
C LEU B 435 30.07 -1.37 -34.67
N LYS B 436 29.14 -0.61 -35.23
CA LYS B 436 27.76 -0.62 -34.81
C LYS B 436 27.06 -1.89 -35.31
N PRO B 437 25.92 -2.25 -34.74
CA PRO B 437 25.19 -3.42 -35.24
C PRO B 437 24.83 -3.26 -36.71
N PHE B 438 24.93 -4.37 -37.44
CA PHE B 438 24.57 -4.47 -38.86
C PHE B 438 25.42 -3.60 -39.78
N GLU B 439 26.56 -3.10 -39.31
CA GLU B 439 27.41 -2.26 -40.15
C GLU B 439 28.41 -3.10 -40.92
N ARG B 440 28.64 -2.73 -42.18
CA ARG B 440 29.60 -3.39 -43.06
C ARG B 440 30.62 -2.36 -43.52
N ASP B 441 31.77 -2.32 -42.86
CA ASP B 441 32.86 -1.41 -43.19
C ASP B 441 33.92 -2.19 -43.98
N ILE B 442 34.19 -1.75 -45.20
CA ILE B 442 35.12 -2.43 -46.08
C ILE B 442 36.30 -1.54 -46.45
N TYR B 463 49.51 -1.09 -39.68
CA TYR B 463 49.25 -2.41 -40.25
C TYR B 463 48.02 -2.34 -41.14
N PHE B 464 47.96 -3.24 -42.11
CA PHE B 464 46.82 -3.31 -43.02
C PHE B 464 45.62 -3.88 -42.28
N PRO B 465 44.45 -3.24 -42.37
CA PRO B 465 43.30 -3.69 -41.57
C PRO B 465 42.81 -5.09 -41.92
N LEU B 466 43.07 -5.58 -43.13
CA LEU B 466 42.56 -6.86 -43.58
C LEU B 466 43.66 -7.90 -43.60
N GLN B 467 43.35 -9.11 -43.12
CA GLN B 467 44.27 -10.23 -43.12
C GLN B 467 43.59 -11.44 -43.75
N SER B 468 44.39 -12.27 -44.42
CA SER B 468 43.86 -13.43 -45.14
C SER B 468 43.78 -14.65 -44.23
N TYR B 469 42.78 -15.48 -44.48
CA TYR B 469 42.53 -16.68 -43.68
C TYR B 469 43.41 -17.82 -44.13
N GLY B 470 43.82 -18.64 -43.16
CA GLY B 470 44.57 -19.85 -43.45
C GLY B 470 43.69 -21.09 -43.54
N PHE B 471 42.79 -21.12 -44.52
CA PHE B 471 41.89 -22.26 -44.70
C PHE B 471 42.59 -23.31 -45.55
N GLN B 472 43.18 -24.29 -44.87
CA GLN B 472 43.98 -25.33 -45.49
C GLN B 472 43.55 -26.70 -45.00
N PRO B 473 43.66 -27.73 -45.83
CA PRO B 473 43.39 -29.10 -45.36
C PRO B 473 44.35 -29.51 -44.26
N THR B 474 43.89 -30.42 -43.41
CA THR B 474 44.57 -30.96 -42.24
C THR B 474 44.71 -29.92 -41.12
N ASN B 475 44.21 -28.71 -41.30
CA ASN B 475 44.24 -27.72 -40.23
C ASN B 475 43.31 -28.14 -39.11
N GLY B 476 43.46 -27.46 -37.97
CA GLY B 476 42.57 -27.72 -36.85
C GLY B 476 41.13 -27.42 -37.18
N VAL B 477 40.22 -28.21 -36.59
CA VAL B 477 38.80 -28.00 -36.81
C VAL B 477 38.38 -26.60 -36.35
N GLY B 478 39.08 -26.05 -35.37
CA GLY B 478 38.87 -24.67 -34.98
C GLY B 478 39.45 -23.65 -35.93
N TYR B 479 40.19 -24.10 -36.94
CA TYR B 479 40.74 -23.22 -37.97
C TYR B 479 40.17 -23.50 -39.35
N GLN B 480 39.40 -24.58 -39.52
CA GLN B 480 38.80 -24.88 -40.80
C GLN B 480 37.71 -23.86 -41.13
N PRO B 481 37.45 -23.61 -42.41
CA PRO B 481 36.36 -22.71 -42.78
C PRO B 481 35.00 -23.24 -42.30
N TYR B 482 34.15 -22.32 -41.87
CA TYR B 482 32.81 -22.65 -41.38
C TYR B 482 31.80 -21.74 -42.06
N ARG B 483 30.80 -22.35 -42.69
CA ARG B 483 29.73 -21.60 -43.35
C ARG B 483 28.62 -21.33 -42.34
N VAL B 484 28.38 -20.06 -42.04
CA VAL B 484 27.44 -19.64 -41.02
C VAL B 484 26.45 -18.67 -41.66
N VAL B 485 25.18 -18.80 -41.29
CA VAL B 485 24.10 -17.95 -41.81
C VAL B 485 23.40 -17.29 -40.63
N VAL B 486 23.25 -15.97 -40.70
CA VAL B 486 22.58 -15.18 -39.66
C VAL B 486 21.20 -14.79 -40.20
N LEU B 487 20.15 -15.32 -39.57
CA LEU B 487 18.78 -15.04 -39.96
C LEU B 487 18.18 -14.03 -38.99
N SER B 488 17.88 -12.83 -39.48
CA SER B 488 17.28 -11.78 -38.67
C SER B 488 15.79 -11.69 -38.99
N PHE B 489 14.96 -11.86 -37.97
CA PHE B 489 13.51 -11.80 -38.13
C PHE B 489 13.00 -10.44 -37.71
N GLU B 490 12.12 -9.87 -38.53
CA GLU B 490 11.59 -8.54 -38.29
C GLU B 490 10.07 -8.60 -38.12
N LEU B 491 9.56 -7.83 -37.16
CA LEU B 491 8.14 -7.75 -36.88
C LEU B 491 7.72 -6.27 -36.98
N LEU B 492 7.34 -5.85 -38.17
CA LEU B 492 6.91 -4.48 -38.43
C LEU B 492 5.39 -4.40 -38.45
N HIS B 493 4.89 -3.15 -38.52
CA HIS B 493 3.46 -2.93 -38.60
C HIS B 493 2.87 -3.40 -39.93
N ALA B 494 3.72 -3.66 -40.93
CA ALA B 494 3.22 -4.05 -42.24
C ALA B 494 2.57 -5.44 -42.17
N PRO B 495 1.63 -5.72 -43.08
CA PRO B 495 1.04 -7.05 -43.13
C PRO B 495 2.09 -8.12 -43.42
N ALA B 496 1.88 -9.30 -42.85
CA ALA B 496 2.86 -10.37 -42.95
C ALA B 496 3.08 -10.78 -44.40
N THR B 497 4.33 -11.11 -44.74
CA THR B 497 4.66 -11.58 -46.11
C THR B 497 5.15 -13.03 -46.05
N VAL B 498 6.01 -13.35 -45.09
CA VAL B 498 6.50 -14.72 -44.94
C VAL B 498 5.67 -15.39 -43.85
N CYS B 499 4.92 -16.42 -44.22
CA CYS B 499 3.93 -17.00 -43.31
C CYS B 499 4.14 -18.47 -43.01
N GLY B 500 4.58 -19.28 -43.95
CA GLY B 500 4.74 -20.69 -43.73
C GLY B 500 3.47 -21.46 -44.03
N PRO B 501 3.52 -22.79 -43.94
CA PRO B 501 2.39 -23.63 -44.35
C PRO B 501 1.37 -23.84 -43.24
N LYS B 502 0.12 -23.55 -43.58
CA LYS B 502 -1.04 -23.83 -42.72
C LYS B 502 -2.29 -23.71 -43.56
N LYS B 503 -3.31 -24.47 -43.17
CA LYS B 503 -4.57 -24.51 -43.92
C LYS B 503 -5.55 -23.50 -43.34
N SER B 504 -6.12 -22.67 -44.20
CA SER B 504 -7.10 -21.68 -43.79
C SER B 504 -8.51 -22.21 -44.01
N THR B 505 -9.44 -21.74 -43.17
CA THR B 505 -10.82 -22.18 -43.18
C THR B 505 -11.73 -20.99 -43.53
N ASN B 506 -13.03 -21.20 -43.42
CA ASN B 506 -14.02 -20.17 -43.70
C ASN B 506 -14.34 -19.38 -42.43
N LEU B 507 -15.35 -18.52 -42.51
CA LEU B 507 -15.71 -17.65 -41.40
C LEU B 507 -16.97 -18.15 -40.71
N VAL B 508 -16.97 -18.07 -39.38
CA VAL B 508 -18.11 -18.44 -38.56
C VAL B 508 -18.56 -17.18 -37.81
N LYS B 509 -19.85 -16.87 -37.91
CA LYS B 509 -20.39 -15.64 -37.35
C LYS B 509 -21.23 -15.94 -36.12
N ASN B 510 -21.28 -14.96 -35.20
CA ASN B 510 -22.17 -14.98 -34.04
C ASN B 510 -21.91 -16.18 -33.14
N LYS B 511 -20.64 -16.53 -32.96
CA LYS B 511 -20.24 -17.57 -32.04
C LYS B 511 -18.94 -17.20 -31.34
N CYS B 512 -18.78 -17.69 -30.12
CA CYS B 512 -17.50 -17.57 -29.42
C CYS B 512 -16.52 -18.56 -30.05
N VAL B 513 -15.51 -18.03 -30.76
CA VAL B 513 -14.57 -18.84 -31.51
C VAL B 513 -13.16 -18.33 -31.28
N ASN B 514 -12.18 -19.15 -31.65
CA ASN B 514 -10.78 -18.80 -31.57
C ASN B 514 -10.33 -18.19 -32.89
N PHE B 515 -9.56 -17.12 -32.83
CA PHE B 515 -9.26 -16.30 -34.00
C PHE B 515 -7.80 -16.46 -34.40
N ASN B 516 -7.56 -16.51 -35.71
CA ASN B 516 -6.19 -16.44 -36.22
C ASN B 516 -6.25 -15.72 -37.57
N PHE B 517 -6.10 -14.40 -37.52
CA PHE B 517 -5.91 -13.57 -38.70
C PHE B 517 -4.50 -13.04 -38.61
N ASN B 518 -3.55 -13.76 -39.21
CA ASN B 518 -2.14 -13.47 -39.02
C ASN B 518 -1.83 -12.03 -39.38
N GLY B 519 -1.11 -11.35 -38.48
CA GLY B 519 -0.59 -11.96 -37.28
C GLY B 519 -1.39 -11.84 -35.99
N LEU B 520 -2.64 -11.37 -36.09
CA LEU B 520 -3.47 -11.15 -34.92
C LEU B 520 -4.19 -12.44 -34.53
N THR B 521 -4.18 -12.75 -33.23
CA THR B 521 -4.88 -13.89 -32.67
C THR B 521 -5.68 -13.45 -31.46
N GLY B 522 -6.74 -14.19 -31.17
CA GLY B 522 -7.60 -13.85 -30.05
C GLY B 522 -8.84 -14.72 -30.04
N THR B 523 -9.75 -14.37 -29.15
CA THR B 523 -11.05 -15.04 -29.05
C THR B 523 -12.14 -13.99 -28.90
N GLY B 524 -13.35 -14.36 -29.33
CA GLY B 524 -14.48 -13.45 -29.23
C GLY B 524 -15.60 -13.89 -30.14
N VAL B 525 -16.47 -12.93 -30.46
CA VAL B 525 -17.63 -13.15 -31.31
C VAL B 525 -17.49 -12.28 -32.55
N LEU B 526 -17.64 -12.90 -33.71
CA LEU B 526 -17.49 -12.20 -35.00
C LEU B 526 -18.86 -11.91 -35.59
N THR B 527 -19.10 -10.65 -35.94
CA THR B 527 -20.28 -10.24 -36.69
C THR B 527 -19.83 -9.45 -37.91
N GLU B 528 -20.79 -8.85 -38.61
CA GLU B 528 -20.47 -8.06 -39.79
C GLU B 528 -20.25 -6.61 -39.40
N SER B 529 -19.03 -6.13 -39.62
CA SER B 529 -18.65 -4.77 -39.25
C SER B 529 -19.07 -3.78 -40.31
N ASN B 530 -19.53 -2.60 -39.86
CA ASN B 530 -19.88 -1.51 -40.74
C ASN B 530 -18.91 -0.34 -40.62
N LYS B 531 -17.74 -0.56 -40.03
CA LYS B 531 -16.74 0.48 -39.96
C LYS B 531 -16.20 0.80 -41.35
N LYS B 532 -15.89 2.08 -41.55
CA LYS B 532 -15.43 2.58 -42.85
C LYS B 532 -13.91 2.67 -42.82
N PHE B 533 -13.26 1.53 -43.06
CA PHE B 533 -11.81 1.51 -43.15
C PHE B 533 -11.35 2.21 -44.42
N LEU B 534 -10.17 2.80 -44.34
CA LEU B 534 -9.51 3.33 -45.53
C LEU B 534 -8.78 2.18 -46.24
N PRO B 535 -8.52 2.33 -47.55
CA PRO B 535 -7.94 1.21 -48.31
C PRO B 535 -6.63 0.69 -47.74
N PHE B 536 -5.79 1.56 -47.17
CA PHE B 536 -4.54 1.14 -46.58
C PHE B 536 -4.69 0.66 -45.14
N GLN B 537 -5.90 0.70 -44.59
CA GLN B 537 -6.13 0.49 -43.17
C GLN B 537 -6.53 -0.96 -42.91
N GLN B 538 -5.91 -1.56 -41.90
CA GLN B 538 -6.08 -2.99 -41.62
C GLN B 538 -6.80 -3.29 -40.31
N PHE B 539 -6.67 -2.43 -39.30
CA PHE B 539 -7.12 -2.77 -37.96
C PHE B 539 -7.94 -1.63 -37.38
N GLY B 540 -8.81 -1.98 -36.43
CA GLY B 540 -9.52 -1.00 -35.64
C GLY B 540 -9.15 -1.14 -34.17
N ARG B 541 -9.27 -0.04 -33.43
CA ARG B 541 -8.93 -0.04 -32.01
C ARG B 541 -9.89 0.87 -31.27
N ASP B 542 -10.08 0.59 -29.98
CA ASP B 542 -11.04 1.31 -29.17
C ASP B 542 -10.34 2.38 -28.35
N ILE B 543 -11.11 3.04 -27.48
CA ILE B 543 -10.58 4.15 -26.68
C ILE B 543 -9.48 3.67 -25.76
N ALA B 544 -9.64 2.47 -25.19
CA ALA B 544 -8.64 1.89 -24.32
C ALA B 544 -7.54 1.16 -25.08
N ASP B 545 -7.37 1.46 -26.37
CA ASP B 545 -6.36 0.83 -27.22
C ASP B 545 -6.54 -0.68 -27.25
N THR B 546 -7.76 -1.11 -27.59
CA THR B 546 -8.10 -2.53 -27.67
C THR B 546 -8.71 -2.82 -29.04
N THR B 547 -8.40 -4.00 -29.57
CA THR B 547 -8.84 -4.37 -30.91
C THR B 547 -10.36 -4.34 -31.02
N ASP B 548 -10.85 -3.77 -32.12
CA ASP B 548 -12.28 -3.66 -32.37
C ASP B 548 -12.72 -4.07 -33.77
N ALA B 549 -11.80 -4.30 -34.70
CA ALA B 549 -12.16 -4.75 -36.03
C ALA B 549 -10.95 -5.36 -36.70
N VAL B 550 -11.20 -6.24 -37.68
CA VAL B 550 -10.16 -6.95 -38.40
C VAL B 550 -10.54 -6.99 -39.88
N ARG B 551 -9.53 -7.08 -40.74
CA ARG B 551 -9.74 -7.32 -42.16
C ARG B 551 -9.58 -8.80 -42.49
N ASP B 552 -10.39 -9.28 -43.41
CA ASP B 552 -10.30 -10.66 -43.85
C ASP B 552 -9.08 -10.82 -44.76
N PRO B 553 -8.14 -11.72 -44.42
CA PRO B 553 -6.94 -11.86 -45.28
C PRO B 553 -7.24 -12.28 -46.70
N GLN B 554 -8.34 -12.99 -46.96
CA GLN B 554 -8.61 -13.51 -48.29
C GLN B 554 -9.71 -12.77 -49.03
N THR B 555 -10.66 -12.16 -48.32
CA THR B 555 -11.73 -11.40 -48.95
C THR B 555 -11.67 -9.92 -48.65
N LEU B 556 -10.74 -9.47 -47.81
CA LEU B 556 -10.57 -8.04 -47.51
C LEU B 556 -11.86 -7.40 -47.01
N GLU B 557 -12.52 -8.07 -46.06
CA GLU B 557 -13.76 -7.58 -45.49
C GLU B 557 -13.58 -7.28 -44.00
N ILE B 558 -14.27 -6.26 -43.53
CA ILE B 558 -14.16 -5.82 -42.16
C ILE B 558 -15.04 -6.68 -41.27
N LEU B 559 -14.50 -7.14 -40.15
CA LEU B 559 -15.21 -8.00 -39.21
C LEU B 559 -15.25 -7.34 -37.84
N ASP B 560 -16.43 -7.32 -37.23
CA ASP B 560 -16.62 -6.74 -35.91
C ASP B 560 -16.44 -7.82 -34.85
N ILE B 561 -15.78 -7.46 -33.74
CA ILE B 561 -15.42 -8.40 -32.70
C ILE B 561 -16.02 -7.92 -31.38
N THR B 562 -16.69 -8.83 -30.67
CA THR B 562 -17.31 -8.58 -29.38
C THR B 562 -16.92 -9.70 -28.42
N PRO B 563 -16.56 -9.37 -27.19
CA PRO B 563 -16.10 -10.40 -26.25
C PRO B 563 -17.23 -11.32 -25.81
N CYS B 564 -16.84 -12.51 -25.36
CA CYS B 564 -17.78 -13.46 -24.80
C CYS B 564 -18.27 -12.98 -23.44
N SER B 565 -19.53 -13.30 -23.14
CA SER B 565 -20.14 -12.86 -21.89
C SER B 565 -19.57 -13.62 -20.71
N PHE B 566 -19.58 -12.97 -19.55
CA PHE B 566 -19.04 -13.54 -18.32
C PHE B 566 -19.67 -12.79 -17.15
N GLY B 567 -19.44 -13.32 -15.95
CA GLY B 567 -19.96 -12.71 -14.75
C GLY B 567 -19.77 -13.62 -13.55
N GLY B 568 -20.32 -13.18 -12.43
CA GLY B 568 -20.24 -13.92 -11.18
C GLY B 568 -21.45 -14.79 -10.93
N VAL B 569 -21.24 -15.82 -10.11
CA VAL B 569 -22.30 -16.75 -9.72
C VAL B 569 -22.50 -16.63 -8.22
N SER B 570 -23.75 -16.42 -7.81
CA SER B 570 -24.09 -16.30 -6.40
C SER B 570 -25.24 -17.25 -6.07
N VAL B 571 -25.24 -17.75 -4.84
CA VAL B 571 -26.18 -18.77 -4.39
C VAL B 571 -27.07 -18.16 -3.31
N ILE B 572 -28.37 -18.28 -3.48
CA ILE B 572 -29.36 -17.78 -2.52
C ILE B 572 -29.83 -18.97 -1.69
N THR B 573 -29.72 -18.85 -0.36
CA THR B 573 -30.10 -19.94 0.50
C THR B 573 -30.70 -19.44 1.81
N PRO B 574 -31.78 -20.06 2.28
CA PRO B 574 -32.14 -19.92 3.69
C PRO B 574 -31.18 -20.72 4.55
N GLY B 575 -31.40 -20.76 5.86
CA GLY B 575 -30.53 -21.55 6.71
C GLY B 575 -30.64 -23.03 6.40
N THR B 576 -29.55 -23.75 6.67
CA THR B 576 -29.58 -25.20 6.48
C THR B 576 -30.52 -25.88 7.46
N ASN B 577 -30.81 -25.24 8.59
CA ASN B 577 -31.72 -25.80 9.58
C ASN B 577 -33.13 -25.94 9.05
N THR B 578 -33.50 -25.18 8.03
CA THR B 578 -34.86 -25.15 7.52
C THR B 578 -35.04 -25.85 6.18
N SER B 579 -34.02 -25.86 5.32
CA SER B 579 -34.17 -26.43 4.00
C SER B 579 -32.79 -26.76 3.45
N ASN B 580 -32.79 -27.50 2.33
CA ASN B 580 -31.58 -27.81 1.60
C ASN B 580 -31.64 -27.39 0.14
N GLN B 581 -32.66 -26.64 -0.26
CA GLN B 581 -32.79 -26.18 -1.63
C GLN B 581 -32.35 -24.72 -1.73
N VAL B 582 -31.78 -24.38 -2.89
CA VAL B 582 -31.17 -23.08 -3.11
C VAL B 582 -31.59 -22.57 -4.49
N ALA B 583 -31.29 -21.29 -4.72
CA ALA B 583 -31.48 -20.66 -6.02
C ALA B 583 -30.17 -20.02 -6.45
N VAL B 584 -29.97 -19.94 -7.76
CA VAL B 584 -28.70 -19.50 -8.34
C VAL B 584 -28.96 -18.27 -9.21
N LEU B 585 -28.09 -17.28 -9.09
CA LEU B 585 -28.19 -16.05 -9.87
C LEU B 585 -26.95 -15.89 -10.74
N TYR B 586 -27.17 -15.62 -12.01
CA TYR B 586 -26.09 -15.34 -12.97
C TYR B 586 -26.12 -13.84 -13.26
N GLN B 587 -25.15 -13.12 -12.75
CA GLN B 587 -25.20 -11.65 -12.73
C GLN B 587 -24.91 -11.07 -14.10
N GLY B 588 -25.80 -10.18 -14.56
CA GLY B 588 -25.60 -9.49 -15.82
C GLY B 588 -25.61 -10.39 -17.03
N VAL B 589 -26.55 -11.33 -17.10
CA VAL B 589 -26.55 -12.35 -18.13
C VAL B 589 -27.91 -12.37 -18.79
N ASN B 590 -27.96 -12.89 -20.02
CA ASN B 590 -29.20 -13.09 -20.74
C ASN B 590 -29.54 -14.58 -20.73
N CYS B 591 -30.79 -14.90 -20.37
CA CYS B 591 -31.23 -16.28 -20.42
C CYS B 591 -31.35 -16.79 -21.84
N THR B 592 -31.52 -15.90 -22.81
CA THR B 592 -31.58 -16.25 -24.23
C THR B 592 -30.38 -15.60 -24.92
N GLU B 593 -29.28 -16.32 -24.97
CA GLU B 593 -29.13 -17.66 -24.40
C GLU B 593 -28.07 -17.61 -23.31
N VAL B 594 -28.23 -18.46 -22.30
CA VAL B 594 -27.26 -18.54 -21.21
C VAL B 594 -26.54 -19.88 -21.32
N PRO B 595 -25.51 -19.97 -22.17
CA PRO B 595 -24.77 -21.24 -22.28
C PRO B 595 -24.04 -21.62 -21.02
N VAL B 596 -23.74 -20.66 -20.14
CA VAL B 596 -23.02 -20.99 -18.92
C VAL B 596 -23.93 -21.71 -17.93
N ALA B 597 -25.25 -21.49 -18.01
CA ALA B 597 -26.17 -22.33 -17.25
C ALA B 597 -26.11 -23.77 -17.74
N ASN B 615 -38.84 -22.45 -13.70
CA ASN B 615 -37.83 -22.04 -12.72
C ASN B 615 -36.81 -21.08 -13.31
N VAL B 616 -37.07 -20.52 -14.48
CA VAL B 616 -36.15 -19.59 -15.14
C VAL B 616 -36.88 -18.26 -15.31
N PHE B 617 -36.24 -17.19 -14.85
CA PHE B 617 -36.82 -15.86 -14.89
C PHE B 617 -35.73 -14.85 -15.16
N GLN B 618 -36.02 -13.87 -16.02
CA GLN B 618 -35.08 -12.82 -16.35
C GLN B 618 -35.42 -11.57 -15.53
N THR B 619 -34.52 -11.18 -14.65
CA THR B 619 -34.67 -10.00 -13.81
C THR B 619 -33.71 -8.92 -14.27
N ARG B 620 -33.83 -7.73 -13.67
CA ARG B 620 -32.92 -6.65 -13.99
C ARG B 620 -31.51 -6.91 -13.48
N ALA B 621 -31.32 -7.89 -12.61
CA ALA B 621 -30.02 -8.19 -12.05
C ALA B 621 -29.33 -9.38 -12.71
N GLY B 622 -30.01 -10.10 -13.59
CA GLY B 622 -29.44 -11.23 -14.25
C GLY B 622 -30.47 -12.33 -14.41
N CYS B 623 -30.00 -13.55 -14.62
CA CYS B 623 -30.86 -14.72 -14.76
C CYS B 623 -30.97 -15.42 -13.41
N LEU B 624 -32.19 -15.66 -12.96
CA LEU B 624 -32.45 -16.32 -11.70
C LEU B 624 -33.06 -17.69 -11.95
N ILE B 625 -32.47 -18.72 -11.36
CA ILE B 625 -32.86 -20.09 -11.57
C ILE B 625 -33.21 -20.73 -10.24
N GLY B 626 -34.40 -21.31 -10.15
CA GLY B 626 -34.85 -22.00 -8.96
C GLY B 626 -35.81 -21.25 -8.07
N ALA B 627 -36.39 -20.14 -8.55
CA ALA B 627 -37.32 -19.36 -7.77
C ALA B 627 -38.59 -19.11 -8.56
N GLU B 628 -39.71 -18.96 -7.85
CA GLU B 628 -41.01 -18.75 -8.46
C GLU B 628 -41.40 -17.28 -8.33
N HIS B 629 -41.86 -16.69 -9.43
CA HIS B 629 -42.19 -15.28 -9.47
C HIS B 629 -43.63 -15.04 -9.03
N VAL B 630 -43.82 -14.04 -8.18
CA VAL B 630 -45.14 -13.61 -7.73
C VAL B 630 -45.23 -12.09 -7.90
N ASN B 631 -46.44 -11.56 -7.76
CA ASN B 631 -46.64 -10.12 -7.81
C ASN B 631 -47.37 -9.61 -6.56
N ASN B 632 -46.93 -10.06 -5.40
CA ASN B 632 -47.32 -9.47 -4.13
C ASN B 632 -46.08 -8.95 -3.44
N SER B 633 -46.11 -7.68 -3.03
CA SER B 633 -44.94 -7.03 -2.46
C SER B 633 -44.87 -7.27 -0.96
N TYR B 634 -43.65 -7.38 -0.45
CA TYR B 634 -43.41 -7.61 0.97
C TYR B 634 -42.14 -6.90 1.38
N GLU B 635 -41.81 -7.00 2.67
CA GLU B 635 -40.56 -6.44 3.16
C GLU B 635 -39.39 -7.30 2.71
N CYS B 636 -38.27 -6.65 2.43
CA CYS B 636 -37.12 -7.36 1.89
C CYS B 636 -36.54 -8.32 2.93
N ASP B 637 -36.24 -9.54 2.48
CA ASP B 637 -35.63 -10.56 3.32
C ASP B 637 -34.22 -10.91 2.87
N ILE B 638 -34.05 -11.27 1.60
CA ILE B 638 -32.73 -11.49 1.00
C ILE B 638 -32.62 -10.60 -0.22
N PRO B 639 -31.76 -9.59 -0.23
CA PRO B 639 -31.71 -8.64 -1.34
C PRO B 639 -31.00 -9.23 -2.55
N ILE B 640 -31.58 -9.04 -3.72
CA ILE B 640 -30.98 -9.47 -4.98
C ILE B 640 -30.35 -8.30 -5.73
N GLY B 641 -31.06 -7.18 -5.80
CA GLY B 641 -30.58 -6.00 -6.51
C GLY B 641 -31.66 -5.48 -7.44
N ALA B 642 -31.58 -4.17 -7.71
CA ALA B 642 -32.52 -3.48 -8.59
C ALA B 642 -33.97 -3.63 -8.11
N GLY B 643 -34.15 -3.63 -6.79
CA GLY B 643 -35.48 -3.65 -6.21
C GLY B 643 -36.11 -5.03 -6.08
N ILE B 644 -35.39 -6.09 -6.39
CA ILE B 644 -35.93 -7.45 -6.31
C ILE B 644 -35.43 -8.10 -5.03
N CYS B 645 -36.33 -8.76 -4.31
CA CYS B 645 -36.02 -9.42 -3.06
C CYS B 645 -36.58 -10.83 -3.08
N ALA B 646 -35.97 -11.71 -2.29
CA ALA B 646 -36.35 -13.13 -2.28
C ALA B 646 -36.45 -13.64 -0.85
N SER B 647 -37.35 -14.60 -0.65
CA SER B 647 -37.52 -15.23 0.65
C SER B 647 -38.10 -16.62 0.46
N TYR B 648 -37.86 -17.48 1.44
CA TYR B 648 -38.38 -18.84 1.47
C TYR B 648 -39.26 -19.01 2.69
N GLN B 649 -40.48 -19.50 2.49
CA GLN B 649 -41.44 -19.64 3.56
C GLN B 649 -42.61 -20.48 3.07
N THR B 650 -43.36 -21.04 4.03
CA THR B 650 -44.52 -21.85 3.70
C THR B 650 -45.66 -21.02 3.11
N ALA B 662 -45.45 -25.97 -0.36
CA ALA B 662 -45.03 -24.87 0.48
C ALA B 662 -43.68 -25.14 1.14
N SER B 663 -43.09 -26.30 0.91
CA SER B 663 -41.80 -26.66 1.45
C SER B 663 -40.74 -26.54 0.36
N GLN B 664 -39.58 -26.00 0.75
CA GLN B 664 -38.45 -25.77 -0.15
C GLN B 664 -38.81 -24.86 -1.32
N SER B 665 -39.83 -24.02 -1.17
CA SER B 665 -40.27 -23.13 -2.24
C SER B 665 -39.74 -21.73 -1.97
N ILE B 666 -38.96 -21.21 -2.91
CA ILE B 666 -38.35 -19.89 -2.81
C ILE B 666 -39.01 -19.00 -3.85
N ILE B 667 -39.39 -17.79 -3.44
CA ILE B 667 -40.13 -16.88 -4.30
C ILE B 667 -39.35 -15.58 -4.46
N ALA B 668 -39.63 -14.88 -5.54
CA ALA B 668 -39.01 -13.60 -5.85
C ALA B 668 -40.08 -12.55 -6.08
N TYR B 669 -39.90 -11.38 -5.48
CA TYR B 669 -40.91 -10.33 -5.53
C TYR B 669 -40.22 -8.97 -5.52
N THR B 670 -40.97 -7.94 -5.90
CA THR B 670 -40.49 -6.58 -5.81
C THR B 670 -40.69 -6.05 -4.40
N MET B 671 -39.73 -5.26 -3.92
CA MET B 671 -39.74 -4.81 -2.54
C MET B 671 -40.89 -3.84 -2.28
N SER B 672 -41.32 -3.79 -1.02
CA SER B 672 -42.35 -2.87 -0.56
C SER B 672 -41.75 -1.84 0.39
N LEU B 673 -42.23 -0.60 0.30
CA LEU B 673 -41.65 0.49 1.07
C LEU B 673 -42.35 0.73 2.40
N GLY B 674 -43.49 0.10 2.65
CA GLY B 674 -44.15 0.26 3.94
C GLY B 674 -45.65 0.22 3.89
N GLU B 675 -46.29 0.35 5.05
CA GLU B 675 -47.74 0.33 5.14
C GLU B 675 -48.31 1.72 4.83
N GLU B 676 -49.29 1.76 3.95
CA GLU B 676 -49.88 3.03 3.56
C GLU B 676 -50.67 3.64 4.72
N ASN B 677 -50.62 4.95 4.82
CA ASN B 677 -51.33 5.69 5.86
C ASN B 677 -52.16 6.78 5.22
N SER B 678 -53.35 7.00 5.77
CA SER B 678 -54.25 8.02 5.26
C SER B 678 -54.77 8.85 6.43
N VAL B 679 -54.97 10.13 6.17
CA VAL B 679 -55.45 11.07 7.19
C VAL B 679 -56.67 11.80 6.64
N ALA B 680 -57.53 12.24 7.54
CA ALA B 680 -58.69 13.03 7.16
C ALA B 680 -58.30 14.48 6.99
N TYR B 681 -58.70 15.07 5.86
CA TYR B 681 -58.27 16.40 5.47
C TYR B 681 -59.31 17.42 5.93
N SER B 682 -58.85 18.46 6.60
CA SER B 682 -59.74 19.51 7.10
C SER B 682 -58.95 20.81 7.18
N ASN B 683 -59.54 21.80 7.86
CA ASN B 683 -58.94 23.13 7.92
C ASN B 683 -58.98 23.71 9.33
N ASN B 684 -59.72 23.10 10.26
CA ASN B 684 -59.84 23.62 11.61
C ASN B 684 -59.82 22.50 12.65
N SER B 685 -59.09 21.42 12.38
CA SER B 685 -59.04 20.29 13.30
C SER B 685 -57.64 20.16 13.89
N ILE B 686 -57.57 19.53 15.06
CA ILE B 686 -56.30 19.30 15.74
C ILE B 686 -56.47 18.08 16.63
N ALA B 687 -55.39 17.32 16.79
CA ALA B 687 -55.38 16.11 17.60
C ALA B 687 -54.45 16.32 18.79
N ILE B 688 -54.92 15.96 19.97
CA ILE B 688 -54.16 16.16 21.21
C ILE B 688 -54.14 14.86 22.01
N PRO B 689 -52.97 14.39 22.44
CA PRO B 689 -52.91 13.13 23.19
C PRO B 689 -53.58 13.25 24.55
N THR B 690 -54.13 12.12 25.01
CA THR B 690 -54.76 12.05 26.32
C THR B 690 -54.07 11.04 27.24
N ASN B 691 -52.88 10.57 26.87
CA ASN B 691 -52.17 9.56 27.63
C ASN B 691 -50.71 9.57 27.20
N PHE B 692 -49.90 8.73 27.86
CA PHE B 692 -48.49 8.61 27.50
C PHE B 692 -47.97 7.27 27.99
N THR B 693 -46.81 6.89 27.47
CA THR B 693 -46.11 5.70 27.90
C THR B 693 -44.62 5.99 28.00
N ILE B 694 -43.94 5.24 28.86
CA ILE B 694 -42.50 5.37 29.05
C ILE B 694 -41.81 4.26 28.26
N SER B 695 -40.81 4.63 27.48
CA SER B 695 -40.13 3.71 26.58
C SER B 695 -38.64 3.68 26.88
N VAL B 696 -38.05 2.49 26.81
CA VAL B 696 -36.61 2.30 27.03
C VAL B 696 -36.05 1.48 25.88
N THR B 697 -34.99 2.00 25.26
CA THR B 697 -34.31 1.32 24.17
C THR B 697 -32.81 1.29 24.45
N THR B 698 -32.07 0.57 23.59
CA THR B 698 -30.65 0.37 23.78
C THR B 698 -29.87 0.84 22.56
N GLU B 699 -28.56 0.95 22.73
CA GLU B 699 -27.66 1.39 21.68
C GLU B 699 -26.25 0.92 22.01
N ILE B 700 -25.57 0.36 21.01
CA ILE B 700 -24.28 -0.29 21.20
C ILE B 700 -23.24 0.38 20.29
N ILE B 701 -22.11 0.76 20.88
CA ILE B 701 -21.07 1.48 20.14
C ILE B 701 -19.70 0.86 20.44
N PRO B 702 -18.93 0.48 19.42
CA PRO B 702 -17.56 0.04 19.66
C PRO B 702 -16.68 1.19 20.12
N VAL B 703 -15.67 0.86 20.93
CA VAL B 703 -14.78 1.85 21.52
C VAL B 703 -13.32 1.59 21.15
N SER B 704 -12.86 0.34 21.33
CA SER B 704 -11.47 0.01 21.12
C SER B 704 -11.36 -1.35 20.44
N MET B 705 -10.13 -1.73 20.11
CA MET B 705 -9.86 -3.02 19.47
C MET B 705 -8.56 -3.57 20.04
N GLN B 706 -8.20 -4.77 19.57
CA GLN B 706 -7.10 -5.52 20.17
C GLN B 706 -5.75 -4.91 19.81
N LYS B 707 -4.81 -5.00 20.75
CA LYS B 707 -3.47 -4.47 20.57
C LYS B 707 -2.52 -5.59 20.16
N VAL B 708 -1.79 -5.39 19.07
CA VAL B 708 -0.97 -6.42 18.46
C VAL B 708 0.43 -5.85 18.22
N SER B 709 1.45 -6.63 18.58
CA SER B 709 2.85 -6.29 18.32
C SER B 709 3.49 -7.41 17.52
N VAL B 710 4.34 -7.06 16.56
CA VAL B 710 4.91 -8.01 15.62
C VAL B 710 6.42 -7.80 15.56
N ASP B 711 7.16 -8.90 15.59
CA ASP B 711 8.60 -8.85 15.34
C ASP B 711 8.86 -9.01 13.84
N CYS B 712 9.44 -7.98 13.24
CA CYS B 712 9.64 -7.94 11.79
C CYS B 712 10.64 -8.99 11.31
N THR B 713 11.79 -9.10 11.98
CA THR B 713 12.82 -10.02 11.50
C THR B 713 12.46 -11.46 11.80
N MET B 714 11.84 -11.73 12.95
CA MET B 714 11.48 -13.10 13.28
C MET B 714 10.37 -13.63 12.37
N TYR B 715 9.53 -12.74 11.83
CA TYR B 715 8.51 -13.18 10.89
C TYR B 715 9.13 -13.58 9.55
N ILE B 716 10.06 -12.77 9.05
CA ILE B 716 10.63 -13.00 7.73
C ILE B 716 11.77 -14.01 7.78
N CYS B 717 12.72 -13.83 8.69
CA CYS B 717 13.93 -14.64 8.71
C CYS B 717 14.09 -15.34 10.05
N GLY B 718 13.03 -15.97 10.55
CA GLY B 718 13.03 -16.57 11.87
C GLY B 718 14.16 -17.56 12.11
N ASP B 719 15.10 -17.18 12.97
CA ASP B 719 16.22 -18.03 13.36
C ASP B 719 17.04 -18.47 12.15
N SER B 720 17.63 -17.48 11.48
CA SER B 720 18.52 -17.76 10.36
C SER B 720 19.44 -16.56 10.18
N GLU B 721 20.72 -16.82 9.93
CA GLU B 721 21.70 -15.73 9.88
C GLU B 721 21.89 -15.21 8.47
N GLU B 722 21.87 -16.08 7.46
CA GLU B 722 22.00 -15.64 6.08
C GLU B 722 20.84 -14.72 5.70
N CYS B 723 19.62 -15.11 6.07
CA CYS B 723 18.46 -14.27 5.80
C CYS B 723 18.56 -12.95 6.56
N SER B 724 19.02 -12.99 7.81
CA SER B 724 19.16 -11.77 8.59
C SER B 724 20.15 -10.81 7.96
N ASN B 725 21.28 -11.32 7.49
CA ASN B 725 22.26 -10.46 6.84
C ASN B 725 21.76 -9.93 5.50
N LEU B 726 20.97 -10.74 4.78
CA LEU B 726 20.38 -10.24 3.54
C LEU B 726 19.33 -9.17 3.80
N LEU B 727 18.67 -9.22 4.96
CA LEU B 727 17.62 -8.25 5.26
C LEU B 727 18.17 -6.84 5.45
N LEU B 728 19.40 -6.71 5.96
CA LEU B 728 19.96 -5.39 6.21
C LEU B 728 20.15 -4.58 4.92
N GLN B 729 20.11 -5.23 3.77
CA GLN B 729 20.25 -4.52 2.50
C GLN B 729 19.01 -3.70 2.17
N TYR B 730 17.89 -3.92 2.85
CA TYR B 730 16.63 -3.27 2.53
C TYR B 730 16.36 -2.04 3.38
N GLY B 731 17.32 -1.60 4.19
CA GLY B 731 17.17 -0.35 4.91
C GLY B 731 16.45 -0.47 6.24
N SER B 732 15.32 0.23 6.37
CA SER B 732 14.65 0.41 7.65
C SER B 732 13.15 0.20 7.53
N PHE B 733 12.73 -0.88 6.86
CA PHE B 733 11.31 -1.20 6.78
C PHE B 733 10.76 -1.63 8.13
N CYS B 734 11.52 -2.45 8.84
CA CYS B 734 11.04 -3.04 10.08
C CYS B 734 10.73 -1.97 11.12
N THR B 735 11.57 -0.94 11.20
CA THR B 735 11.34 0.13 12.16
C THR B 735 10.04 0.86 11.87
N GLN B 736 9.77 1.13 10.59
CA GLN B 736 8.53 1.81 10.22
C GLN B 736 7.31 0.98 10.60
N LEU B 737 7.34 -0.33 10.30
CA LEU B 737 6.21 -1.17 10.63
C LEU B 737 5.99 -1.22 12.14
N ASN B 738 7.07 -1.39 12.90
CA ASN B 738 6.95 -1.43 14.35
C ASN B 738 6.40 -0.12 14.90
N ARG B 739 6.85 1.01 14.36
CA ARG B 739 6.36 2.30 14.82
C ARG B 739 4.87 2.45 14.57
N ALA B 740 4.41 2.05 13.38
CA ALA B 740 2.98 2.18 13.08
C ALA B 740 2.15 1.34 14.04
N LEU B 741 2.57 0.09 14.27
CA LEU B 741 1.80 -0.76 15.17
C LEU B 741 1.79 -0.20 16.58
N HIS B 742 2.91 0.36 17.02
CA HIS B 742 2.98 0.94 18.36
C HIS B 742 2.04 2.14 18.50
N GLU B 743 1.97 2.99 17.47
CA GLU B 743 1.05 4.12 17.53
C GLU B 743 -0.39 3.66 17.63
N ILE B 744 -0.76 2.62 16.86
CA ILE B 744 -2.12 2.09 16.99
C ILE B 744 -2.38 1.61 18.41
N ALA B 745 -1.41 0.88 18.98
CA ALA B 745 -1.59 0.34 20.32
C ALA B 745 -1.81 1.45 21.34
N VAL B 746 -1.08 2.55 21.23
CA VAL B 746 -1.26 3.67 22.15
C VAL B 746 -2.64 4.31 21.96
N GLU B 747 -3.06 4.49 20.71
CA GLU B 747 -4.34 5.12 20.45
C GLU B 747 -5.50 4.34 21.05
N GLN B 748 -5.38 3.01 21.13
CA GLN B 748 -6.46 2.23 21.74
C GLN B 748 -6.70 2.64 23.20
N ASP B 749 -5.62 2.72 23.99
CA ASP B 749 -5.77 3.13 25.38
C ASP B 749 -6.25 4.57 25.50
N LYS B 750 -5.81 5.43 24.58
CA LYS B 750 -6.31 6.80 24.58
C LYS B 750 -7.82 6.82 24.37
N ASN B 751 -8.32 6.00 23.45
CA ASN B 751 -9.76 5.93 23.20
C ASN B 751 -10.52 5.53 24.45
N THR B 752 -10.07 4.46 25.12
CA THR B 752 -10.76 4.01 26.31
C THR B 752 -10.74 5.08 27.41
N GLN B 753 -9.59 5.72 27.61
CA GLN B 753 -9.49 6.77 28.62
C GLN B 753 -10.42 7.93 28.32
N GLU B 754 -10.51 8.33 27.05
CA GLU B 754 -11.39 9.44 26.71
C GLU B 754 -12.85 9.08 26.95
N VAL B 755 -13.25 7.85 26.64
CA VAL B 755 -14.66 7.50 26.77
C VAL B 755 -15.08 7.39 28.22
N PHE B 756 -14.30 6.65 29.03
CA PHE B 756 -14.83 6.24 30.33
C PHE B 756 -14.39 7.11 31.51
N ALA B 757 -13.18 7.66 31.50
CA ALA B 757 -12.66 8.35 32.68
C ALA B 757 -12.90 9.86 32.54
N GLN B 758 -14.18 10.23 32.58
CA GLN B 758 -14.57 11.63 32.47
C GLN B 758 -14.68 12.36 33.80
N VAL B 759 -15.16 11.69 34.85
CA VAL B 759 -15.37 12.31 36.15
C VAL B 759 -14.54 11.56 37.17
N LYS B 760 -13.78 12.28 37.97
CA LYS B 760 -12.79 11.70 38.87
C LYS B 760 -13.29 11.51 40.30
N GLN B 761 -14.58 11.74 40.56
CA GLN B 761 -15.14 11.52 41.89
C GLN B 761 -15.81 10.15 41.93
N ILE B 762 -15.57 9.41 43.01
CA ILE B 762 -16.14 8.08 43.20
C ILE B 762 -17.32 8.20 44.15
N TYR B 763 -18.50 7.80 43.68
CA TYR B 763 -19.72 7.84 44.48
C TYR B 763 -20.08 6.41 44.90
N LYS B 764 -20.37 6.24 46.18
CA LYS B 764 -20.74 4.93 46.69
C LYS B 764 -22.21 4.62 46.40
N THR B 765 -22.52 3.34 46.38
CA THR B 765 -23.89 2.90 46.18
C THR B 765 -24.75 3.35 47.36
N PRO B 766 -25.91 3.96 47.12
CA PRO B 766 -26.77 4.40 48.22
C PRO B 766 -27.20 3.24 49.09
N PRO B 767 -27.23 3.41 50.41
CA PRO B 767 -27.64 2.30 51.29
C PRO B 767 -29.14 2.13 51.37
N ILE B 768 -29.92 3.18 51.16
CA ILE B 768 -31.37 3.10 51.16
C ILE B 768 -31.84 3.15 49.71
N LYS B 769 -32.54 2.11 49.29
CA LYS B 769 -33.05 2.02 47.91
C LYS B 769 -34.49 2.55 47.84
N ASP B 770 -34.63 3.81 48.24
CA ASP B 770 -35.90 4.52 48.16
C ASP B 770 -35.79 5.64 47.12
N PHE B 771 -36.28 5.36 45.92
CA PHE B 771 -36.23 6.35 44.84
C PHE B 771 -37.62 6.69 44.34
N GLY B 772 -38.60 6.75 45.24
CA GLY B 772 -39.95 7.08 44.82
C GLY B 772 -40.67 6.00 44.06
N GLY B 773 -40.22 4.75 44.17
CA GLY B 773 -40.84 3.64 43.50
C GLY B 773 -40.15 3.17 42.24
N PHE B 774 -38.96 3.69 41.93
CA PHE B 774 -38.22 3.29 40.75
C PHE B 774 -37.21 2.20 41.12
N ASN B 775 -37.20 1.13 40.34
CA ASN B 775 -36.36 -0.03 40.59
C ASN B 775 -35.04 0.10 39.84
N PHE B 776 -33.93 0.18 40.57
CA PHE B 776 -32.60 0.28 39.97
C PHE B 776 -31.72 -0.90 40.31
N SER B 777 -32.30 -2.02 40.72
CA SER B 777 -31.49 -3.15 41.19
C SER B 777 -30.82 -3.88 40.04
N GLN B 778 -31.47 -3.95 38.88
CA GLN B 778 -30.92 -4.71 37.77
C GLN B 778 -29.78 -4.02 37.05
N ILE B 779 -29.50 -2.75 37.37
CA ILE B 779 -28.41 -2.01 36.73
C ILE B 779 -27.40 -1.49 37.73
N LEU B 780 -27.59 -1.71 39.00
CA LEU B 780 -26.58 -1.32 39.95
C LEU B 780 -25.71 -2.53 40.33
N PRO B 781 -24.48 -2.31 40.76
CA PRO B 781 -23.57 -3.43 41.02
C PRO B 781 -24.13 -4.39 42.06
N ASP B 782 -23.88 -5.68 41.86
CA ASP B 782 -24.37 -6.72 42.75
C ASP B 782 -23.37 -6.90 43.89
N PRO B 783 -23.72 -6.56 45.13
CA PRO B 783 -22.75 -6.68 46.21
C PRO B 783 -22.44 -8.11 46.61
N SER B 784 -23.24 -9.09 46.17
CA SER B 784 -23.08 -10.47 46.56
C SER B 784 -22.22 -11.28 45.59
N LYS B 785 -21.56 -10.63 44.64
CA LYS B 785 -20.73 -11.34 43.68
C LYS B 785 -19.29 -10.83 43.72
N PRO B 786 -18.30 -11.70 43.48
CA PRO B 786 -16.91 -11.23 43.47
C PRO B 786 -16.64 -10.18 42.42
N SER B 787 -17.27 -10.29 41.24
CA SER B 787 -17.14 -9.29 40.19
C SER B 787 -18.25 -8.27 40.36
N LYS B 788 -17.87 -7.01 40.60
CA LYS B 788 -18.84 -5.96 40.90
C LYS B 788 -19.52 -5.51 39.59
N ARG B 789 -20.32 -6.43 39.05
CA ARG B 789 -21.10 -6.18 37.85
C ARG B 789 -22.58 -6.26 38.16
N SER B 790 -23.37 -5.50 37.41
CA SER B 790 -24.81 -5.65 37.47
C SER B 790 -25.24 -6.90 36.70
N ALA B 791 -26.53 -7.23 36.82
CA ALA B 791 -27.05 -8.40 36.11
C ALA B 791 -26.97 -8.22 34.60
N ILE B 792 -27.30 -7.02 34.11
CA ILE B 792 -27.29 -6.79 32.67
C ILE B 792 -25.87 -6.82 32.11
N GLU B 793 -24.91 -6.29 32.87
CA GLU B 793 -23.52 -6.38 32.44
C GLU B 793 -23.05 -7.83 32.40
N ASP B 794 -23.47 -8.64 33.36
CA ASP B 794 -23.15 -10.07 33.34
C ASP B 794 -23.74 -10.75 32.12
N LEU B 795 -24.98 -10.40 31.75
CA LEU B 795 -25.57 -10.94 30.54
C LEU B 795 -24.80 -10.52 29.30
N LEU B 796 -24.37 -9.26 29.26
CA LEU B 796 -23.65 -8.75 28.09
C LEU B 796 -22.28 -9.42 27.94
N PHE B 797 -21.60 -9.67 29.06
CA PHE B 797 -20.26 -10.23 28.99
C PHE B 797 -20.23 -11.73 28.72
N ASN B 798 -21.39 -12.35 28.47
CA ASN B 798 -21.44 -13.77 28.15
C ASN B 798 -22.05 -14.01 26.76
N LYS B 799 -22.11 -12.98 25.92
CA LYS B 799 -22.61 -13.12 24.57
C LYS B 799 -21.58 -12.85 23.50
N VAL B 800 -20.43 -12.29 23.85
CA VAL B 800 -19.36 -12.00 22.90
C VAL B 800 -18.31 -13.10 23.02
N THR B 801 -18.07 -13.81 21.92
CA THR B 801 -17.06 -14.85 21.85
C THR B 801 -16.16 -14.57 20.66
N LEU B 802 -14.85 -14.79 20.84
CA LEU B 802 -14.24 -15.31 22.06
C LEU B 802 -13.61 -14.21 22.89
N GLN B 827 0.84 -19.53 17.10
CA GLN B 827 1.24 -18.42 16.25
C GLN B 827 2.30 -17.52 16.89
N LYS B 828 2.57 -17.68 18.19
CA LYS B 828 3.56 -16.83 18.83
C LYS B 828 4.93 -16.98 18.20
N PHE B 829 5.38 -18.22 17.98
CA PHE B 829 6.75 -18.45 17.51
C PHE B 829 6.94 -17.93 16.08
N ASN B 830 5.88 -17.35 15.51
CA ASN B 830 5.98 -16.61 14.27
C ASN B 830 6.25 -15.14 14.50
N GLY B 831 6.43 -14.73 15.76
CA GLY B 831 6.73 -13.35 16.09
C GLY B 831 5.55 -12.47 16.41
N LEU B 832 4.37 -13.05 16.59
CA LEU B 832 3.15 -12.28 16.82
C LEU B 832 2.76 -12.36 18.29
N THR B 833 2.47 -11.21 18.89
CA THR B 833 2.15 -11.12 20.30
C THR B 833 0.98 -10.16 20.50
N VAL B 834 0.11 -10.49 21.45
CA VAL B 834 -0.99 -9.63 21.86
C VAL B 834 -0.76 -9.20 23.30
N LEU B 835 -0.80 -7.89 23.55
CA LEU B 835 -0.49 -7.38 24.87
C LEU B 835 -1.72 -6.75 25.51
N PRO B 836 -1.83 -6.80 26.83
CA PRO B 836 -3.11 -6.50 27.50
C PRO B 836 -3.39 -5.01 27.57
N PRO B 837 -4.65 -4.63 27.71
CA PRO B 837 -4.99 -3.21 27.85
C PRO B 837 -4.60 -2.67 29.21
N LEU B 838 -4.52 -1.34 29.28
CA LEU B 838 -4.07 -0.68 30.49
C LEU B 838 -5.12 -0.77 31.60
N LEU B 839 -6.39 -0.59 31.27
CA LEU B 839 -7.47 -0.65 32.25
C LEU B 839 -8.15 -2.01 32.18
N THR B 840 -8.22 -2.69 33.32
CA THR B 840 -8.91 -3.97 33.38
C THR B 840 -10.41 -3.76 33.32
N ASP B 841 -11.15 -4.87 33.17
CA ASP B 841 -12.61 -4.78 33.08
C ASP B 841 -13.23 -4.33 34.39
N GLU B 842 -12.62 -4.69 35.52
CA GLU B 842 -13.13 -4.25 36.81
C GLU B 842 -13.07 -2.73 36.95
N MET B 843 -11.98 -2.13 36.47
CA MET B 843 -11.86 -0.67 36.53
C MET B 843 -12.91 0.01 35.65
N ILE B 844 -13.17 -0.54 34.46
CA ILE B 844 -14.21 0.01 33.60
C ILE B 844 -15.56 -0.07 34.29
N ALA B 845 -15.85 -1.22 34.90
CA ALA B 845 -17.12 -1.40 35.61
C ALA B 845 -17.23 -0.42 36.78
N ALA B 846 -16.12 -0.19 37.49
CA ALA B 846 -16.14 0.74 38.60
C ALA B 846 -16.41 2.17 38.13
N TYR B 847 -15.78 2.57 37.03
CA TYR B 847 -16.04 3.90 36.47
C TYR B 847 -17.51 4.05 36.09
N THR B 848 -18.06 3.04 35.41
CA THR B 848 -19.47 3.10 35.00
C THR B 848 -20.39 3.17 36.20
N SER B 849 -20.11 2.35 37.23
CA SER B 849 -20.95 2.33 38.42
C SER B 849 -20.91 3.67 39.15
N ALA B 850 -19.72 4.24 39.30
CA ALA B 850 -19.60 5.55 39.96
C ALA B 850 -20.37 6.61 39.19
N LEU B 851 -20.26 6.60 37.86
CA LEU B 851 -20.96 7.57 37.04
C LEU B 851 -22.47 7.44 37.23
N LEU B 852 -22.99 6.21 37.14
CA LEU B 852 -24.43 6.00 37.27
C LEU B 852 -24.93 6.39 38.64
N ALA B 853 -24.23 5.97 39.70
CA ALA B 853 -24.68 6.29 41.05
C ALA B 853 -24.66 7.79 41.30
N GLY B 854 -23.61 8.47 40.85
CA GLY B 854 -23.56 9.92 41.02
C GLY B 854 -24.67 10.62 40.29
N THR B 855 -24.96 10.19 39.06
CA THR B 855 -26.06 10.78 38.31
C THR B 855 -27.39 10.57 39.02
N ILE B 856 -27.61 9.37 39.56
CA ILE B 856 -28.88 9.08 40.20
C ILE B 856 -29.05 9.88 41.48
N THR B 857 -27.99 10.00 42.28
CA THR B 857 -28.15 10.59 43.60
C THR B 857 -28.03 12.10 43.61
N ALA B 858 -27.10 12.67 42.83
CA ALA B 858 -26.81 14.09 42.94
C ALA B 858 -27.66 14.96 42.01
N GLY B 859 -28.41 14.36 41.10
CA GLY B 859 -29.29 15.15 40.23
C GLY B 859 -28.51 16.14 39.39
N TRP B 860 -28.97 17.39 39.39
CA TRP B 860 -28.33 18.45 38.61
C TRP B 860 -27.12 19.06 39.30
N THR B 861 -26.81 18.65 40.52
CA THR B 861 -25.61 19.12 41.19
C THR B 861 -24.36 18.38 40.68
N PHE B 862 -24.34 17.06 40.89
CA PHE B 862 -23.26 16.17 40.47
C PHE B 862 -21.86 16.75 40.68
N GLY B 863 -21.19 17.11 39.59
CA GLY B 863 -19.77 17.43 39.62
C GLY B 863 -19.42 18.72 40.31
N ALA B 864 -20.41 19.55 40.65
CA ALA B 864 -20.13 20.84 41.27
C ALA B 864 -19.63 20.71 42.71
N GLY B 865 -19.63 19.52 43.29
CA GLY B 865 -19.19 19.34 44.65
C GLY B 865 -20.27 19.75 45.65
N ALA B 866 -19.94 19.53 46.93
CA ALA B 866 -20.87 19.80 48.03
C ALA B 866 -22.20 19.09 47.79
N ALA B 867 -22.13 17.85 47.32
CA ALA B 867 -23.32 17.15 46.87
C ALA B 867 -24.18 16.71 48.04
N LEU B 868 -25.49 16.80 47.85
CA LEU B 868 -26.48 16.32 48.79
C LEU B 868 -27.52 15.50 48.05
N GLN B 869 -28.14 14.57 48.75
CA GLN B 869 -29.12 13.69 48.13
C GLN B 869 -30.34 14.50 47.72
N ILE B 870 -30.50 14.69 46.41
CA ILE B 870 -31.68 15.34 45.84
C ILE B 870 -32.72 14.27 45.56
N PRO B 871 -33.98 14.46 45.99
CA PRO B 871 -35.00 13.43 45.74
C PRO B 871 -35.16 13.16 44.26
N PHE B 872 -35.38 11.89 43.92
CA PHE B 872 -35.43 11.48 42.52
C PHE B 872 -36.65 12.06 41.81
N ALA B 873 -37.80 12.10 42.48
CA ALA B 873 -39.00 12.62 41.86
C ALA B 873 -38.84 14.08 41.46
N MET B 874 -38.05 14.84 42.23
CA MET B 874 -37.77 16.22 41.83
C MET B 874 -37.00 16.27 40.52
N GLN B 875 -36.03 15.37 40.34
CA GLN B 875 -35.31 15.29 39.08
C GLN B 875 -36.25 14.93 37.94
N MET B 876 -37.13 13.95 38.16
CA MET B 876 -38.05 13.55 37.11
C MET B 876 -38.99 14.68 36.72
N ALA B 877 -39.49 15.42 37.72
CA ALA B 877 -40.35 16.56 37.42
C ALA B 877 -39.59 17.65 36.66
N TYR B 878 -38.36 17.93 37.07
CA TYR B 878 -37.56 18.95 36.41
C TYR B 878 -37.27 18.58 34.96
N ARG B 879 -37.08 17.29 34.68
CA ARG B 879 -36.86 16.88 33.29
C ARG B 879 -38.16 16.79 32.51
N PHE B 880 -39.28 16.52 33.18
CA PHE B 880 -40.58 16.65 32.53
C PHE B 880 -40.81 18.08 32.08
N ASN B 881 -40.40 19.05 32.89
CA ASN B 881 -40.57 20.45 32.53
C ASN B 881 -39.81 20.81 31.26
N GLY B 882 -38.71 20.11 30.99
CA GLY B 882 -37.90 20.43 29.82
C GLY B 882 -38.45 19.93 28.51
N ILE B 883 -39.50 19.12 28.54
CA ILE B 883 -40.14 18.64 27.32
C ILE B 883 -41.28 19.55 26.90
N GLY B 884 -42.01 20.11 27.86
CA GLY B 884 -43.18 20.91 27.57
C GLY B 884 -44.39 20.44 28.34
N VAL B 885 -44.16 19.68 29.40
CA VAL B 885 -45.21 19.14 30.25
C VAL B 885 -45.00 19.64 31.67
N THR B 886 -46.07 20.08 32.31
CA THR B 886 -45.99 20.63 33.65
C THR B 886 -45.76 19.52 34.68
N GLN B 887 -45.25 19.91 35.84
CA GLN B 887 -44.84 18.95 36.85
C GLN B 887 -46.01 18.20 37.47
N ASN B 888 -47.19 18.81 37.49
CA ASN B 888 -48.32 18.16 38.14
C ASN B 888 -48.67 16.84 37.46
N VAL B 889 -48.37 16.70 36.17
CA VAL B 889 -48.62 15.43 35.50
C VAL B 889 -47.81 14.31 36.15
N LEU B 890 -46.52 14.55 36.37
CA LEU B 890 -45.70 13.54 37.04
C LEU B 890 -46.16 13.34 38.48
N TYR B 891 -46.41 14.43 39.21
CA TYR B 891 -46.76 14.28 40.62
C TYR B 891 -48.12 13.63 40.82
N GLU B 892 -48.96 13.59 39.79
CA GLU B 892 -50.24 12.91 39.89
C GLU B 892 -50.27 11.55 39.19
N ASN B 893 -49.23 11.21 38.41
CA ASN B 893 -49.17 9.88 37.82
C ASN B 893 -47.90 9.11 38.18
N GLN B 894 -47.25 9.46 39.29
CA GLN B 894 -45.99 8.86 39.69
C GLN B 894 -46.03 7.33 39.72
N LYS B 895 -47.08 6.76 40.31
CA LYS B 895 -47.11 5.31 40.49
C LYS B 895 -47.18 4.60 39.14
N LEU B 896 -48.04 5.07 38.24
CA LEU B 896 -48.13 4.48 36.92
C LEU B 896 -46.82 4.64 36.16
N ILE B 897 -46.18 5.81 36.28
CA ILE B 897 -44.91 6.03 35.59
C ILE B 897 -43.86 5.04 36.07
N ALA B 898 -43.77 4.84 37.38
CA ALA B 898 -42.79 3.90 37.92
C ALA B 898 -43.08 2.48 37.47
N ASN B 899 -44.36 2.10 37.43
CA ASN B 899 -44.72 0.77 36.97
C ASN B 899 -44.27 0.54 35.53
N GLN B 900 -44.53 1.51 34.66
CA GLN B 900 -44.11 1.37 33.26
C GLN B 900 -42.60 1.28 33.14
N PHE B 901 -41.87 2.09 33.91
CA PHE B 901 -40.41 2.06 33.88
C PHE B 901 -39.89 0.68 34.27
N ASN B 902 -40.40 0.13 35.37
CA ASN B 902 -39.95 -1.18 35.83
C ASN B 902 -40.25 -2.26 34.81
N LYS B 903 -41.45 -2.21 34.21
CA LYS B 903 -41.80 -3.21 33.19
C LYS B 903 -40.87 -3.13 32.00
N ALA B 904 -40.53 -1.91 31.55
CA ALA B 904 -39.63 -1.77 30.41
C ALA B 904 -38.25 -2.33 30.73
N ILE B 905 -37.74 -2.06 31.93
CA ILE B 905 -36.43 -2.60 32.31
C ILE B 905 -36.45 -4.13 32.28
N GLY B 906 -37.49 -4.73 32.87
CA GLY B 906 -37.61 -6.17 32.84
C GLY B 906 -37.68 -6.73 31.43
N LYS B 907 -38.41 -6.03 30.55
CA LYS B 907 -38.51 -6.47 29.16
C LYS B 907 -37.14 -6.47 28.49
N ILE B 908 -36.34 -5.44 28.74
CA ILE B 908 -35.00 -5.39 28.15
C ILE B 908 -34.16 -6.55 28.67
N GLN B 909 -34.25 -6.83 29.97
CA GLN B 909 -33.50 -7.96 30.53
C GLN B 909 -33.87 -9.27 29.85
N ASP B 910 -35.17 -9.52 29.70
CA ASP B 910 -35.60 -10.76 29.05
C ASP B 910 -35.13 -10.82 27.60
N GLY B 911 -35.25 -9.71 26.88
CA GLY B 911 -34.81 -9.68 25.49
C GLY B 911 -33.33 -9.99 25.35
N LEU B 912 -32.52 -9.48 26.26
CA LEU B 912 -31.10 -9.84 26.26
C LEU B 912 -30.90 -11.31 26.60
N SER B 913 -31.71 -11.85 27.52
CA SER B 913 -31.52 -13.23 27.93
C SER B 913 -31.90 -14.21 26.82
N SER B 914 -32.78 -13.81 25.91
CA SER B 914 -33.20 -14.73 24.86
C SER B 914 -32.42 -14.56 23.56
N THR B 915 -32.44 -13.36 22.98
CA THR B 915 -31.82 -13.11 21.68
C THR B 915 -30.30 -13.18 21.79
N ALA B 916 -29.66 -13.66 20.72
CA ALA B 916 -28.20 -13.78 20.68
C ALA B 916 -27.52 -12.83 19.70
N SER B 917 -28.26 -12.24 18.76
CA SER B 917 -27.68 -11.40 17.73
C SER B 917 -27.72 -9.91 18.07
N ALA B 918 -27.80 -9.57 19.36
CA ALA B 918 -27.86 -8.16 19.74
C ALA B 918 -26.52 -7.46 19.52
N LEU B 919 -25.41 -8.16 19.73
CA LEU B 919 -24.08 -7.57 19.76
C LEU B 919 -23.30 -7.83 18.47
N GLY B 920 -23.97 -7.82 17.32
CA GLY B 920 -23.25 -7.99 16.07
C GLY B 920 -22.24 -6.88 15.81
N LYS B 921 -22.54 -5.67 16.26
CA LYS B 921 -21.61 -4.56 16.10
C LYS B 921 -20.27 -4.87 16.79
N LEU B 922 -20.32 -5.41 18.00
CA LEU B 922 -19.10 -5.76 18.71
C LEU B 922 -18.48 -7.05 18.18
N GLN B 923 -19.28 -7.95 17.61
CA GLN B 923 -18.73 -9.19 17.09
C GLN B 923 -17.96 -8.98 15.79
N ASP B 924 -18.38 -8.00 14.98
CA ASP B 924 -17.76 -7.80 13.68
C ASP B 924 -16.29 -7.41 13.80
N VAL B 925 -15.95 -6.57 14.78
CA VAL B 925 -14.58 -6.11 14.93
C VAL B 925 -13.67 -7.30 15.27
N VAL B 926 -14.11 -8.14 16.21
CA VAL B 926 -13.34 -9.31 16.58
C VAL B 926 -13.16 -10.23 15.38
N ASN B 927 -14.22 -10.46 14.62
CA ASN B 927 -14.12 -11.34 13.46
C ASN B 927 -13.14 -10.80 12.44
N GLN B 928 -13.18 -9.50 12.17
CA GLN B 928 -12.29 -8.91 11.18
C GLN B 928 -10.83 -9.02 11.62
N ASN B 929 -10.55 -8.70 12.89
CA ASN B 929 -9.17 -8.79 13.36
C ASN B 929 -8.66 -10.22 13.31
N ALA B 930 -9.48 -11.18 13.73
CA ALA B 930 -9.07 -12.58 13.70
C ALA B 930 -8.80 -13.03 12.26
N GLN B 931 -9.65 -12.64 11.33
CA GLN B 931 -9.45 -13.03 9.94
C GLN B 931 -8.15 -12.44 9.38
N ALA B 932 -7.87 -11.18 9.71
CA ALA B 932 -6.63 -10.56 9.25
C ALA B 932 -5.42 -11.31 9.78
N LEU B 933 -5.41 -11.65 11.06
CA LEU B 933 -4.28 -12.38 11.63
C LEU B 933 -4.14 -13.76 11.00
N ASN B 934 -5.27 -14.44 10.76
CA ASN B 934 -5.21 -15.76 10.15
C ASN B 934 -4.63 -15.70 8.75
N THR B 935 -5.03 -14.70 7.96
CA THR B 935 -4.47 -14.55 6.62
C THR B 935 -2.97 -14.26 6.68
N LEU B 936 -2.56 -13.39 7.61
CA LEU B 936 -1.14 -13.11 7.75
C LEU B 936 -0.34 -14.37 8.08
N VAL B 937 -0.89 -15.21 8.95
CA VAL B 937 -0.18 -16.44 9.32
C VAL B 937 -0.13 -17.41 8.14
N LYS B 938 -1.24 -17.56 7.42
CA LYS B 938 -1.28 -18.51 6.31
C LYS B 938 -0.38 -18.09 5.17
N GLN B 939 -0.13 -16.80 5.00
CA GLN B 939 0.79 -16.38 3.94
C GLN B 939 2.23 -16.85 4.16
N LEU B 940 2.52 -17.55 5.26
CA LEU B 940 3.88 -18.00 5.57
C LEU B 940 4.21 -19.34 4.94
N SER B 941 3.25 -20.01 4.32
CA SER B 941 3.49 -21.30 3.69
C SER B 941 3.53 -21.23 2.18
N SER B 942 3.52 -20.03 1.61
CA SER B 942 3.55 -19.89 0.16
C SER B 942 4.96 -20.08 -0.37
N ASN B 943 5.05 -20.38 -1.66
CA ASN B 943 6.31 -20.70 -2.30
C ASN B 943 6.98 -19.50 -2.96
N PHE B 944 6.19 -18.64 -3.62
CA PHE B 944 6.70 -17.43 -4.27
C PHE B 944 7.74 -17.75 -5.34
N GLY B 945 7.64 -18.92 -5.96
CA GLY B 945 8.53 -19.29 -7.04
C GLY B 945 9.85 -19.90 -6.62
N ALA B 946 10.09 -20.08 -5.32
CA ALA B 946 11.29 -20.76 -4.87
C ALA B 946 11.07 -22.27 -4.93
N ILE B 947 12.10 -23.04 -4.53
CA ILE B 947 11.96 -24.49 -4.57
C ILE B 947 11.17 -24.99 -3.37
N SER B 948 11.18 -24.25 -2.26
CA SER B 948 10.47 -24.67 -1.06
C SER B 948 10.16 -23.45 -0.21
N SER B 949 9.25 -23.63 0.74
CA SER B 949 8.82 -22.57 1.64
C SER B 949 9.44 -22.69 3.03
N VAL B 950 10.57 -23.38 3.16
CA VAL B 950 11.28 -23.55 4.41
C VAL B 950 12.71 -23.08 4.24
N LEU B 951 13.17 -22.23 5.16
CA LEU B 951 14.54 -21.72 5.07
C LEU B 951 15.55 -22.77 5.47
N ASN B 952 15.21 -23.59 6.47
CA ASN B 952 16.13 -24.64 6.92
C ASN B 952 16.40 -25.65 5.80
N ASP B 953 15.36 -26.02 5.06
CA ASP B 953 15.53 -26.97 3.96
C ASP B 953 16.52 -26.42 2.93
N ILE B 954 16.29 -25.20 2.46
CA ILE B 954 17.15 -24.66 1.41
C ILE B 954 18.55 -24.37 1.93
N LEU B 955 18.68 -24.04 3.22
CA LEU B 955 20.01 -23.86 3.78
C LEU B 955 20.75 -25.19 3.92
N SER B 956 20.02 -26.27 4.18
CA SER B 956 20.65 -27.58 4.31
C SER B 956 20.87 -28.27 2.97
N ARG B 957 20.26 -27.78 1.89
CA ARG B 957 20.42 -28.44 0.60
C ARG B 957 21.36 -27.71 -0.36
N LEU B 958 21.20 -26.40 -0.53
CA LEU B 958 21.90 -25.69 -1.58
C LEU B 958 23.09 -24.90 -1.04
N ASP B 959 23.95 -24.49 -1.96
CA ASP B 959 25.09 -23.64 -1.70
C ASP B 959 24.67 -22.18 -1.59
N PRO B 960 25.44 -21.36 -0.88
CA PRO B 960 25.06 -19.96 -0.65
C PRO B 960 24.79 -19.18 -1.93
N PRO B 961 25.58 -19.34 -3.01
CA PRO B 961 25.38 -18.45 -4.17
C PRO B 961 23.98 -18.48 -4.79
N GLU B 962 23.28 -19.61 -4.78
CA GLU B 962 21.91 -19.68 -5.30
C GLU B 962 20.86 -19.65 -4.19
N ALA B 963 21.23 -20.14 -3.00
CA ALA B 963 20.39 -19.95 -1.83
C ALA B 963 20.08 -18.48 -1.63
N GLU B 964 21.04 -17.60 -1.95
CA GLU B 964 20.78 -16.17 -1.82
C GLU B 964 19.65 -15.72 -2.73
N VAL B 965 19.63 -16.18 -3.97
CA VAL B 965 18.58 -15.78 -4.91
C VAL B 965 17.21 -16.24 -4.41
N GLN B 966 17.11 -17.51 -4.01
CA GLN B 966 15.80 -18.01 -3.64
C GLN B 966 15.33 -17.44 -2.30
N ILE B 967 16.26 -17.21 -1.37
CA ILE B 967 15.94 -16.53 -0.13
C ILE B 967 15.46 -15.12 -0.41
N ASP B 968 16.05 -14.46 -1.41
CA ASP B 968 15.58 -13.13 -1.81
C ASP B 968 14.14 -13.16 -2.26
N ARG B 969 13.78 -14.16 -3.07
CA ARG B 969 12.38 -14.29 -3.50
C ARG B 969 11.45 -14.43 -2.29
N LEU B 970 11.81 -15.32 -1.36
CA LEU B 970 11.00 -15.51 -0.16
C LEU B 970 10.87 -14.22 0.63
N ILE B 971 11.98 -13.49 0.79
CA ILE B 971 11.99 -12.25 1.55
C ILE B 971 11.02 -11.25 0.94
N ASN B 972 11.03 -11.12 -0.38
CA ASN B 972 10.12 -10.18 -1.03
C ASN B 972 8.67 -10.54 -0.75
N GLY B 973 8.33 -11.83 -0.86
CA GLY B 973 6.96 -12.22 -0.59
C GLY B 973 6.51 -11.88 0.83
N ARG B 974 7.36 -12.22 1.81
CA ARG B 974 7.00 -11.96 3.20
C ARG B 974 6.85 -10.46 3.46
N LEU B 975 7.72 -9.65 2.88
CA LEU B 975 7.63 -8.20 3.05
C LEU B 975 6.31 -7.66 2.52
N GLN B 976 5.89 -8.13 1.33
CA GLN B 976 4.61 -7.68 0.79
C GLN B 976 3.45 -8.03 1.72
N ALA B 977 3.46 -9.25 2.25
CA ALA B 977 2.38 -9.64 3.16
C ALA B 977 2.30 -8.73 4.38
N LEU B 978 3.46 -8.46 4.99
CA LEU B 978 3.47 -7.60 6.17
C LEU B 978 2.97 -6.19 5.85
N ASN B 979 3.39 -5.65 4.71
CA ASN B 979 2.96 -4.30 4.32
C ASN B 979 1.45 -4.23 4.21
N THR B 980 0.85 -5.21 3.53
CA THR B 980 -0.60 -5.20 3.36
C THR B 980 -1.32 -5.24 4.72
N TYR B 981 -0.86 -6.12 5.61
CA TYR B 981 -1.48 -6.22 6.92
C TYR B 981 -1.44 -4.88 7.65
N VAL B 982 -0.27 -4.25 7.68
CA VAL B 982 -0.12 -3.02 8.46
C VAL B 982 -1.01 -1.91 7.90
N THR B 983 -1.06 -1.76 6.57
CA THR B 983 -1.86 -0.69 6.00
C THR B 983 -3.34 -0.86 6.33
N GLN B 984 -3.86 -2.07 6.19
CA GLN B 984 -5.28 -2.25 6.45
C GLN B 984 -5.60 -2.06 7.94
N GLN B 985 -4.68 -2.46 8.82
CA GLN B 985 -4.87 -2.19 10.23
C GLN B 985 -4.95 -0.69 10.51
N LEU B 986 -4.11 0.11 9.83
CA LEU B 986 -4.14 1.56 10.03
C LEU B 986 -5.51 2.13 9.67
N ILE B 987 -6.06 1.71 8.53
CA ILE B 987 -7.37 2.24 8.12
C ILE B 987 -8.45 1.84 9.13
N ARG B 988 -8.45 0.59 9.55
CA ARG B 988 -9.46 0.13 10.51
C ARG B 988 -9.36 0.89 11.83
N ALA B 989 -8.12 1.21 12.26
CA ALA B 989 -7.95 1.98 13.49
C ALA B 989 -8.54 3.37 13.36
N ALA B 990 -8.38 4.00 12.20
CA ALA B 990 -9.01 5.31 11.99
C ALA B 990 -10.53 5.23 12.16
N GLU B 991 -11.14 4.21 11.56
CA GLU B 991 -12.59 4.06 11.72
C GLU B 991 -13.00 3.88 13.17
N ILE B 992 -12.26 3.04 13.90
CA ILE B 992 -12.59 2.80 15.31
C ILE B 992 -12.46 4.08 16.12
N ARG B 993 -11.47 4.91 15.80
CA ARG B 993 -11.30 6.17 16.52
C ARG B 993 -12.50 7.10 16.29
N ALA B 994 -13.01 7.14 15.06
CA ALA B 994 -14.21 7.95 14.83
C ALA B 994 -15.37 7.44 15.69
N SER B 995 -15.54 6.12 15.76
CA SER B 995 -16.62 5.57 16.58
C SER B 995 -16.46 5.94 18.05
N ALA B 996 -15.22 5.90 18.56
CA ALA B 996 -14.98 6.24 19.96
C ALA B 996 -15.29 7.71 20.24
N ASN B 997 -14.96 8.60 19.30
CA ASN B 997 -15.32 10.00 19.47
C ASN B 997 -16.83 10.17 19.57
N LEU B 998 -17.57 9.47 18.72
CA LEU B 998 -19.02 9.53 18.81
C LEU B 998 -19.50 9.05 20.18
N ALA B 999 -18.90 7.97 20.70
CA ALA B 999 -19.32 7.44 21.99
C ALA B 999 -19.09 8.45 23.11
N ALA B 1000 -17.93 9.11 23.09
CA ALA B 1000 -17.65 10.10 24.14
C ALA B 1000 -18.62 11.26 24.09
N GLU B 1001 -18.91 11.76 22.88
CA GLU B 1001 -19.88 12.83 22.75
C GLU B 1001 -21.25 12.39 23.26
N LYS B 1002 -21.65 11.17 22.92
CA LYS B 1002 -22.94 10.65 23.38
C LYS B 1002 -22.99 10.59 24.89
N MET B 1003 -21.93 10.12 25.52
CA MET B 1003 -21.92 10.03 26.98
C MET B 1003 -22.08 11.41 27.61
N SER B 1004 -21.27 12.37 27.16
CA SER B 1004 -21.29 13.67 27.80
C SER B 1004 -22.59 14.43 27.53
N GLU B 1005 -23.26 14.16 26.41
CA GLU B 1005 -24.46 14.92 26.08
C GLU B 1005 -25.76 14.24 26.49
N CYS B 1006 -25.76 12.93 26.74
CA CYS B 1006 -26.98 12.24 27.11
C CYS B 1006 -26.99 11.75 28.56
N VAL B 1007 -25.84 11.39 29.13
CA VAL B 1007 -25.85 10.89 30.50
C VAL B 1007 -25.79 12.04 31.51
N LEU B 1008 -25.10 13.12 31.19
CA LEU B 1008 -24.89 14.22 32.11
C LEU B 1008 -25.81 15.42 31.83
N GLY B 1009 -26.84 15.24 31.03
CA GLY B 1009 -27.76 16.33 30.75
C GLY B 1009 -28.88 15.88 29.84
N GLN B 1010 -29.78 16.82 29.55
CA GLN B 1010 -30.87 16.59 28.62
C GLN B 1010 -30.50 17.11 27.24
N SER B 1011 -30.92 16.39 26.21
CA SER B 1011 -30.59 16.74 24.83
C SER B 1011 -31.85 17.14 24.09
N LYS B 1012 -31.79 18.28 23.40
CA LYS B 1012 -32.89 18.74 22.57
C LYS B 1012 -32.77 18.32 21.12
N ARG B 1013 -31.65 17.72 20.73
CA ARG B 1013 -31.46 17.27 19.35
C ARG B 1013 -32.38 16.09 19.07
N VAL B 1014 -33.07 16.14 17.93
CA VAL B 1014 -34.05 15.13 17.60
C VAL B 1014 -33.34 13.82 17.23
N ASP B 1015 -33.77 12.73 17.86
CA ASP B 1015 -33.31 11.37 17.55
C ASP B 1015 -31.82 11.17 17.85
N PHE B 1016 -31.22 12.05 18.65
CA PHE B 1016 -29.85 11.82 19.08
C PHE B 1016 -29.74 10.84 20.23
N CYS B 1017 -30.82 10.64 20.98
CA CYS B 1017 -30.84 9.77 22.15
C CYS B 1017 -32.04 8.84 22.10
N GLY B 1018 -32.28 8.22 20.95
CA GLY B 1018 -33.45 7.37 20.79
C GLY B 1018 -34.63 8.12 20.19
N LYS B 1019 -35.73 7.40 20.04
CA LYS B 1019 -36.92 7.94 19.41
C LYS B 1019 -37.86 8.52 20.46
N GLY B 1020 -38.28 9.76 20.25
CA GLY B 1020 -39.18 10.43 21.16
C GLY B 1020 -38.52 11.63 21.82
N TYR B 1021 -39.08 12.01 22.98
CA TYR B 1021 -38.56 13.10 23.77
C TYR B 1021 -37.66 12.53 24.87
N HIS B 1022 -36.42 12.99 24.91
CA HIS B 1022 -35.42 12.40 25.79
C HIS B 1022 -35.65 12.81 27.24
N LEU B 1023 -35.58 11.83 28.15
CA LEU B 1023 -35.67 12.09 29.58
C LEU B 1023 -34.37 11.77 30.32
N MET B 1024 -33.90 10.53 30.23
CA MET B 1024 -32.69 10.09 30.92
C MET B 1024 -32.01 9.01 30.08
N SER B 1025 -30.75 8.72 30.44
CA SER B 1025 -30.05 7.60 29.85
C SER B 1025 -29.01 7.10 30.84
N PHE B 1026 -28.77 5.79 30.81
CA PHE B 1026 -27.84 5.15 31.73
C PHE B 1026 -26.81 4.33 30.95
N PRO B 1027 -25.55 4.40 31.35
CA PRO B 1027 -24.50 3.62 30.67
C PRO B 1027 -24.26 2.26 31.30
N GLN B 1028 -23.85 1.32 30.44
CA GLN B 1028 -23.43 -0.01 30.86
C GLN B 1028 -22.23 -0.42 30.03
N SER B 1029 -21.33 -1.18 30.64
CA SER B 1029 -20.08 -1.55 29.98
C SER B 1029 -20.21 -2.89 29.28
N ALA B 1030 -19.52 -3.00 28.15
CA ALA B 1030 -19.53 -4.20 27.31
C ALA B 1030 -18.10 -4.45 26.84
N PRO B 1031 -17.80 -5.66 26.40
CA PRO B 1031 -16.44 -5.95 25.91
C PRO B 1031 -16.09 -5.07 24.71
N HIS B 1032 -15.06 -4.24 24.89
CA HIS B 1032 -14.59 -3.31 23.86
C HIS B 1032 -15.67 -2.36 23.39
N GLY B 1033 -16.58 -1.97 24.28
CA GLY B 1033 -17.65 -1.09 23.86
C GLY B 1033 -18.41 -0.55 25.05
N VAL B 1034 -19.55 0.07 24.75
CA VAL B 1034 -20.42 0.68 25.76
C VAL B 1034 -21.86 0.56 25.28
N VAL B 1035 -22.77 0.45 26.23
CA VAL B 1035 -24.20 0.29 25.95
C VAL B 1035 -24.96 1.39 26.68
N PHE B 1036 -25.86 2.07 25.97
CA PHE B 1036 -26.68 3.12 26.53
C PHE B 1036 -28.14 2.67 26.60
N LEU B 1037 -28.83 3.11 27.64
CA LEU B 1037 -30.24 2.79 27.85
C LEU B 1037 -31.03 4.09 27.90
N HIS B 1038 -31.70 4.43 26.81
CA HIS B 1038 -32.39 5.71 26.68
C HIS B 1038 -33.83 5.59 27.18
N VAL B 1039 -34.26 6.56 27.96
CA VAL B 1039 -35.63 6.65 28.46
C VAL B 1039 -36.31 7.83 27.79
N THR B 1040 -37.47 7.59 27.19
CA THR B 1040 -38.15 8.60 26.39
C THR B 1040 -39.63 8.67 26.75
N TYR B 1041 -40.27 9.73 26.26
CA TYR B 1041 -41.68 9.99 26.49
C TYR B 1041 -42.43 9.88 25.17
N VAL B 1042 -43.49 9.08 25.15
CA VAL B 1042 -44.24 8.80 23.92
C VAL B 1042 -45.74 9.01 24.13
N PRO B 1043 -46.34 10.01 23.51
CA PRO B 1043 -47.80 10.17 23.61
C PRO B 1043 -48.52 9.05 22.87
N THR B 1044 -49.64 8.60 23.44
CA THR B 1044 -50.30 7.41 22.90
C THR B 1044 -51.69 7.65 22.33
N GLN B 1045 -52.61 8.18 23.14
CA GLN B 1045 -54.03 8.16 22.75
C GLN B 1045 -54.50 9.54 22.32
N TYR B 1046 -54.81 9.67 21.03
CA TYR B 1046 -55.14 10.95 20.42
C TYR B 1046 -56.65 11.09 20.31
N LYS B 1047 -57.14 12.32 20.44
CA LYS B 1047 -58.55 12.63 20.26
C LYS B 1047 -58.71 13.85 19.37
N ASN B 1048 -59.87 13.97 18.75
CA ASN B 1048 -60.16 15.03 17.81
C ASN B 1048 -60.76 16.26 18.49
N PHE B 1049 -60.47 17.43 17.92
CA PHE B 1049 -60.98 18.69 18.43
C PHE B 1049 -61.09 19.69 17.29
N THR B 1050 -61.72 20.82 17.58
CA THR B 1050 -61.78 21.95 16.66
C THR B 1050 -60.99 23.10 17.28
N THR B 1051 -60.22 23.80 16.45
CA THR B 1051 -59.30 24.81 16.94
C THR B 1051 -59.47 26.10 16.15
N ALA B 1052 -58.95 27.19 16.72
CA ALA B 1052 -59.02 28.51 16.13
C ALA B 1052 -57.73 29.23 16.45
N PRO B 1053 -57.32 30.20 15.63
CA PRO B 1053 -56.08 30.93 15.90
C PRO B 1053 -56.23 32.05 16.92
N ALA B 1054 -57.42 32.63 17.05
CA ALA B 1054 -57.61 33.77 17.93
C ALA B 1054 -59.07 33.85 18.35
N ILE B 1055 -59.30 34.60 19.43
CA ILE B 1055 -60.63 34.82 19.99
C ILE B 1055 -60.90 36.33 19.99
N CYS B 1056 -62.07 36.72 19.47
CA CYS B 1056 -62.51 38.11 19.49
C CYS B 1056 -63.60 38.26 20.54
N HIS B 1057 -63.40 39.19 21.48
CA HIS B 1057 -64.26 39.30 22.64
C HIS B 1057 -65.13 40.56 22.62
N ASN B 1058 -64.52 41.74 22.56
CA ASN B 1058 -65.27 42.99 22.52
C ASN B 1058 -64.59 43.97 21.57
N GLY B 1059 -64.19 43.50 20.41
CA GLY B 1059 -63.44 44.31 19.48
C GLY B 1059 -61.94 44.15 19.57
N LYS B 1060 -61.45 43.23 20.40
CA LYS B 1060 -60.03 42.95 20.53
C LYS B 1060 -59.77 41.49 20.21
N ALA B 1061 -58.56 41.21 19.73
CA ALA B 1061 -58.15 39.84 19.41
C ALA B 1061 -57.27 39.30 20.52
N HIS B 1062 -57.51 38.05 20.91
CA HIS B 1062 -56.79 37.40 21.99
C HIS B 1062 -56.03 36.20 21.45
N PHE B 1063 -54.75 36.11 21.78
CA PHE B 1063 -53.90 34.99 21.45
C PHE B 1063 -53.45 34.28 22.72
N PRO B 1064 -53.24 32.96 22.69
CA PRO B 1064 -52.83 32.26 23.90
C PRO B 1064 -51.38 32.57 24.25
N ARG B 1065 -51.12 32.70 25.55
CA ARG B 1065 -49.74 32.85 26.01
C ARG B 1065 -48.95 31.58 25.75
N GLU B 1066 -49.54 30.43 26.04
CA GLU B 1066 -48.96 29.14 25.70
C GLU B 1066 -50.08 28.18 25.36
N GLY B 1067 -49.84 27.34 24.37
CA GLY B 1067 -50.82 26.34 23.99
C GLY B 1067 -51.72 26.78 22.85
N VAL B 1068 -52.87 26.11 22.77
CA VAL B 1068 -53.80 26.29 21.66
C VAL B 1068 -55.21 26.46 22.19
N PHE B 1069 -56.05 27.15 21.41
CA PHE B 1069 -57.47 27.21 21.71
C PHE B 1069 -58.15 25.97 21.16
N VAL B 1070 -58.96 25.33 22.01
CA VAL B 1070 -59.54 24.03 21.69
C VAL B 1070 -61.02 24.05 22.05
N SER B 1071 -61.84 23.46 21.17
CA SER B 1071 -63.28 23.39 21.35
C SER B 1071 -63.73 21.94 21.31
N ASN B 1072 -64.61 21.57 22.25
CA ASN B 1072 -65.19 20.23 22.28
C ASN B 1072 -66.64 20.21 21.81
N GLY B 1073 -67.05 21.21 21.04
CA GLY B 1073 -68.37 21.26 20.46
C GLY B 1073 -69.17 22.49 20.87
N THR B 1074 -69.16 22.81 22.16
CA THR B 1074 -69.86 23.99 22.66
C THR B 1074 -68.92 25.00 23.31
N HIS B 1075 -68.08 24.55 24.25
CA HIS B 1075 -67.21 25.44 25.00
C HIS B 1075 -65.83 25.50 24.37
N TRP B 1076 -65.09 26.55 24.72
CA TRP B 1076 -63.73 26.77 24.26
C TRP B 1076 -62.80 26.83 25.45
N PHE B 1077 -61.71 26.07 25.39
CA PHE B 1077 -60.71 26.03 26.45
C PHE B 1077 -59.33 26.30 25.86
N VAL B 1078 -58.32 26.24 26.71
CA VAL B 1078 -56.92 26.37 26.30
C VAL B 1078 -56.11 25.30 27.01
N THR B 1079 -55.33 24.54 26.25
CA THR B 1079 -54.51 23.46 26.77
C THR B 1079 -53.08 23.63 26.28
N GLN B 1080 -52.21 22.73 26.73
CA GLN B 1080 -50.89 22.60 26.12
C GLN B 1080 -50.90 21.47 25.11
N ARG B 1081 -49.94 21.51 24.19
CA ARG B 1081 -49.99 20.66 23.01
C ARG B 1081 -49.78 19.19 23.33
N ASN B 1082 -48.95 18.87 24.32
CA ASN B 1082 -48.51 17.50 24.53
C ASN B 1082 -49.34 16.74 25.56
N PHE B 1083 -50.32 17.38 26.20
CA PHE B 1083 -51.17 16.68 27.14
C PHE B 1083 -52.47 17.46 27.29
N TYR B 1084 -53.58 16.75 27.32
CA TYR B 1084 -54.89 17.39 27.34
C TYR B 1084 -55.24 17.80 28.77
N GLU B 1085 -55.36 19.10 29.00
CA GLU B 1085 -55.70 19.64 30.33
C GLU B 1085 -56.46 20.93 30.14
N PRO B 1086 -57.75 20.85 29.84
CA PRO B 1086 -58.52 22.07 29.53
C PRO B 1086 -58.70 22.96 30.74
N GLN B 1087 -58.88 24.25 30.46
CA GLN B 1087 -59.14 25.24 31.51
C GLN B 1087 -59.83 26.43 30.87
N ILE B 1088 -60.37 27.30 31.73
CA ILE B 1088 -61.19 28.41 31.27
C ILE B 1088 -60.31 29.49 30.66
N ILE B 1089 -60.78 30.07 29.55
CA ILE B 1089 -60.06 31.16 28.89
C ILE B 1089 -60.32 32.45 29.66
N THR B 1090 -59.28 32.99 30.27
CA THR B 1090 -59.37 34.23 31.03
C THR B 1090 -58.41 35.25 30.43
N THR B 1091 -58.30 36.40 31.09
CA THR B 1091 -57.34 37.42 30.69
C THR B 1091 -55.95 37.16 31.27
N ASP B 1092 -55.77 36.09 32.03
CA ASP B 1092 -54.46 35.71 32.52
C ASP B 1092 -53.78 34.68 31.62
N ASN B 1093 -54.54 33.97 30.79
CA ASN B 1093 -53.99 33.01 29.85
C ASN B 1093 -53.64 33.61 28.50
N THR B 1094 -54.10 34.83 28.21
CA THR B 1094 -54.00 35.39 26.87
C THR B 1094 -53.36 36.76 26.92
N PHE B 1095 -53.08 37.29 25.73
CA PHE B 1095 -52.64 38.67 25.56
C PHE B 1095 -53.34 39.26 24.35
N VAL B 1096 -53.39 40.58 24.30
CA VAL B 1096 -54.22 41.32 23.34
C VAL B 1096 -53.33 42.00 22.32
N SER B 1097 -53.76 41.99 21.06
CA SER B 1097 -53.05 42.69 19.99
C SER B 1097 -53.99 42.92 18.83
N GLY B 1098 -54.26 44.19 18.52
CA GLY B 1098 -54.95 44.54 17.29
C GLY B 1098 -56.46 44.39 17.33
N ASP B 1099 -57.05 44.57 16.15
CA ASP B 1099 -58.49 44.47 15.95
C ASP B 1099 -58.85 43.12 15.34
N CYS B 1100 -60.16 42.88 15.25
CA CYS B 1100 -60.69 41.59 14.78
C CYS B 1100 -60.98 41.62 13.28
N ASP B 1101 -60.03 42.05 12.46
CA ASP B 1101 -60.26 42.05 11.01
C ASP B 1101 -59.04 41.66 10.18
N VAL B 1102 -57.93 41.29 10.79
CA VAL B 1102 -56.72 40.95 10.03
C VAL B 1102 -56.48 39.45 10.10
N VAL B 1103 -56.85 38.83 11.24
CA VAL B 1103 -56.62 37.41 11.43
C VAL B 1103 -57.63 36.61 10.62
N ILE B 1104 -57.14 35.59 9.93
CA ILE B 1104 -57.98 34.71 9.12
C ILE B 1104 -58.43 33.54 9.98
N GLY B 1105 -59.73 33.42 10.19
CA GLY B 1105 -60.28 32.34 11.00
C GLY B 1105 -60.57 32.68 12.44
N ILE B 1106 -60.82 33.95 12.77
CA ILE B 1106 -61.05 34.34 14.15
C ILE B 1106 -62.44 33.91 14.61
N VAL B 1107 -62.57 33.67 15.90
CA VAL B 1107 -63.89 33.23 16.46
C VAL B 1107 -64.50 34.44 17.15
N ASN B 1108 -65.60 34.25 17.87
CA ASN B 1108 -66.28 35.38 18.49
C ASN B 1108 -66.52 35.25 20.00
N ASN B 1109 -66.10 34.16 20.65
CA ASN B 1109 -66.51 34.00 22.04
C ASN B 1109 -65.55 33.10 22.80
N THR B 1110 -65.25 33.45 24.05
CA THR B 1110 -65.52 34.65 24.85
C THR B 1110 -64.55 34.65 26.04
N VAL B 1111 -64.08 35.83 26.45
CA VAL B 1111 -62.99 35.97 27.41
C VAL B 1111 -63.57 36.41 28.75
N TYR B 1112 -63.17 35.72 29.80
CA TYR B 1112 -63.66 35.96 31.16
C TYR B 1112 -62.64 36.73 31.98
N ASP B 1113 -63.13 37.56 32.90
CA ASP B 1113 -62.30 38.40 33.75
C ASP B 1113 -62.34 37.87 35.19
N PRO B 1114 -61.20 37.48 35.77
CA PRO B 1114 -61.20 36.97 37.14
C PRO B 1114 -61.21 38.03 38.23
N LEU B 1115 -61.54 39.28 37.91
CA LEU B 1115 -61.50 40.37 38.88
C LEU B 1115 -62.88 40.84 39.30
N GLN B 1116 -63.88 40.74 38.42
CA GLN B 1116 -65.19 41.31 38.72
C GLN B 1116 -65.84 40.75 39.98
N PRO B 1117 -65.83 39.44 40.27
CA PRO B 1117 -66.41 38.98 41.54
C PRO B 1117 -65.76 39.60 42.76
N GLU B 1118 -64.45 39.83 42.72
CA GLU B 1118 -63.78 40.49 43.84
C GLU B 1118 -64.22 41.94 43.98
N LEU B 1119 -64.30 42.67 42.87
CA LEU B 1119 -64.71 44.07 42.92
C LEU B 1119 -66.15 44.21 43.40
N ASP B 1120 -67.01 43.26 43.02
CA ASP B 1120 -68.41 43.30 43.46
C ASP B 1120 -68.53 43.18 44.97
N SER B 1121 -67.74 42.29 45.57
CA SER B 1121 -67.81 42.05 47.01
C SER B 1121 -66.95 43.05 47.77
N ALA C 1 14.35 32.92 -50.45
CA ALA C 1 13.03 33.33 -49.98
C ALA C 1 12.55 32.43 -48.85
N TYR C 2 11.74 32.98 -47.95
CA TYR C 2 11.20 32.25 -46.82
C TYR C 2 9.75 32.62 -46.61
N THR C 3 8.93 31.66 -46.20
CA THR C 3 7.53 31.88 -45.89
C THR C 3 7.16 31.08 -44.64
N ASN C 4 5.87 31.07 -44.33
CA ASN C 4 5.36 30.44 -43.11
C ASN C 4 4.74 29.09 -43.42
N SER C 5 5.13 28.08 -42.66
CA SER C 5 4.61 26.73 -42.86
C SER C 5 3.20 26.55 -42.32
N PHE C 6 2.77 27.40 -41.39
CA PHE C 6 1.45 27.28 -40.75
C PHE C 6 1.24 25.90 -40.16
N THR C 7 0.24 25.17 -40.65
CA THR C 7 -0.11 23.87 -40.10
C THR C 7 -0.10 22.79 -41.18
N ARG C 8 0.96 22.77 -41.98
CA ARG C 8 1.06 21.83 -43.10
C ARG C 8 2.06 20.72 -42.77
N GLY C 9 1.75 19.52 -43.25
CA GLY C 9 2.63 18.38 -43.11
C GLY C 9 2.22 17.32 -42.12
N VAL C 10 0.93 17.10 -41.94
CA VAL C 10 0.43 16.07 -41.02
C VAL C 10 0.03 14.85 -41.83
N TYR C 11 0.54 13.68 -41.44
CA TYR C 11 0.26 12.44 -42.14
C TYR C 11 -0.21 11.38 -41.15
N TYR C 12 -0.92 10.39 -41.68
CA TYR C 12 -1.38 9.27 -40.85
C TYR C 12 -0.17 8.44 -40.45
N PRO C 13 0.10 8.27 -39.15
CA PRO C 13 1.33 7.59 -38.72
C PRO C 13 1.22 6.07 -38.60
N ASP C 14 0.04 5.48 -38.81
CA ASP C 14 -0.13 4.06 -38.60
C ASP C 14 -1.34 3.59 -39.39
N LYS C 15 -1.44 2.27 -39.56
CA LYS C 15 -2.50 1.64 -40.32
C LYS C 15 -3.69 1.25 -39.45
N VAL C 16 -3.85 1.87 -38.29
CA VAL C 16 -4.89 1.51 -37.34
C VAL C 16 -6.04 2.50 -37.44
N PHE C 17 -7.25 2.00 -37.59
CA PHE C 17 -8.44 2.85 -37.64
C PHE C 17 -8.82 3.29 -36.23
N ARG C 18 -9.15 4.57 -36.09
CA ARG C 18 -9.62 5.14 -34.83
C ARG C 18 -10.74 6.12 -35.14
N SER C 19 -11.58 6.40 -34.15
CA SER C 19 -12.71 7.28 -34.37
C SER C 19 -13.10 7.95 -33.07
N SER C 20 -13.35 9.26 -33.14
CA SER C 20 -13.83 10.06 -32.01
C SER C 20 -12.94 9.88 -30.78
N VAL C 21 -11.68 10.28 -30.93
CA VAL C 21 -10.69 10.11 -29.85
C VAL C 21 -9.54 11.08 -30.11
N LEU C 22 -8.90 11.53 -29.04
CA LEU C 22 -7.69 12.32 -29.12
C LEU C 22 -6.51 11.42 -28.75
N HIS C 23 -5.63 11.18 -29.73
CA HIS C 23 -4.55 10.22 -29.57
C HIS C 23 -3.21 10.96 -29.63
N SER C 24 -2.34 10.65 -28.66
CA SER C 24 -1.01 11.24 -28.59
C SER C 24 0.01 10.29 -29.20
N THR C 25 0.88 10.82 -30.06
CA THR C 25 1.85 10.01 -30.78
C THR C 25 3.17 10.75 -30.85
N GLN C 26 4.22 10.02 -31.23
CA GLN C 26 5.53 10.59 -31.47
C GLN C 26 6.06 10.05 -32.79
N ASP C 27 6.55 10.96 -33.63
CA ASP C 27 7.07 10.61 -34.95
C ASP C 27 7.85 11.82 -35.47
N LEU C 28 8.39 11.68 -36.68
CA LEU C 28 9.07 12.79 -37.33
C LEU C 28 8.03 13.66 -38.03
N PHE C 29 7.89 14.90 -37.57
CA PHE C 29 6.90 15.82 -38.09
C PHE C 29 7.56 17.14 -38.47
N LEU C 30 6.86 17.90 -39.29
CA LEU C 30 7.28 19.25 -39.61
C LEU C 30 6.76 20.20 -38.53
N PRO C 31 7.63 20.87 -37.78
CA PRO C 31 7.16 21.72 -36.68
C PRO C 31 6.24 22.82 -37.15
N PHE C 32 5.27 23.17 -36.30
CA PHE C 32 4.29 24.17 -36.63
C PHE C 32 4.93 25.55 -36.74
N PHE C 33 4.42 26.35 -37.69
CA PHE C 33 4.85 27.74 -37.87
C PHE C 33 6.36 27.84 -38.07
N SER C 34 6.91 26.97 -38.91
CA SER C 34 8.32 27.03 -39.24
C SER C 34 8.53 27.81 -40.54
N ASN C 35 9.73 28.36 -40.67
CA ASN C 35 10.09 29.16 -41.84
C ASN C 35 10.62 28.22 -42.92
N VAL C 36 9.79 27.95 -43.92
CA VAL C 36 10.10 26.96 -44.96
C VAL C 36 10.94 27.63 -46.04
N THR C 37 11.86 26.86 -46.63
CA THR C 37 12.68 27.36 -47.71
C THR C 37 11.87 27.42 -48.99
N TRP C 38 11.94 28.55 -49.69
CA TRP C 38 11.25 28.76 -50.95
C TRP C 38 12.28 28.89 -52.06
N PHE C 39 12.12 28.11 -53.12
CA PHE C 39 13.12 27.99 -54.16
C PHE C 39 12.54 28.31 -55.53
N HIS C 40 13.37 28.93 -56.36
CA HIS C 40 13.15 29.01 -57.81
C HIS C 40 14.26 28.19 -58.46
N ALA C 41 13.93 26.95 -58.82
CA ALA C 41 14.94 26.09 -59.44
C ALA C 41 15.46 26.71 -60.73
N ILE C 42 14.56 27.17 -61.59
CA ILE C 42 14.91 27.98 -62.75
C ILE C 42 13.98 29.18 -62.77
N HIS C 43 14.56 30.38 -62.84
CA HIS C 43 13.80 31.61 -62.93
C HIS C 43 13.99 32.19 -64.32
N ARG C 52 18.12 31.77 -65.78
CA ARG C 52 18.75 31.74 -64.47
C ARG C 52 18.24 30.50 -63.72
N PHE C 53 19.18 29.68 -63.25
CA PHE C 53 18.81 28.41 -62.64
C PHE C 53 19.71 28.15 -61.44
N ASP C 54 19.10 27.69 -60.36
CA ASP C 54 19.83 27.25 -59.18
C ASP C 54 19.04 26.09 -58.58
N ASN C 55 19.41 24.86 -58.95
CA ASN C 55 18.73 23.64 -58.53
C ASN C 55 19.79 22.74 -57.91
N PRO C 56 20.20 23.02 -56.68
CA PRO C 56 21.38 22.36 -56.10
C PRO C 56 21.01 21.04 -55.44
N VAL C 57 22.02 20.40 -54.85
CA VAL C 57 21.85 19.15 -54.14
C VAL C 57 21.66 19.47 -52.66
N LEU C 58 20.45 19.29 -52.17
CA LEU C 58 20.03 19.60 -50.81
C LEU C 58 20.20 18.40 -49.88
N PRO C 59 20.64 18.63 -48.65
CA PRO C 59 20.75 17.52 -47.70
C PRO C 59 19.38 16.95 -47.37
N PHE C 60 19.36 15.65 -47.06
CA PHE C 60 18.11 14.98 -46.75
C PHE C 60 17.81 14.94 -45.25
N ASN C 61 18.87 14.85 -44.45
CA ASN C 61 18.73 14.83 -42.96
C ASN C 61 17.84 13.64 -42.56
N ASP C 62 16.73 13.92 -41.85
CA ASP C 62 15.85 12.87 -41.38
C ASP C 62 14.57 12.74 -42.19
N GLY C 63 14.42 13.52 -43.25
CA GLY C 63 13.23 13.48 -44.06
C GLY C 63 12.97 14.83 -44.70
N VAL C 64 12.11 14.83 -45.71
CA VAL C 64 11.82 16.02 -46.50
C VAL C 64 10.32 16.15 -46.69
N TYR C 65 9.79 17.33 -46.42
CA TYR C 65 8.43 17.68 -46.79
C TYR C 65 8.48 18.49 -48.08
N PHE C 66 7.89 17.96 -49.14
CA PHE C 66 7.94 18.57 -50.46
C PHE C 66 6.54 18.96 -50.88
N ALA C 67 6.39 20.22 -51.32
CA ALA C 67 5.11 20.71 -51.79
C ALA C 67 5.36 21.71 -52.91
N SER C 68 4.48 21.71 -53.91
CA SER C 68 4.63 22.62 -55.04
C SER C 68 3.27 22.83 -55.69
N THR C 69 3.17 23.91 -56.44
CA THR C 69 1.95 24.26 -57.17
C THR C 69 2.33 24.50 -58.62
N GLU C 70 1.85 23.64 -59.52
CA GLU C 70 2.23 23.70 -60.93
C GLU C 70 1.08 23.18 -61.78
N LYS C 71 1.16 23.50 -63.08
CA LYS C 71 0.17 23.05 -64.05
C LYS C 71 0.79 22.37 -65.26
N SER C 72 1.97 22.80 -65.69
CA SER C 72 2.59 22.27 -66.90
C SER C 72 3.37 20.98 -66.65
N ASN C 73 3.32 20.43 -65.44
CA ASN C 73 4.02 19.19 -65.09
C ASN C 73 5.52 19.30 -65.38
N ILE C 74 6.10 20.46 -65.06
CA ILE C 74 7.53 20.63 -65.21
C ILE C 74 8.29 19.72 -64.27
N ILE C 75 7.73 19.46 -63.09
CA ILE C 75 8.32 18.53 -62.13
C ILE C 75 7.86 17.13 -62.49
N ARG C 76 8.82 16.21 -62.67
CA ARG C 76 8.52 14.85 -63.08
C ARG C 76 9.16 13.78 -62.21
N GLY C 77 10.06 14.15 -61.30
CA GLY C 77 10.68 13.14 -60.46
C GLY C 77 11.71 13.75 -59.54
N TRP C 78 12.50 12.89 -58.92
CA TRP C 78 13.52 13.32 -57.98
C TRP C 78 14.73 12.40 -58.09
N ILE C 79 15.87 12.90 -57.63
CA ILE C 79 17.11 12.14 -57.59
C ILE C 79 17.49 11.96 -56.12
N PHE C 80 17.64 10.71 -55.70
CA PHE C 80 18.03 10.39 -54.33
C PHE C 80 19.37 9.66 -54.34
N GLY C 81 20.25 10.07 -53.45
CA GLY C 81 21.52 9.39 -53.30
C GLY C 81 22.51 10.23 -52.51
N THR C 82 23.62 9.58 -52.15
CA THR C 82 24.69 10.19 -51.39
C THR C 82 25.76 10.80 -52.29
N THR C 83 26.30 10.01 -53.24
CA THR C 83 27.31 10.49 -54.16
C THR C 83 26.75 10.95 -55.49
N LEU C 84 25.59 10.42 -55.89
CA LEU C 84 24.93 10.80 -57.14
C LEU C 84 25.82 10.53 -58.35
N ASP C 85 26.52 9.41 -58.33
CA ASP C 85 27.31 8.98 -59.49
C ASP C 85 27.21 7.46 -59.58
N SER C 86 28.05 6.86 -60.43
CA SER C 86 28.02 5.42 -60.63
C SER C 86 28.81 4.66 -59.58
N LYS C 87 29.45 5.35 -58.65
CA LYS C 87 30.25 4.66 -57.64
C LYS C 87 29.37 3.81 -56.71
N THR C 88 28.23 4.34 -56.29
CA THR C 88 27.36 3.63 -55.35
C THR C 88 25.90 3.82 -55.75
N GLN C 89 25.02 3.17 -55.00
CA GLN C 89 23.61 3.13 -55.33
C GLN C 89 22.97 4.51 -55.26
N SER C 90 21.89 4.68 -56.03
CA SER C 90 21.11 5.90 -56.01
C SER C 90 19.70 5.57 -56.49
N LEU C 91 18.72 6.35 -56.05
CA LEU C 91 17.32 6.11 -56.36
C LEU C 91 16.86 7.10 -57.42
N LEU C 92 16.13 6.59 -58.42
CA LEU C 92 15.59 7.40 -59.50
C LEU C 92 14.11 7.09 -59.64
N ILE C 93 13.27 8.13 -59.54
CA ILE C 93 11.83 8.02 -59.71
C ILE C 93 11.40 8.99 -60.79
N VAL C 94 10.64 8.51 -61.77
CA VAL C 94 10.17 9.33 -62.88
C VAL C 94 8.66 9.19 -62.98
N ASN C 95 7.97 10.32 -62.98
CA ASN C 95 6.52 10.35 -63.17
C ASN C 95 6.22 10.44 -64.66
N ASN C 96 5.97 9.29 -65.27
CA ASN C 96 5.61 9.20 -66.67
C ASN C 96 4.22 9.77 -66.89
N ALA C 97 3.83 9.89 -68.16
CA ALA C 97 2.46 10.26 -68.49
C ALA C 97 1.51 9.06 -68.41
N THR C 98 2.04 7.86 -68.21
CA THR C 98 1.23 6.65 -68.13
C THR C 98 1.50 5.80 -66.90
N ASN C 99 2.63 5.95 -66.23
CA ASN C 99 3.00 5.07 -65.13
C ASN C 99 4.06 5.78 -64.28
N VAL C 100 4.70 5.02 -63.39
CA VAL C 100 5.84 5.48 -62.62
C VAL C 100 6.97 4.48 -62.79
N VAL C 101 8.14 4.97 -63.17
CA VAL C 101 9.33 4.16 -63.28
C VAL C 101 10.14 4.37 -62.01
N ILE C 102 10.07 3.40 -61.11
CA ILE C 102 10.77 3.46 -59.83
C ILE C 102 11.87 2.41 -59.89
N LYS C 103 13.13 2.87 -59.88
CA LYS C 103 14.26 1.98 -60.00
C LYS C 103 15.45 2.58 -59.27
N VAL C 104 16.03 1.82 -58.35
CA VAL C 104 17.09 2.29 -57.48
C VAL C 104 18.37 1.54 -57.80
N CYS C 105 19.37 2.26 -58.30
CA CYS C 105 20.59 1.64 -58.79
C CYS C 105 21.54 2.71 -59.30
N GLU C 106 22.77 2.29 -59.56
CA GLU C 106 23.88 3.22 -59.81
C GLU C 106 23.65 4.03 -61.07
N PHE C 107 23.98 5.33 -61.01
CA PHE C 107 23.71 6.28 -62.08
C PHE C 107 24.80 7.36 -62.07
N GLN C 108 25.72 7.30 -63.03
CA GLN C 108 26.72 8.36 -63.20
C GLN C 108 25.99 9.58 -63.75
N PHE C 109 25.59 10.47 -62.84
CA PHE C 109 24.64 11.52 -63.17
C PHE C 109 25.32 12.68 -63.88
N CYS C 110 24.52 13.47 -64.59
CA CYS C 110 25.02 14.63 -65.30
C CYS C 110 25.03 15.86 -64.38
N ASN C 111 25.83 16.86 -64.77
CA ASN C 111 25.93 18.08 -63.98
C ASN C 111 24.62 18.85 -63.97
N ASP C 112 23.84 18.77 -65.03
CA ASP C 112 22.53 19.42 -65.12
C ASP C 112 21.49 18.37 -65.49
N PRO C 113 21.12 17.52 -64.54
CA PRO C 113 20.22 16.41 -64.87
C PRO C 113 18.80 16.88 -65.09
N PHE C 114 18.17 16.32 -66.13
CA PHE C 114 16.81 16.66 -66.54
C PHE C 114 16.38 15.71 -67.64
N LEU C 115 15.08 15.44 -67.69
CA LEU C 115 14.55 14.58 -68.74
C LEU C 115 14.63 15.28 -70.08
N GLY C 116 15.13 14.58 -71.09
CA GLY C 116 15.19 15.16 -72.42
C GLY C 116 13.86 15.06 -73.12
N VAL C 117 13.13 16.16 -73.17
CA VAL C 117 11.77 16.20 -73.69
C VAL C 117 11.64 17.43 -74.59
N GLU C 130 15.30 11.75 -75.26
CA GLU C 130 16.67 11.48 -74.87
C GLU C 130 16.79 11.59 -73.36
N PHE C 131 17.94 11.14 -72.84
CA PHE C 131 18.22 11.13 -71.41
C PHE C 131 19.40 12.06 -71.11
N ARG C 132 19.11 13.30 -70.78
CA ARG C 132 20.11 14.20 -70.21
C ARG C 132 20.19 14.06 -68.70
N VAL C 133 19.39 13.17 -68.12
CA VAL C 133 19.42 12.98 -66.67
C VAL C 133 20.78 12.43 -66.24
N TYR C 134 21.25 11.40 -66.92
CA TYR C 134 22.47 10.69 -66.53
C TYR C 134 23.25 10.30 -67.77
N SER C 135 24.53 10.03 -67.57
CA SER C 135 25.41 9.56 -68.63
C SER C 135 25.39 8.04 -68.77
N SER C 136 25.53 7.33 -67.65
CA SER C 136 25.60 5.87 -67.70
C SER C 136 24.92 5.27 -66.48
N ALA C 137 24.43 4.04 -66.64
CA ALA C 137 23.82 3.28 -65.55
C ALA C 137 24.22 1.82 -65.71
N ASN C 138 24.43 1.15 -64.59
CA ASN C 138 24.94 -0.22 -64.61
C ASN C 138 24.75 -0.83 -63.23
N ASN C 139 24.96 -2.15 -63.16
CA ASN C 139 24.93 -2.90 -61.90
C ASN C 139 23.63 -2.64 -61.14
N CYS C 140 22.52 -2.76 -61.85
CA CYS C 140 21.29 -2.12 -61.44
C CYS C 140 20.34 -3.16 -60.85
N THR C 141 19.79 -2.86 -59.67
CA THR C 141 19.29 -3.89 -58.77
C THR C 141 17.78 -3.99 -58.65
N PHE C 142 17.03 -2.89 -58.79
CA PHE C 142 15.60 -2.94 -58.50
C PHE C 142 14.84 -2.11 -59.52
N GLU C 143 13.59 -2.52 -59.78
CA GLU C 143 12.74 -1.85 -60.75
C GLU C 143 11.28 -2.10 -60.38
N TYR C 144 10.46 -1.07 -60.54
CA TYR C 144 9.05 -1.15 -60.15
C TYR C 144 8.28 -0.20 -61.06
N VAL C 145 7.18 -0.68 -61.65
CA VAL C 145 6.27 0.14 -62.43
C VAL C 145 4.88 0.02 -61.82
N SER C 146 4.17 1.14 -61.71
CA SER C 146 2.87 1.16 -61.08
C SER C 146 2.03 2.29 -61.69
N PHE C 160 -4.77 27.51 -61.10
CA PHE C 160 -5.21 26.19 -61.50
C PHE C 160 -5.62 25.31 -60.31
N LYS C 161 -5.41 25.78 -59.08
CA LYS C 161 -5.78 25.04 -57.87
C LYS C 161 -5.25 23.61 -57.91
N ASN C 162 -3.96 23.48 -58.18
CA ASN C 162 -3.29 22.18 -58.24
C ASN C 162 -2.11 22.21 -57.27
N LEU C 163 -2.39 21.89 -56.01
CA LEU C 163 -1.37 21.84 -54.97
C LEU C 163 -1.07 20.39 -54.64
N ARG C 164 0.19 20.01 -54.73
CA ARG C 164 0.62 18.63 -54.51
C ARG C 164 1.62 18.60 -53.37
N GLU C 165 1.44 17.65 -52.46
CA GLU C 165 2.22 17.58 -51.23
C GLU C 165 2.79 16.18 -51.05
N PHE C 166 4.00 16.10 -50.50
CA PHE C 166 4.66 14.82 -50.30
C PHE C 166 5.38 14.81 -48.96
N VAL C 167 5.61 13.59 -48.47
CA VAL C 167 6.52 13.35 -47.34
C VAL C 167 7.37 12.13 -47.69
N PHE C 168 8.68 12.30 -47.66
CA PHE C 168 9.62 11.22 -47.96
C PHE C 168 10.44 10.91 -46.73
N LYS C 169 10.53 9.62 -46.38
CA LYS C 169 11.27 9.18 -45.20
C LYS C 169 12.07 7.93 -45.54
N ASN C 170 13.13 7.70 -44.76
CA ASN C 170 13.97 6.51 -44.88
C ASN C 170 14.31 6.01 -43.48
N ILE C 171 13.50 5.12 -42.95
CA ILE C 171 13.74 4.49 -41.65
C ILE C 171 13.74 2.97 -41.85
N ASP C 172 14.74 2.31 -41.27
CA ASP C 172 14.86 0.84 -41.31
C ASP C 172 14.99 0.33 -42.74
N GLY C 173 15.53 1.15 -43.63
CA GLY C 173 15.68 0.77 -45.02
C GLY C 173 14.43 0.86 -45.84
N TYR C 174 13.30 1.26 -45.26
CA TYR C 174 12.04 1.40 -45.98
C TYR C 174 11.92 2.82 -46.48
N PHE C 175 11.60 2.97 -47.77
CA PHE C 175 11.35 4.28 -48.35
C PHE C 175 9.84 4.49 -48.39
N LYS C 176 9.36 5.40 -47.55
CA LYS C 176 7.93 5.63 -47.37
C LYS C 176 7.53 6.96 -48.01
N ILE C 177 6.42 6.95 -48.75
CA ILE C 177 5.95 8.13 -49.46
C ILE C 177 4.49 8.35 -49.08
N TYR C 178 4.19 9.53 -48.56
CA TYR C 178 2.83 9.97 -48.29
C TYR C 178 2.48 11.11 -49.23
N SER C 179 1.18 11.28 -49.50
CA SER C 179 0.79 12.28 -50.48
C SER C 179 -0.66 12.71 -50.23
N LYS C 180 -1.01 13.85 -50.82
CA LYS C 180 -2.36 14.39 -50.76
C LYS C 180 -2.47 15.50 -51.80
N HIS C 181 -3.57 15.48 -52.56
CA HIS C 181 -3.81 16.44 -53.64
C HIS C 181 -4.99 17.32 -53.26
N THR C 182 -4.78 18.63 -53.22
CA THR C 182 -5.78 19.57 -52.75
C THR C 182 -5.89 20.76 -53.69
N PRO C 183 -7.12 21.20 -54.00
CA PRO C 183 -7.29 22.35 -54.90
C PRO C 183 -7.00 23.69 -54.23
N ILE C 184 -5.73 24.09 -54.21
CA ILE C 184 -5.31 25.35 -53.63
C ILE C 184 -4.82 26.27 -54.74
N ASN C 185 -5.35 27.50 -54.77
CA ASN C 185 -5.06 28.46 -55.83
C ASN C 185 -3.87 29.36 -55.50
N LEU C 186 -2.92 28.87 -54.71
CA LEU C 186 -1.78 29.67 -54.26
C LEU C 186 -0.49 29.05 -54.77
N VAL C 187 0.35 29.87 -55.39
CA VAL C 187 1.63 29.44 -55.94
C VAL C 187 2.80 30.00 -55.16
N ARG C 188 2.73 31.27 -54.76
CA ARG C 188 3.87 31.97 -54.17
C ARG C 188 3.86 31.93 -52.64
N ASP C 189 3.10 31.02 -52.03
CA ASP C 189 3.09 30.87 -50.58
C ASP C 189 2.47 29.51 -50.25
N LEU C 190 2.20 29.30 -48.96
CA LEU C 190 1.53 28.10 -48.49
C LEU C 190 0.19 28.46 -47.87
N PRO C 191 -0.85 27.67 -48.12
CA PRO C 191 -2.18 28.02 -47.61
C PRO C 191 -2.28 27.89 -46.11
N GLN C 192 -3.49 28.13 -45.60
CA GLN C 192 -3.84 27.90 -44.21
C GLN C 192 -5.02 26.94 -44.15
N GLY C 193 -5.00 26.08 -43.14
CA GLY C 193 -6.02 25.06 -42.95
C GLY C 193 -5.38 23.78 -42.50
N PHE C 194 -6.15 22.69 -42.59
CA PHE C 194 -5.68 21.38 -42.19
C PHE C 194 -6.05 20.33 -43.23
N SER C 195 -5.10 19.45 -43.53
CA SER C 195 -5.33 18.32 -44.42
C SER C 195 -4.27 17.27 -44.13
N ALA C 196 -4.72 16.03 -43.97
CA ALA C 196 -3.85 14.95 -43.54
C ALA C 196 -3.38 14.14 -44.73
N LEU C 197 -2.07 13.91 -44.80
CA LEU C 197 -1.48 13.14 -45.90
C LEU C 197 -1.64 11.65 -45.65
N GLU C 198 -1.92 10.92 -46.73
CA GLU C 198 -2.17 9.49 -46.66
C GLU C 198 -1.03 8.70 -47.30
N PRO C 199 -0.78 7.47 -46.86
CA PRO C 199 0.30 6.67 -47.45
C PRO C 199 0.03 6.38 -48.92
N LEU C 200 1.11 6.39 -49.71
CA LEU C 200 1.02 6.08 -51.13
C LEU C 200 1.82 4.86 -51.53
N VAL C 201 3.12 4.83 -51.22
CA VAL C 201 4.01 3.74 -51.63
C VAL C 201 4.94 3.40 -50.48
N ASP C 202 5.19 2.11 -50.29
CA ASP C 202 6.20 1.62 -49.36
C ASP C 202 7.18 0.77 -50.14
N LEU C 203 8.47 1.02 -49.94
CA LEU C 203 9.53 0.36 -50.72
C LEU C 203 10.58 -0.27 -49.81
N PRO C 204 10.64 -1.59 -49.73
CA PRO C 204 11.68 -2.27 -48.92
C PRO C 204 13.01 -2.35 -49.67
N ILE C 205 13.79 -1.28 -49.57
CA ILE C 205 15.02 -1.11 -50.36
C ILE C 205 16.26 -1.29 -49.49
N GLY C 206 16.42 -0.45 -48.48
CA GLY C 206 17.66 -0.39 -47.74
C GLY C 206 18.69 0.56 -48.31
N ILE C 207 18.30 1.42 -49.25
CA ILE C 207 19.23 2.36 -49.86
C ILE C 207 19.72 3.37 -48.83
N ASN C 208 20.99 3.74 -48.94
CA ASN C 208 21.57 4.82 -48.13
C ASN C 208 21.37 6.14 -48.85
N ILE C 209 20.66 7.06 -48.22
CA ILE C 209 20.38 8.38 -48.79
C ILE C 209 20.79 9.45 -47.80
N THR C 210 21.58 10.41 -48.27
CA THR C 210 21.92 11.58 -47.48
C THR C 210 21.66 12.90 -48.19
N ARG C 211 21.35 12.87 -49.48
CA ARG C 211 21.06 14.07 -50.25
C ARG C 211 20.00 13.74 -51.29
N PHE C 212 19.41 14.77 -51.88
CA PHE C 212 18.38 14.55 -52.89
C PHE C 212 18.35 15.75 -53.82
N GLN C 213 17.79 15.52 -55.01
CA GLN C 213 17.68 16.54 -56.05
C GLN C 213 16.40 16.31 -56.84
N THR C 214 15.82 17.41 -57.32
CA THR C 214 14.54 17.36 -58.02
C THR C 214 14.75 17.28 -59.53
N LEU C 215 14.01 16.38 -60.18
CA LEU C 215 14.07 16.20 -61.62
C LEU C 215 13.10 17.15 -62.32
N LEU C 216 13.59 17.85 -63.34
CA LEU C 216 12.78 18.75 -64.14
C LEU C 216 12.84 18.33 -65.61
N ALA C 217 11.90 18.83 -66.39
CA ALA C 217 11.81 18.53 -67.82
C ALA C 217 11.95 19.82 -68.62
N LEU C 218 12.84 19.80 -69.62
CA LEU C 218 13.11 20.97 -70.44
C LEU C 218 12.88 20.65 -71.91
N HIS C 219 12.26 21.58 -72.62
CA HIS C 219 12.07 21.45 -74.06
C HIS C 219 13.42 21.42 -74.77
N ALA C 237 9.04 26.86 -62.30
CA ALA C 237 9.59 25.78 -61.48
C ALA C 237 9.91 26.27 -60.08
N ALA C 238 8.88 26.43 -59.24
CA ALA C 238 9.04 26.87 -57.87
C ALA C 238 8.43 25.84 -56.93
N TYR C 239 9.13 25.55 -55.85
CA TYR C 239 8.69 24.55 -54.88
C TYR C 239 9.27 24.89 -53.52
N TYR C 240 8.90 24.09 -52.53
CA TYR C 240 9.29 24.32 -51.14
C TYR C 240 9.92 23.05 -50.58
N VAL C 241 10.84 23.23 -49.64
CA VAL C 241 11.50 22.13 -48.96
C VAL C 241 11.51 22.40 -47.46
N GLY C 242 10.92 21.50 -46.69
CA GLY C 242 11.03 21.52 -45.24
C GLY C 242 11.91 20.41 -44.71
N TYR C 243 11.87 20.23 -43.40
CA TYR C 243 12.63 19.17 -42.76
C TYR C 243 11.87 18.67 -41.53
N LEU C 244 11.87 17.36 -41.36
CA LEU C 244 11.13 16.73 -40.27
C LEU C 244 12.02 16.59 -39.04
N GLN C 245 11.40 16.70 -37.87
CA GLN C 245 12.09 16.63 -36.60
C GLN C 245 11.34 15.70 -35.65
N PRO C 246 12.03 15.10 -34.68
CA PRO C 246 11.35 14.24 -33.71
C PRO C 246 10.52 15.07 -32.75
N ARG C 247 9.21 14.86 -32.78
CA ARG C 247 8.30 15.64 -31.95
C ARG C 247 7.10 14.79 -31.57
N THR C 248 6.36 15.25 -30.57
CA THR C 248 5.14 14.60 -30.11
C THR C 248 3.94 15.49 -30.43
N PHE C 249 2.90 14.87 -30.97
CA PHE C 249 1.71 15.58 -31.40
C PHE C 249 0.48 15.02 -30.70
N LEU C 250 -0.58 15.80 -30.73
CA LEU C 250 -1.90 15.36 -30.27
C LEU C 250 -2.84 15.42 -31.47
N LEU C 251 -3.36 14.27 -31.88
CA LEU C 251 -4.14 14.15 -33.11
C LEU C 251 -5.60 13.93 -32.77
N LYS C 252 -6.48 14.67 -33.44
CA LYS C 252 -7.92 14.56 -33.26
C LYS C 252 -8.50 13.77 -34.43
N TYR C 253 -9.20 12.68 -34.11
CA TYR C 253 -9.79 11.80 -35.11
C TYR C 253 -11.28 12.04 -35.21
N ASN C 254 -11.76 12.31 -36.42
CA ASN C 254 -13.19 12.41 -36.67
C ASN C 254 -13.83 11.02 -36.54
N GLU C 255 -15.16 11.01 -36.48
CA GLU C 255 -15.87 9.74 -36.32
C GLU C 255 -15.70 8.82 -37.51
N ASN C 256 -15.23 9.34 -38.65
CA ASN C 256 -14.94 8.51 -39.82
C ASN C 256 -13.48 8.15 -39.93
N GLY C 257 -12.69 8.40 -38.90
CA GLY C 257 -11.26 8.12 -38.96
C GLY C 257 -10.43 9.19 -39.62
N THR C 258 -11.00 10.35 -39.91
CA THR C 258 -10.30 11.43 -40.57
C THR C 258 -9.65 12.35 -39.54
N ILE C 259 -8.36 12.63 -39.71
CA ILE C 259 -7.68 13.57 -38.83
C ILE C 259 -8.11 14.98 -39.18
N THR C 260 -8.58 15.73 -38.19
CA THR C 260 -9.15 17.05 -38.42
C THR C 260 -8.47 18.17 -37.65
N ASP C 261 -7.61 17.85 -36.68
CA ASP C 261 -6.93 18.89 -35.91
C ASP C 261 -5.69 18.28 -35.28
N ALA C 262 -4.77 19.17 -34.87
CA ALA C 262 -3.54 18.73 -34.24
C ALA C 262 -3.05 19.81 -33.29
N VAL C 263 -2.15 19.42 -32.40
CA VAL C 263 -1.53 20.33 -31.43
C VAL C 263 -0.06 19.98 -31.31
N ASP C 264 0.81 20.96 -31.54
CA ASP C 264 2.25 20.78 -31.36
C ASP C 264 2.58 20.94 -29.89
N CYS C 265 2.96 19.85 -29.23
CA CYS C 265 3.08 19.84 -27.77
C CYS C 265 4.22 20.70 -27.26
N ALA C 266 5.11 21.20 -28.11
CA ALA C 266 6.25 21.99 -27.65
C ALA C 266 6.30 23.37 -28.30
N LEU C 267 5.19 23.85 -28.85
CA LEU C 267 5.20 25.16 -29.51
C LEU C 267 5.22 26.29 -28.50
N ASP C 268 4.40 26.21 -27.45
CA ASP C 268 4.27 27.29 -26.48
C ASP C 268 3.60 26.72 -25.24
N PRO C 269 3.61 27.47 -24.13
CA PRO C 269 3.03 26.92 -22.89
C PRO C 269 1.58 26.49 -23.00
N LEU C 270 0.76 27.21 -23.75
CA LEU C 270 -0.64 26.82 -23.91
C LEU C 270 -0.75 25.45 -24.58
N SER C 271 0.12 25.18 -25.55
CA SER C 271 0.11 23.87 -26.19
C SER C 271 0.52 22.77 -25.21
N GLU C 272 1.49 23.06 -24.35
CA GLU C 272 1.85 22.07 -23.32
C GLU C 272 0.69 21.81 -22.39
N THR C 273 -0.05 22.85 -22.01
CA THR C 273 -1.23 22.67 -21.17
C THR C 273 -2.27 21.81 -21.87
N LYS C 274 -2.52 22.08 -23.15
CA LYS C 274 -3.49 21.29 -23.91
C LYS C 274 -3.07 19.83 -23.99
N CYS C 275 -1.78 19.59 -24.24
CA CYS C 275 -1.29 18.22 -24.32
C CYS C 275 -1.35 17.52 -22.98
N THR C 276 -1.14 18.25 -21.88
CA THR C 276 -1.18 17.63 -20.56
C THR C 276 -2.61 17.27 -20.17
N LEU C 277 -3.56 18.17 -20.41
CA LEU C 277 -4.94 17.91 -20.03
C LEU C 277 -5.67 17.00 -21.00
N LYS C 278 -5.05 16.64 -22.13
CA LYS C 278 -5.68 15.81 -23.15
C LYS C 278 -7.00 16.43 -23.64
N SER C 279 -6.93 17.69 -24.05
CA SER C 279 -8.11 18.40 -24.51
C SER C 279 -7.68 19.54 -25.41
N PHE C 280 -8.64 20.02 -26.20
CA PHE C 280 -8.43 21.17 -27.06
C PHE C 280 -8.98 22.46 -26.48
N THR C 281 -9.62 22.40 -25.31
CA THR C 281 -10.12 23.58 -24.62
C THR C 281 -9.64 23.55 -23.18
N VAL C 282 -9.30 24.73 -22.65
CA VAL C 282 -8.72 24.87 -21.33
C VAL C 282 -9.61 25.78 -20.49
N GLU C 283 -9.96 25.34 -19.29
CA GLU C 283 -10.78 26.12 -18.38
C GLU C 283 -9.93 27.16 -17.65
N LYS C 284 -10.56 27.86 -16.72
CA LYS C 284 -9.87 28.85 -15.91
C LYS C 284 -9.11 28.17 -14.78
N GLY C 285 -7.96 28.74 -14.42
CA GLY C 285 -7.23 28.28 -13.26
C GLY C 285 -5.75 28.17 -13.54
N ILE C 286 -5.05 27.51 -12.63
CA ILE C 286 -3.60 27.27 -12.74
C ILE C 286 -3.38 25.79 -12.90
N TYR C 287 -2.42 25.42 -13.76
CA TYR C 287 -2.08 24.03 -14.03
C TYR C 287 -0.57 23.87 -14.01
N GLN C 288 -0.09 22.78 -13.42
CA GLN C 288 1.33 22.46 -13.42
C GLN C 288 1.62 21.56 -14.62
N THR C 289 2.58 21.98 -15.45
CA THR C 289 2.81 21.34 -16.74
C THR C 289 4.08 20.53 -16.82
N SER C 290 5.19 21.00 -16.25
CA SER C 290 6.46 20.31 -16.40
C SER C 290 7.37 20.72 -15.24
N ASN C 291 8.65 20.37 -15.35
CA ASN C 291 9.67 20.78 -14.41
C ASN C 291 10.83 21.40 -15.16
N PHE C 292 11.56 22.27 -14.48
CA PHE C 292 12.74 22.89 -15.04
C PHE C 292 13.98 22.47 -14.26
N ARG C 293 15.15 22.80 -14.83
CA ARG C 293 16.42 22.43 -14.25
C ARG C 293 17.52 23.23 -14.93
N VAL C 294 18.45 23.76 -14.13
CA VAL C 294 19.57 24.49 -14.69
C VAL C 294 20.57 23.51 -15.29
N GLN C 295 20.96 23.77 -16.54
CA GLN C 295 21.84 22.77 -17.13
C GLN C 295 23.30 23.12 -16.87
N PRO C 296 24.16 22.12 -16.68
CA PRO C 296 25.58 22.38 -16.49
C PRO C 296 26.21 22.94 -17.75
N THR C 297 27.28 23.72 -17.57
CA THR C 297 27.94 24.40 -18.67
C THR C 297 29.33 23.85 -18.99
N GLU C 298 30.12 23.49 -17.99
CA GLU C 298 31.50 23.08 -18.20
C GLU C 298 31.78 21.80 -17.43
N SER C 299 33.01 21.31 -17.55
CA SER C 299 33.45 20.13 -16.83
C SER C 299 34.78 20.42 -16.14
N ILE C 300 34.93 19.95 -14.91
CA ILE C 300 36.12 20.17 -14.11
C ILE C 300 36.75 18.81 -13.80
N VAL C 301 38.02 18.66 -14.14
CA VAL C 301 38.77 17.43 -13.90
C VAL C 301 40.03 17.77 -13.13
N ARG C 302 40.28 17.04 -12.04
CA ARG C 302 41.47 17.21 -11.23
C ARG C 302 42.06 15.86 -10.89
N PHE C 303 43.38 15.76 -11.00
CA PHE C 303 44.12 14.53 -10.77
C PHE C 303 45.29 14.79 -9.83
N PRO C 304 45.75 13.77 -9.10
CA PRO C 304 46.84 13.99 -8.13
C PRO C 304 48.21 14.13 -8.76
N ASN C 305 49.22 14.29 -7.91
CA ASN C 305 50.62 14.43 -8.31
C ASN C 305 51.22 13.07 -8.59
N ILE C 306 51.12 12.62 -9.84
CA ILE C 306 51.69 11.35 -10.27
C ILE C 306 52.32 11.52 -11.65
N THR C 307 53.54 11.02 -11.81
CA THR C 307 54.18 10.89 -13.12
C THR C 307 54.79 9.52 -13.36
N ASN C 308 54.92 8.69 -12.33
CA ASN C 308 55.51 7.36 -12.47
C ASN C 308 54.60 6.43 -13.26
N LEU C 309 55.21 5.50 -13.97
CA LEU C 309 54.49 4.44 -14.68
C LEU C 309 54.52 3.16 -13.85
N CYS C 310 53.46 2.37 -13.97
CA CYS C 310 53.33 1.17 -13.16
C CYS C 310 54.20 0.05 -13.73
N PRO C 311 54.77 -0.80 -12.87
CA PRO C 311 55.64 -1.90 -13.33
C PRO C 311 54.86 -3.15 -13.72
N PHE C 312 54.00 -3.02 -14.73
CA PHE C 312 53.26 -4.18 -15.23
C PHE C 312 54.19 -5.18 -15.91
N GLY C 313 55.26 -4.70 -16.56
CA GLY C 313 56.18 -5.58 -17.24
C GLY C 313 57.00 -6.46 -16.32
N GLU C 314 57.08 -6.10 -15.03
CA GLU C 314 57.79 -6.96 -14.08
C GLU C 314 57.13 -8.33 -13.97
N VAL C 315 55.83 -8.41 -14.26
CA VAL C 315 55.10 -9.67 -14.23
C VAL C 315 54.72 -10.14 -15.63
N PHE C 316 54.20 -9.24 -16.46
CA PHE C 316 53.74 -9.65 -17.78
C PHE C 316 54.89 -10.06 -18.68
N ASN C 317 56.03 -9.40 -18.56
CA ASN C 317 57.21 -9.71 -19.37
C ASN C 317 58.19 -10.61 -18.64
N ALA C 318 57.85 -11.10 -17.46
CA ALA C 318 58.77 -11.90 -16.67
C ALA C 318 59.01 -13.26 -17.32
N THR C 319 60.14 -13.86 -16.97
CA THR C 319 60.51 -15.17 -17.47
C THR C 319 60.47 -16.27 -16.42
N ARG C 320 60.28 -15.93 -15.15
CA ARG C 320 60.18 -16.89 -14.07
C ARG C 320 58.80 -16.78 -13.42
N PHE C 321 58.15 -17.94 -13.24
CA PHE C 321 56.81 -17.99 -12.68
C PHE C 321 56.76 -19.02 -11.57
N ALA C 322 56.03 -18.67 -10.51
CA ALA C 322 55.95 -19.52 -9.33
C ALA C 322 55.01 -20.70 -9.57
N SER C 323 55.08 -21.68 -8.68
CA SER C 323 54.18 -22.83 -8.74
C SER C 323 52.76 -22.39 -8.40
N VAL C 324 51.79 -23.15 -8.92
CA VAL C 324 50.39 -22.83 -8.71
C VAL C 324 49.97 -22.97 -7.25
N TYR C 325 50.70 -23.78 -6.48
CA TYR C 325 50.37 -23.97 -5.07
C TYR C 325 51.03 -22.95 -4.15
N ALA C 326 51.99 -22.18 -4.64
CA ALA C 326 52.62 -21.10 -3.87
C ALA C 326 52.74 -19.90 -4.81
N TRP C 327 51.74 -19.02 -4.78
CA TRP C 327 51.65 -17.99 -5.80
C TRP C 327 52.56 -16.82 -5.44
N ASN C 328 52.85 -15.99 -6.43
CA ASN C 328 53.66 -14.79 -6.24
C ASN C 328 52.75 -13.57 -6.27
N ARG C 329 52.80 -12.78 -5.20
CA ARG C 329 51.94 -11.61 -5.04
C ARG C 329 52.78 -10.35 -5.12
N LYS C 330 52.33 -9.38 -5.94
CA LYS C 330 53.03 -8.12 -6.13
C LYS C 330 52.07 -6.97 -5.90
N ARG C 331 52.56 -5.92 -5.24
CA ARG C 331 51.77 -4.73 -4.95
C ARG C 331 52.18 -3.60 -5.88
N ILE C 332 51.20 -3.06 -6.60
CA ILE C 332 51.42 -1.98 -7.56
C ILE C 332 50.64 -0.76 -7.09
N SER C 333 51.33 0.37 -6.99
CA SER C 333 50.69 1.60 -6.51
C SER C 333 51.56 2.79 -6.89
N ASN C 334 51.00 3.99 -6.72
CA ASN C 334 51.71 5.25 -6.88
C ASN C 334 52.27 5.40 -8.29
N CYS C 335 51.43 5.16 -9.28
CA CYS C 335 51.88 5.19 -10.67
C CYS C 335 50.69 5.33 -11.59
N VAL C 336 50.97 5.74 -12.82
CA VAL C 336 49.98 5.76 -13.89
C VAL C 336 49.90 4.37 -14.50
N ALA C 337 48.68 3.86 -14.66
CA ALA C 337 48.44 2.53 -15.21
C ALA C 337 47.62 2.65 -16.48
N ASP C 338 48.10 2.04 -17.55
CA ASP C 338 47.39 1.96 -18.82
C ASP C 338 47.08 0.51 -19.10
N TYR C 339 45.79 0.18 -19.19
CA TYR C 339 45.35 -1.19 -19.43
C TYR C 339 45.03 -1.45 -20.91
N SER C 340 45.15 -0.44 -21.77
CA SER C 340 44.89 -0.64 -23.19
C SER C 340 45.89 -1.61 -23.81
N VAL C 341 47.13 -1.64 -23.30
CA VAL C 341 48.12 -2.56 -23.82
C VAL C 341 47.73 -4.00 -23.54
N LEU C 342 47.22 -4.29 -22.34
CA LEU C 342 46.67 -5.61 -22.06
C LEU C 342 45.41 -5.87 -22.87
N TYR C 343 44.58 -4.84 -23.07
CA TYR C 343 43.39 -5.01 -23.91
C TYR C 343 43.77 -5.29 -25.36
N ASN C 344 44.85 -4.67 -25.83
CA ASN C 344 45.30 -4.83 -27.20
C ASN C 344 46.44 -5.83 -27.34
N SER C 345 46.75 -6.58 -26.28
CA SER C 345 47.88 -7.49 -26.30
C SER C 345 47.64 -8.65 -27.26
N ALA C 346 48.67 -8.99 -28.02
CA ALA C 346 48.60 -10.12 -28.93
C ALA C 346 48.73 -11.43 -28.16
N SER C 347 48.14 -12.48 -28.73
CA SER C 347 48.20 -13.85 -28.23
C SER C 347 47.57 -14.02 -26.86
N PHE C 348 46.80 -13.04 -26.39
CA PHE C 348 46.08 -13.19 -25.14
C PHE C 348 44.95 -14.20 -25.30
N SER C 349 44.85 -15.14 -24.38
CA SER C 349 43.85 -16.20 -24.48
C SER C 349 42.58 -15.87 -23.69
N THR C 350 42.73 -15.60 -22.39
CA THR C 350 41.59 -15.28 -21.53
C THR C 350 41.73 -13.83 -21.05
N PHE C 351 40.67 -13.05 -21.22
CA PHE C 351 40.66 -11.67 -20.75
C PHE C 351 39.21 -11.34 -20.37
N LYS C 352 38.89 -11.47 -19.09
CA LYS C 352 37.52 -11.35 -18.61
C LYS C 352 37.52 -10.52 -17.32
N CYS C 353 36.74 -9.44 -17.31
CA CYS C 353 36.72 -8.51 -16.20
C CYS C 353 35.43 -8.68 -15.40
N TYR C 354 35.58 -8.75 -14.07
CA TYR C 354 34.48 -9.07 -13.16
C TYR C 354 34.13 -7.81 -12.38
N GLY C 355 32.93 -7.29 -12.57
CA GLY C 355 32.50 -6.09 -11.89
C GLY C 355 32.89 -4.80 -12.57
N VAL C 356 33.80 -4.85 -13.55
CA VAL C 356 34.20 -3.67 -14.31
C VAL C 356 34.22 -4.06 -15.79
N SER C 357 34.15 -3.03 -16.64
CA SER C 357 34.29 -3.38 -18.05
C SER C 357 35.69 -3.04 -18.54
N PRO C 358 36.26 -3.88 -19.42
CA PRO C 358 37.66 -3.65 -19.82
C PRO C 358 37.90 -2.30 -20.48
N THR C 359 36.96 -1.80 -21.27
CA THR C 359 37.17 -0.54 -21.97
C THR C 359 37.07 0.66 -21.04
N LYS C 360 36.30 0.54 -19.97
CA LYS C 360 36.16 1.61 -18.99
C LYS C 360 37.21 1.55 -17.89
N LEU C 361 38.18 0.64 -18.02
CA LEU C 361 39.22 0.48 -17.00
C LEU C 361 40.31 1.54 -17.08
N ASN C 362 40.39 2.28 -18.18
CA ASN C 362 41.41 3.32 -18.33
C ASN C 362 40.97 4.67 -17.79
N ASP C 363 39.78 4.75 -17.18
CA ASP C 363 39.24 5.99 -16.66
C ASP C 363 38.96 5.92 -15.16
N LEU C 364 39.30 4.83 -14.50
CA LEU C 364 39.02 4.65 -13.08
C LEU C 364 40.28 4.87 -12.24
N CYS C 365 40.06 5.00 -10.93
CA CYS C 365 41.14 5.09 -9.96
C CYS C 365 40.89 4.10 -8.83
N PHE C 366 41.97 3.58 -8.26
CA PHE C 366 41.88 2.54 -7.25
C PHE C 366 42.86 2.82 -6.13
N THR C 367 42.56 2.28 -4.93
CA THR C 367 43.48 2.44 -3.77
C THR C 367 44.78 1.70 -4.08
N ASN C 368 44.69 0.45 -4.54
CA ASN C 368 45.85 -0.30 -4.98
C ASN C 368 45.39 -1.46 -5.84
N VAL C 369 46.30 -1.98 -6.65
CA VAL C 369 46.04 -3.15 -7.50
C VAL C 369 47.05 -4.24 -7.16
N TYR C 370 46.55 -5.45 -6.95
CA TYR C 370 47.38 -6.60 -6.64
C TYR C 370 47.51 -7.50 -7.86
N ALA C 371 48.74 -7.72 -8.29
CA ALA C 371 49.04 -8.61 -9.41
C ALA C 371 49.65 -9.89 -8.86
N ASP C 372 49.07 -11.02 -9.23
CA ASP C 372 49.53 -12.32 -8.77
C ASP C 372 49.79 -13.18 -10.01
N SER C 373 50.90 -13.93 -9.98
CA SER C 373 51.37 -14.66 -11.14
C SER C 373 51.60 -16.13 -10.80
N PHE C 374 51.49 -16.97 -11.83
CA PHE C 374 51.75 -18.41 -11.71
C PHE C 374 51.70 -19.03 -13.11
N VAL C 375 51.90 -20.34 -13.16
CA VAL C 375 51.77 -21.13 -14.39
C VAL C 375 50.85 -22.30 -14.10
N ILE C 376 49.90 -22.54 -15.00
CA ILE C 376 48.87 -23.55 -14.81
C ILE C 376 48.74 -24.36 -16.10
N ARG C 377 48.06 -25.51 -16.00
CA ARG C 377 47.81 -26.34 -17.16
C ARG C 377 46.77 -25.68 -18.07
N GLY C 378 46.69 -26.20 -19.30
CA GLY C 378 45.69 -25.69 -20.24
C GLY C 378 44.28 -26.02 -19.82
N ASP C 379 44.07 -27.18 -19.20
CA ASP C 379 42.75 -27.62 -18.79
C ASP C 379 42.30 -27.04 -17.45
N GLU C 380 43.23 -26.56 -16.63
CA GLU C 380 42.91 -26.10 -15.28
C GLU C 380 42.62 -24.60 -15.23
N VAL C 381 42.53 -23.94 -16.39
CA VAL C 381 42.31 -22.49 -16.41
C VAL C 381 40.95 -22.14 -15.81
N ARG C 382 39.93 -22.95 -16.10
CA ARG C 382 38.57 -22.63 -15.68
C ARG C 382 38.43 -22.55 -14.17
N GLN C 383 39.28 -23.27 -13.42
CA GLN C 383 39.15 -23.30 -11.98
C GLN C 383 39.44 -21.96 -11.32
N ILE C 384 40.16 -21.06 -12.00
CA ILE C 384 40.47 -19.75 -11.44
C ILE C 384 39.31 -18.84 -11.82
N ALA C 385 38.24 -18.91 -11.02
CA ALA C 385 37.04 -18.10 -11.19
C ALA C 385 36.16 -18.25 -9.96
N PRO C 386 35.39 -17.24 -9.60
CA PRO C 386 34.51 -17.36 -8.43
C PRO C 386 33.41 -18.40 -8.68
N GLY C 387 33.01 -19.07 -7.61
CA GLY C 387 32.00 -20.10 -7.70
C GLY C 387 32.45 -21.38 -8.34
N GLN C 388 33.76 -21.56 -8.53
CA GLN C 388 34.31 -22.76 -9.16
C GLN C 388 34.90 -23.69 -8.11
N THR C 389 34.73 -24.99 -8.31
CA THR C 389 35.35 -26.01 -7.48
C THR C 389 36.30 -26.84 -8.35
N GLY C 390 37.11 -27.64 -7.68
CA GLY C 390 38.09 -28.48 -8.34
C GLY C 390 39.33 -28.63 -7.48
N LYS C 391 40.32 -29.30 -8.05
CA LYS C 391 41.57 -29.53 -7.31
C LYS C 391 42.25 -28.22 -6.95
N ILE C 392 42.49 -27.37 -7.95
CA ILE C 392 43.20 -26.11 -7.71
C ILE C 392 42.31 -25.10 -7.01
N ALA C 393 41.06 -24.96 -7.46
CA ALA C 393 40.17 -23.96 -6.89
C ALA C 393 39.92 -24.20 -5.40
N ASP C 394 39.93 -25.47 -4.96
CA ASP C 394 39.68 -25.78 -3.56
C ASP C 394 40.94 -26.03 -2.75
N TYR C 395 42.06 -26.37 -3.39
CA TYR C 395 43.23 -26.82 -2.66
C TYR C 395 44.47 -25.97 -2.91
N ASN C 396 44.46 -25.10 -3.92
CA ASN C 396 45.58 -24.25 -4.27
C ASN C 396 45.28 -22.77 -4.04
N TYR C 397 44.18 -22.27 -4.57
CA TYR C 397 43.83 -20.86 -4.46
C TYR C 397 42.33 -20.70 -4.67
N LYS C 398 41.62 -20.29 -3.62
CA LYS C 398 40.19 -20.05 -3.71
C LYS C 398 39.98 -18.60 -4.15
N LEU C 399 39.35 -18.42 -5.31
CA LEU C 399 38.98 -17.10 -5.77
C LEU C 399 37.62 -16.74 -5.17
N PRO C 400 37.51 -15.64 -4.44
CA PRO C 400 36.27 -15.36 -3.70
C PRO C 400 35.11 -15.02 -4.64
N ASP C 401 33.91 -15.30 -4.15
CA ASP C 401 32.71 -15.06 -4.94
C ASP C 401 32.47 -13.57 -5.19
N ASP C 402 32.79 -12.72 -4.23
CA ASP C 402 32.58 -11.29 -4.33
C ASP C 402 33.83 -10.57 -4.85
N PHE C 403 34.64 -11.24 -5.65
CA PHE C 403 35.89 -10.66 -6.13
C PHE C 403 35.62 -9.62 -7.22
N THR C 404 36.36 -8.52 -7.17
CA THR C 404 36.33 -7.48 -8.18
C THR C 404 37.71 -7.32 -8.78
N GLY C 405 37.79 -7.40 -10.11
CA GLY C 405 39.07 -7.26 -10.80
C GLY C 405 39.09 -7.86 -12.17
N CYS C 406 40.11 -8.67 -12.47
CA CYS C 406 40.26 -9.27 -13.79
C CYS C 406 41.11 -10.52 -13.70
N VAL C 407 40.99 -11.36 -14.72
CA VAL C 407 41.79 -12.58 -14.85
C VAL C 407 42.28 -12.66 -16.29
N ILE C 408 43.60 -12.84 -16.46
CA ILE C 408 44.21 -12.92 -17.78
C ILE C 408 45.10 -14.16 -17.83
N ALA C 409 44.95 -14.94 -18.90
CA ALA C 409 45.68 -16.18 -19.09
C ALA C 409 46.46 -16.15 -20.39
N TRP C 410 47.67 -16.71 -20.38
CA TRP C 410 48.53 -16.78 -21.56
C TRP C 410 49.16 -18.16 -21.64
N ASN C 411 49.26 -18.68 -22.85
CA ASN C 411 49.93 -19.96 -23.09
C ASN C 411 51.44 -19.74 -23.05
N SER C 412 52.15 -20.56 -22.26
CA SER C 412 53.59 -20.43 -22.08
C SER C 412 54.30 -21.75 -22.32
N ASN C 413 53.92 -22.46 -23.38
CA ASN C 413 54.55 -23.75 -23.68
C ASN C 413 55.96 -23.55 -24.22
N ASN C 414 56.17 -22.55 -25.07
CA ASN C 414 57.48 -22.33 -25.67
C ASN C 414 58.52 -21.82 -24.68
N LEU C 415 58.12 -21.44 -23.48
CA LEU C 415 59.02 -20.89 -22.48
C LEU C 415 59.23 -21.79 -21.27
N ASP C 416 58.22 -22.56 -20.87
CA ASP C 416 58.30 -23.36 -19.65
C ASP C 416 58.45 -24.85 -19.90
N SER C 417 58.00 -25.36 -21.04
CA SER C 417 58.03 -26.80 -21.28
C SER C 417 59.48 -27.30 -21.40
N LYS C 418 59.75 -28.43 -20.78
CA LYS C 418 61.04 -29.10 -20.85
C LYS C 418 60.85 -30.46 -21.53
N GLY C 421 59.76 -32.88 -19.38
CA GLY C 421 58.68 -32.41 -18.54
C GLY C 421 59.17 -31.49 -17.45
N ASN C 422 58.59 -30.29 -17.37
CA ASN C 422 59.02 -29.30 -16.38
C ASN C 422 58.32 -29.59 -15.06
N TYR C 423 59.01 -30.34 -14.19
CA TYR C 423 58.49 -30.69 -12.88
C TYR C 423 58.77 -29.63 -11.83
N ASN C 424 59.39 -28.52 -12.20
CA ASN C 424 59.61 -27.42 -11.26
C ASN C 424 58.30 -26.74 -10.86
N TYR C 425 57.20 -27.05 -11.54
CA TYR C 425 55.88 -26.52 -11.18
C TYR C 425 55.06 -27.63 -10.54
N LEU C 426 54.61 -27.41 -9.32
CA LEU C 426 53.91 -28.42 -8.55
C LEU C 426 52.51 -27.92 -8.18
N TYR C 427 51.54 -28.81 -8.26
CA TYR C 427 50.15 -28.50 -7.93
C TYR C 427 49.71 -29.35 -6.76
N ARG C 428 49.14 -28.70 -5.75
CA ARG C 428 48.81 -29.37 -4.50
C ARG C 428 47.50 -30.13 -4.68
N LEU C 429 47.43 -31.34 -4.12
CA LEU C 429 46.37 -32.29 -4.43
C LEU C 429 45.53 -32.71 -3.23
N PHE C 430 46.00 -32.52 -2.02
CA PHE C 430 45.29 -33.04 -0.88
C PHE C 430 45.21 -32.01 0.23
N ARG C 431 44.00 -31.83 0.75
CA ARG C 431 43.75 -31.07 1.97
C ARG C 431 42.62 -31.73 2.76
N LYS C 432 42.61 -31.45 4.06
CA LYS C 432 41.53 -31.92 4.91
C LYS C 432 40.32 -30.98 4.87
N SER C 433 40.48 -29.79 4.29
CA SER C 433 39.40 -28.84 4.10
C SER C 433 39.79 -27.90 2.97
N ASN C 434 38.78 -27.34 2.31
CA ASN C 434 39.03 -26.44 1.19
C ASN C 434 39.63 -25.12 1.66
N LEU C 435 40.49 -24.53 0.82
CA LEU C 435 41.18 -23.31 1.18
C LEU C 435 40.23 -22.12 1.18
N LYS C 436 40.53 -21.17 2.06
CA LYS C 436 39.84 -19.90 2.11
C LYS C 436 40.30 -19.00 0.96
N PRO C 437 39.53 -17.96 0.63
CA PRO C 437 39.98 -17.01 -0.39
C PRO C 437 41.30 -16.37 -0.02
N PHE C 438 42.15 -16.19 -1.04
CA PHE C 438 43.46 -15.55 -0.94
C PHE C 438 44.43 -16.27 -0.01
N GLU C 439 44.19 -17.54 0.31
CA GLU C 439 45.08 -18.28 1.19
C GLU C 439 46.16 -19.00 0.40
N ARG C 440 47.37 -19.01 0.95
CA ARG C 440 48.52 -19.70 0.35
C ARG C 440 49.08 -20.68 1.38
N ASP C 441 48.66 -21.93 1.28
CA ASP C 441 49.14 -22.99 2.16
C ASP C 441 50.20 -23.79 1.42
N ILE C 442 51.41 -23.85 1.99
CA ILE C 442 52.54 -24.51 1.36
C ILE C 442 53.03 -25.69 2.20
N TYR C 463 49.20 -39.95 0.98
CA TYR C 463 49.84 -39.46 -0.22
C TYR C 463 50.41 -38.07 0.04
N PHE C 464 51.43 -37.72 -0.74
CA PHE C 464 52.08 -36.41 -0.63
C PHE C 464 51.17 -35.34 -1.24
N PRO C 465 50.95 -34.23 -0.56
CA PRO C 465 50.03 -33.21 -1.08
C PRO C 465 50.47 -32.62 -2.42
N LEU C 466 51.76 -32.51 -2.67
CA LEU C 466 52.28 -31.84 -3.86
C LEU C 466 52.59 -32.86 -4.95
N GLN C 467 52.19 -32.54 -6.18
CA GLN C 467 52.46 -33.37 -7.34
C GLN C 467 53.08 -32.50 -8.43
N SER C 468 54.01 -33.07 -9.19
CA SER C 468 54.72 -32.32 -10.21
C SER C 468 53.96 -32.34 -11.53
N TYR C 469 54.07 -31.23 -12.26
CA TYR C 469 53.39 -31.04 -13.54
C TYR C 469 54.15 -31.72 -14.67
N GLY C 470 53.39 -32.25 -15.63
CA GLY C 470 53.97 -32.80 -16.83
C GLY C 470 54.00 -31.82 -18.00
N PHE C 471 54.75 -30.73 -17.84
CA PHE C 471 54.86 -29.71 -18.88
C PHE C 471 55.94 -30.13 -19.87
N GLN C 472 55.51 -30.76 -20.96
CA GLN C 472 56.41 -31.35 -21.95
C GLN C 472 55.99 -30.91 -23.34
N PRO C 473 56.93 -30.75 -24.27
CA PRO C 473 56.55 -30.45 -25.65
C PRO C 473 55.74 -31.58 -26.27
N THR C 474 54.94 -31.22 -27.27
CA THR C 474 54.01 -32.06 -28.00
C THR C 474 52.84 -32.54 -27.14
N ASN C 475 52.76 -32.11 -25.88
CA ASN C 475 51.62 -32.47 -25.05
C ASN C 475 50.36 -31.75 -25.54
N GLY C 476 49.22 -32.18 -25.01
CA GLY C 476 47.98 -31.52 -25.36
C GLY C 476 47.96 -30.07 -24.92
N VAL C 477 47.28 -29.24 -25.71
CA VAL C 477 47.18 -27.82 -25.39
C VAL C 477 46.49 -27.63 -24.05
N GLY C 478 45.61 -28.56 -23.67
CA GLY C 478 45.03 -28.54 -22.34
C GLY C 478 45.97 -29.01 -21.25
N TYR C 479 47.16 -29.49 -21.60
CA TYR C 479 48.17 -29.90 -20.64
C TYR C 479 49.42 -29.03 -20.69
N GLN C 480 49.54 -28.15 -21.69
CA GLN C 480 50.69 -27.27 -21.79
C GLN C 480 50.65 -26.23 -20.66
N PRO C 481 51.82 -25.74 -20.25
CA PRO C 481 51.84 -24.68 -19.23
C PRO C 481 51.15 -23.41 -19.73
N TYR C 482 50.44 -22.74 -18.83
CA TYR C 482 49.73 -21.51 -19.13
C TYR C 482 50.06 -20.46 -18.08
N ARG C 483 50.53 -19.30 -18.54
CA ARG C 483 50.85 -18.20 -17.65
C ARG C 483 49.60 -17.35 -17.45
N VAL C 484 49.12 -17.30 -16.21
CA VAL C 484 47.88 -16.62 -15.86
C VAL C 484 48.18 -15.60 -14.77
N VAL C 485 47.56 -14.43 -14.88
CA VAL C 485 47.73 -13.35 -13.91
C VAL C 485 46.37 -12.96 -13.36
N VAL C 486 46.25 -12.90 -12.04
CA VAL C 486 45.02 -12.53 -11.35
C VAL C 486 45.19 -11.12 -10.83
N LEU C 487 44.41 -10.18 -11.35
CA LEU C 487 44.46 -8.78 -10.94
C LEU C 487 43.28 -8.51 -10.02
N SER C 488 43.57 -8.18 -8.77
CA SER C 488 42.54 -7.87 -7.78
C SER C 488 42.52 -6.35 -7.54
N PHE C 489 41.37 -5.74 -7.77
CA PHE C 489 41.20 -4.30 -7.60
C PHE C 489 40.55 -4.03 -6.25
N GLU C 490 41.09 -3.07 -5.51
CA GLU C 490 40.59 -2.71 -4.19
C GLU C 490 40.12 -1.28 -4.19
N LEU C 491 38.99 -1.02 -3.54
CA LEU C 491 38.40 0.30 -3.42
C LEU C 491 38.25 0.61 -1.94
N LEU C 492 39.28 1.18 -1.35
CA LEU C 492 39.28 1.54 0.06
C LEU C 492 38.96 3.03 0.25
N HIS C 493 38.79 3.42 1.51
CA HIS C 493 38.53 4.82 1.83
C HIS C 493 39.74 5.70 1.58
N ALA C 494 40.92 5.11 1.40
CA ALA C 494 42.13 5.89 1.21
C ALA C 494 42.08 6.64 -0.12
N PRO C 495 42.78 7.77 -0.22
CA PRO C 495 42.86 8.47 -1.51
C PRO C 495 43.48 7.60 -2.59
N ALA C 496 43.02 7.79 -3.82
CA ALA C 496 43.44 6.95 -4.93
C ALA C 496 44.95 7.07 -5.16
N THR C 497 45.57 5.94 -5.51
CA THR C 497 47.04 5.93 -5.80
C THR C 497 47.27 5.57 -7.27
N VAL C 498 46.50 4.61 -7.80
CA VAL C 498 46.63 4.22 -9.20
C VAL C 498 45.49 4.88 -9.96
N CYS C 499 45.82 5.81 -10.87
CA CYS C 499 44.82 6.65 -11.49
C CYS C 499 44.69 6.47 -12.99
N GLY C 500 45.78 6.32 -13.73
CA GLY C 500 45.71 6.21 -15.16
C GLY C 500 45.84 7.56 -15.85
N PRO C 501 45.97 7.56 -17.17
CA PRO C 501 46.25 8.80 -17.89
C PRO C 501 44.99 9.62 -18.22
N LYS C 502 44.92 10.83 -17.69
CA LYS C 502 43.88 11.80 -18.02
C LYS C 502 44.41 13.20 -17.72
N LYS C 503 43.92 14.17 -18.50
CA LYS C 503 44.37 15.55 -18.37
C LYS C 503 43.49 16.30 -17.39
N SER C 504 44.11 17.01 -16.45
CA SER C 504 43.38 17.78 -15.46
C SER C 504 43.36 19.26 -15.85
N THR C 505 42.29 19.94 -15.44
CA THR C 505 42.06 21.34 -15.77
C THR C 505 42.08 22.18 -14.49
N ASN C 506 41.71 23.45 -14.64
CA ASN C 506 41.66 24.37 -13.50
C ASN C 506 40.28 24.35 -12.88
N LEU C 507 40.02 25.28 -11.97
CA LEU C 507 38.77 25.33 -11.22
C LEU C 507 37.88 26.47 -11.72
N VAL C 508 36.59 26.18 -11.82
CA VAL C 508 35.58 27.16 -12.21
C VAL C 508 34.62 27.34 -11.04
N LYS C 509 34.39 28.59 -10.65
CA LYS C 509 33.60 28.90 -9.47
C LYS C 509 32.26 29.51 -9.87
N ASN C 510 31.25 29.28 -9.01
CA ASN C 510 29.94 29.92 -9.13
C ASN C 510 29.24 29.57 -10.44
N LYS C 511 29.40 28.33 -10.88
CA LYS C 511 28.71 27.85 -12.08
C LYS C 511 28.28 26.41 -11.87
N CYS C 512 27.18 26.04 -12.52
CA CYS C 512 26.77 24.64 -12.57
C CYS C 512 27.70 23.89 -13.51
N VAL C 513 28.53 23.01 -12.96
CA VAL C 513 29.56 22.32 -13.72
C VAL C 513 29.56 20.84 -13.33
N ASN C 514 30.26 20.04 -14.13
CA ASN C 514 30.44 18.62 -13.89
C ASN C 514 31.74 18.42 -13.12
N PHE C 515 31.70 17.51 -12.15
CA PHE C 515 32.78 17.36 -11.18
C PHE C 515 33.54 16.08 -11.42
N ASN C 516 34.86 16.14 -11.32
CA ASN C 516 35.66 14.91 -11.27
C ASN C 516 36.88 15.18 -10.39
N PHE C 517 36.72 14.89 -9.10
CA PHE C 517 37.82 14.88 -8.14
C PHE C 517 37.98 13.42 -7.74
N ASN C 518 38.83 12.70 -8.47
CA ASN C 518 38.92 11.25 -8.30
C ASN C 518 39.21 10.88 -6.85
N GLY C 519 38.42 9.94 -6.33
CA GLY C 519 37.41 9.24 -7.11
C GLY C 519 35.97 9.74 -7.04
N LEU C 520 35.78 10.97 -6.55
CA LEU C 520 34.44 11.52 -6.40
C LEU C 520 34.03 12.26 -7.67
N THR C 521 32.79 12.00 -8.11
CA THR C 521 32.21 12.66 -9.27
C THR C 521 30.82 13.17 -8.92
N GLY C 522 30.37 14.18 -9.66
CA GLY C 522 29.07 14.76 -9.40
C GLY C 522 28.88 16.03 -10.22
N THR C 523 27.79 16.73 -9.90
CA THR C 523 27.50 18.03 -10.51
C THR C 523 27.01 18.98 -9.42
N GLY C 524 27.20 20.26 -9.66
CA GLY C 524 26.76 21.27 -8.70
C GLY C 524 27.46 22.59 -8.95
N VAL C 525 27.47 23.42 -7.90
CA VAL C 525 28.07 24.75 -7.94
C VAL C 525 29.22 24.78 -6.93
N LEU C 526 30.37 25.25 -7.38
CA LEU C 526 31.56 25.32 -6.54
C LEU C 526 31.81 26.75 -6.09
N THR C 527 31.94 26.94 -4.79
CA THR C 527 32.36 28.21 -4.20
C THR C 527 33.56 27.95 -3.30
N GLU C 528 34.00 28.98 -2.58
CA GLU C 528 35.13 28.83 -1.67
C GLU C 528 34.62 28.41 -0.29
N SER C 529 35.02 27.21 0.13
CA SER C 529 34.57 26.66 1.40
C SER C 529 35.42 27.18 2.55
N ASN C 530 34.76 27.45 3.68
CA ASN C 530 35.43 27.88 4.90
C ASN C 530 35.39 26.81 5.99
N LYS C 531 35.09 25.56 5.62
CA LYS C 531 35.12 24.48 6.59
C LYS C 531 36.55 24.22 7.07
N LYS C 532 36.67 23.85 8.33
CA LYS C 532 37.97 23.64 8.97
C LYS C 532 38.27 22.13 8.96
N PHE C 533 38.76 21.64 7.83
CA PHE C 533 39.17 20.26 7.73
C PHE C 533 40.42 20.01 8.56
N LEU C 534 40.53 18.78 9.07
CA LEU C 534 41.77 18.34 9.68
C LEU C 534 42.75 17.88 8.61
N PRO C 535 44.05 17.88 8.90
CA PRO C 535 45.04 17.57 7.85
C PRO C 535 44.82 16.21 7.18
N PHE C 536 44.36 15.21 7.92
CA PHE C 536 44.09 13.90 7.36
C PHE C 536 42.72 13.80 6.71
N GLN C 537 41.93 14.87 6.75
CA GLN C 537 40.52 14.82 6.38
C GLN C 537 40.34 15.28 4.93
N GLN C 538 39.55 14.53 4.17
CA GLN C 538 39.39 14.78 2.75
C GLN C 538 38.00 15.24 2.35
N PHE C 539 36.95 14.76 3.00
CA PHE C 539 35.59 14.96 2.53
C PHE C 539 34.72 15.56 3.63
N GLY C 540 33.68 16.24 3.22
CA GLY C 540 32.64 16.70 4.14
C GLY C 540 31.32 16.04 3.80
N ARG C 541 30.45 15.93 4.79
CA ARG C 541 29.14 15.32 4.61
C ARG C 541 28.12 16.02 5.47
N ASP C 542 26.86 15.94 5.05
CA ASP C 542 25.78 16.66 5.72
C ASP C 542 25.00 15.71 6.62
N ILE C 543 23.93 16.24 7.21
CA ILE C 543 23.14 15.47 8.18
C ILE C 543 22.53 14.24 7.52
N ALA C 544 22.10 14.37 6.26
CA ALA C 544 21.53 13.25 5.52
C ALA C 544 22.59 12.41 4.82
N ASP C 545 23.84 12.48 5.29
CA ASP C 545 24.95 11.72 4.71
C ASP C 545 25.11 12.03 3.23
N THR C 546 25.18 13.32 2.91
CA THR C 546 25.35 13.78 1.54
C THR C 546 26.59 14.67 1.45
N THR C 547 27.29 14.56 0.32
CA THR C 547 28.55 15.27 0.14
C THR C 547 28.35 16.78 0.26
N ASP C 548 29.26 17.44 0.96
CA ASP C 548 29.19 18.88 1.18
C ASP C 548 30.48 19.63 0.93
N ALA C 549 31.63 18.95 0.83
CA ALA C 549 32.89 19.63 0.58
C ALA C 549 33.88 18.62 0.02
N VAL C 550 34.89 19.15 -0.69
CA VAL C 550 35.91 18.34 -1.33
C VAL C 550 37.25 19.05 -1.16
N ARG C 551 38.34 18.26 -1.16
CA ARG C 551 39.68 18.79 -1.21
C ARG C 551 40.19 18.82 -2.66
N ASP C 552 40.95 19.86 -2.97
CA ASP C 552 41.55 19.98 -4.29
C ASP C 552 42.72 19.00 -4.42
N PRO C 553 42.72 18.09 -5.39
CA PRO C 553 43.82 17.13 -5.50
C PRO C 553 45.18 17.77 -5.72
N GLN C 554 45.24 18.96 -6.32
CA GLN C 554 46.52 19.57 -6.66
C GLN C 554 46.91 20.71 -5.73
N THR C 555 45.95 21.44 -5.18
CA THR C 555 46.26 22.55 -4.27
C THR C 555 45.82 22.30 -2.84
N LEU C 556 45.15 21.17 -2.57
CA LEU C 556 44.76 20.79 -1.21
C LEU C 556 43.89 21.87 -0.56
N GLU C 557 42.93 22.39 -1.32
CA GLU C 557 42.03 23.43 -0.83
C GLU C 557 40.61 22.91 -0.75
N ILE C 558 39.86 23.43 0.23
CA ILE C 558 38.50 22.98 0.48
C ILE C 558 37.55 23.73 -0.45
N LEU C 559 36.59 23.01 -1.03
CA LEU C 559 35.62 23.58 -1.95
C LEU C 559 34.21 23.26 -1.47
N ASP C 560 33.33 24.26 -1.55
CA ASP C 560 31.96 24.12 -1.08
C ASP C 560 31.04 23.79 -2.25
N ILE C 561 30.05 22.93 -2.00
CA ILE C 561 29.17 22.41 -3.03
C ILE C 561 27.74 22.82 -2.73
N THR C 562 27.05 23.35 -3.75
CA THR C 562 25.66 23.73 -3.67
C THR C 562 24.95 23.22 -4.91
N PRO C 563 23.79 22.60 -4.79
CA PRO C 563 23.10 22.04 -5.97
C PRO C 563 22.56 23.12 -6.89
N CYS C 564 22.36 22.72 -8.14
CA CYS C 564 21.72 23.61 -9.10
C CYS C 564 20.24 23.76 -8.78
N SER C 565 19.72 24.96 -9.04
CA SER C 565 18.34 25.25 -8.71
C SER C 565 17.38 24.51 -9.66
N PHE C 566 16.18 24.25 -9.16
CA PHE C 566 15.17 23.52 -9.91
C PHE C 566 13.81 23.80 -9.27
N GLY C 567 12.76 23.32 -9.92
CA GLY C 567 11.42 23.51 -9.42
C GLY C 567 10.40 23.17 -10.49
N GLY C 568 9.15 23.52 -10.19
CA GLY C 568 8.04 23.24 -11.08
C GLY C 568 7.63 24.45 -11.90
N VAL C 569 7.02 24.17 -13.04
CA VAL C 569 6.52 25.19 -13.96
C VAL C 569 5.01 25.06 -14.06
N SER C 570 4.30 26.16 -13.81
CA SER C 570 2.85 26.18 -13.86
C SER C 570 2.39 27.32 -14.77
N VAL C 571 1.26 27.12 -15.43
CA VAL C 571 0.74 28.04 -16.43
C VAL C 571 -0.58 28.62 -15.92
N ILE C 572 -0.67 29.94 -15.93
CA ILE C 572 -1.86 30.67 -15.49
C ILE C 572 -2.64 31.07 -16.73
N THR C 573 -3.92 30.69 -16.80
CA THR C 573 -4.71 30.98 -17.96
C THR C 573 -6.17 31.24 -17.59
N PRO C 574 -6.79 32.24 -18.21
CA PRO C 574 -8.25 32.30 -18.23
C PRO C 574 -8.79 31.25 -19.19
N GLY C 575 -10.10 31.19 -19.39
CA GLY C 575 -10.64 30.24 -20.33
C GLY C 575 -10.19 30.54 -21.75
N THR C 576 -10.15 29.49 -22.57
CA THR C 576 -9.82 29.67 -23.98
C THR C 576 -10.89 30.45 -24.72
N ASN C 577 -12.12 30.44 -24.21
CA ASN C 577 -13.22 31.18 -24.83
C ASN C 577 -12.99 32.69 -24.82
N THR C 578 -12.14 33.18 -23.91
CA THR C 578 -11.95 34.62 -23.73
C THR C 578 -10.61 35.12 -24.25
N SER C 579 -9.56 34.31 -24.20
CA SER C 579 -8.24 34.77 -24.60
C SER C 579 -7.37 33.57 -24.94
N ASN C 580 -6.20 33.87 -25.52
CA ASN C 580 -5.19 32.86 -25.80
C ASN C 580 -3.85 33.19 -25.18
N GLN C 581 -3.77 34.22 -24.34
CA GLN C 581 -2.52 34.60 -23.69
C GLN C 581 -2.48 34.05 -22.27
N VAL C 582 -1.28 33.70 -21.82
CA VAL C 582 -1.08 33.03 -20.55
C VAL C 582 0.11 33.67 -19.84
N ALA C 583 0.24 33.33 -18.55
CA ALA C 583 1.38 33.72 -17.75
C ALA C 583 2.03 32.46 -17.15
N VAL C 584 3.33 32.53 -16.92
CA VAL C 584 4.12 31.39 -16.49
C VAL C 584 4.76 31.71 -15.15
N LEU C 585 4.71 30.76 -14.23
CA LEU C 585 5.29 30.90 -12.90
C LEU C 585 6.39 29.86 -12.71
N TYR C 586 7.56 30.31 -12.29
CA TYR C 586 8.67 29.43 -11.95
C TYR C 586 8.78 29.40 -10.43
N GLN C 587 8.42 28.26 -9.84
CA GLN C 587 8.24 28.18 -8.40
C GLN C 587 9.58 28.10 -7.68
N GLY C 588 9.76 28.98 -6.68
CA GLY C 588 10.95 28.98 -5.87
C GLY C 588 12.22 29.30 -6.61
N VAL C 589 12.20 30.29 -7.49
CA VAL C 589 13.32 30.61 -8.34
C VAL C 589 13.67 32.08 -8.14
N ASN C 590 14.88 32.45 -8.56
CA ASN C 590 15.31 33.84 -8.58
C ASN C 590 15.39 34.32 -10.02
N CYS C 591 14.83 35.49 -10.29
CA CYS C 591 14.93 36.07 -11.62
C CYS C 591 16.34 36.54 -11.94
N THR C 592 17.15 36.83 -10.91
CA THR C 592 18.55 37.22 -11.06
C THR C 592 19.41 36.13 -10.42
N GLU C 593 19.78 35.12 -11.19
CA GLU C 593 19.42 34.99 -12.59
C GLU C 593 18.57 33.73 -12.77
N VAL C 594 17.65 33.76 -13.72
CA VAL C 594 16.82 32.60 -14.03
C VAL C 594 17.26 32.06 -15.38
N PRO C 595 18.31 31.23 -15.44
CA PRO C 595 18.74 30.67 -16.72
C PRO C 595 17.73 29.72 -17.31
N VAL C 596 16.81 29.18 -16.51
CA VAL C 596 15.84 28.25 -17.04
C VAL C 596 14.74 28.97 -17.80
N ALA C 597 14.47 30.23 -17.47
CA ALA C 597 13.62 31.03 -18.35
C ALA C 597 14.27 31.20 -19.70
N ASN C 615 7.46 42.62 -18.09
CA ASN C 615 6.70 41.40 -17.87
C ASN C 615 7.38 40.44 -16.91
N VAL C 616 8.40 40.89 -16.19
CA VAL C 616 9.13 40.06 -15.25
C VAL C 616 8.99 40.67 -13.87
N PHE C 617 8.58 39.86 -12.90
CA PHE C 617 8.32 40.31 -11.55
C PHE C 617 8.71 39.22 -10.58
N GLN C 618 9.38 39.60 -9.50
CA GLN C 618 9.79 38.67 -8.46
C GLN C 618 8.78 38.74 -7.32
N THR C 619 8.09 37.64 -7.07
CA THR C 619 7.11 37.52 -6.01
C THR C 619 7.61 36.57 -4.94
N ARG C 620 6.88 36.48 -3.83
CA ARG C 620 7.26 35.55 -2.77
C ARG C 620 7.09 34.09 -3.18
N ALA C 621 6.40 33.82 -4.29
CA ALA C 621 6.17 32.45 -4.73
C ALA C 621 7.09 32.02 -5.86
N GLY C 622 7.86 32.92 -6.44
CA GLY C 622 8.76 32.60 -7.52
C GLY C 622 8.83 33.74 -8.51
N CYS C 623 9.25 33.42 -9.72
CA CYS C 623 9.33 34.39 -10.81
C CYS C 623 8.09 34.28 -11.67
N LEU C 624 7.42 35.41 -11.89
CA LEU C 624 6.20 35.47 -12.68
C LEU C 624 6.47 36.22 -13.97
N ILE C 625 6.16 35.60 -15.10
CA ILE C 625 6.44 36.16 -16.41
C ILE C 625 5.14 36.28 -17.19
N GLY C 626 4.86 37.48 -17.70
CA GLY C 626 3.69 37.73 -18.51
C GLY C 626 2.54 38.42 -17.81
N ALA C 627 2.75 38.97 -16.63
CA ALA C 627 1.70 39.65 -15.88
C ALA C 627 2.17 41.03 -15.45
N GLU C 628 1.22 41.95 -15.34
CA GLU C 628 1.50 43.33 -14.97
C GLU C 628 1.14 43.55 -13.51
N HIS C 629 2.03 44.20 -12.77
CA HIS C 629 1.85 44.41 -11.34
C HIS C 629 1.09 45.70 -11.08
N VAL C 630 0.12 45.63 -10.16
CA VAL C 630 -0.66 46.78 -9.72
C VAL C 630 -0.69 46.76 -8.19
N ASN C 631 -1.15 47.87 -7.61
CA ASN C 631 -1.30 47.96 -6.17
C ASN C 631 -2.72 48.36 -5.78
N ASN C 632 -3.71 47.72 -6.40
CA ASN C 632 -5.10 47.81 -5.97
C ASN C 632 -5.56 46.40 -5.62
N SER C 633 -6.09 46.24 -4.40
CA SER C 633 -6.46 44.93 -3.91
C SER C 633 -7.89 44.57 -4.33
N TYR C 634 -8.10 43.28 -4.60
CA TYR C 634 -9.40 42.78 -5.03
C TYR C 634 -9.61 41.39 -4.44
N GLU C 635 -10.76 40.81 -4.72
CA GLU C 635 -11.05 39.45 -4.30
C GLU C 635 -10.25 38.47 -5.16
N CYS C 636 -9.81 37.38 -4.56
CA CYS C 636 -8.96 36.43 -5.26
C CYS C 636 -9.75 35.74 -6.38
N ASP C 637 -9.11 35.63 -7.54
CA ASP C 637 -9.67 34.96 -8.70
C ASP C 637 -8.89 33.70 -9.07
N ILE C 638 -7.59 33.84 -9.28
CA ILE C 638 -6.71 32.69 -9.50
C ILE C 638 -5.59 32.77 -8.47
N PRO C 639 -5.51 31.83 -7.52
CA PRO C 639 -4.53 31.95 -6.44
C PRO C 639 -3.14 31.54 -6.89
N ILE C 640 -2.16 32.38 -6.57
CA ILE C 640 -0.75 32.06 -6.87
C ILE C 640 -0.06 31.48 -5.65
N GLY C 641 -0.25 32.09 -4.49
CA GLY C 641 0.40 31.66 -3.27
C GLY C 641 1.02 32.84 -2.55
N ALA C 642 1.18 32.71 -1.24
CA ALA C 642 1.76 33.75 -0.39
C ALA C 642 0.99 35.06 -0.49
N GLY C 643 -0.33 34.97 -0.65
CA GLY C 643 -1.18 36.14 -0.66
C GLY C 643 -1.29 36.86 -1.98
N ILE C 644 -0.71 36.33 -3.05
CA ILE C 644 -0.75 36.96 -4.36
C ILE C 644 -1.81 36.28 -5.21
N CYS C 645 -2.63 37.06 -5.90
CA CYS C 645 -3.70 36.56 -6.73
C CYS C 645 -3.63 37.23 -8.09
N ALA C 646 -4.18 36.56 -9.11
CA ALA C 646 -4.11 37.05 -10.47
C ALA C 646 -5.46 36.88 -11.16
N SER C 647 -5.75 37.81 -12.08
CA SER C 647 -6.98 37.76 -12.86
C SER C 647 -6.76 38.49 -14.18
N TYR C 648 -7.57 38.13 -15.17
CA TYR C 648 -7.55 38.75 -16.49
C TYR C 648 -8.91 39.38 -16.76
N GLN C 649 -8.90 40.65 -17.13
CA GLN C 649 -10.14 41.38 -17.37
C GLN C 649 -9.82 42.69 -18.06
N THR C 650 -10.84 43.28 -18.68
CA THR C 650 -10.68 44.56 -19.37
C THR C 650 -10.43 45.70 -18.39
N ALA C 662 -6.47 46.61 -22.88
CA ALA C 662 -7.32 45.93 -21.91
C ALA C 662 -7.65 44.51 -22.33
N SER C 663 -7.17 44.09 -23.50
CA SER C 663 -7.38 42.75 -24.00
C SER C 663 -6.11 41.93 -23.81
N GLN C 664 -6.28 40.68 -23.41
CA GLN C 664 -5.17 39.76 -23.15
C GLN C 664 -4.23 40.26 -22.06
N SER C 665 -4.70 41.16 -21.20
CA SER C 665 -3.86 41.72 -20.15
C SER C 665 -4.17 41.02 -18.83
N ILE C 666 -3.15 40.40 -18.24
CA ILE C 666 -3.27 39.69 -16.98
C ILE C 666 -2.50 40.46 -15.92
N ILE C 667 -3.13 40.64 -14.76
CA ILE C 667 -2.57 41.47 -13.70
C ILE C 667 -2.39 40.62 -12.44
N ALA C 668 -1.46 41.06 -11.59
CA ALA C 668 -1.17 40.41 -10.32
C ALA C 668 -1.29 41.41 -9.19
N TYR C 669 -1.96 41.01 -8.11
CA TYR C 669 -2.25 41.91 -7.01
C TYR C 669 -2.26 41.13 -5.71
N THR C 670 -2.16 41.85 -4.60
CA THR C 670 -2.31 41.25 -3.28
C THR C 670 -3.78 41.11 -2.93
N MET C 671 -4.12 39.99 -2.28
CA MET C 671 -5.51 39.68 -2.01
C MET C 671 -6.12 40.65 -1.02
N SER C 672 -7.44 40.81 -1.10
CA SER C 672 -8.21 41.64 -0.19
C SER C 672 -9.11 40.77 0.66
N LEU C 673 -9.29 41.15 1.93
CA LEU C 673 -10.03 40.34 2.88
C LEU C 673 -11.51 40.71 2.99
N GLY C 674 -11.92 41.84 2.42
CA GLY C 674 -13.32 42.20 2.46
C GLY C 674 -13.61 43.69 2.50
N GLU C 675 -14.89 44.05 2.53
CA GLU C 675 -15.28 45.44 2.59
C GLU C 675 -15.27 45.94 4.03
N GLU C 676 -14.61 47.08 4.24
CA GLU C 676 -14.51 47.61 5.59
C GLU C 676 -15.86 48.11 6.09
N ASN C 677 -16.09 47.93 7.38
CA ASN C 677 -17.32 48.34 8.03
C ASN C 677 -17.00 49.19 9.25
N SER C 678 -17.82 50.21 9.46
CA SER C 678 -17.64 51.11 10.59
C SER C 678 -18.98 51.31 11.29
N VAL C 679 -18.91 51.47 12.61
CA VAL C 679 -20.09 51.64 13.44
C VAL C 679 -19.92 52.88 14.30
N ALA C 680 -21.04 53.45 14.72
CA ALA C 680 -21.02 54.61 15.61
C ALA C 680 -20.94 54.13 17.05
N TYR C 681 -20.03 54.75 17.82
CA TYR C 681 -19.72 54.31 19.17
C TYR C 681 -20.51 55.14 20.18
N SER C 682 -21.19 54.46 21.10
CA SER C 682 -21.96 55.11 22.14
C SER C 682 -22.15 54.13 23.29
N ASN C 683 -22.74 54.62 24.37
CA ASN C 683 -22.92 53.81 25.56
C ASN C 683 -24.39 53.57 25.93
N ASN C 684 -25.33 54.17 25.19
CA ASN C 684 -26.74 54.00 25.53
C ASN C 684 -27.62 53.84 24.29
N SER C 685 -27.09 53.25 23.23
CA SER C 685 -27.84 53.09 22.00
C SER C 685 -28.09 51.62 21.71
N ILE C 686 -29.15 51.35 20.95
CA ILE C 686 -29.51 50.00 20.54
C ILE C 686 -30.25 50.08 19.22
N ALA C 687 -30.09 49.05 18.40
CA ALA C 687 -30.74 48.96 17.10
C ALA C 687 -31.72 47.80 17.11
N ILE C 688 -32.92 48.05 16.61
CA ILE C 688 -33.99 47.05 16.61
C ILE C 688 -34.61 46.96 15.22
N PRO C 689 -34.73 45.78 14.63
CA PRO C 689 -35.31 45.66 13.29
C PRO C 689 -36.78 46.04 13.27
N THR C 690 -37.22 46.58 12.13
CA THR C 690 -38.62 46.92 11.92
C THR C 690 -39.25 46.15 10.77
N ASN C 691 -38.59 45.10 10.28
CA ASN C 691 -39.07 44.34 9.15
C ASN C 691 -38.35 43.00 9.12
N PHE C 692 -38.71 42.16 8.16
CA PHE C 692 -38.06 40.86 7.99
C PHE C 692 -38.27 40.38 6.57
N THR C 693 -37.46 39.38 6.19
CA THR C 693 -37.60 38.71 4.92
C THR C 693 -37.40 37.21 5.10
N ILE C 694 -38.00 36.44 4.20
CA ILE C 694 -37.90 34.99 4.21
C ILE C 694 -36.87 34.58 3.17
N SER C 695 -35.93 33.73 3.56
CA SER C 695 -34.81 33.34 2.72
C SER C 695 -34.79 31.82 2.56
N VAL C 696 -34.46 31.35 1.36
CA VAL C 696 -34.35 29.93 1.07
C VAL C 696 -33.01 29.69 0.37
N THR C 697 -32.24 28.73 0.89
CA THR C 697 -30.96 28.35 0.32
C THR C 697 -30.90 26.84 0.17
N THR C 698 -29.86 26.37 -0.50
CA THR C 698 -29.70 24.95 -0.82
C THR C 698 -28.40 24.40 -0.25
N GLU C 699 -28.30 23.08 -0.24
CA GLU C 699 -27.14 22.38 0.28
C GLU C 699 -27.10 20.98 -0.32
N ILE C 700 -25.91 20.56 -0.76
CA ILE C 700 -25.74 19.32 -1.50
C ILE C 700 -24.73 18.44 -0.78
N ILE C 701 -25.08 17.19 -0.55
CA ILE C 701 -24.23 16.26 0.19
C ILE C 701 -24.15 14.92 -0.54
N PRO C 702 -22.95 14.42 -0.84
CA PRO C 702 -22.83 13.06 -1.39
C PRO C 702 -23.24 12.01 -0.37
N VAL C 703 -23.77 10.89 -0.86
CA VAL C 703 -24.27 9.82 -0.02
C VAL C 703 -23.58 8.49 -0.32
N SER C 704 -23.50 8.12 -1.61
CA SER C 704 -22.96 6.84 -2.00
C SER C 704 -22.13 6.99 -3.26
N MET C 705 -21.49 5.90 -3.67
CA MET C 705 -20.68 5.87 -4.88
C MET C 705 -20.88 4.53 -5.59
N GLN C 706 -20.21 4.38 -6.73
CA GLN C 706 -20.48 3.26 -7.61
C GLN C 706 -19.90 1.96 -7.06
N LYS C 707 -20.59 0.86 -7.34
CA LYS C 707 -20.20 -0.47 -6.86
C LYS C 707 -19.49 -1.21 -7.98
N VAL C 708 -18.29 -1.71 -7.68
CA VAL C 708 -17.39 -2.30 -8.67
C VAL C 708 -16.93 -3.66 -8.16
N SER C 709 -16.96 -4.66 -9.03
CA SER C 709 -16.44 -5.99 -8.74
C SER C 709 -15.40 -6.35 -9.79
N VAL C 710 -14.32 -7.00 -9.36
CA VAL C 710 -13.19 -7.30 -10.22
C VAL C 710 -12.82 -8.77 -10.09
N ASP C 711 -12.57 -9.42 -11.22
CA ASP C 711 -12.01 -10.77 -11.20
C ASP C 711 -10.49 -10.71 -11.20
N CYS C 712 -9.89 -11.25 -10.14
CA CYS C 712 -8.45 -11.14 -9.93
C CYS C 712 -7.65 -11.92 -10.96
N THR C 713 -8.01 -13.19 -11.22
CA THR C 713 -7.22 -14.00 -12.14
C THR C 713 -7.47 -13.59 -13.59
N MET C 714 -8.70 -13.23 -13.92
CA MET C 714 -9.01 -12.81 -15.28
C MET C 714 -8.28 -11.52 -15.65
N TYR C 715 -8.06 -10.63 -14.68
CA TYR C 715 -7.31 -9.41 -14.95
C TYR C 715 -5.84 -9.71 -15.21
N ILE C 716 -5.24 -10.61 -14.42
CA ILE C 716 -3.81 -10.84 -14.51
C ILE C 716 -3.49 -11.86 -15.59
N CYS C 717 -4.18 -12.99 -15.59
CA CYS C 717 -3.85 -14.10 -16.47
C CYS C 717 -5.03 -14.48 -17.35
N GLY C 718 -5.66 -13.49 -17.97
CA GLY C 718 -6.88 -13.72 -18.74
C GLY C 718 -6.75 -14.79 -19.81
N ASP C 719 -7.43 -15.91 -19.60
CA ASP C 719 -7.47 -17.02 -20.55
C ASP C 719 -6.05 -17.53 -20.89
N SER C 720 -5.39 -18.05 -19.87
CA SER C 720 -4.07 -18.65 -20.04
C SER C 720 -3.84 -19.61 -18.89
N GLU C 721 -3.31 -20.79 -19.19
CA GLU C 721 -3.18 -21.82 -18.16
C GLU C 721 -1.82 -21.76 -17.48
N GLU C 722 -0.75 -21.46 -18.22
CA GLU C 722 0.56 -21.33 -17.60
C GLU C 722 0.58 -20.22 -16.57
N CYS C 723 0.00 -19.06 -16.93
CA CYS C 723 -0.08 -17.95 -15.99
C CYS C 723 -0.94 -18.33 -14.79
N SER C 724 -2.05 -19.02 -15.01
CA SER C 724 -2.92 -19.42 -13.92
C SER C 724 -2.20 -20.35 -12.94
N ASN C 725 -1.43 -21.31 -13.46
CA ASN C 725 -0.69 -22.20 -12.59
C ASN C 725 0.44 -21.49 -11.87
N LEU C 726 1.06 -20.51 -12.52
CA LEU C 726 2.08 -19.72 -11.84
C LEU C 726 1.48 -18.85 -10.75
N LEU C 727 0.23 -18.43 -10.90
CA LEU C 727 -0.40 -17.56 -9.92
C LEU C 727 -0.61 -18.25 -8.58
N LEU C 728 -0.86 -19.55 -8.59
CA LEU C 728 -1.13 -20.27 -7.33
C LEU C 728 0.07 -20.26 -6.39
N GLN C 729 1.25 -19.92 -6.88
CA GLN C 729 2.42 -19.87 -6.01
C GLN C 729 2.39 -18.67 -5.07
N TYR C 730 1.54 -17.68 -5.34
CA TYR C 730 1.49 -16.45 -4.57
C TYR C 730 0.48 -16.48 -3.43
N GLY C 731 -0.18 -17.60 -3.20
CA GLY C 731 -1.06 -17.71 -2.05
C GLY C 731 -2.48 -17.27 -2.28
N SER C 732 -2.92 -16.25 -1.54
CA SER C 732 -4.32 -15.86 -1.47
C SER C 732 -4.49 -14.34 -1.56
N PHE C 733 -3.83 -13.72 -2.53
CA PHE C 733 -4.02 -12.28 -2.75
C PHE C 733 -5.41 -12.00 -3.31
N CYS C 734 -5.85 -12.84 -4.26
CA CYS C 734 -7.10 -12.58 -4.96
C CYS C 734 -8.28 -12.59 -4.02
N THR C 735 -8.29 -13.52 -3.06
CA THR C 735 -9.39 -13.57 -2.10
C THR C 735 -9.46 -12.31 -1.26
N GLN C 736 -8.31 -11.80 -0.83
CA GLN C 736 -8.29 -10.57 -0.03
C GLN C 736 -8.84 -9.39 -0.83
N LEU C 737 -8.40 -9.25 -2.09
CA LEU C 737 -8.87 -8.13 -2.89
C LEU C 737 -10.37 -8.23 -3.13
N ASN C 738 -10.86 -9.42 -3.45
CA ASN C 738 -12.29 -9.61 -3.67
C ASN C 738 -13.08 -9.29 -2.42
N ARG C 739 -12.59 -9.73 -1.26
CA ARG C 739 -13.29 -9.46 -0.01
C ARG C 739 -13.38 -7.96 0.27
N ALA C 740 -12.28 -7.23 0.06
CA ALA C 740 -12.30 -5.79 0.30
C ALA C 740 -13.32 -5.10 -0.60
N LEU C 741 -13.32 -5.45 -1.89
CA LEU C 741 -14.26 -4.80 -2.81
C LEU C 741 -15.70 -5.14 -2.43
N HIS C 742 -15.94 -6.38 -2.00
CA HIS C 742 -17.29 -6.76 -1.59
C HIS C 742 -17.76 -5.98 -0.37
N GLU C 743 -16.87 -5.77 0.60
CA GLU C 743 -17.25 -5.00 1.78
C GLU C 743 -17.61 -3.56 1.39
N ILE C 744 -16.83 -2.96 0.49
CA ILE C 744 -17.17 -1.62 0.03
C ILE C 744 -18.56 -1.61 -0.62
N ALA C 745 -18.83 -2.60 -1.47
CA ALA C 745 -20.11 -2.65 -2.17
C ALA C 745 -21.27 -2.76 -1.19
N VAL C 746 -21.11 -3.53 -0.12
CA VAL C 746 -22.18 -3.63 0.88
C VAL C 746 -22.36 -2.31 1.63
N GLU C 747 -21.25 -1.66 1.97
CA GLU C 747 -21.34 -0.41 2.72
C GLU C 747 -22.09 0.66 1.94
N GLN C 748 -21.99 0.64 0.61
CA GLN C 748 -22.74 1.64 -0.17
C GLN C 748 -24.25 1.54 0.07
N ASP C 749 -24.79 0.33 -0.03
CA ASP C 749 -26.22 0.14 0.20
C ASP C 749 -26.59 0.45 1.65
N LYS C 750 -25.69 0.14 2.59
CA LYS C 750 -25.97 0.51 3.97
C LYS C 750 -26.08 2.02 4.13
N ASN C 751 -25.21 2.78 3.46
CA ASN C 751 -25.27 4.23 3.51
C ASN C 751 -26.61 4.74 3.00
N THR C 752 -27.03 4.26 1.82
CA THR C 752 -28.30 4.73 1.27
C THR C 752 -29.47 4.39 2.19
N GLN C 753 -29.49 3.18 2.73
CA GLN C 753 -30.57 2.78 3.62
C GLN C 753 -30.60 3.64 4.88
N GLU C 754 -29.44 3.96 5.45
CA GLU C 754 -29.42 4.80 6.63
C GLU C 754 -29.94 6.20 6.32
N VAL C 755 -29.59 6.75 5.17
CA VAL C 755 -29.97 8.14 4.90
C VAL C 755 -31.47 8.25 4.62
N PHE C 756 -32.00 7.39 3.73
CA PHE C 756 -33.33 7.67 3.19
C PHE C 756 -34.47 6.93 3.86
N ALA C 757 -34.25 5.71 4.36
CA ALA C 757 -35.36 4.90 4.88
C ALA C 757 -35.45 5.06 6.40
N GLN C 758 -35.81 6.27 6.82
CA GLN C 758 -35.92 6.58 8.25
C GLN C 758 -37.31 6.31 8.80
N VAL C 759 -38.36 6.59 8.04
CA VAL C 759 -39.74 6.45 8.50
C VAL C 759 -40.47 5.50 7.57
N LYS C 760 -41.17 4.53 8.15
CA LYS C 760 -41.77 3.45 7.39
C LYS C 760 -43.25 3.67 7.06
N GLN C 761 -43.79 4.85 7.35
CA GLN C 761 -45.17 5.17 6.99
C GLN C 761 -45.20 5.93 5.67
N ILE C 762 -46.12 5.54 4.79
CA ILE C 762 -46.28 6.16 3.49
C ILE C 762 -47.46 7.12 3.55
N TYR C 763 -47.20 8.41 3.36
CA TYR C 763 -48.23 9.42 3.33
C TYR C 763 -48.49 9.82 1.88
N LYS C 764 -49.76 9.90 1.50
CA LYS C 764 -50.13 10.24 0.14
C LYS C 764 -50.31 11.74 -0.03
N THR C 765 -50.23 12.18 -1.27
CA THR C 765 -50.33 13.60 -1.58
C THR C 765 -51.71 14.12 -1.22
N PRO C 766 -51.82 15.24 -0.51
CA PRO C 766 -53.13 15.79 -0.16
C PRO C 766 -53.92 16.15 -1.41
N PRO C 767 -55.22 15.87 -1.43
CA PRO C 767 -56.02 16.20 -2.61
C PRO C 767 -56.39 17.67 -2.70
N ILE C 768 -56.44 18.37 -1.57
CA ILE C 768 -56.73 19.80 -1.55
C ILE C 768 -55.42 20.54 -1.32
N LYS C 769 -55.03 21.37 -2.27
CA LYS C 769 -53.79 22.13 -2.19
C LYS C 769 -54.04 23.51 -1.58
N ASP C 770 -54.59 23.51 -0.38
CA ASP C 770 -54.82 24.72 0.41
C ASP C 770 -53.95 24.68 1.64
N PHE C 771 -52.91 25.53 1.66
CA PHE C 771 -51.99 25.59 2.78
C PHE C 771 -51.84 27.01 3.30
N GLY C 772 -52.91 27.78 3.28
CA GLY C 772 -52.84 29.16 3.74
C GLY C 772 -52.14 30.10 2.79
N GLY C 773 -52.00 29.72 1.52
CA GLY C 773 -51.35 30.56 0.54
C GLY C 773 -49.93 30.17 0.18
N PHE C 774 -49.44 29.04 0.69
CA PHE C 774 -48.09 28.59 0.38
C PHE C 774 -48.12 27.63 -0.80
N ASN C 775 -47.23 27.88 -1.77
CA ASN C 775 -47.19 27.10 -3.00
C ASN C 775 -46.18 25.96 -2.86
N PHE C 776 -46.67 24.72 -2.94
CA PHE C 776 -45.81 23.54 -2.85
C PHE C 776 -45.83 22.72 -4.12
N SER C 777 -46.22 23.31 -5.25
CA SER C 777 -46.37 22.53 -6.47
C SER C 777 -45.03 22.16 -7.10
N GLN C 778 -44.03 23.02 -6.95
CA GLN C 778 -42.75 22.77 -7.60
C GLN C 778 -41.88 21.75 -6.88
N ILE C 779 -42.28 21.31 -5.69
CA ILE C 779 -41.50 20.33 -4.94
C ILE C 779 -42.30 19.08 -4.61
N LEU C 780 -43.54 19.02 -4.98
CA LEU C 780 -44.32 17.81 -4.79
C LEU C 780 -44.36 17.00 -6.08
N PRO C 781 -44.54 15.69 -6.00
CA PRO C 781 -44.47 14.85 -7.21
C PRO C 781 -45.50 15.27 -8.25
N ASP C 782 -45.10 15.17 -9.52
CA ASP C 782 -45.95 15.55 -10.63
C ASP C 782 -46.81 14.36 -11.04
N PRO C 783 -48.13 14.44 -10.82
CA PRO C 783 -48.99 13.28 -11.15
C PRO C 783 -49.15 13.02 -12.63
N SER C 784 -48.76 13.97 -13.49
CA SER C 784 -48.95 13.85 -14.92
C SER C 784 -47.74 13.29 -15.65
N LYS C 785 -46.75 12.76 -14.93
CA LYS C 785 -45.56 12.22 -15.56
C LYS C 785 -45.34 10.77 -15.15
N PRO C 786 -44.80 9.93 -16.04
CA PRO C 786 -44.53 8.54 -15.67
C PRO C 786 -43.57 8.40 -14.50
N SER C 787 -42.56 9.27 -14.42
CA SER C 787 -41.63 9.27 -13.30
C SER C 787 -42.15 10.22 -12.24
N LYS C 788 -42.45 9.70 -11.06
CA LYS C 788 -43.05 10.48 -9.99
C LYS C 788 -41.99 11.37 -9.33
N ARG C 789 -41.52 12.34 -10.11
CA ARG C 789 -40.56 13.32 -9.65
C ARG C 789 -41.17 14.71 -9.67
N SER C 790 -40.70 15.57 -8.78
CA SER C 790 -41.04 16.98 -8.85
C SER C 790 -40.26 17.66 -9.98
N ALA C 791 -40.60 18.92 -10.22
CA ALA C 791 -39.91 19.67 -11.26
C ALA C 791 -38.44 19.88 -10.90
N ILE C 792 -38.16 20.20 -9.64
CA ILE C 792 -36.78 20.48 -9.23
C ILE C 792 -35.95 19.20 -9.28
N GLU C 793 -36.53 18.06 -8.91
CA GLU C 793 -35.81 16.80 -9.03
C GLU C 793 -35.50 16.47 -10.49
N ASP C 794 -36.45 16.77 -11.39
CA ASP C 794 -36.20 16.57 -12.81
C ASP C 794 -35.06 17.45 -13.29
N LEU C 795 -35.02 18.71 -12.82
CA LEU C 795 -33.91 19.59 -13.18
C LEU C 795 -32.58 19.05 -12.65
N LEU C 796 -32.58 18.54 -11.42
CA LEU C 796 -31.35 18.03 -10.82
C LEU C 796 -30.84 16.79 -11.55
N PHE C 797 -31.74 15.90 -11.96
CA PHE C 797 -31.34 14.66 -12.60
C PHE C 797 -30.92 14.83 -14.05
N ASN C 798 -30.82 16.07 -14.55
CA ASN C 798 -30.36 16.31 -15.91
C ASN C 798 -29.14 17.21 -15.95
N LYS C 799 -28.43 17.36 -14.82
CA LYS C 799 -27.21 18.14 -14.76
C LYS C 799 -25.98 17.32 -14.40
N VAL C 800 -26.15 16.08 -13.95
CA VAL C 800 -25.02 15.22 -13.63
C VAL C 800 -24.79 14.26 -14.79
N THR C 801 -23.59 14.33 -15.37
CA THR C 801 -23.19 13.44 -16.46
C THR C 801 -21.88 12.77 -16.09
N LEU C 802 -21.77 11.48 -16.41
CA LEU C 802 -22.78 10.70 -17.11
C LEU C 802 -23.56 9.80 -16.14
N GLN C 827 -14.23 -2.63 -21.54
CA GLN C 827 -13.44 -2.95 -20.36
C GLN C 827 -13.93 -4.19 -19.62
N LYS C 828 -15.11 -4.71 -19.97
CA LYS C 828 -15.62 -5.90 -19.27
C LYS C 828 -14.68 -7.08 -19.43
N PHE C 829 -14.23 -7.35 -20.66
CA PHE C 829 -13.44 -8.55 -20.92
C PHE C 829 -12.08 -8.47 -20.26
N ASN C 830 -11.83 -7.39 -19.52
CA ASN C 830 -10.68 -7.29 -18.64
C ASN C 830 -11.01 -7.74 -17.22
N GLY C 831 -12.24 -8.22 -16.99
CA GLY C 831 -12.64 -8.70 -15.69
C GLY C 831 -13.33 -7.69 -14.79
N LEU C 832 -13.70 -6.54 -15.31
CA LEU C 832 -14.27 -5.46 -14.51
C LEU C 832 -15.77 -5.37 -14.75
N THR C 833 -16.55 -5.34 -13.66
CA THR C 833 -17.99 -5.32 -13.75
C THR C 833 -18.54 -4.31 -12.75
N VAL C 834 -19.60 -3.61 -13.14
CA VAL C 834 -20.33 -2.68 -12.27
C VAL C 834 -21.73 -3.24 -12.07
N LEU C 835 -22.13 -3.38 -10.80
CA LEU C 835 -23.41 -4.00 -10.50
C LEU C 835 -24.36 -3.00 -9.85
N PRO C 836 -25.67 -3.15 -10.06
CA PRO C 836 -26.61 -2.08 -9.77
C PRO C 836 -26.90 -1.94 -8.28
N PRO C 837 -27.36 -0.77 -7.84
CA PRO C 837 -27.72 -0.60 -6.44
C PRO C 837 -29.02 -1.31 -6.09
N LEU C 838 -29.23 -1.50 -4.80
CA LEU C 838 -30.39 -2.24 -4.32
C LEU C 838 -31.69 -1.44 -4.48
N LEU C 839 -31.66 -0.14 -4.17
CA LEU C 839 -32.82 0.72 -4.28
C LEU C 839 -32.74 1.51 -5.58
N THR C 840 -33.79 1.40 -6.39
CA THR C 840 -33.85 2.16 -7.63
C THR C 840 -34.14 3.62 -7.33
N ASP C 841 -34.04 4.45 -8.39
CA ASP C 841 -34.26 5.88 -8.21
C ASP C 841 -35.71 6.19 -7.89
N GLU C 842 -36.65 5.42 -8.44
CA GLU C 842 -38.06 5.63 -8.13
C GLU C 842 -38.34 5.40 -6.65
N MET C 843 -37.71 4.38 -6.06
CA MET C 843 -37.90 4.12 -4.63
C MET C 843 -37.36 5.26 -3.78
N ILE C 844 -36.19 5.80 -4.15
CA ILE C 844 -35.65 6.94 -3.41
C ILE C 844 -36.60 8.13 -3.51
N ALA C 845 -37.12 8.40 -4.71
CA ALA C 845 -38.05 9.50 -4.88
C ALA C 845 -39.32 9.28 -4.07
N ALA C 846 -39.81 8.04 -4.01
CA ALA C 846 -41.00 7.75 -3.22
C ALA C 846 -40.75 7.98 -1.74
N TYR C 847 -39.59 7.56 -1.23
CA TYR C 847 -39.26 7.82 0.16
C TYR C 847 -39.23 9.31 0.45
N THR C 848 -38.56 10.08 -0.41
CA THR C 848 -38.48 11.52 -0.21
C THR C 848 -39.85 12.17 -0.25
N SER C 849 -40.69 11.76 -1.21
CA SER C 849 -42.03 12.33 -1.33
C SER C 849 -42.88 12.02 -0.10
N ALA C 850 -42.83 10.78 0.38
CA ALA C 850 -43.59 10.42 1.57
C ALA C 850 -43.13 11.23 2.77
N LEU C 851 -41.81 11.39 2.92
CA LEU C 851 -41.28 12.17 4.04
C LEU C 851 -41.77 13.61 3.97
N LEU C 852 -41.67 14.24 2.81
CA LEU C 852 -42.06 15.64 2.67
C LEU C 852 -43.55 15.81 2.91
N ALA C 853 -44.38 14.94 2.32
CA ALA C 853 -45.83 15.07 2.48
C ALA C 853 -46.24 14.87 3.93
N GLY C 854 -45.65 13.87 4.60
CA GLY C 854 -45.97 13.67 6.00
C GLY C 854 -45.57 14.85 6.87
N THR C 855 -44.40 15.41 6.62
CA THR C 855 -43.97 16.59 7.38
C THR C 855 -44.91 17.75 7.16
N ILE C 856 -45.35 17.97 5.92
CA ILE C 856 -46.21 19.10 5.62
C ILE C 856 -47.59 18.94 6.25
N THR C 857 -48.15 17.73 6.20
CA THR C 857 -49.53 17.57 6.62
C THR C 857 -49.68 17.31 8.12
N ALA C 858 -48.79 16.53 8.72
CA ALA C 858 -48.99 16.10 10.10
C ALA C 858 -48.37 17.04 11.12
N GLY C 859 -47.59 18.02 10.70
CA GLY C 859 -47.02 18.97 11.64
C GLY C 859 -46.14 18.30 12.68
N TRP C 860 -46.38 18.63 13.95
CA TRP C 860 -45.61 18.09 15.05
C TRP C 860 -46.08 16.71 15.50
N THR C 861 -47.16 16.20 14.91
CA THR C 861 -47.60 14.84 15.23
C THR C 861 -46.76 13.80 14.48
N PHE C 862 -46.80 13.85 13.15
CA PHE C 862 -46.07 12.95 12.26
C PHE C 862 -46.03 11.50 12.71
N GLY C 863 -44.88 11.04 13.18
CA GLY C 863 -44.64 9.62 13.41
C GLY C 863 -45.38 9.02 14.58
N ALA C 864 -46.01 9.84 15.41
CA ALA C 864 -46.71 9.34 16.58
C ALA C 864 -47.97 8.55 16.25
N GLY C 865 -48.41 8.55 15.00
CA GLY C 865 -49.62 7.86 14.62
C GLY C 865 -50.86 8.65 14.95
N ALA C 866 -52.00 8.08 14.54
CA ALA C 866 -53.31 8.73 14.71
C ALA C 866 -53.28 10.14 14.12
N ALA C 867 -52.65 10.28 12.97
CA ALA C 867 -52.39 11.59 12.40
C ALA C 867 -53.67 12.23 11.86
N LEU C 868 -53.78 13.54 12.07
CA LEU C 868 -54.87 14.34 11.55
C LEU C 868 -54.27 15.59 10.91
N GLN C 869 -54.95 16.09 9.87
CA GLN C 869 -54.48 17.29 9.18
C GLN C 869 -54.41 18.47 10.13
N ILE C 870 -53.20 18.94 10.42
CA ILE C 870 -52.99 20.15 11.22
C ILE C 870 -52.85 21.32 10.27
N PRO C 871 -53.55 22.42 10.48
CA PRO C 871 -53.43 23.57 9.56
C PRO C 871 -51.99 24.07 9.50
N PHE C 872 -51.57 24.45 8.29
CA PHE C 872 -50.17 24.82 8.08
C PHE C 872 -49.79 26.10 8.82
N ALA C 873 -50.68 27.09 8.81
CA ALA C 873 -50.39 28.35 9.47
C ALA C 873 -50.16 28.16 10.96
N MET C 874 -50.82 27.18 11.57
CA MET C 874 -50.57 26.88 12.98
C MET C 874 -49.14 26.37 13.18
N GLN C 875 -48.66 25.53 12.26
CA GLN C 875 -47.27 25.08 12.32
C GLN C 875 -46.32 26.24 12.16
N MET C 876 -46.60 27.14 11.22
CA MET C 876 -45.71 28.28 10.99
C MET C 876 -45.67 29.18 12.22
N ALA C 877 -46.82 29.42 12.85
CA ALA C 877 -46.84 30.21 14.08
C ALA C 877 -46.06 29.53 15.19
N TYR C 878 -46.24 28.22 15.34
CA TYR C 878 -45.54 27.50 16.39
C TYR C 878 -44.03 27.54 16.19
N ARG C 879 -43.56 27.51 14.94
CA ARG C 879 -42.13 27.61 14.70
C ARG C 879 -41.63 29.05 14.77
N PHE C 880 -42.49 30.03 14.50
CA PHE C 880 -42.15 31.42 14.79
C PHE C 880 -41.91 31.62 16.27
N ASN C 881 -42.72 30.99 17.10
CA ASN C 881 -42.57 31.10 18.54
C ASN C 881 -41.21 30.58 19.02
N GLY C 882 -40.62 29.62 18.30
CA GLY C 882 -39.35 29.06 18.72
C GLY C 882 -38.14 29.90 18.42
N ILE C 883 -38.30 30.99 17.69
CA ILE C 883 -37.20 31.91 17.39
C ILE C 883 -37.13 33.02 18.43
N GLY C 884 -38.29 33.49 18.90
CA GLY C 884 -38.34 34.62 19.80
C GLY C 884 -39.30 35.68 19.32
N VAL C 885 -40.20 35.31 18.42
CA VAL C 885 -41.19 36.21 17.84
C VAL C 885 -42.57 35.66 18.14
N THR C 886 -43.48 36.55 18.54
CA THR C 886 -44.83 36.13 18.92
C THR C 886 -45.65 35.79 17.67
N GLN C 887 -46.74 35.03 17.91
CA GLN C 887 -47.54 34.50 16.81
C GLN C 887 -48.27 35.59 16.03
N ASN C 888 -48.62 36.69 16.69
CA ASN C 888 -49.41 37.71 16.03
C ASN C 888 -48.67 38.31 14.83
N VAL C 889 -47.34 38.28 14.84
CA VAL C 889 -46.59 38.77 13.68
C VAL C 889 -46.94 37.94 12.44
N LEU C 890 -46.89 36.62 12.56
CA LEU C 890 -47.27 35.78 11.43
C LEU C 890 -48.74 35.94 11.09
N TYR C 891 -49.61 35.94 12.09
CA TYR C 891 -51.04 35.99 11.80
C TYR C 891 -51.46 37.33 11.21
N GLU C 892 -50.64 38.37 11.33
CA GLU C 892 -50.93 39.66 10.73
C GLU C 892 -50.12 39.93 9.47
N ASN C 893 -49.10 39.12 9.17
CA ASN C 893 -48.35 39.30 7.93
C ASN C 893 -48.34 38.06 7.05
N GLN C 894 -49.33 37.18 7.22
CA GLN C 894 -49.39 35.91 6.49
C GLN C 894 -49.23 36.08 4.98
N LYS C 895 -49.98 37.00 4.38
CA LYS C 895 -49.97 37.11 2.92
C LYS C 895 -48.59 37.53 2.41
N LEU C 896 -47.97 38.51 3.06
CA LEU C 896 -46.63 38.93 2.67
C LEU C 896 -45.63 37.81 2.83
N ILE C 897 -45.75 37.05 3.93
CA ILE C 897 -44.82 35.94 4.16
C ILE C 897 -44.96 34.90 3.05
N ALA C 898 -46.19 34.57 2.67
CA ALA C 898 -46.40 33.59 1.62
C ALA C 898 -45.85 34.08 0.29
N ASN C 899 -46.04 35.37 -0.01
CA ASN C 899 -45.51 35.93 -1.26
C ASN C 899 -44.00 35.80 -1.31
N GLN C 900 -43.32 36.15 -0.21
CA GLN C 900 -41.86 36.04 -0.18
C GLN C 900 -41.41 34.60 -0.35
N PHE C 901 -42.10 33.66 0.30
CA PHE C 901 -41.75 32.26 0.18
C PHE C 901 -41.86 31.79 -1.27
N ASN C 902 -42.98 32.12 -1.93
CA ASN C 902 -43.18 31.69 -3.31
C ASN C 902 -42.12 32.30 -4.23
N LYS C 903 -41.81 33.59 -4.03
CA LYS C 903 -40.79 34.21 -4.86
C LYS C 903 -39.43 33.54 -4.68
N ALA C 904 -39.07 33.20 -3.44
CA ALA C 904 -37.79 32.54 -3.22
C ALA C 904 -37.74 31.17 -3.90
N ILE C 905 -38.83 30.41 -3.82
CA ILE C 905 -38.85 29.10 -4.48
C ILE C 905 -38.67 29.26 -5.99
N GLY C 906 -39.39 30.22 -6.58
CA GLY C 906 -39.23 30.45 -8.01
C GLY C 906 -37.82 30.87 -8.38
N LYS C 907 -37.19 31.69 -7.53
CA LYS C 907 -35.81 32.11 -7.79
C LYS C 907 -34.86 30.91 -7.78
N ILE C 908 -35.05 29.99 -6.84
CA ILE C 908 -34.20 28.80 -6.82
C ILE C 908 -34.41 27.97 -8.07
N GLN C 909 -35.66 27.83 -8.51
CA GLN C 909 -35.92 27.07 -9.74
C GLN C 909 -35.19 27.70 -10.93
N ASP C 910 -35.28 29.01 -11.08
CA ASP C 910 -34.59 29.67 -12.19
C ASP C 910 -33.08 29.51 -12.09
N GLY C 911 -32.53 29.67 -10.88
CA GLY C 911 -31.09 29.52 -10.71
C GLY C 911 -30.61 28.13 -11.08
N LEU C 912 -31.39 27.10 -10.75
CA LEU C 912 -31.05 25.75 -11.20
C LEU C 912 -31.18 25.62 -12.71
N SER C 913 -32.17 26.28 -13.31
CA SER C 913 -32.37 26.12 -14.75
C SER C 913 -31.28 26.82 -15.56
N SER C 914 -30.61 27.82 -14.97
CA SER C 914 -29.58 28.53 -15.72
C SER C 914 -28.17 28.01 -15.45
N THR C 915 -27.74 28.04 -14.18
CA THR C 915 -26.37 27.68 -13.80
C THR C 915 -26.14 26.19 -13.97
N ALA C 916 -24.92 25.82 -14.36
CA ALA C 916 -24.56 24.42 -14.56
C ALA C 916 -23.58 23.89 -13.53
N SER C 917 -22.88 24.75 -12.80
CA SER C 917 -21.84 24.33 -11.86
C SER C 917 -22.37 24.16 -10.44
N ALA C 918 -23.67 23.94 -10.27
CA ALA C 918 -24.23 23.80 -8.93
C ALA C 918 -23.80 22.49 -8.28
N LEU C 919 -23.69 21.42 -9.06
CA LEU C 919 -23.50 20.07 -8.54
C LEU C 919 -22.06 19.59 -8.68
N GLY C 920 -21.08 20.47 -8.49
CA GLY C 920 -19.68 20.06 -8.54
C GLY C 920 -19.34 19.03 -7.48
N LYS C 921 -19.98 19.13 -6.30
CA LYS C 921 -19.74 18.15 -5.25
C LYS C 921 -20.08 16.75 -5.71
N LEU C 922 -21.20 16.58 -6.41
CA LEU C 922 -21.59 15.28 -6.91
C LEU C 922 -20.80 14.88 -8.16
N GLN C 923 -20.33 15.86 -8.93
CA GLN C 923 -19.57 15.53 -10.14
C GLN C 923 -18.17 15.04 -9.81
N ASP C 924 -17.58 15.53 -8.71
CA ASP C 924 -16.20 15.19 -8.39
C ASP C 924 -16.05 13.70 -8.11
N VAL C 925 -17.02 13.09 -7.42
CA VAL C 925 -16.93 11.68 -7.08
C VAL C 925 -16.93 10.82 -8.34
N VAL C 926 -17.84 11.13 -9.26
CA VAL C 926 -17.90 10.41 -10.52
C VAL C 926 -16.59 10.55 -11.29
N ASN C 927 -16.06 11.78 -11.34
CA ASN C 927 -14.82 12.00 -12.08
C ASN C 927 -13.67 11.18 -11.47
N GLN C 928 -13.57 11.17 -10.14
CA GLN C 928 -12.48 10.45 -9.50
C GLN C 928 -12.58 8.95 -9.74
N ASN C 929 -13.79 8.39 -9.62
CA ASN C 929 -13.94 6.95 -9.85
C ASN C 929 -13.63 6.59 -11.29
N ALA C 930 -14.11 7.40 -12.25
CA ALA C 930 -13.83 7.12 -13.65
C ALA C 930 -12.33 7.19 -13.94
N GLN C 931 -11.64 8.18 -13.37
CA GLN C 931 -10.21 8.30 -13.60
C GLN C 931 -9.47 7.11 -13.02
N ALA C 932 -9.87 6.65 -11.83
CA ALA C 932 -9.21 5.49 -11.24
C ALA C 932 -9.37 4.26 -12.11
N LEU C 933 -10.58 4.02 -12.62
CA LEU C 933 -10.80 2.86 -13.47
C LEU C 933 -10.02 2.97 -14.77
N ASN C 934 -9.96 4.18 -15.35
CA ASN C 934 -9.20 4.36 -16.59
C ASN C 934 -7.72 4.07 -16.38
N THR C 935 -7.16 4.55 -15.27
CA THR C 935 -5.75 4.27 -14.98
C THR C 935 -5.52 2.77 -14.79
N LEU C 936 -6.44 2.09 -14.08
CA LEU C 936 -6.30 0.66 -13.90
C LEU C 936 -6.30 -0.07 -15.24
N VAL C 937 -7.18 0.34 -16.15
CA VAL C 937 -7.24 -0.32 -17.45
C VAL C 937 -5.98 -0.04 -18.27
N LYS C 938 -5.51 1.22 -18.25
CA LYS C 938 -4.34 1.56 -19.06
C LYS C 938 -3.07 0.88 -18.55
N GLN C 939 -3.00 0.56 -17.26
CA GLN C 939 -1.81 -0.14 -16.77
C GLN C 939 -1.67 -1.56 -17.33
N LEU C 940 -2.58 -2.00 -18.19
CA LEU C 940 -2.55 -3.35 -18.75
C LEU C 940 -1.73 -3.44 -20.03
N SER C 941 -1.23 -2.32 -20.55
CA SER C 941 -0.45 -2.31 -21.78
C SER C 941 1.03 -2.04 -21.51
N SER C 942 1.46 -2.03 -20.25
CA SER C 942 2.85 -1.78 -19.93
C SER C 942 3.69 -3.03 -20.15
N ASN C 943 5.00 -2.82 -20.26
CA ASN C 943 5.93 -3.90 -20.57
C ASN C 943 6.57 -4.50 -19.34
N PHE C 944 6.96 -3.68 -18.36
CA PHE C 944 7.56 -4.14 -17.11
C PHE C 944 8.85 -4.92 -17.35
N GLY C 945 9.56 -4.60 -18.43
CA GLY C 945 10.84 -5.23 -18.70
C GLY C 945 10.77 -6.53 -19.46
N ALA C 946 9.59 -7.01 -19.82
CA ALA C 946 9.48 -8.21 -20.63
C ALA C 946 9.65 -7.84 -22.11
N ILE C 947 9.56 -8.85 -22.98
CA ILE C 947 9.74 -8.58 -24.41
C ILE C 947 8.45 -8.00 -25.01
N SER C 948 7.30 -8.31 -24.42
CA SER C 948 6.03 -7.85 -24.93
C SER C 948 5.00 -7.82 -23.81
N SER C 949 3.90 -7.12 -24.06
CA SER C 949 2.82 -6.98 -23.09
C SER C 949 1.62 -7.86 -23.43
N VAL C 950 1.83 -8.93 -24.19
CA VAL C 950 0.77 -9.86 -24.57
C VAL C 950 1.20 -11.25 -24.17
N LEU C 951 0.31 -11.97 -23.46
CA LEU C 951 0.63 -13.32 -23.03
C LEU C 951 0.58 -14.31 -24.20
N ASN C 952 -0.37 -14.11 -25.11
CA ASN C 952 -0.49 -15.01 -26.25
C ASN C 952 0.75 -14.96 -27.12
N ASP C 953 1.29 -13.75 -27.34
CA ASP C 953 2.50 -13.61 -28.15
C ASP C 953 3.66 -14.40 -27.54
N ILE C 954 3.94 -14.17 -26.26
CA ILE C 954 5.09 -14.82 -25.64
C ILE C 954 4.86 -16.33 -25.49
N LEU C 955 3.60 -16.76 -25.35
CA LEU C 955 3.33 -18.19 -25.32
C LEU C 955 3.53 -18.83 -26.69
N SER C 956 3.20 -18.10 -27.75
CA SER C 956 3.35 -18.63 -29.10
C SER C 956 4.77 -18.52 -29.63
N ARG C 957 5.63 -17.73 -28.99
CA ARG C 957 6.99 -17.54 -29.49
C ARG C 957 8.03 -18.34 -28.71
N LEU C 958 7.99 -18.30 -27.38
CA LEU C 958 9.09 -18.83 -26.57
C LEU C 958 8.73 -20.17 -25.95
N ASP C 959 9.77 -20.83 -25.44
CA ASP C 959 9.65 -22.08 -24.71
C ASP C 959 9.30 -21.82 -23.25
N PRO C 960 8.70 -22.79 -22.57
CA PRO C 960 8.25 -22.59 -21.18
C PRO C 960 9.34 -22.12 -20.23
N PRO C 961 10.58 -22.65 -20.31
CA PRO C 961 11.58 -22.28 -19.28
C PRO C 961 11.87 -20.79 -19.14
N GLU C 962 11.84 -20.02 -20.21
CA GLU C 962 12.05 -18.57 -20.14
C GLU C 962 10.76 -17.78 -20.18
N ALA C 963 9.74 -18.32 -20.84
CA ALA C 963 8.40 -17.76 -20.75
C ALA C 963 7.96 -17.64 -19.30
N GLU C 964 8.38 -18.59 -18.45
CA GLU C 964 8.03 -18.50 -17.04
C GLU C 964 8.61 -17.24 -16.41
N VAL C 965 9.88 -16.93 -16.70
CA VAL C 965 10.52 -15.75 -16.11
C VAL C 965 9.80 -14.48 -16.54
N GLN C 966 9.54 -14.36 -17.85
CA GLN C 966 8.95 -13.11 -18.31
C GLN C 966 7.49 -12.97 -17.89
N ILE C 967 6.76 -14.08 -17.85
CA ILE C 967 5.40 -14.08 -17.32
C ILE C 967 5.41 -13.68 -15.85
N ASP C 968 6.44 -14.10 -15.10
CA ASP C 968 6.57 -13.69 -13.71
C ASP C 968 6.71 -12.18 -13.60
N ARG C 969 7.54 -11.58 -14.46
CA ARG C 969 7.65 -10.11 -14.46
C ARG C 969 6.30 -9.45 -14.68
N LEU C 970 5.57 -9.91 -15.70
CA LEU C 970 4.26 -9.34 -16.00
C LEU C 970 3.31 -9.50 -14.81
N ILE C 971 3.33 -10.67 -14.18
CA ILE C 971 2.44 -10.94 -13.05
C ILE C 971 2.72 -9.96 -11.92
N ASN C 972 3.99 -9.71 -11.62
CA ASN C 972 4.32 -8.77 -10.55
C ASN C 972 3.78 -7.38 -10.86
N GLY C 973 3.95 -6.93 -12.10
CA GLY C 973 3.43 -5.60 -12.45
C GLY C 973 1.93 -5.50 -12.26
N ARG C 974 1.19 -6.49 -12.77
CA ARG C 974 -0.26 -6.45 -12.66
C ARG C 974 -0.72 -6.49 -11.21
N LEU C 975 -0.05 -7.29 -10.38
CA LEU C 975 -0.40 -7.35 -8.97
C LEU C 975 -0.23 -6.01 -8.28
N GLN C 976 0.88 -5.31 -8.58
CA GLN C 976 1.09 -4.01 -7.98
C GLN C 976 -0.03 -3.03 -8.37
N ALA C 977 -0.41 -3.04 -9.65
CA ALA C 977 -1.47 -2.14 -10.09
C ALA C 977 -2.77 -2.40 -9.33
N LEU C 978 -3.16 -3.68 -9.21
CA LEU C 978 -4.39 -4.00 -8.51
C LEU C 978 -4.34 -3.57 -7.05
N ASN C 979 -3.20 -3.78 -6.39
CA ASN C 979 -3.07 -3.40 -4.99
C ASN C 979 -3.30 -1.91 -4.81
N THR C 980 -2.66 -1.10 -5.66
CA THR C 980 -2.80 0.34 -5.53
C THR C 980 -4.27 0.77 -5.70
N TYR C 981 -4.94 0.21 -6.72
CA TYR C 981 -6.33 0.56 -6.95
C TYR C 981 -7.18 0.26 -5.72
N VAL C 982 -7.03 -0.94 -5.17
CA VAL C 982 -7.89 -1.36 -4.06
C VAL C 982 -7.67 -0.48 -2.83
N THR C 983 -6.40 -0.16 -2.52
CA THR C 983 -6.14 0.65 -1.33
C THR C 983 -6.76 2.04 -1.45
N GLN C 984 -6.60 2.68 -2.61
CA GLN C 984 -7.14 4.02 -2.73
C GLN C 984 -8.67 4.01 -2.71
N GLN C 985 -9.28 2.96 -3.27
CA GLN C 985 -10.73 2.82 -3.16
C GLN C 985 -11.17 2.72 -1.71
N LEU C 986 -10.42 1.98 -0.89
CA LEU C 986 -10.78 1.85 0.52
C LEU C 986 -10.79 3.21 1.22
N ILE C 987 -9.76 4.01 0.98
CA ILE C 987 -9.71 5.32 1.64
C ILE C 987 -10.87 6.20 1.18
N ARG C 988 -11.15 6.22 -0.12
CA ARG C 988 -12.23 7.05 -0.63
C ARG C 988 -13.58 6.61 -0.05
N ALA C 989 -13.77 5.30 0.13
CA ALA C 989 -15.01 4.80 0.73
C ALA C 989 -15.17 5.29 2.16
N ALA C 990 -14.07 5.32 2.92
CA ALA C 990 -14.16 5.85 4.28
C ALA C 990 -14.64 7.31 4.28
N GLU C 991 -14.09 8.11 3.37
CA GLU C 991 -14.52 9.51 3.29
C GLU C 991 -16.01 9.62 2.95
N ILE C 992 -16.46 8.82 1.98
CA ILE C 992 -17.87 8.88 1.59
C ILE C 992 -18.77 8.47 2.74
N ARG C 993 -18.34 7.49 3.55
CA ARG C 993 -19.14 7.08 4.70
C ARG C 993 -19.29 8.21 5.71
N ALA C 994 -18.21 8.96 5.95
CA ALA C 994 -18.34 10.11 6.84
C ALA C 994 -19.36 11.11 6.30
N SER C 995 -19.31 11.37 5.00
CA SER C 995 -20.28 12.31 4.42
C SER C 995 -21.72 11.81 4.59
N ALA C 996 -21.94 10.50 4.41
CA ALA C 996 -23.28 9.95 4.56
C ALA C 996 -23.78 10.06 5.99
N ASN C 997 -22.90 9.86 6.96
CA ASN C 997 -23.30 10.06 8.36
C ASN C 997 -23.74 11.49 8.60
N LEU C 998 -22.99 12.46 8.05
CA LEU C 998 -23.41 13.85 8.18
C LEU C 998 -24.78 14.07 7.56
N ALA C 999 -25.04 13.48 6.39
CA ALA C 999 -26.33 13.66 5.74
C ALA C 999 -27.47 13.10 6.57
N ALA C 1000 -27.28 11.92 7.17
CA ALA C 1000 -28.34 11.34 8.01
C ALA C 1000 -28.62 12.21 9.22
N GLU C 1001 -27.57 12.71 9.88
CA GLU C 1001 -27.78 13.61 11.01
C GLU C 1001 -28.52 14.87 10.58
N LYS C 1002 -28.15 15.44 9.44
CA LYS C 1002 -28.81 16.63 8.95
C LYS C 1002 -30.28 16.38 8.70
N MET C 1003 -30.61 15.25 8.09
CA MET C 1003 -32.01 14.93 7.82
C MET C 1003 -32.80 14.84 9.11
N SER C 1004 -32.30 14.06 10.07
CA SER C 1004 -33.08 13.84 11.29
C SER C 1004 -33.17 15.09 12.16
N GLU C 1005 -32.21 16.01 12.06
CA GLU C 1005 -32.22 17.18 12.93
C GLU C 1005 -32.82 18.44 12.28
N CYS C 1006 -32.92 18.49 10.96
CA CYS C 1006 -33.48 19.66 10.30
C CYS C 1006 -34.82 19.41 9.63
N VAL C 1007 -35.08 18.20 9.12
CA VAL C 1007 -36.35 17.99 8.45
C VAL C 1007 -37.45 17.63 9.45
N LEU C 1008 -37.11 16.93 10.52
CA LEU C 1008 -38.08 16.45 11.49
C LEU C 1008 -38.13 17.30 12.75
N GLY C 1009 -37.58 18.50 12.74
CA GLY C 1009 -37.63 19.35 13.92
C GLY C 1009 -36.92 20.66 13.65
N GLN C 1010 -36.94 21.52 14.67
CA GLN C 1010 -36.23 22.79 14.64
C GLN C 1010 -34.88 22.65 15.31
N SER C 1011 -33.89 23.36 14.79
CA SER C 1011 -32.53 23.29 15.29
C SER C 1011 -32.12 24.65 15.85
N LYS C 1012 -31.57 24.64 17.06
CA LYS C 1012 -31.05 25.84 17.68
C LYS C 1012 -29.56 26.04 17.45
N ARG C 1013 -28.88 25.06 16.85
CA ARG C 1013 -27.46 25.19 16.57
C ARG C 1013 -27.24 26.24 15.48
N VAL C 1014 -26.30 27.14 15.72
CA VAL C 1014 -26.07 28.26 14.81
C VAL C 1014 -25.43 27.75 13.53
N ASP C 1015 -26.00 28.14 12.40
CA ASP C 1015 -25.45 27.87 11.06
C ASP C 1015 -25.41 26.38 10.72
N PHE C 1016 -26.14 25.55 11.46
CA PHE C 1016 -26.24 24.15 11.09
C PHE C 1016 -27.22 23.89 9.97
N CYS C 1017 -28.16 24.82 9.74
CA CYS C 1017 -29.20 24.67 8.72
C CYS C 1017 -29.30 25.93 7.88
N GLY C 1018 -28.16 26.46 7.43
CA GLY C 1018 -28.16 27.70 6.68
C GLY C 1018 -27.95 28.90 7.56
N LYS C 1019 -27.91 30.07 6.92
CA LYS C 1019 -27.64 31.31 7.62
C LYS C 1019 -28.94 31.93 8.14
N GLY C 1020 -28.94 32.32 9.40
CA GLY C 1020 -30.09 32.94 10.02
C GLY C 1020 -30.74 32.05 11.06
N TYR C 1021 -32.01 32.34 11.33
CA TYR C 1021 -32.80 31.56 12.28
C TYR C 1021 -33.60 30.52 11.51
N HIS C 1022 -33.45 29.26 11.91
CA HIS C 1022 -34.02 28.16 11.14
C HIS C 1022 -35.52 28.04 11.37
N LEU C 1023 -36.28 27.87 10.28
CA LEU C 1023 -37.72 27.65 10.35
C LEU C 1023 -38.11 26.26 9.85
N MET C 1024 -37.78 25.93 8.61
CA MET C 1024 -38.15 24.66 8.00
C MET C 1024 -37.05 24.23 7.05
N SER C 1025 -37.13 22.98 6.61
CA SER C 1025 -36.26 22.49 5.57
C SER C 1025 -36.93 21.31 4.87
N PHE C 1026 -36.70 21.20 3.56
CA PHE C 1026 -37.33 20.17 2.75
C PHE C 1026 -36.26 19.39 1.97
N PRO C 1027 -36.38 18.08 1.90
CA PRO C 1027 -35.42 17.26 1.17
C PRO C 1027 -35.81 17.02 -0.29
N GLN C 1028 -34.80 16.88 -1.13
CA GLN C 1028 -34.97 16.52 -2.53
C GLN C 1028 -33.86 15.56 -2.92
N SER C 1029 -34.19 14.57 -3.74
CA SER C 1029 -33.24 13.54 -4.11
C SER C 1029 -32.43 13.93 -5.34
N ALA C 1030 -31.18 13.50 -5.37
CA ALA C 1030 -30.23 13.78 -6.44
C ALA C 1030 -29.45 12.51 -6.73
N PRO C 1031 -28.81 12.42 -7.90
CA PRO C 1031 -28.00 11.23 -8.20
C PRO C 1031 -26.87 11.05 -7.20
N HIS C 1032 -26.91 9.94 -6.47
CA HIS C 1032 -25.90 9.60 -5.45
C HIS C 1032 -25.79 10.68 -4.37
N GLY C 1033 -26.89 11.32 -4.03
CA GLY C 1033 -26.83 12.38 -3.04
C GLY C 1033 -28.20 12.84 -2.61
N VAL C 1034 -28.22 13.96 -1.89
CA VAL C 1034 -29.45 14.55 -1.37
C VAL C 1034 -29.28 16.06 -1.35
N VAL C 1035 -30.40 16.77 -1.53
CA VAL C 1035 -30.40 18.23 -1.55
C VAL C 1035 -31.40 18.72 -0.51
N PHE C 1036 -30.98 19.69 0.30
CA PHE C 1036 -31.82 20.29 1.32
C PHE C 1036 -32.16 21.72 0.95
N LEU C 1037 -33.37 22.15 1.30
CA LEU C 1037 -33.84 23.52 1.04
C LEU C 1037 -34.19 24.15 2.37
N HIS C 1038 -33.32 25.00 2.89
CA HIS C 1038 -33.47 25.60 4.21
C HIS C 1038 -34.25 26.91 4.12
N VAL C 1039 -35.21 27.09 5.03
CA VAL C 1039 -36.00 28.32 5.12
C VAL C 1039 -35.63 29.02 6.42
N THR C 1040 -35.27 30.30 6.31
CA THR C 1040 -34.76 31.04 7.46
C THR C 1040 -35.42 32.41 7.57
N TYR C 1041 -35.21 33.04 8.72
CA TYR C 1041 -35.77 34.34 9.04
C TYR C 1041 -34.63 35.35 9.14
N VAL C 1042 -34.76 36.47 8.43
CA VAL C 1042 -33.70 37.47 8.37
C VAL C 1042 -34.25 38.87 8.63
N PRO C 1043 -33.89 39.52 9.73
CA PRO C 1043 -34.30 40.92 9.95
C PRO C 1043 -33.61 41.84 8.97
N THR C 1044 -34.34 42.86 8.49
CA THR C 1044 -33.86 43.68 7.40
C THR C 1044 -33.63 45.11 7.85
N GLN C 1045 -34.65 45.79 8.36
CA GLN C 1045 -34.57 47.25 8.49
C GLN C 1045 -34.41 47.68 9.94
N TYR C 1046 -33.27 48.30 10.25
CA TYR C 1046 -32.90 48.64 11.61
C TYR C 1046 -33.14 50.12 11.88
N LYS C 1047 -33.40 50.44 13.15
CA LYS C 1047 -33.62 51.82 13.58
C LYS C 1047 -32.90 52.04 14.90
N ASN C 1048 -32.61 53.31 15.19
CA ASN C 1048 -31.88 53.68 16.39
C ASN C 1048 -32.82 54.09 17.52
N PHE C 1049 -32.43 53.72 18.74
CA PHE C 1049 -33.15 54.14 19.94
C PHE C 1049 -32.16 54.30 21.08
N THR C 1050 -32.61 54.94 22.14
CA THR C 1050 -31.87 54.98 23.39
C THR C 1050 -32.43 53.94 24.35
N THR C 1051 -31.55 53.33 25.14
CA THR C 1051 -31.94 52.23 26.00
C THR C 1051 -31.35 52.42 27.39
N ALA C 1052 -31.93 51.71 28.35
CA ALA C 1052 -31.51 51.76 29.74
C ALA C 1052 -31.62 50.37 30.34
N PRO C 1053 -30.85 50.07 31.39
CA PRO C 1053 -30.93 48.73 31.99
C PRO C 1053 -32.08 48.57 32.98
N ALA C 1054 -32.52 49.66 33.60
CA ALA C 1054 -33.55 49.56 34.64
C ALA C 1054 -34.28 50.87 34.76
N ILE C 1055 -35.47 50.81 35.38
CA ILE C 1055 -36.32 51.97 35.60
C ILE C 1055 -36.54 52.11 37.10
N CYS C 1056 -36.33 53.32 37.62
CA CYS C 1056 -36.60 53.64 39.02
C CYS C 1056 -37.88 54.46 39.11
N HIS C 1057 -38.84 53.98 39.91
CA HIS C 1057 -40.17 54.57 39.94
C HIS C 1057 -40.46 55.30 41.24
N ASN C 1058 -40.40 54.62 42.38
CA ASN C 1058 -40.65 55.25 43.67
C ASN C 1058 -39.71 54.70 44.73
N GLY C 1059 -38.43 54.58 44.39
CA GLY C 1059 -37.45 54.02 45.29
C GLY C 1059 -37.12 52.56 45.05
N LYS C 1060 -37.70 51.95 44.03
CA LYS C 1060 -37.41 50.57 43.66
C LYS C 1060 -37.02 50.51 42.19
N ALA C 1061 -36.27 49.47 41.83
CA ALA C 1061 -35.79 49.28 40.47
C ALA C 1061 -36.63 48.23 39.76
N HIS C 1062 -36.90 48.48 38.49
CA HIS C 1062 -37.72 47.58 37.68
C HIS C 1062 -36.90 47.06 36.51
N PHE C 1063 -36.94 45.75 36.30
CA PHE C 1063 -36.30 45.11 35.17
C PHE C 1063 -37.37 44.46 34.29
N PRO C 1064 -37.14 44.38 32.98
CA PRO C 1064 -38.16 43.78 32.10
C PRO C 1064 -38.22 42.27 32.28
N ARG C 1065 -39.44 41.74 32.24
CA ARG C 1065 -39.60 40.29 32.24
C ARG C 1065 -39.04 39.68 30.96
N GLU C 1066 -39.34 40.30 29.82
CA GLU C 1066 -38.73 39.92 28.55
C GLU C 1066 -38.51 41.18 27.73
N GLY C 1067 -37.44 41.19 26.97
CA GLY C 1067 -37.15 42.31 26.09
C GLY C 1067 -36.30 43.38 26.74
N VAL C 1068 -36.38 44.57 26.17
CA VAL C 1068 -35.52 45.69 26.55
C VAL C 1068 -36.37 46.94 26.74
N PHE C 1069 -35.88 47.85 27.57
CA PHE C 1069 -36.47 49.17 27.71
C PHE C 1069 -35.96 50.05 26.57
N VAL C 1070 -36.89 50.71 25.88
CA VAL C 1070 -36.58 51.44 24.66
C VAL C 1070 -37.20 52.83 24.74
N SER C 1071 -36.49 53.82 24.21
CA SER C 1071 -36.93 55.21 24.23
C SER C 1071 -36.82 55.82 22.84
N ASN C 1072 -37.87 56.53 22.42
CA ASN C 1072 -37.86 57.22 21.14
C ASN C 1072 -37.73 58.74 21.29
N GLY C 1073 -37.15 59.20 22.39
CA GLY C 1073 -36.87 60.60 22.61
C GLY C 1073 -37.59 61.21 23.79
N THR C 1074 -38.86 60.87 23.96
CA THR C 1074 -39.65 61.35 25.10
C THR C 1074 -40.19 60.22 25.96
N HIS C 1075 -40.88 59.26 25.37
CA HIS C 1075 -41.54 58.19 26.10
C HIS C 1075 -40.63 56.96 26.17
N TRP C 1076 -40.95 56.07 27.10
CA TRP C 1076 -40.22 54.82 27.29
C TRP C 1076 -41.19 53.66 27.14
N PHE C 1077 -40.80 52.67 26.32
CA PHE C 1077 -41.61 51.48 26.09
C PHE C 1077 -40.76 50.24 26.35
N VAL C 1078 -41.36 49.08 26.12
CA VAL C 1078 -40.67 47.80 26.22
C VAL C 1078 -41.07 46.95 25.02
N THR C 1079 -40.07 46.44 24.30
CA THR C 1079 -40.28 45.62 23.11
C THR C 1079 -39.53 44.31 23.26
N GLN C 1080 -39.68 43.44 22.26
CA GLN C 1080 -38.81 42.29 22.13
C GLN C 1080 -37.70 42.58 21.15
N ARG C 1081 -36.61 41.83 21.26
CA ARG C 1081 -35.37 42.21 20.58
C ARG C 1081 -35.48 42.06 19.06
N ASN C 1082 -36.21 41.07 18.57
CA ASN C 1082 -36.16 40.73 17.15
C ASN C 1082 -37.25 41.39 16.32
N PHE C 1083 -38.16 42.16 16.93
CA PHE C 1083 -39.18 42.86 16.16
C PHE C 1083 -39.69 44.03 17.00
N TYR C 1084 -39.88 45.17 16.36
CA TYR C 1084 -40.27 46.38 17.07
C TYR C 1084 -41.78 46.38 17.32
N GLU C 1085 -42.18 46.33 18.59
CA GLU C 1085 -43.59 46.36 18.97
C GLU C 1085 -43.71 47.03 20.32
N PRO C 1086 -43.69 48.35 20.37
CA PRO C 1086 -43.68 49.05 21.66
C PRO C 1086 -44.99 48.91 22.40
N GLN C 1087 -44.91 49.02 23.72
CA GLN C 1087 -46.09 48.98 24.57
C GLN C 1087 -45.76 49.67 25.89
N ILE C 1088 -46.80 49.97 26.66
CA ILE C 1088 -46.64 50.76 27.87
C ILE C 1088 -45.98 49.92 28.96
N ILE C 1089 -45.08 50.56 29.71
CA ILE C 1089 -44.41 49.90 30.83
C ILE C 1089 -45.36 49.88 32.03
N THR C 1090 -45.78 48.70 32.42
CA THR C 1090 -46.67 48.51 33.56
C THR C 1090 -46.00 47.61 34.59
N THR C 1091 -46.76 47.27 35.63
CA THR C 1091 -46.29 46.32 36.62
C THR C 1091 -46.52 44.88 36.21
N ASP C 1092 -47.09 44.64 35.03
CA ASP C 1092 -47.25 43.31 34.48
C ASP C 1092 -46.12 42.92 33.55
N ASN C 1093 -45.39 43.90 33.00
CA ASN C 1093 -44.25 43.65 32.14
C ASN C 1093 -42.93 43.52 32.89
N THR C 1094 -42.89 43.93 34.15
CA THR C 1094 -41.63 44.06 34.87
C THR C 1094 -41.69 43.28 36.19
N PHE C 1095 -40.54 43.21 36.85
CA PHE C 1095 -40.44 42.69 38.21
C PHE C 1095 -39.48 43.58 38.99
N VAL C 1096 -39.60 43.52 40.31
CA VAL C 1096 -38.92 44.45 41.21
C VAL C 1096 -37.80 43.72 41.96
N SER C 1097 -36.68 44.41 42.13
CA SER C 1097 -35.57 43.86 42.92
C SER C 1097 -34.68 45.01 43.37
N GLY C 1098 -34.58 45.20 44.68
CA GLY C 1098 -33.64 46.16 45.24
C GLY C 1098 -34.07 47.60 45.12
N ASP C 1099 -33.14 48.49 45.46
CA ASP C 1099 -33.34 49.93 45.41
C ASP C 1099 -32.49 50.54 44.29
N CYS C 1100 -32.62 51.86 44.14
CA CYS C 1100 -32.07 52.57 42.98
C CYS C 1100 -30.69 53.16 43.27
N ASP C 1101 -29.73 52.35 43.74
CA ASP C 1101 -28.39 52.87 43.95
C ASP C 1101 -27.28 51.90 43.58
N VAL C 1102 -27.59 50.71 43.07
CA VAL C 1102 -26.57 49.75 42.69
C VAL C 1102 -26.43 49.61 41.18
N VAL C 1103 -27.51 49.74 40.42
CA VAL C 1103 -27.46 49.59 38.98
C VAL C 1103 -26.78 50.81 38.36
N ILE C 1104 -25.87 50.56 37.43
CA ILE C 1104 -25.17 51.63 36.73
C ILE C 1104 -25.97 52.00 35.49
N GLY C 1105 -26.45 53.24 35.43
CA GLY C 1105 -27.22 53.71 34.29
C GLY C 1105 -28.72 53.66 34.46
N ILE C 1106 -29.23 53.73 35.69
CA ILE C 1106 -30.66 53.62 35.91
C ILE C 1106 -31.35 54.93 35.51
N VAL C 1107 -32.62 54.81 35.12
CA VAL C 1107 -33.40 56.02 34.70
C VAL C 1107 -34.34 56.37 35.85
N ASN C 1108 -35.25 57.31 35.62
CA ASN C 1108 -36.13 57.75 36.69
C ASN C 1108 -37.62 57.67 36.39
N ASN C 1109 -38.05 57.23 35.21
CA ASN C 1109 -39.46 57.36 34.90
C ASN C 1109 -39.89 56.34 33.85
N THR C 1110 -41.08 55.76 34.02
CA THR C 1110 -42.05 55.75 35.12
C THR C 1110 -43.00 54.55 34.92
N VAL C 1111 -43.42 53.92 36.02
CA VAL C 1111 -44.13 52.65 35.96
C VAL C 1111 -45.61 52.90 36.26
N TYR C 1112 -46.48 52.35 35.42
CA TYR C 1112 -47.92 52.54 35.51
C TYR C 1112 -48.59 51.31 36.10
N ASP C 1113 -49.67 51.53 36.86
CA ASP C 1113 -50.42 50.46 37.50
C ASP C 1113 -51.74 50.26 36.79
N PRO C 1114 -52.03 49.07 36.27
CA PRO C 1114 -53.29 48.83 35.56
C PRO C 1114 -54.47 48.52 36.48
N LEU C 1115 -54.37 48.78 37.78
CA LEU C 1115 -55.43 48.44 38.71
C LEU C 1115 -56.20 49.65 39.23
N GLN C 1116 -55.55 50.82 39.32
CA GLN C 1116 -56.19 51.98 39.94
C GLN C 1116 -57.49 52.40 39.27
N PRO C 1117 -57.61 52.47 37.94
CA PRO C 1117 -58.92 52.82 37.36
C PRO C 1117 -60.03 51.87 37.76
N GLU C 1118 -59.75 50.58 37.91
CA GLU C 1118 -60.76 49.64 38.38
C GLU C 1118 -61.17 49.92 39.81
N LEU C 1119 -60.19 50.16 40.68
CA LEU C 1119 -60.50 50.42 42.10
C LEU C 1119 -61.27 51.72 42.26
N ASP C 1120 -60.98 52.72 41.43
CA ASP C 1120 -61.70 53.99 41.51
C ASP C 1120 -63.18 53.80 41.18
N SER C 1121 -63.49 53.00 40.17
CA SER C 1121 -64.88 52.80 39.75
C SER C 1121 -65.55 51.71 40.58
C1 NAG D . 4.17 -19.17 34.71
C2 NAG D . 3.82 -20.65 34.54
C3 NAG D . 2.49 -20.95 35.20
C4 NAG D . 2.49 -20.49 36.65
C5 NAG D . 2.91 -19.02 36.74
C6 NAG D . 3.05 -18.53 38.15
C7 NAG D . 4.72 -21.76 32.55
C8 NAG D . 4.54 -22.04 31.09
N2 NAG D . 3.79 -21.01 33.13
O3 NAG D . 2.23 -22.35 35.13
O4 NAG D . 1.21 -20.67 37.24
O5 NAG D . 4.18 -18.84 36.11
O6 NAG D . 2.20 -17.42 38.41
O7 NAG D . 5.68 -22.20 33.18
C1 NAG D . 1.32 -21.65 38.30
C2 NAG D . 0.21 -22.69 38.13
C3 NAG D . 0.34 -23.77 39.20
C4 NAG D . 1.74 -24.37 39.18
C5 NAG D . 2.79 -23.27 39.31
C6 NAG D . 4.21 -23.78 39.18
C7 NAG D . -1.95 -22.05 37.17
C8 NAG D . -3.26 -21.35 37.41
N2 NAG D . -1.09 -22.06 38.20
O3 NAG D . -0.63 -24.79 38.95
O4 NAG D . 1.89 -25.28 40.26
O5 NAG D . 2.60 -22.30 38.27
O6 NAG D . 5.00 -22.89 38.40
O7 NAG D . -1.69 -22.56 36.10
C1 NAG E . -19.16 35.39 47.31
C2 NAG E . -19.11 35.86 48.77
C3 NAG E . -17.67 36.06 49.24
C4 NAG E . -16.82 36.85 48.24
C5 NAG E . -17.14 36.45 46.81
C6 NAG E . -15.91 36.21 45.97
C7 NAG E . -21.09 37.11 49.54
C8 NAG E . -21.61 35.80 50.02
N2 NAG E . -19.88 37.09 48.95
O3 NAG E . -17.07 34.79 49.48
O4 NAG E . -16.98 38.25 48.42
O5 NAG E . -17.87 35.22 46.82
O6 NAG E . -14.80 35.83 46.77
O7 NAG E . -21.72 38.15 49.67
C1 NAG E . -15.67 38.82 48.32
C2 NAG E . -15.61 40.18 49.02
C3 NAG E . -14.18 40.74 48.98
C4 NAG E . -13.18 39.72 49.48
C5 NAG E . -13.36 38.36 48.78
C6 NAG E . -12.49 37.27 49.35
C7 NAG E . -17.84 41.14 48.69
C8 NAG E . -18.64 42.20 47.97
N2 NAG E . -16.53 41.12 48.41
O3 NAG E . -14.11 41.92 49.76
O4 NAG E . -11.86 40.17 49.21
O5 NAG E . -14.72 37.94 48.92
O6 NAG E . -12.54 36.11 48.55
O7 NAG E . -18.36 40.36 49.47
C1 BMA E . -11.15 40.50 50.42
C2 BMA E . -9.79 41.04 50.00
C3 BMA E . -8.99 41.45 51.23
C4 BMA E . -9.80 42.28 52.24
C5 BMA E . -11.26 41.80 52.42
C6 BMA E . -12.12 42.89 53.03
O2 BMA E . -9.95 42.20 49.21
O3 BMA E . -7.87 42.23 50.81
O4 BMA E . -9.14 42.28 53.50
O5 BMA E . -11.85 41.47 51.16
O6 BMA E . -12.35 43.87 52.01
C1 MAN E . -6.63 41.59 51.19
C2 MAN E . -5.56 42.69 51.15
C3 MAN E . -5.31 43.11 49.70
C4 MAN E . -5.02 41.90 48.81
C5 MAN E . -6.16 40.88 48.92
C6 MAN E . -5.91 39.61 48.15
O2 MAN E . -4.30 42.19 51.62
O3 MAN E . -4.26 44.08 49.60
O4 MAN E . -4.89 42.31 47.46
O5 MAN E . -6.34 40.52 50.32
O6 MAN E . -7.07 38.79 48.23
C1 MAN E . -12.02 45.18 52.51
C2 MAN E . -12.94 46.21 51.77
C3 MAN E . -12.43 46.49 50.36
C4 MAN E . -10.94 46.84 50.37
C5 MAN E . -10.18 45.66 50.98
C6 MAN E . -8.68 45.88 51.02
O2 MAN E . -12.95 47.48 52.44
O3 MAN E . -13.17 47.54 49.72
O4 MAN E . -10.48 47.07 49.06
O5 MAN E . -10.63 45.47 52.34
O6 MAN E . -8.25 46.25 49.70
C1 NAG F . 35.31 25.58 17.71
C2 NAG F . 36.08 25.71 19.02
C3 NAG F . 35.79 27.05 19.68
C4 NAG F . 36.05 28.19 18.70
C5 NAG F . 35.27 27.96 17.41
C6 NAG F . 35.56 28.99 16.34
C7 NAG F . 36.38 23.43 19.90
C8 NAG F . 35.92 22.42 20.91
N2 NAG F . 35.76 24.62 19.93
O3 NAG F . 36.61 27.21 20.83
O4 NAG F . 35.65 29.44 19.29
O5 NAG F . 35.62 26.69 16.85
O6 NAG F . 34.60 28.95 15.31
O7 NAG F . 37.27 23.19 19.10
C1 NAG F . 36.81 30.29 19.38
C2 NAG F . 36.41 31.57 20.13
C3 NAG F . 37.61 32.49 20.28
C4 NAG F . 38.78 31.76 20.91
C5 NAG F . 39.07 30.45 20.16
C6 NAG F . 40.13 29.61 20.82
C7 NAG F . 34.35 32.90 20.07
C8 NAG F . 33.31 33.55 19.21
N2 NAG F . 35.32 32.25 19.44
O3 NAG F . 37.25 33.61 21.08
O4 NAG F . 39.95 32.57 20.85
O5 NAG F . 37.88 29.65 20.09
O6 NAG F . 41.07 29.12 19.88
O7 NAG F . 34.29 32.96 21.29
C1 BMA F . 40.32 33.05 22.16
C2 BMA F . 41.68 33.77 21.98
C3 BMA F . 42.07 34.57 23.22
C4 BMA F . 40.89 35.38 23.79
C5 BMA F . 39.66 34.47 23.97
C6 BMA F . 38.46 35.23 24.47
O2 BMA F . 41.63 34.69 20.91
O3 BMA F . 43.14 35.45 22.95
O4 BMA F . 41.24 35.96 25.02
O5 BMA F . 39.33 33.91 22.69
O6 BMA F . 37.96 36.01 23.39
C1 MAN F . 44.38 34.91 23.48
C2 MAN F . 45.39 36.10 23.56
C3 MAN F . 45.88 36.49 22.16
C4 MAN F . 46.37 35.26 21.39
C5 MAN F . 45.24 34.22 21.33
C6 MAN F . 45.65 32.95 20.60
O2 MAN F . 46.57 35.74 24.29
O3 MAN F . 46.91 37.47 22.22
O4 MAN F . 46.74 35.63 20.07
O5 MAN F . 44.87 33.86 22.67
O6 MAN F . 45.87 33.25 19.23
C1 MAN F . 37.26 37.16 23.91
C2 MAN F . 36.35 37.70 22.77
C3 MAN F . 37.19 38.35 21.67
C4 MAN F . 38.16 39.39 22.28
C5 MAN F . 39.04 38.71 23.34
C6 MAN F . 39.99 39.66 24.03
O2 MAN F . 35.47 38.72 23.24
O3 MAN F . 36.38 38.96 20.68
O4 MAN F . 38.98 39.95 21.26
O5 MAN F . 38.19 38.14 24.35
O6 MAN F . 40.70 40.38 23.04
C1 NAG G . 35.79 -51.07 -7.40
C2 NAG G . 36.64 -50.05 -8.13
C3 NAG G . 37.90 -49.75 -7.33
C4 NAG G . 37.54 -49.36 -5.89
C5 NAG G . 36.56 -50.35 -5.28
C6 NAG G . 36.02 -49.89 -3.93
C7 NAG G . 36.42 -50.03 -10.58
C8 NAG G . 36.90 -50.62 -11.86
N2 NAG G . 36.98 -50.52 -9.47
O3 NAG G . 38.62 -48.71 -7.96
O4 NAG G . 38.72 -49.36 -5.09
O5 NAG G . 35.43 -50.56 -6.13
O6 NAG G . 34.78 -50.52 -3.64
O7 NAG G . 35.58 -49.14 -10.54
C1 NAG G . 39.35 -48.08 -5.01
C2 NAG G . 40.24 -48.05 -3.77
C3 NAG G . 41.02 -46.74 -3.70
C4 NAG G . 41.78 -46.51 -5.00
C5 NAG G . 40.81 -46.55 -6.18
C6 NAG G . 41.50 -46.41 -7.51
C7 NAG G . 39.46 -49.40 -1.89
C8 NAG G . 38.60 -49.43 -0.66
N2 NAG G . 39.47 -48.26 -2.57
O3 NAG G . 41.92 -46.78 -2.61
O4 NAG G . 42.46 -45.25 -4.96
O5 NAG G . 40.13 -47.82 -6.19
O6 NAG G . 40.60 -46.00 -8.54
O7 NAG G . 40.10 -50.39 -2.25
C1 BMA G . 43.87 -45.54 -5.01
C2 BMA G . 44.65 -44.20 -5.02
C3 BMA G . 46.15 -44.49 -5.01
C4 BMA G . 46.53 -45.49 -3.90
C5 BMA G . 45.64 -46.73 -3.95
C6 BMA G . 45.88 -47.69 -2.79
O2 BMA G . 44.36 -43.44 -3.86
O3 BMA G . 46.90 -43.29 -4.88
O4 BMA G . 47.89 -45.85 -4.01
O5 BMA G . 44.27 -46.32 -3.90
O6 BMA G . 47.09 -48.40 -3.04
C1 MAN G . 47.57 -43.01 -6.12
C2 MAN G . 48.69 -41.95 -5.83
C3 MAN G . 48.10 -40.55 -5.64
C4 MAN G . 47.10 -40.21 -6.76
C5 MAN G . 46.02 -41.28 -6.81
C6 MAN G . 44.98 -41.04 -7.88
O2 MAN G . 49.59 -41.84 -6.92
O3 MAN G . 49.11 -39.55 -5.57
O4 MAN G . 46.50 -38.94 -6.51
O5 MAN G . 46.64 -42.54 -7.10
O6 MAN G . 44.02 -40.10 -7.38
C1 MAN G . 47.73 -48.68 -1.78
C2 MAN G . 49.17 -49.13 -2.09
C3 MAN G . 49.17 -50.53 -2.71
C4 MAN G . 48.35 -51.51 -1.85
C5 MAN G . 46.92 -50.97 -1.68
C6 MAN G . 46.06 -51.85 -0.80
O2 MAN G . 49.95 -49.24 -0.89
O3 MAN G . 50.49 -51.03 -2.90
O4 MAN G . 48.31 -52.78 -2.48
O5 MAN G . 47.00 -49.66 -1.07
O6 MAN G . 44.76 -51.91 -1.36
C1 NAG H . -5.89 45.76 32.01
C2 NAG H . -4.56 45.06 31.84
C3 NAG H . -3.44 45.93 32.39
C4 NAG H . -3.49 47.33 31.77
C5 NAG H . -4.91 47.91 31.85
C6 NAG H . -5.07 49.20 31.09
C7 NAG H . -4.99 42.64 31.92
C8 NAG H . -4.92 41.39 32.74
N2 NAG H . -4.56 43.76 32.50
O3 NAG H . -2.19 45.32 32.10
O4 NAG H . -2.64 48.19 32.52
O5 NAG H . -5.87 46.98 31.31
O6 NAG H . -6.44 49.56 30.97
O7 NAG H . -5.40 42.63 30.77
C1 NAG H . -1.34 48.41 31.92
C2 NAG H . -0.44 48.91 33.05
C3 NAG H . 0.96 49.17 32.53
C4 NAG H . 1.51 47.94 31.82
C5 NAG H . 0.52 47.46 30.76
C6 NAG H . 0.94 46.15 30.11
C7 NAG H . -1.03 50.26 35.01
C8 NAG H . -1.63 51.55 35.49
N2 NAG H . -0.99 50.10 33.69
O3 NAG H . 1.81 49.53 33.61
O4 NAG H . 2.74 48.26 31.19
O5 NAG H . -0.77 47.25 31.33
O6 NAG H . 1.20 45.16 31.10
O7 NAG H . -0.60 49.41 35.79
C1 BMA H . 3.85 47.62 31.86
C2 BMA H . 4.59 46.75 30.82
C3 BMA H . 5.90 46.19 31.40
C4 BMA H . 6.72 47.28 32.11
C5 BMA H . 5.84 47.98 33.16
C6 BMA H . 6.59 49.05 33.93
O2 BMA H . 4.96 47.53 29.68
O3 BMA H . 6.69 45.56 30.41
O4 BMA H . 7.85 46.71 32.75
O5 BMA H . 4.72 48.57 32.47
O6 BMA H . 5.68 49.85 34.67
C1 MAN H . 7.03 44.23 30.84
C2 MAN H . 8.32 43.79 30.08
C3 MAN H . 8.00 43.52 28.60
C4 MAN H . 6.80 42.57 28.47
C5 MAN H . 5.60 43.15 29.21
C6 MAN H . 4.37 42.26 29.16
O2 MAN H . 8.85 42.59 30.60
O3 MAN H . 9.13 42.98 27.92
O4 MAN H . 6.48 42.38 27.11
O5 MAN H . 5.95 43.34 30.60
O6 MAN H . 3.76 42.42 27.88
C1 MAN H . 4.95 49.05 35.63
C2 MAN H . 3.81 49.95 36.19
C3 MAN H . 4.40 51.03 37.08
C4 MAN H . 5.27 50.41 38.18
C5 MAN H . 6.40 49.58 37.54
C6 MAN H . 7.23 48.85 38.57
O2 MAN H . 2.93 49.19 37.02
O3 MAN H . 3.39 51.85 37.66
O4 MAN H . 5.84 51.43 38.98
O5 MAN H . 5.82 48.58 36.67
O6 MAN H . 8.41 48.36 37.92
C1 NAG I . 1.07 -4.72 52.17
C2 NAG I . 0.12 -5.70 52.87
C3 NAG I . 0.85 -6.44 54.00
C4 NAG I . 2.11 -7.10 53.45
C5 NAG I . 2.99 -6.04 52.81
C6 NAG I . 4.25 -6.60 52.20
C7 NAG I . -2.29 -5.51 53.28
C8 NAG I . -3.38 -4.68 53.87
N2 NAG I . -1.05 -5.02 53.39
O3 NAG I . -0.02 -7.42 54.55
O4 NAG I . 2.80 -7.79 54.48
O5 NAG I . 2.26 -5.40 51.75
O6 NAG I . 5.40 -5.93 52.69
O7 NAG I . -2.51 -6.59 52.74
C1 NAG I . 2.78 -9.20 54.14
C2 NAG I . 3.34 -10.00 55.31
C3 NAG I . 3.29 -11.50 55.00
C4 NAG I . 1.87 -11.91 54.60
C5 NAG I . 1.37 -11.02 53.47
C6 NAG I . -0.07 -11.29 53.11
C7 NAG I . 5.03 -8.91 56.71
C8 NAG I . 6.49 -8.57 56.87
N2 NAG I . 4.71 -9.60 55.63
O3 NAG I . 3.71 -12.24 56.14
O4 NAG I . 1.87 -13.26 54.17
O5 NAG I . 1.45 -9.64 53.85
O6 NAG I . -0.61 -10.27 52.28
O7 NAG I . 4.19 -8.55 57.54
C1 NAG J . 69.09 6.93 15.08
C2 NAG J . 69.46 5.87 14.03
C3 NAG J . 70.88 6.06 13.53
C4 NAG J . 71.09 7.48 13.04
C5 NAG J . 70.78 8.43 14.18
C6 NAG J . 70.94 9.89 13.81
C7 NAG J . 68.08 3.97 14.80
C8 NAG J . 68.10 2.58 15.34
N2 NAG J . 69.28 4.53 14.56
O3 NAG J . 71.14 5.14 12.47
O4 NAG J . 72.41 7.67 12.56
O5 NAG J . 69.42 8.25 14.58
O6 NAG J . 70.96 10.73 14.96
O7 NAG J . 67.04 4.57 14.59
C1 NAG J . 72.31 7.96 11.14
C2 NAG J . 73.72 7.97 10.53
C3 NAG J . 73.64 8.24 9.03
C4 NAG J . 72.70 7.24 8.37
C5 NAG J . 71.33 7.25 9.05
C6 NAG J . 70.40 6.20 8.52
C7 NAG J . 75.39 8.68 12.19
C8 NAG J . 76.18 9.82 12.74
N2 NAG J . 74.56 8.97 11.19
O3 NAG J . 74.94 8.13 8.46
O4 NAG J . 72.52 7.58 6.99
O5 NAG J . 71.50 6.99 10.46
O6 NAG J . 69.22 6.77 7.99
O7 NAG J . 75.50 7.52 12.63
C1 NAG K . -34.76 32.15 58.22
C2 NAG K . -35.27 33.34 57.41
C3 NAG K . -35.56 34.52 58.34
C4 NAG K . -36.47 34.10 59.49
C5 NAG K . -35.90 32.87 60.18
C6 NAG K . -36.81 32.32 61.25
C7 NAG K . -34.28 33.17 55.17
C8 NAG K . -33.22 33.70 54.24
N2 NAG K . -34.31 33.73 56.38
O3 NAG K . -36.16 35.57 57.59
O4 NAG K . -36.54 35.15 60.45
O5 NAG K . -35.71 31.81 59.23
O6 NAG K . -36.12 31.40 62.09
O7 NAG K . -35.06 32.29 54.83
C1 NAG K . -37.70 36.00 60.30
C2 NAG K . -37.39 37.32 61.02
C3 NAG K . -38.56 38.29 60.88
C4 NAG K . -38.91 38.48 59.41
C5 NAG K . -39.17 37.13 58.76
C6 NAG K . -39.43 37.23 57.27
C7 NAG K . -35.87 37.26 62.95
C8 NAG K . -35.74 36.98 64.41
N2 NAG K . -37.08 37.08 62.42
O3 NAG K . -38.20 39.54 61.46
O4 NAG K . -40.07 39.31 59.30
O5 NAG K . -38.03 36.27 58.92
O6 NAG K . -38.33 36.71 56.53
O7 NAG K . -34.93 37.66 62.27
C1 NAG L . -52.80 19.46 56.87
C2 NAG L . -52.71 18.48 58.03
C3 NAG L . -53.91 17.54 58.03
C4 NAG L . -55.21 18.34 57.99
C5 NAG L . -55.19 19.34 56.85
C6 NAG L . -56.38 20.29 56.86
C7 NAG L . -50.39 18.06 58.69
C8 NAG L . -49.20 17.17 58.53
N2 NAG L . -51.47 17.72 57.99
O3 NAG L . -53.88 16.72 59.19
O4 NAG L . -56.30 17.45 57.80
O5 NAG L . -54.03 20.17 56.94
O6 NAG L . -56.11 21.46 57.60
O7 NAG L . -50.37 19.03 59.43
C1 NAG L . -57.15 17.47 58.97
C2 NAG L . -58.40 16.65 58.67
C3 NAG L . -59.31 16.60 59.90
C4 NAG L . -58.55 16.13 61.12
C5 NAG L . -57.27 16.96 61.31
C6 NAG L . -56.39 16.45 62.42
C7 NAG L . -59.31 16.49 56.39
C8 NAG L . -60.06 17.21 55.31
N2 NAG L . -59.11 17.19 57.52
O3 NAG L . -60.40 15.72 59.64
O4 NAG L . -59.35 16.29 62.28
O5 NAG L . -56.48 16.92 60.12
O6 NAG L . -55.33 17.35 62.70
O7 NAG L . -58.90 15.34 56.26
C1 BMA L . -59.77 15.02 62.81
C2 BMA L . -60.34 15.28 64.23
C3 BMA L . -61.05 14.05 64.78
C4 BMA L . -61.99 13.41 63.74
C5 BMA L . -61.21 13.14 62.45
C6 BMA L . -62.05 12.49 61.37
O2 BMA L . -61.31 16.32 64.18
O3 BMA L . -61.80 14.38 65.95
O4 BMA L . -62.52 12.19 64.25
O5 BMA L . -60.72 14.39 61.96
O6 BMA L . -63.29 13.20 61.25
C1 MAN L . -61.25 13.69 67.09
C2 MAN L . -62.29 13.78 68.24
C3 MAN L . -62.36 15.22 68.76
C4 MAN L . -60.97 15.74 69.12
C5 MAN L . -60.04 15.62 67.91
C6 MAN L . -58.61 16.05 68.19
O2 MAN L . -61.91 12.98 69.35
O3 MAN L . -63.23 15.32 69.88
O4 MAN L . -61.05 17.10 69.52
O5 MAN L . -60.00 14.25 67.46
O6 MAN L . -58.64 17.39 68.67
C1 MAN L . -63.28 13.95 60.02
C2 MAN L . -64.59 14.81 59.96
C3 MAN L . -65.80 13.95 59.59
C4 MAN L . -65.51 13.09 58.35
C5 MAN L . -64.27 12.23 58.62
C6 MAN L . -63.90 11.34 57.45
O2 MAN L . -64.51 15.82 58.95
O3 MAN L . -66.96 14.74 59.37
O4 MAN L . -66.62 12.27 58.07
O5 MAN L . -63.15 13.09 58.89
O6 MAN L . -64.85 10.28 57.38
C1 NAG M . -27.70 20.13 55.92
C2 NAG M . -27.73 18.71 56.51
C3 NAG M . -28.48 18.70 57.85
C4 NAG M . -27.93 19.77 58.78
C5 NAG M . -27.92 21.13 58.08
C6 NAG M . -27.30 22.22 58.91
C7 NAG M . -28.26 16.45 55.68
C8 NAG M . -28.97 15.65 54.62
N2 NAG M . -28.36 17.78 55.58
O3 NAG M . -28.36 17.42 58.45
O4 NAG M . -28.73 19.87 59.95
O5 NAG M . -27.15 21.03 56.88
O6 NAG M . -27.83 23.50 58.55
O7 NAG M . -27.63 15.92 56.59
C1 NAG M . -28.17 19.05 61.01
C2 NAG M . -28.22 19.81 62.33
C3 NAG M . -27.71 18.92 63.46
C4 NAG M . -28.48 17.60 63.49
C5 NAG M . -28.42 16.94 62.12
C6 NAG M . -29.27 15.68 62.04
C7 NAG M . -27.99 22.25 62.42
C8 NAG M . -27.05 23.40 62.32
N2 NAG M . -27.45 21.04 62.26
O3 NAG M . -27.87 19.59 64.70
O4 NAG M . -27.92 16.73 64.46
O5 NAG M . -28.92 17.83 61.12
O6 NAG M . -29.44 15.26 60.70
O7 NAG M . -29.20 22.40 62.62
C1 NAG N . 17.06 -49.83 16.26
C2 NAG N . 16.31 -51.12 16.67
C3 NAG N . 16.21 -51.24 18.18
C4 NAG N . 17.50 -50.74 18.83
C5 NAG N . 17.63 -49.24 18.60
C6 NAG N . 19.06 -48.77 18.56
C7 NAG N . 14.50 -52.26 15.45
C8 NAG N . 13.12 -52.13 14.89
N2 NAG N . 15.00 -51.17 16.06
O3 NAG N . 15.97 -52.58 18.54
O4 NAG N . 17.47 -51.01 20.22
O5 NAG N . 17.01 -48.86 17.36
O6 NAG N . 19.24 -47.76 17.57
O7 NAG N . 15.16 -53.29 15.35
C1 NAG N . 18.55 -51.92 20.56
C2 NAG N . 18.75 -51.87 22.07
C3 NAG N . 19.82 -52.88 22.49
C4 NAG N . 19.48 -54.27 21.96
C5 NAG N . 19.25 -54.20 20.45
C6 NAG N . 18.80 -55.52 19.86
C7 NAG N . 18.26 -49.54 22.65
C8 NAG N . 18.83 -48.23 23.11
N2 NAG N . 19.14 -50.53 22.51
O3 NAG N . 19.92 -52.92 23.91
O4 NAG N . 20.54 -55.17 22.24
O5 NAG N . 18.22 -53.26 20.16
O6 NAG N . 18.76 -55.47 18.44
O7 NAG N . 17.06 -49.68 22.43
C1 NAG O . -30.66 -9.46 -23.64
C2 NAG O . -30.40 -9.02 -25.07
C3 NAG O . -31.29 -7.82 -25.42
C4 NAG O . -32.74 -8.14 -25.13
C5 NAG O . -32.90 -8.62 -23.69
C6 NAG O . -34.30 -9.07 -23.36
C7 NAG O . -28.17 -9.44 -26.02
C8 NAG O . -26.76 -8.96 -26.12
N2 NAG O . -29.00 -8.69 -25.28
O3 NAG O . -31.12 -7.50 -26.80
O4 NAG O . -33.55 -6.98 -25.34
O5 NAG O . -32.05 -9.75 -23.47
O6 NAG O . -34.80 -8.40 -22.20
O7 NAG O . -28.56 -10.46 -26.58
C1 NAG O . -34.46 -7.25 -26.42
C2 NAG O . -34.44 -6.07 -27.38
C3 NAG O . -35.35 -6.34 -28.57
C4 NAG O . -34.97 -7.66 -29.24
C5 NAG O . -34.96 -8.79 -28.20
C6 NAG O . -34.47 -10.10 -28.77
C7 NAG O . -34.04 -3.82 -26.48
C8 NAG O . -34.63 -2.64 -25.76
N2 NAG O . -34.86 -4.85 -26.70
O3 NAG O . -35.24 -5.28 -29.51
O4 NAG O . -35.90 -7.97 -30.27
O5 NAG O . -34.08 -8.44 -27.13
O6 NAG O . -33.64 -10.78 -27.84
O7 NAG O . -32.86 -3.83 -26.85
C1 NAG P . -53.99 5.85 30.14
C2 NAG P . -55.44 5.44 30.41
C3 NAG P . -55.59 3.92 30.47
C4 NAG P . -54.52 3.26 31.34
C5 NAG P . -53.16 3.92 31.16
C6 NAG P . -52.04 2.93 30.97
C7 NAG P . -56.73 7.15 31.61
C8 NAG P . -57.17 7.67 32.94
N2 NAG P . -55.95 6.06 31.62
O3 NAG P . -55.53 3.38 29.16
O4 NAG P . -54.89 3.27 32.72
O5 NAG P . -53.20 4.72 29.98
O6 NAG P . -52.52 1.70 30.43
O7 NAG P . -57.05 7.71 30.56
C1 NAG P . -54.58 1.95 33.22
C2 NAG P . -55.37 1.65 34.50
C3 NAG P . -55.08 0.21 34.95
C4 NAG P . -55.30 -0.78 33.82
C5 NAG P . -54.54 -0.35 32.58
C6 NAG P . -54.84 -1.23 31.37
C7 NAG P . -55.54 3.82 35.62
C8 NAG P . -55.08 4.65 36.78
N2 NAG P . -55.04 2.59 35.55
O3 NAG P . -55.94 -0.10 36.05
O4 NAG P . -54.81 -2.06 34.22
O5 NAG P . -54.90 0.98 32.21
O6 NAG P . -53.91 -0.99 30.32
O7 NAG P . -56.34 4.25 34.78
C1 BMA P . -55.89 -3.00 34.35
C2 BMA P . -55.27 -4.30 34.86
C3 BMA P . -56.34 -5.37 35.06
C4 BMA P . -57.59 -4.84 35.79
C5 BMA P . -58.01 -3.40 35.39
C6 BMA P . -58.89 -2.76 36.44
O2 BMA P . -54.67 -4.10 36.14
O3 BMA P . -55.81 -6.44 35.82
O4 BMA P . -58.69 -5.71 35.56
O5 BMA P . -56.85 -2.54 35.27
O6 BMA P . -58.05 -2.42 37.56
C1 MAN P . -55.83 -7.66 35.05
C2 MAN P . -55.66 -8.81 36.06
C3 MAN P . -54.26 -8.79 36.65
C4 MAN P . -53.20 -8.77 35.53
C5 MAN P . -53.44 -7.58 34.60
C6 MAN P . -52.50 -7.54 33.42
O2 MAN P . -55.80 -10.09 35.43
O3 MAN P . -54.02 -9.89 37.53
O4 MAN P . -51.90 -8.67 36.10
O5 MAN P . -54.79 -7.66 34.08
O6 MAN P . -52.74 -6.35 32.69
C1 MAN P . -58.60 -2.97 38.78
C2 MAN P . -58.19 -2.02 39.95
C3 MAN P . -56.73 -2.25 40.37
C4 MAN P . -56.47 -3.74 40.60
C5 MAN P . -56.77 -4.50 39.32
C6 MAN P . -56.51 -5.99 39.43
O2 MAN P . -58.98 -2.26 41.12
O3 MAN P . -56.38 -1.50 41.52
O4 MAN P . -55.11 -3.94 40.96
O5 MAN P . -58.17 -4.31 38.98
O6 MAN P . -55.19 -6.17 39.94
C1 NAG Q . -12.48 -40.28 20.90
C2 NAG Q . -13.60 -41.32 20.82
C3 NAG Q . -14.46 -41.29 22.08
C4 NAG Q . -13.59 -41.43 23.31
C5 NAG Q . -12.48 -40.38 23.30
C6 NAG Q . -11.50 -40.54 24.44
C7 NAG Q . -14.12 -41.60 18.43
C8 NAG Q . -15.08 -41.27 17.33
N2 NAG Q . -14.42 -41.09 19.63
O3 NAG Q . -15.42 -42.34 22.03
O4 NAG Q . -14.38 -41.27 24.49
O5 NAG Q . -11.71 -40.50 22.09
O6 NAG Q . -10.66 -39.39 24.57
O7 NAG Q . -13.12 -42.28 18.24
C1 NAG Q . -14.32 -42.49 25.25
C2 NAG Q . -15.28 -42.37 26.44
C3 NAG Q . -15.27 -43.65 27.27
C4 NAG Q . -15.53 -44.87 26.39
C5 NAG Q . -14.59 -44.87 25.19
C6 NAG Q . -14.89 -45.97 24.20
C7 NAG Q . -15.86 -40.48 27.91
C8 NAG Q . -15.32 -39.33 28.71
N2 NAG Q . -14.94 -41.22 27.28
O3 NAG Q . -16.26 -43.56 28.29
O4 NAG Q . -15.31 -46.05 27.14
O5 NAG Q . -14.68 -43.63 24.47
O6 NAG Q . -13.70 -46.61 23.76
O7 NAG Q . -17.06 -40.71 27.82
C1 BMA Q . -16.55 -46.73 27.42
C2 BMA Q . -16.16 -48.08 28.07
C3 BMA Q . -17.38 -48.79 28.68
C4 BMA Q . -18.28 -47.82 29.47
C5 BMA Q . -18.62 -46.59 28.63
C6 BMA Q . -19.46 -45.58 29.39
O2 BMA Q . -15.24 -47.89 29.13
O3 BMA Q . -16.98 -49.86 29.52
O4 BMA Q . -19.47 -48.48 29.86
O5 BMA Q . -17.38 -45.95 28.27
O6 BMA Q . -18.60 -44.96 30.33
C1 MAN Q . -17.17 -51.13 28.86
C2 MAN Q . -17.16 -52.22 29.96
C3 MAN Q . -15.74 -52.44 30.49
C4 MAN Q . -14.75 -52.66 29.34
C5 MAN Q . -14.82 -51.47 28.38
C6 MAN Q . -13.89 -51.60 27.19
O2 MAN Q . -17.58 -53.48 29.44
O3 MAN Q . -15.68 -53.53 31.39
O4 MAN Q . -13.43 -52.77 29.85
O5 MAN Q . -16.18 -51.34 27.88
O6 MAN Q . -12.55 -51.55 27.65
C1 MAN Q . -19.39 -44.48 31.45
C2 MAN Q . -18.57 -43.39 32.17
C3 MAN Q . -17.39 -44.02 32.92
C4 MAN Q . -17.88 -45.17 33.81
C5 MAN Q . -18.62 -46.20 32.95
C6 MAN Q . -19.18 -47.36 33.77
O2 MAN Q . -19.33 -42.72 33.17
O3 MAN Q . -16.67 -43.06 33.68
O4 MAN Q . -16.77 -45.78 34.45
O5 MAN Q . -19.73 -45.55 32.31
O6 MAN Q . -18.14 -47.91 34.55
C1 NAG R . 20.57 -28.94 -51.80
C2 NAG R . 21.35 -29.70 -50.74
C3 NAG R . 20.81 -31.12 -50.62
C4 NAG R . 19.30 -31.11 -50.40
C5 NAG R . 18.59 -30.20 -51.40
C6 NAG R . 17.14 -29.99 -51.10
C7 NAG R . 23.68 -29.01 -50.37
C8 NAG R . 25.10 -29.14 -50.82
N2 NAG R . 22.77 -29.73 -51.05
O3 NAG R . 21.47 -31.78 -49.55
O4 NAG R . 18.78 -32.42 -50.58
O5 NAG R . 19.20 -28.90 -51.43
O6 NAG R . 16.64 -28.80 -51.71
O7 NAG R . 23.36 -28.28 -49.44
C1 NAG R . 18.70 -33.16 -49.34
C2 NAG R . 17.69 -34.29 -49.53
C3 NAG R . 17.63 -35.17 -48.28
C4 NAG R . 19.03 -35.66 -47.94
C5 NAG R . 19.97 -34.47 -47.76
C6 NAG R . 21.40 -34.88 -47.49
C7 NAG R . 15.84 -33.79 -51.07
C8 NAG R . 14.47 -33.22 -51.21
N2 NAG R . 16.37 -33.77 -49.84
O3 NAG R . 16.77 -36.27 -48.52
O4 NAG R . 19.00 -36.44 -46.73
O5 NAG R . 19.98 -33.70 -48.97
O6 NAG R . 22.16 -33.80 -46.97
O7 NAG R . 16.45 -34.26 -52.02
C1 BMA R . 19.38 -37.78 -47.10
C2 BMA R . 19.41 -38.65 -45.83
C3 BMA R . 19.75 -40.09 -46.20
C4 BMA R . 18.87 -40.60 -47.37
C5 BMA R . 18.88 -39.61 -48.54
C6 BMA R . 17.92 -40.00 -49.65
O2 BMA R . 18.12 -38.69 -45.22
O3 BMA R . 19.64 -40.96 -45.08
O4 BMA R . 19.34 -41.87 -47.81
O5 BMA R . 18.49 -38.32 -48.05
O6 BMA R . 18.51 -41.07 -50.38
C1 MAN R . 20.96 -41.39 -44.68
C2 MAN R . 20.79 -42.63 -43.75
C3 MAN R . 20.33 -42.21 -42.35
C4 MAN R . 21.17 -41.05 -41.81
C5 MAN R . 21.10 -39.89 -42.79
C6 MAN R . 21.90 -38.68 -42.35
O2 MAN R . 22.04 -43.31 -43.56
O3 MAN R . 20.36 -43.30 -41.43
O4 MAN R . 20.67 -40.63 -40.55
O5 MAN R . 21.66 -40.33 -44.05
O6 MAN R . 21.11 -37.96 -41.42
C1 MAN R . 17.45 -41.92 -50.87
C2 MAN R . 18.10 -43.24 -51.39
C3 MAN R . 18.85 -42.97 -52.68
C4 MAN R . 17.94 -42.26 -53.71
C5 MAN R . 17.42 -40.96 -53.10
C6 MAN R . 16.47 -40.22 -54.03
O2 MAN R . 17.11 -44.22 -51.69
O3 MAN R . 19.37 -44.18 -53.24
O4 MAN R . 18.68 -41.97 -54.89
O5 MAN R . 16.70 -41.26 -51.89
O6 MAN R . 16.79 -38.83 -53.98
C1 NAG S . -37.44 -4.80 41.56
C2 NAG S . -36.90 -6.00 40.80
C3 NAG S . -37.29 -7.28 41.53
C4 NAG S . -36.89 -7.23 42.99
C5 NAG S . -37.33 -5.91 43.64
C6 NAG S . -36.77 -5.71 45.03
C7 NAG S . -36.78 -5.38 38.42
C8 NAG S . -37.44 -5.52 37.08
N2 NAG S . -37.40 -6.02 39.43
O3 NAG S . -36.67 -8.39 40.89
O4 NAG S . -37.53 -8.29 43.69
O5 NAG S . -36.91 -4.79 42.86
O6 NAG S . -37.00 -4.38 45.48
O7 NAG S . -35.76 -4.73 38.59
C1 NAG S . -36.70 -9.45 43.91
C2 NAG S . -37.65 -10.60 44.21
C3 NAG S . -36.87 -11.88 44.45
C4 NAG S . -35.93 -12.17 43.29
C5 NAG S . -35.05 -10.95 43.00
C6 NAG S . -34.21 -11.12 41.76
C7 NAG S . -39.82 -10.55 45.35
C8 NAG S . -40.55 -10.16 46.59
N2 NAG S . -38.51 -10.29 45.34
O3 NAG S . -37.78 -12.96 44.63
O4 NAG S . -35.08 -13.27 43.63
O5 NAG S . -35.86 -9.79 42.79
O6 NAG S . -35.00 -11.48 40.64
O7 NAG S . -40.38 -11.07 44.39
C1 BMA S . -35.43 -14.43 42.83
C2 BMA S . -34.15 -14.86 42.06
C3 BMA S . -34.38 -16.20 41.34
C4 BMA S . -35.01 -17.25 42.28
C5 BMA S . -36.29 -16.67 42.89
C6 BMA S . -37.00 -17.67 43.81
O2 BMA S . -33.06 -15.06 42.95
O3 BMA S . -33.17 -16.72 40.81
O4 BMA S . -35.32 -18.44 41.56
O5 BMA S . -35.94 -15.49 43.64
O6 BMA S . -38.00 -16.99 44.57
C1 MAN S . -33.37 -17.01 39.40
C2 MAN S . -32.31 -18.07 38.99
C3 MAN S . -30.92 -17.45 38.93
C4 MAN S . -30.92 -16.17 38.07
C5 MAN S . -31.95 -15.19 38.65
C6 MAN S . -32.06 -13.90 37.85
O2 MAN S . -32.57 -18.59 37.68
O3 MAN S . -29.95 -18.36 38.42
O4 MAN S . -29.63 -15.56 38.10
O5 MAN S . -33.26 -15.82 38.63
O6 MAN S . -30.96 -13.07 38.22
C1 MAN S . -39.00 -16.41 43.69
C2 MAN S . -39.88 -15.49 44.58
C3 MAN S . -40.75 -16.33 45.50
C4 MAN S . -41.57 -17.35 44.69
C5 MAN S . -40.61 -18.25 43.89
C6 MAN S . -41.35 -19.21 42.98
O2 MAN S . -40.78 -14.72 43.78
O3 MAN S . -41.62 -15.53 46.29
O4 MAN S . -42.34 -18.16 45.56
O5 MAN S . -39.78 -17.42 43.04
O6 MAN S . -40.41 -20.17 42.50
C1 NAG T . -49.85 -11.36 -11.42
C2 NAG T . -50.63 -10.49 -12.42
C3 NAG T . -51.49 -11.36 -13.34
C4 NAG T . -50.62 -12.42 -14.01
C5 NAG T . -49.93 -13.24 -12.93
C6 NAG T . -49.01 -14.30 -13.49
C7 NAG T . -51.56 -8.24 -12.12
C8 NAG T . -52.45 -7.37 -11.30
N2 NAG T . -51.45 -9.50 -11.73
O3 NAG T . -52.11 -10.54 -14.32
O4 NAG T . -51.39 -13.24 -14.86
O5 NAG T . -49.12 -12.37 -12.12
O6 NAG T . -49.29 -15.58 -12.93
O7 NAG T . -50.96 -7.80 -13.11
C1 NAG T . -50.91 -13.02 -16.21
C2 NAG T . -51.82 -13.74 -17.20
C3 NAG T . -51.36 -13.48 -18.63
C4 NAG T . -51.23 -11.99 -18.89
C5 NAG T . -50.34 -11.34 -17.83
C6 NAG T . -50.28 -9.83 -17.97
C7 NAG T . -52.93 -15.76 -16.34
C8 NAG T . -52.81 -17.23 -16.13
N2 NAG T . -51.88 -15.16 -16.92
O3 NAG T . -52.29 -14.07 -19.54
O4 NAG T . -50.65 -11.78 -20.18
O5 NAG T . -50.86 -11.62 -16.53
O6 NAG T . -49.67 -9.24 -16.83
O7 NAG T . -53.92 -15.13 -15.99
C1 NAG U . -0.59 -71.06 0.71
C2 NAG U . 0.63 -71.11 -0.24
C3 NAG U . 1.40 -72.41 -0.07
C4 NAG U . 1.76 -72.63 1.39
C5 NAG U . 0.49 -72.64 2.21
C6 NAG U . 0.72 -72.82 3.69
C7 NAG U . -0.20 -69.77 -2.13
C8 NAG U . -0.58 -69.79 -3.58
N2 NAG U . 0.22 -70.93 -1.62
O3 NAG U . 2.58 -72.37 -0.87
O4 NAG U . 2.50 -73.83 1.56
O5 NAG U . -0.18 -71.38 2.05
O6 NAG U . -0.48 -73.17 4.37
O7 NAG U . -0.27 -68.76 -1.46
C1 NAG U . 3.82 -73.47 2.03
C2 NAG U . 4.71 -74.71 2.04
C3 NAG U . 6.12 -74.35 2.51
C4 NAG U . 6.68 -73.21 1.66
C5 NAG U . 5.71 -72.02 1.66
C6 NAG U . 6.14 -70.91 0.75
C7 NAG U . 3.38 -76.75 2.42
C8 NAG U . 2.89 -77.73 3.44
N2 NAG U . 4.14 -75.75 2.89
O3 NAG U . 6.96 -75.49 2.40
O4 NAG U . 7.93 -72.78 2.18
O5 NAG U . 4.41 -72.46 1.21
O6 NAG U . 6.33 -69.70 1.46
O7 NAG U . 3.11 -76.85 1.23
C1 NAG V . -67.54 19.15 26.50
C2 NAG V . -67.00 19.69 27.83
C3 NAG V . -68.09 19.68 28.89
C4 NAG V . -69.35 20.37 28.39
C5 NAG V . -69.76 19.81 27.03
C6 NAG V . -70.94 20.51 26.42
C7 NAG V . -64.60 19.16 27.88
C8 NAG V . -63.55 18.27 28.46
N2 NAG V . -65.86 18.92 28.28
O3 NAG V . -67.62 20.32 30.07
O4 NAG V . -70.42 20.16 29.31
O5 NAG V . -68.67 19.90 26.11
O6 NAG V . -71.53 19.73 25.39
O7 NAG V . -64.33 20.07 27.10
C1 NAG V . -70.62 21.24 30.23
C2 NAG V . -71.41 20.68 31.42
C3 NAG V . -71.62 21.75 32.48
C4 NAG V . -70.29 22.38 32.88
C5 NAG V . -69.57 22.89 31.64
C6 NAG V . -68.19 23.44 31.95
C7 NAG V . -72.96 18.81 31.04
C8 NAG V . -74.31 18.42 30.55
N2 NAG V . -72.68 20.12 30.99
O3 NAG V . -72.25 21.18 33.62
O4 NAG V . -70.51 23.46 33.78
O5 NAG V . -69.39 21.83 30.70
O6 NAG V . -67.17 22.56 31.47
O7 NAG V . -72.14 17.99 31.45
C1 NAG W . -68.68 38.09 15.20
C2 NAG W . -69.68 37.85 14.09
C3 NAG W . -69.84 39.10 13.24
C4 NAG W . -70.17 40.30 14.11
C5 NAG W . -69.17 40.43 15.26
C6 NAG W . -69.54 41.50 16.25
C7 NAG W . -69.79 35.48 13.43
C8 NAG W . -69.27 34.43 12.49
N2 NAG W . -69.29 36.71 13.26
O3 NAG W . -70.87 38.90 12.28
O4 NAG W . -70.13 41.48 13.32
O5 NAG W . -69.09 39.20 15.99
O6 NAG W . -70.26 40.96 17.34
O7 NAG W . -70.63 35.23 14.29
C1 NAG W . -71.45 42.06 13.25
C2 NAG W . -71.32 43.42 12.55
C3 NAG W . -72.69 44.07 12.42
C4 NAG W . -73.67 43.11 11.74
C5 NAG W . -73.68 41.76 12.45
C6 NAG W . -74.52 40.73 11.74
C7 NAG W . -69.29 44.79 12.75
C8 NAG W . -68.48 45.68 13.65
N2 NAG W . -70.42 44.30 13.28
O3 NAG W . -72.58 45.26 11.66
O4 NAG W . -74.99 43.66 11.81
O5 NAG W . -72.34 41.24 12.51
O6 NAG W . -74.65 39.54 12.52
O7 NAG W . -68.95 44.54 11.61
C1 BMA W . -75.45 44.06 10.50
C2 BMA W . -76.97 44.31 10.63
C3 BMA W . -77.53 44.98 9.37
C4 BMA W . -76.65 46.16 8.92
C5 BMA W . -75.21 45.70 8.77
C6 BMA W . -74.27 46.79 8.31
O2 BMA W . -77.26 45.18 11.71
O3 BMA W . -78.86 45.44 9.59
O4 BMA W . -77.13 46.67 7.68
O5 BMA W . -74.76 45.22 10.04
O6 BMA W . -74.49 47.96 9.12
C1 MAN W . -79.77 44.73 8.72
C2 MAN W . -81.11 45.50 8.74
C3 MAN W . -81.81 45.33 10.09
C4 MAN W . -81.92 43.84 10.47
C5 MAN W . -80.52 43.21 10.46
C6 MAN W . -80.54 41.72 10.75
O2 MAN W . -82.03 44.97 7.77
O3 MAN W . -83.11 45.93 10.10
O4 MAN W . -82.48 43.71 11.76
O5 MAN W . -79.93 43.39 9.15
O6 MAN W . -81.14 41.53 12.02
C1 MAN W . -73.37 48.14 10.00
C2 MAN W . -73.69 49.36 10.94
C3 MAN W . -73.49 50.68 10.20
C4 MAN W . -72.13 50.72 9.49
C5 MAN W . -72.04 49.55 8.53
C6 MAN W . -70.73 49.50 7.76
O2 MAN W . -72.79 49.41 12.06
O3 MAN W . -73.61 51.80 11.08
O4 MAN W . -72.00 51.94 8.78
O5 MAN W . -72.16 48.33 9.28
O6 MAN W . -70.74 50.55 6.80
C1 NAG X . -62.36 14.27 14.25
C2 NAG X . -62.77 14.28 12.77
C3 NAG X . -64.19 14.84 12.61
C4 NAG X . -65.16 14.11 13.53
C5 NAG X . -64.65 14.18 14.96
C6 NAG X . -65.52 13.45 15.95
C7 NAG X . -61.74 14.98 10.65
C8 NAG X . -60.70 15.86 10.01
N2 NAG X . -61.82 15.05 11.98
O3 NAG X . -64.60 14.71 11.25
O4 NAG X . -66.46 14.68 13.46
O5 NAG X . -63.36 13.57 15.02
O6 NAG X . -64.79 13.11 17.12
O7 NAG X . -62.47 14.25 9.99
C1 NAG X . -67.26 13.88 12.55
C2 NAG X . -68.56 13.45 13.22
C3 NAG X . -69.42 12.67 12.22
C4 NAG X . -69.64 13.47 10.95
C5 NAG X . -68.30 13.92 10.37
C6 NAG X . -68.45 14.83 9.19
C7 NAG X . -68.96 12.82 15.55
C8 NAG X . -68.58 11.90 16.68
N2 NAG X . -68.30 12.65 14.40
O3 NAG X . -70.67 12.36 12.83
O4 NAG X . -70.32 12.67 9.99
O5 NAG X . -67.55 14.64 11.36
O6 NAG X . -67.18 15.21 8.65
O7 NAG X . -69.85 13.67 15.68
C1 NAG Y . -6.53 -15.54 -52.62
C2 NAG Y . -6.96 -14.89 -53.96
C3 NAG Y . -8.44 -15.14 -54.22
C4 NAG Y . -8.83 -16.52 -53.73
C5 NAG Y . -8.76 -16.53 -52.20
C6 NAG Y . -8.53 -17.91 -51.63
C7 NAG Y . -5.80 -12.88 -54.77
C8 NAG Y . -5.64 -11.40 -54.63
N2 NAG Y . -6.68 -13.46 -53.95
O3 NAG Y . -8.68 -15.03 -55.62
O4 NAG Y . -10.16 -16.82 -54.13
O5 NAG Y . -7.69 -15.69 -51.74
O6 NAG Y . -7.43 -17.93 -50.73
O7 NAG Y . -5.14 -13.54 -55.58
C1 NAG Y . -10.13 -17.86 -55.13
C2 NAG Y . -11.55 -18.40 -55.33
C3 NAG Y . -11.57 -19.44 -56.46
C4 NAG Y . -10.94 -18.86 -57.73
C5 NAG Y . -9.55 -18.32 -57.41
C6 NAG Y . -8.90 -17.65 -58.60
C7 NAG Y . -12.52 -18.26 -53.08
C8 NAG Y . -13.00 -19.03 -51.88
N2 NAG Y . -12.06 -18.98 -54.10
O3 NAG Y . -12.91 -19.82 -56.71
O4 NAG Y . -10.85 -19.87 -58.73
O5 NAG Y . -9.63 -17.34 -56.37
O6 NAG Y . -7.53 -17.36 -58.34
O7 NAG Y . -12.54 -17.04 -53.11
C1 NAG Z . 17.52 35.55 -4.56
C2 NAG Z . 18.88 35.55 -3.87
C3 NAG Z . 18.81 36.38 -2.60
C4 NAG Z . 18.28 37.77 -2.89
C5 NAG Z . 16.95 37.69 -3.62
C6 NAG Z . 16.41 39.03 -4.07
C7 NAG Z . 20.28 33.57 -4.26
C8 NAG Z . 20.60 32.18 -3.82
N2 NAG Z . 19.31 34.19 -3.57
O3 NAG Z . 20.12 36.46 -2.02
O4 NAG Z . 18.12 38.51 -1.69
O5 NAG Z . 17.11 36.90 -4.82
O6 NAG Z . 15.11 39.26 -3.54
O7 NAG Z . 20.87 34.12 -5.19
C1 NAG Z . 19.03 39.64 -1.72
C2 NAG Z . 19.80 39.69 -0.40
C3 NAG Z . 20.81 40.84 -0.43
C4 NAG Z . 21.70 40.73 -1.66
C5 NAG Z . 20.84 40.65 -2.92
C6 NAG Z . 21.66 40.43 -4.18
C7 NAG Z . 18.78 38.90 1.68
C8 NAG Z . 17.81 39.20 2.78
N2 NAG Z . 18.91 39.83 0.73
O3 NAG Z . 21.61 40.79 0.75
O4 NAG Z . 22.54 41.88 -1.74
O5 NAG Z . 19.95 39.55 -2.82
O6 NAG Z . 21.03 39.50 -5.04
O7 NAG Z . 19.43 37.86 1.66
C1 NAG AA . -41.48 45.94 5.29
C2 NAG AA . -42.01 47.35 4.97
C3 NAG AA . -41.92 47.64 3.46
C4 NAG AA . -42.49 46.50 2.61
C5 NAG AA . -42.08 45.15 3.16
C6 NAG AA . -41.55 44.22 2.09
C7 NAG AA . -43.67 48.23 6.53
C8 NAG AA . -42.52 48.88 7.24
N2 NAG AA . -43.36 47.51 5.44
O3 NAG AA . -40.56 47.87 3.10
O4 NAG AA . -43.91 46.59 2.53
O5 NAG AA . -41.03 45.33 4.11
O6 NAG AA . -40.94 44.94 1.03
O7 NAG AA . -44.82 48.36 6.92
C1 NAG AA . -44.28 46.28 1.18
C2 NAG AA . -45.51 47.10 0.75
C3 NAG AA . -45.87 46.86 -0.72
C4 NAG AA . -44.64 47.01 -1.61
C5 NAG AA . -43.47 46.19 -1.07
C6 NAG AA . -42.19 46.40 -1.84
C7 NAG AA . -47.40 45.82 1.88
C8 NAG AA . -47.00 44.55 1.17
N2 NAG AA . -46.67 46.93 1.64
O3 NAG AA . -46.88 47.77 -1.12
O4 NAG AA . -44.94 46.55 -2.91
O5 NAG AA . -43.20 46.54 0.29
O6 NAG AA . -41.07 45.89 -1.15
O7 NAG AA . -48.35 45.85 2.66
C1 BMA AA . -45.08 47.65 -3.83
C2 BMA AA . -45.23 47.04 -5.23
C3 BMA AA . -45.47 48.12 -6.27
C4 BMA AA . -46.49 49.19 -5.83
C5 BMA AA . -46.40 49.58 -4.34
C6 BMA AA . -47.68 50.23 -3.86
O2 BMA AA . -46.37 46.19 -5.27
O3 BMA AA . -45.95 47.51 -7.46
O4 BMA AA . -46.34 50.36 -6.64
O5 BMA AA . -46.21 48.42 -3.52
O6 BMA AA . -48.62 49.17 -3.66
C1 MAN AA . -45.10 47.84 -8.58
C2 MAN AA . -45.93 47.60 -9.85
C3 MAN AA . -46.20 46.10 -10.01
C4 MAN AA . -44.88 45.30 -9.94
C5 MAN AA . -44.14 45.62 -8.64
C6 MAN AA . -42.79 44.95 -8.55
O2 MAN AA . -45.23 47.99 -11.03
O3 MAN AA . -46.90 45.81 -11.21
O4 MAN AA . -45.15 43.91 -10.00
O5 MAN AA . -43.93 47.06 -8.55
O6 MAN AA . -42.25 45.22 -7.24
C1 MAN AA . -49.86 49.47 -4.34
C2 MAN AA . -51.02 48.74 -3.57
C3 MAN AA . -51.07 47.25 -3.92
C4 MAN AA . -51.06 47.06 -5.43
C5 MAN AA . -49.80 47.66 -6.00
C6 MAN AA . -49.66 47.49 -7.50
O2 MAN AA . -52.30 49.27 -3.94
O3 MAN AA . -52.20 46.61 -3.35
O4 MAN AA . -51.10 45.67 -5.75
O5 MAN AA . -49.80 49.09 -5.72
O6 MAN AA . -49.88 46.11 -7.82
C1 NAG BA . -18.43 11.37 -41.78
C2 NAG BA . -18.47 12.56 -42.73
C3 NAG BA . -19.89 13.13 -42.81
C4 NAG BA . -20.89 12.03 -43.15
C5 NAG BA . -20.75 10.87 -42.17
C6 NAG BA . -21.62 9.69 -42.53
C7 NAG BA . -16.24 13.59 -42.67
C8 NAG BA . -15.41 14.72 -42.15
N2 NAG BA . -17.53 13.59 -42.31
O3 NAG BA . -19.94 14.16 -43.79
O4 NAG BA . -22.21 12.55 -43.10
O5 NAG BA . -19.40 10.39 -42.19
O6 NAG BA . -21.68 8.75 -41.45
O7 NAG BA . -15.76 12.70 -43.37
C1 NAG BA . -22.81 12.44 -44.40
C2 NAG BA . -24.19 13.11 -44.36
C3 NAG BA . -24.84 13.03 -45.74
C4 NAG BA . -23.91 13.59 -46.82
C5 NAG BA . -22.54 12.94 -46.74
C6 NAG BA . -21.53 13.54 -47.68
C7 NAG BA . -25.92 13.18 -42.64
C8 NAG BA . -26.73 12.38 -41.65
N2 NAG BA . -25.04 12.50 -43.37
O3 NAG BA . -26.06 13.77 -45.72
O4 NAG BA . -24.46 13.33 -48.10
O5 NAG BA . -22.00 13.07 -45.41
O6 NAG BA . -20.77 12.54 -48.33
O7 NAG BA . -26.09 14.39 -42.78
C1 BMA BA . -24.92 14.54 -48.73
C2 BMA BA . -25.31 14.16 -50.18
C3 BMA BA . -26.09 15.27 -50.88
C4 BMA BA . -27.15 15.90 -49.98
C5 BMA BA . -26.54 16.30 -48.63
C6 BMA BA . -27.57 16.88 -47.68
O2 BMA BA . -26.17 13.01 -50.18
O3 BMA BA . -26.70 14.80 -52.07
O4 BMA BA . -27.71 17.05 -50.60
O5 BMA BA . -26.00 15.11 -48.02
O6 BMA BA . -28.38 15.81 -47.21
C1 MAN BA . -25.95 15.23 -53.24
C2 MAN BA . -26.90 15.09 -54.46
C3 MAN BA . -27.09 13.63 -54.83
C4 MAN BA . -25.73 12.90 -54.96
C5 MAN BA . -24.96 13.07 -53.66
C6 MAN BA . -23.58 12.41 -53.69
O2 MAN BA . -26.33 15.72 -55.62
O3 MAN BA . -27.83 13.47 -56.04
O4 MAN BA . -25.95 11.52 -55.22
O5 MAN BA . -24.77 14.47 -53.39
O6 MAN BA . -23.77 11.00 -53.78
C1 MAN BA . -29.68 16.31 -46.86
C2 MAN BA . -30.34 15.27 -45.93
C3 MAN BA . -30.73 14.02 -46.72
C4 MAN BA . -31.56 14.40 -47.96
C5 MAN BA . -30.76 15.39 -48.82
C6 MAN BA . -31.52 15.87 -50.04
O2 MAN BA . -31.56 15.76 -45.37
O3 MAN BA . -31.44 13.09 -45.91
O4 MAN BA . -31.86 13.24 -48.71
O5 MAN BA . -30.45 16.55 -48.03
O6 MAN BA . -32.03 14.72 -50.73
C1 NAG CA . 57.91 -6.89 -23.28
C2 NAG CA . 57.14 -7.81 -24.22
C3 NAG CA . 57.07 -7.17 -25.61
C4 NAG CA . 56.52 -5.76 -25.53
C5 NAG CA . 57.25 -4.94 -24.45
C6 NAG CA . 56.61 -3.60 -24.20
C7 NAG CA . 57.21 -10.21 -23.70
C8 NAG CA . 57.98 -11.48 -23.87
N2 NAG CA . 57.75 -9.13 -24.28
O3 NAG CA . 56.25 -7.99 -26.44
O4 NAG CA . 56.73 -5.09 -26.77
O5 NAG CA . 57.25 -5.64 -23.19
O6 NAG CA . 56.96 -3.09 -22.91
O7 NAG CA . 56.16 -10.15 -23.06
C1 NAG CA . 55.60 -5.21 -27.65
C2 NAG CA . 55.70 -4.09 -28.70
C3 NAG CA . 54.58 -4.22 -29.72
C4 NAG CA . 54.60 -5.61 -30.34
C5 NAG CA . 54.50 -6.66 -29.24
C6 NAG CA . 54.60 -8.08 -29.75
C7 NAG CA . 56.72 -2.00 -27.90
C8 NAG CA . 56.49 -0.69 -27.23
N2 NAG CA . 55.65 -2.78 -28.05
O3 NAG CA . 54.74 -3.23 -30.74
O4 NAG CA . 53.52 -5.76 -31.26
O5 NAG CA . 55.58 -6.48 -28.32
O6 NAG CA . 54.07 -9.02 -28.83
O7 NAG CA . 57.84 -2.35 -28.29
C1 BMA CA . 54.10 -5.95 -32.56
C2 BMA CA . 52.97 -6.16 -33.59
C3 BMA CA . 53.57 -6.29 -34.98
C4 BMA CA . 54.56 -5.14 -35.29
C5 BMA CA . 55.59 -4.99 -34.16
C6 BMA CA . 56.50 -3.79 -34.34
O2 BMA CA . 52.09 -5.04 -33.61
O3 BMA CA . 52.56 -6.34 -35.98
O4 BMA CA . 55.22 -5.39 -36.51
O5 BMA CA . 54.89 -4.82 -32.92
O6 BMA CA . 57.46 -4.12 -35.34
C1 MAN CA . 52.48 -7.68 -36.53
C2 MAN CA . 51.69 -7.60 -37.87
C3 MAN CA . 50.19 -7.46 -37.61
C4 MAN CA . 49.70 -8.49 -36.58
C5 MAN CA . 50.51 -8.32 -35.29
C6 MAN CA . 50.10 -9.28 -34.20
O2 MAN CA . 51.84 -8.80 -38.63
O3 MAN CA . 49.42 -7.59 -38.82
O4 MAN CA . 48.32 -8.28 -36.30
O5 MAN CA . 51.89 -8.58 -35.60
O6 MAN CA . 48.91 -8.77 -33.58
C1 MAN CA . 57.80 -2.90 -36.05
C2 MAN CA . 58.58 -3.33 -37.33
C3 MAN CA . 59.98 -3.82 -36.96
C4 MAN CA . 60.70 -2.80 -36.07
C5 MAN CA . 59.86 -2.52 -34.82
C6 MAN CA . 60.47 -1.47 -33.91
O2 MAN CA . 58.78 -2.21 -38.21
O3 MAN CA . 60.75 -4.11 -38.11
O4 MAN CA . 61.96 -3.29 -35.69
O5 MAN CA . 58.55 -2.03 -35.23
O6 MAN CA . 60.32 -1.89 -32.56
C1 NAG DA . -47.82 28.38 -7.78
C2 NAG DA . -46.84 28.12 -8.91
C3 NAG DA . -47.48 28.46 -10.24
C4 NAG DA . -48.82 27.75 -10.40
C5 NAG DA . -49.69 27.93 -9.15
C6 NAG DA . -50.94 27.09 -9.15
C7 NAG DA . -44.57 28.44 -8.01
C8 NAG DA . -43.39 29.36 -7.93
N2 NAG DA . -45.62 28.88 -8.72
O3 NAG DA . -46.61 28.08 -11.30
O4 NAG DA . -49.53 28.31 -11.50
O5 NAG DA . -48.97 27.58 -7.96
O6 NAG DA . -51.59 27.10 -7.89
O7 NAG DA . -44.59 27.35 -7.45
C1 NAG DA . -49.43 27.56 -12.72
C2 NAG DA . -49.79 28.53 -13.85
C3 NAG DA . -49.72 27.82 -15.20
C4 NAG DA . -48.37 27.16 -15.38
C5 NAG DA . -48.03 26.27 -14.19
C6 NAG DA . -46.63 25.71 -14.25
C7 NAG DA . -51.37 30.40 -13.82
C8 NAG DA . -52.78 30.83 -13.55
N2 NAG DA . -51.11 29.10 -13.63
O3 NAG DA . -49.96 28.77 -16.23
O4 NAG DA . -48.38 26.37 -16.57
O5 NAG DA . -48.13 27.01 -12.96
O6 NAG DA . -45.68 26.74 -14.48
O7 NAG DA . -50.50 31.20 -14.17
C1 BMA DA . -47.54 26.97 -17.59
C2 BMA DA . -46.49 25.92 -18.01
C3 BMA DA . -45.68 26.41 -19.22
C4 BMA DA . -46.59 26.93 -20.33
C5 BMA DA . -47.53 28.00 -19.76
C6 BMA DA . -48.46 28.59 -20.81
O2 BMA DA . -47.11 24.69 -18.38
O3 BMA DA . -44.83 25.38 -19.73
O4 BMA DA . -45.83 27.49 -21.38
O5 BMA DA . -48.32 27.40 -18.72
O6 BMA DA . -49.49 29.34 -20.18
C1 MAN DA . -43.49 25.89 -19.84
C2 MAN DA . -42.75 25.03 -20.91
C3 MAN DA . -42.45 23.64 -20.35
C4 MAN DA . -41.75 23.73 -18.98
C5 MAN DA . -42.64 24.54 -18.02
C6 MAN DA . -42.03 24.71 -16.64
O2 MAN DA . -41.49 25.59 -21.26
O3 MAN DA . -41.64 22.88 -21.24
O4 MAN DA . -41.55 22.43 -18.44
O5 MAN DA . -42.84 25.85 -18.58
O6 MAN DA . -42.23 23.50 -15.92
C1 MAN DA . -48.93 30.46 -19.44
C2 MAN DA . -50.09 31.05 -18.60
C3 MAN DA . -51.07 31.78 -19.51
C4 MAN DA . -50.34 32.82 -20.37
C5 MAN DA . -49.25 32.14 -21.19
C6 MAN DA . -48.41 33.13 -21.99
O2 MAN DA . -49.61 32.04 -17.69
O3 MAN DA . -52.12 32.39 -18.77
O4 MAN DA . -51.26 33.46 -21.23
O5 MAN DA . -48.35 31.43 -20.31
O6 MAN DA . -47.64 32.39 -22.94
C1 NAG EA . 1.65 51.93 -6.74
C2 NAG EA . 2.35 52.82 -5.71
C3 NAG EA . 3.16 53.91 -6.41
C4 NAG EA . 4.12 53.29 -7.41
C5 NAG EA . 3.32 52.46 -8.42
C6 NAG EA . 4.18 51.77 -9.44
C7 NAG EA . 1.62 53.48 -3.47
C8 NAG EA . 0.52 54.11 -2.66
N2 NAG EA . 1.40 53.40 -4.79
O3 NAG EA . 3.89 54.65 -5.43
O4 NAG EA . 4.88 54.29 -8.07
O5 NAG EA . 2.60 51.44 -7.70
O6 NAG EA . 3.76 52.10 -10.76
O7 NAG EA . 2.65 53.07 -2.95
C1 NAG EA . 6.26 54.08 -7.72
C2 NAG EA . 7.11 55.24 -8.24
C3 NAG EA . 8.57 55.06 -7.84
C4 NAG EA . 8.69 54.85 -6.34
C5 NAG EA . 7.78 53.71 -5.89
C6 NAG EA . 7.75 53.54 -4.39
C7 NAG EA . 6.29 56.33 -10.28
C8 NAG EA . 6.27 56.31 -11.78
N2 NAG EA . 6.99 55.36 -9.69
O3 NAG EA . 9.32 56.20 -8.24
O4 NAG EA . 10.03 54.53 -6.00
O5 NAG EA . 6.43 53.97 -6.29
O6 NAG EA . 6.72 52.65 -3.98
O7 NAG EA . 5.69 57.19 -9.64
C1 NAG FA . 7.14 6.59 -70.40
C2 NAG FA . 8.33 5.60 -70.39
C3 NAG FA . 8.49 4.93 -71.76
C4 NAG FA . 7.16 4.30 -72.18
C5 NAG FA . 6.10 5.38 -72.22
C6 NAG FA . 4.74 4.85 -72.62
C7 NAG FA . 9.84 6.68 -68.78
C8 NAG FA . 11.17 7.35 -68.58
N2 NAG FA . 9.57 6.27 -70.02
O3 NAG FA . 9.50 3.94 -71.68
O4 NAG FA . 7.29 3.64 -73.44
O5 NAG FA . 5.96 5.94 -70.91
O6 NAG FA . 3.86 5.91 -72.96
O7 NAG FA . 9.04 6.54 -67.86
C1 NAG FA . 7.07 2.23 -73.22
C2 NAG FA . 7.40 1.47 -74.51
C3 NAG FA . 7.22 -0.03 -74.29
C4 NAG FA . 8.03 -0.50 -73.09
C5 NAG FA . 7.68 0.34 -71.86
C6 NAG FA . 8.55 0.00 -70.66
C7 NAG FA . 6.98 2.84 -76.50
C8 NAG FA . 6.00 3.20 -77.56
N2 NAG FA . 6.57 1.93 -75.60
O3 NAG FA . 7.62 -0.74 -75.45
O4 NAG FA . 7.74 -1.86 -72.82
O5 NAG FA . 7.89 1.74 -72.14
O6 NAG FA . 7.75 -0.44 -69.57
O7 NAG FA . 8.09 3.36 -76.44
C1 NAG GA . -42.35 58.74 19.67
C2 NAG GA . -43.57 57.89 20.02
C3 NAG GA . -44.84 58.73 19.94
C4 NAG GA . -44.71 60.01 20.77
C5 NAG GA . -43.42 60.74 20.39
C6 NAG GA . -43.16 61.96 21.24
C7 NAG GA . -43.05 55.57 19.38
C8 NAG GA . -43.27 54.49 18.38
N2 NAG GA . -43.67 56.73 19.15
O3 NAG GA . -45.94 57.96 20.41
O4 NAG GA . -45.80 60.87 20.49
O5 NAG GA . -42.30 59.87 20.54
O6 NAG GA . -42.17 62.79 20.65
O7 NAG GA . -42.32 55.40 20.37
C1 NAG GA . -46.86 60.78 21.46
C2 NAG GA . -48.12 61.36 20.80
C3 NAG GA . -49.31 61.27 21.75
C4 NAG GA . -49.49 59.83 22.23
C5 NAG GA . -48.20 59.33 22.85
C6 NAG GA . -48.27 57.87 23.26
C7 NAG GA . -47.87 63.11 19.10
C8 NAG GA . -47.64 64.57 18.85
N2 NAG GA . -47.91 62.74 20.38
O3 NAG GA . -50.49 61.70 21.07
O4 NAG GA . -50.53 59.78 23.20
O5 NAG GA . -47.13 59.44 21.91
O6 NAG GA . -47.45 57.06 22.43
O7 NAG GA . -48.02 62.31 18.18
C1 NAG HA . -33.75 60.54 39.94
C2 NAG HA . -32.86 61.76 39.91
C3 NAG HA . -32.21 61.97 41.28
C4 NAG HA . -33.26 62.01 42.37
C5 NAG HA . -34.17 60.79 42.29
C6 NAG HA . -35.34 60.86 43.24
C7 NAG HA . -31.99 62.19 37.66
C8 NAG HA . -30.84 61.96 36.71
N2 NAG HA . -31.85 61.64 38.87
O3 NAG HA . -31.48 63.20 41.26
O4 NAG HA . -32.62 62.03 43.64
O5 NAG HA . -34.73 60.68 40.97
O6 NAG HA . -36.47 61.46 42.63
O7 NAG HA . -32.99 62.83 37.34
C1 NAG HA . -32.90 63.28 44.31
C2 NAG HA . -32.35 63.18 45.73
C3 NAG HA . -32.58 64.49 46.47
C4 NAG HA . -32.03 65.67 45.68
C5 NAG HA . -32.57 65.65 44.24
C6 NAG HA . -31.95 66.70 43.36
C7 NAG HA . -32.26 61.05 46.94
C8 NAG HA . -33.05 59.99 47.65
N2 NAG HA . -32.96 62.07 46.45
O3 NAG HA . -31.94 64.43 47.75
O4 NAG HA . -32.44 66.88 46.28
O5 NAG HA . -32.28 64.38 43.63
O6 NAG HA . -32.61 66.78 42.11
O7 NAG HA . -31.04 60.98 46.82
C1 BMA HA . -31.31 67.57 46.87
C2 BMA HA . -31.78 69.02 47.19
C3 BMA HA . -30.76 69.76 48.06
C4 BMA HA . -30.27 68.89 49.23
C5 BMA HA . -29.76 67.55 48.70
C6 BMA HA . -29.24 66.64 49.80
O2 BMA HA . -33.00 68.99 47.92
O3 BMA HA . -31.32 70.97 48.57
O4 BMA HA . -29.23 69.56 49.93
O5 BMA HA . -30.85 66.90 48.04
O6 BMA HA . -30.19 66.60 50.86
C1 MAN HA . -30.57 72.10 48.03
C2 MAN HA . -30.96 73.34 48.87
C3 MAN HA . -32.41 73.75 48.57
C4 MAN HA . -32.63 73.91 47.05
C5 MAN HA . -32.24 72.61 46.34
C6 MAN HA . -32.36 72.69 44.83
O2 MAN HA . -30.16 74.47 48.53
O3 MAN HA . -32.75 74.96 49.24
O4 MAN HA . -33.99 74.21 46.79
O5 MAN HA . -30.87 72.28 46.65
O6 MAN HA . -33.70 73.02 44.51
C1 MAN HA . -30.85 65.30 50.86
C2 MAN HA . -31.95 65.31 51.96
C3 MAN HA . -31.35 65.16 53.36
C4 MAN HA . -30.37 63.98 53.41
C5 MAN HA . -29.28 64.20 52.36
C6 MAN HA . -28.25 63.08 52.33
O2 MAN HA . -32.85 64.20 51.81
O3 MAN HA . -32.36 65.00 54.35
O4 MAN HA . -29.78 63.89 54.70
O5 MAN HA . -29.89 64.25 51.06
O6 MAN HA . -27.44 63.19 53.50
C1 NAG IA . -28.99 56.70 15.54
C2 NAG IA . -27.66 57.40 15.80
C3 NAG IA . -27.89 58.80 16.37
C4 NAG IA . -28.86 59.59 15.49
C5 NAG IA . -30.14 58.78 15.28
C6 NAG IA . -31.12 59.44 14.35
C7 NAG IA . -25.53 56.82 16.89
C8 NAG IA . -24.85 55.91 17.88
N2 NAG IA . -26.84 56.62 16.71
O3 NAG IA . -26.64 59.49 16.45
O4 NAG IA . -29.20 60.83 16.11
O5 NAG IA . -29.81 57.51 14.69
O6 NAG IA . -32.46 59.06 14.67
O7 NAG IA . -24.91 57.69 16.29
C1 NAG IA . -28.35 61.87 15.61
C2 NAG IA . -29.17 63.13 15.34
C3 NAG IA . -28.26 64.27 14.89
C4 NAG IA . -27.14 64.49 15.91
C5 NAG IA . -26.40 63.19 16.17
C6 NAG IA . -25.36 63.31 17.25
C7 NAG IA . -31.50 62.99 14.60
C8 NAG IA . -32.42 62.69 13.46
N2 NAG IA . -30.20 62.87 14.34
O3 NAG IA . -29.03 65.46 14.75
O4 NAG IA . -26.23 65.46 15.42
O5 NAG IA . -27.32 62.16 16.58
O6 NAG IA . -24.87 62.03 17.64
O7 NAG IA . -31.92 63.32 15.69
C1 NAG JA . 51.85 17.66 -8.78
C2 NAG JA . 52.09 18.93 -7.92
C3 NAG JA . 51.50 20.17 -8.59
C4 NAG JA . 52.04 20.30 -10.00
C5 NAG JA . 51.58 19.08 -10.77
C6 NAG JA . 51.97 19.09 -12.23
C7 NAG JA . 52.25 18.71 -5.48
C8 NAG JA . 51.50 18.52 -4.20
N2 NAG JA . 51.51 18.75 -6.59
O3 NAG JA . 51.86 21.32 -7.83
O4 NAG JA . 51.62 21.51 -10.62
O5 NAG JA . 52.19 17.93 -10.18
O6 NAG JA . 50.92 18.63 -13.06
O7 NAG JA . 53.47 18.82 -5.51
C1 NAG JA . 52.82 22.27 -10.93
C2 NAG JA . 52.62 23.75 -10.57
C3 NAG JA . 53.89 24.53 -10.87
C4 NAG JA . 55.08 23.90 -10.15
C5 NAG JA . 55.20 22.43 -10.50
C6 NAG JA . 56.27 21.72 -9.72
C7 NAG JA . 50.29 24.50 -10.74
C8 NAG JA . 49.24 25.09 -11.64
N2 NAG JA . 51.48 24.31 -11.30
O3 NAG JA . 53.71 25.88 -10.43
O4 NAG JA . 56.28 24.57 -10.51
O5 NAG JA . 53.97 21.75 -10.22
O6 NAG JA . 56.37 20.35 -10.09
O7 NAG JA . 50.06 24.21 -9.57
C1 NAG KA . -38.57 9.51 52.75
C2 NAG KA . -38.63 10.14 54.16
C3 NAG KA . -39.76 9.52 54.97
C4 NAG KA . -41.04 9.55 54.15
C5 NAG KA . -40.90 8.60 52.96
C6 NAG KA . -41.55 9.11 51.71
C7 NAG KA . -36.76 10.93 55.53
C8 NAG KA . -35.45 10.58 56.17
N2 NAG KA . -37.36 9.96 54.84
O3 NAG KA . -39.93 10.24 56.18
O4 NAG KA . -42.13 9.13 54.96
O5 NAG KA . -39.51 8.36 52.67
O6 NAG KA . -41.76 10.51 51.76
O7 NAG KA . -37.24 12.05 55.65
C1 NAG LA . 17.14 19.29 32.07
C2 NAG LA . 16.40 18.97 30.78
C3 NAG LA . 16.86 19.91 29.66
C4 NAG LA . 16.71 21.36 30.10
C5 NAG LA . 17.42 21.59 31.43
C6 NAG LA . 17.20 22.98 31.98
C7 NAG LA . 15.65 16.64 30.51
C8 NAG LA . 16.03 15.26 30.05
N2 NAG LA . 16.59 17.58 30.38
O3 NAG LA . 16.09 19.67 28.49
O4 NAG LA . 17.25 22.23 29.11
O5 NAG LA . 16.94 20.67 32.41
O6 NAG LA . 17.58 23.06 33.35
O7 NAG LA . 14.54 16.89 30.98
C1 NAG MA . 66.59 -15.46 2.09
C2 NAG MA . 67.26 -16.67 2.73
C3 NAG MA . 67.59 -17.73 1.67
C4 NAG MA . 66.37 -18.06 0.84
C5 NAG MA . 65.75 -16.79 0.27
C6 NAG MA . 64.46 -17.04 -0.48
C7 NAG MA . 68.45 -15.79 4.70
C8 NAG MA . 69.78 -15.45 5.28
N2 NAG MA . 68.46 -16.29 3.45
O3 NAG MA . 68.08 -18.90 2.31
O4 NAG MA . 66.73 -18.93 -0.22
O5 NAG MA . 65.44 -15.89 1.34
O6 NAG MA . 63.61 -15.90 -0.44
O7 NAG MA . 67.40 -15.62 5.31
C1 NAG NA . 39.02 -6.57 36.78
C2 NAG NA . 39.44 -6.80 38.23
C3 NAG NA . 40.37 -8.01 38.32
C4 NAG NA . 39.71 -9.23 37.67
C5 NAG NA . 39.26 -8.90 36.26
C6 NAG NA . 38.50 -10.02 35.60
C7 NAG NA . 39.45 -4.75 39.57
C8 NAG NA . 40.26 -3.58 40.04
N2 NAG NA . 40.08 -5.62 38.78
O3 NAG NA . 40.66 -8.28 39.68
O4 NAG NA . 40.63 -10.31 37.64
O5 NAG NA . 38.40 -7.75 36.26
O6 NAG NA . 38.02 -9.64 34.31
O7 NAG NA . 38.27 -4.89 39.87
C1 NAG OA . 49.78 -16.07 11.11
C2 NAG OA . 49.00 -17.02 10.21
C3 NAG OA . 48.24 -18.05 11.04
C4 NAG OA . 49.19 -18.75 12.00
C5 NAG OA . 49.96 -17.74 12.84
C6 NAG OA . 51.01 -18.38 13.72
C7 NAG OA . 48.41 -15.93 8.09
C8 NAG OA . 47.35 -15.18 7.34
N2 NAG OA . 48.09 -16.29 9.34
O3 NAG OA . 47.61 -18.98 10.17
O4 NAG OA . 48.46 -19.62 12.86
O5 NAG OA . 50.65 -16.83 11.97
O6 NAG OA . 51.27 -17.58 14.86
O7 NAG OA . 49.49 -16.20 7.59
C1 NAG PA . -61.38 25.64 5.33
C2 NAG PA . -62.06 25.74 3.96
C3 NAG PA . -61.65 27.04 3.26
C4 NAG PA . -61.90 28.24 4.17
C5 NAG PA . -61.20 28.03 5.50
C6 NAG PA . -61.46 29.14 6.49
C7 NAG PA . -62.33 23.41 3.26
C8 NAG PA . -61.86 22.33 2.32
N2 NAG PA . -61.73 24.60 3.14
O3 NAG PA . -62.40 27.18 2.05
O4 NAG PA . -61.40 29.42 3.55
O5 NAG PA . -61.67 26.82 6.10
O6 NAG PA . -60.84 28.87 7.74
O7 NAG PA . -63.21 23.21 4.09
C1 NAG QA . -29.59 -24.95 13.94
C2 NAG QA . -28.45 -23.93 13.84
C3 NAG QA . -27.38 -24.22 14.89
C4 NAG QA . -28.01 -24.30 16.28
C5 NAG QA . -29.16 -25.30 16.28
C6 NAG QA . -29.91 -25.33 17.60
C7 NAG QA . -28.10 -22.95 11.62
C8 NAG QA . -27.43 -23.09 10.29
N2 NAG QA . -27.87 -23.92 12.51
O3 NAG QA . -26.39 -23.20 14.85
O4 NAG QA . -27.03 -24.70 17.23
O5 NAG QA . -30.12 -24.96 15.27
O6 NAG QA . -31.15 -25.99 17.46
O7 NAG QA . -28.85 -21.99 11.87
C1 NAG RA . 14.12 -64.03 -19.86
C2 NAG RA . 13.76 -64.75 -21.15
C3 NAG RA . 14.96 -64.82 -22.08
C4 NAG RA . 15.56 -63.43 -22.30
C5 NAG RA . 15.85 -62.78 -20.96
C6 NAG RA . 16.33 -61.34 -21.09
C7 NAG RA . 11.97 -66.34 -20.61
C8 NAG RA . 11.62 -67.78 -20.36
N2 NAG RA . 13.25 -66.09 -20.88
O3 NAG RA . 14.57 -65.37 -23.33
O4 NAG RA . 16.77 -63.54 -23.04
O5 NAG RA . 14.66 -62.73 -20.16
O6 NAG RA . 15.94 -60.56 -19.98
O7 NAG RA . 11.12 -65.45 -20.55
C1 NAG SA . -26.56 -45.04 -13.59
C2 NAG SA . -27.85 -45.72 -14.03
C3 NAG SA . -27.62 -46.53 -15.29
C4 NAG SA . -26.99 -45.65 -16.37
C5 NAG SA . -25.74 -44.97 -15.84
C6 NAG SA . -25.13 -43.99 -16.81
C7 NAG SA . -29.39 -46.19 -12.17
C8 NAG SA . -29.82 -47.18 -11.14
N2 NAG SA . -28.39 -46.56 -12.98
O3 NAG SA . -28.85 -47.07 -15.75
O4 NAG SA . -26.64 -46.45 -17.51
O5 NAG SA . -26.05 -44.23 -14.65
O6 NAG SA . -24.05 -43.27 -16.22
O7 NAG SA . -29.93 -45.08 -12.28
C1 NAG TA . 1.69 -49.43 -20.37
C2 NAG TA . 2.51 -48.39 -21.15
C3 NAG TA . 1.65 -47.75 -22.23
C4 NAG TA . 1.01 -48.81 -23.11
C5 NAG TA . 0.26 -49.82 -22.25
C6 NAG TA . -0.30 -50.97 -23.06
C7 NAG TA . 4.31 -47.46 -19.76
C8 NAG TA . 4.73 -46.34 -18.86
N2 NAG TA . 3.08 -47.39 -20.26
O3 NAG TA . 2.45 -46.87 -23.01
O4 NAG TA . 0.10 -48.20 -24.02
O5 NAG TA . 1.15 -50.39 -21.28
O6 NAG TA . -1.44 -51.53 -22.43
O7 NAG TA . 5.06 -48.40 -20.02
C1 NAG UA . -20.39 55.88 28.65
C2 NAG UA . -20.97 57.26 28.38
C3 NAG UA . -21.18 58.01 29.69
C4 NAG UA . -22.03 57.17 30.64
C5 NAG UA . -21.43 55.78 30.81
C6 NAG UA . -22.30 54.86 31.65
C7 NAG UA . -20.49 58.39 26.25
C8 NAG UA . -19.49 59.16 25.46
N2 NAG UA . -20.12 58.03 27.49
O3 NAG UA . -21.81 59.26 29.44
O4 NAG UA . -22.11 57.81 31.91
O5 NAG UA . -21.27 55.15 29.54
O6 NAG UA . -23.62 54.78 31.13
O7 NAG UA . -21.60 58.11 25.80
C1 NAG VA . -17.08 28.14 -24.68
C2 NAG VA . -16.85 26.97 -23.72
C3 NAG VA . -17.59 25.73 -24.22
C4 NAG VA . -19.07 26.05 -24.44
C5 NAG VA . -19.22 27.26 -25.35
C6 NAG VA . -20.66 27.71 -25.50
C7 NAG VA . -14.75 27.01 -22.47
C8 NAG VA . -13.29 26.63 -22.49
N2 NAG VA . -15.44 26.68 -23.57
O3 NAG VA . -17.46 24.68 -23.27
O4 NAG VA . -19.73 24.94 -25.02
O5 NAG VA . -18.49 28.38 -24.82
O6 NAG VA . -20.73 29.04 -26.01
O7 NAG VA . -15.26 27.58 -21.52
C1 NAG WA . 29.47 -4.17 -61.72
C2 NAG WA . 30.71 -3.48 -62.25
C3 NAG WA . 31.90 -4.45 -62.28
C4 NAG WA . 32.09 -5.09 -60.92
C5 NAG WA . 30.78 -5.72 -60.44
C6 NAG WA . 30.87 -6.27 -59.03
C7 NAG WA . 30.12 -1.65 -63.78
C8 NAG WA . 29.92 -1.24 -65.21
N2 NAG WA . 30.48 -2.92 -63.57
O3 NAG WA . 33.07 -3.75 -62.66
O4 NAG WA . 33.09 -6.10 -61.00
O5 NAG WA . 29.74 -4.73 -60.43
O6 NAG WA . 29.62 -6.20 -58.37
O7 NAG WA . 29.96 -0.86 -62.85
C1 NAG XA . 12.52 32.61 -41.21
C2 NAG XA . 12.76 34.02 -41.75
C3 NAG XA . 14.13 34.10 -42.41
C4 NAG XA . 15.21 33.63 -41.45
C5 NAG XA . 14.88 32.25 -40.90
C6 NAG XA . 15.83 31.77 -39.84
C7 NAG XA . 10.68 35.18 -42.35
C8 NAG XA . 9.70 35.47 -43.45
N2 NAG XA . 11.72 34.41 -42.69
O3 NAG XA . 14.39 35.44 -42.82
O4 NAG XA . 16.47 33.58 -42.10
O5 NAG XA . 13.56 32.27 -40.29
O6 NAG XA . 15.43 30.52 -39.29
O7 NAG XA . 10.54 35.62 -41.23
C1 NAG YA . 25.68 6.82 -46.42
C2 NAG YA . 26.50 6.10 -45.35
C3 NAG YA . 27.28 7.11 -44.52
C4 NAG YA . 28.12 8.00 -45.42
C5 NAG YA . 27.23 8.65 -46.49
C6 NAG YA . 28.02 9.45 -47.49
C7 NAG YA . 25.44 3.98 -44.71
C8 NAG YA . 24.53 3.29 -43.74
N2 NAG YA . 25.65 5.29 -44.50
O3 NAG YA . 28.12 6.41 -43.60
O4 NAG YA . 28.74 9.02 -44.65
O5 NAG YA . 26.54 7.62 -47.23
O6 NAG YA . 27.23 10.49 -48.06
O7 NAG YA . 25.96 3.38 -45.66
#